data_9E7V
#
_entry.id   9E7V
#
loop_
_entity.id
_entity.type
_entity.pdbx_description
1 polymer 'DNA-directed RNA polymerase subunit alpha'
2 polymer 'DNA-directed RNA polymerase subunit beta'
3 polymer "DNA-directed RNA polymerase subunit beta'"
4 polymer 'DNA-directed RNA polymerase subunit omega'
5 polymer 'RNA polymerase sigma factor SigA'
6 polymer 'RNA polymerase-binding protein RbpA'
7 polymer 'Ubiquitin-like protein SMT3,RNA polymerase-binding transcription factor CarD'
8 polymer 'DNA (50-MER)'
9 polymer 'DNA (42-MER)'
10 non-polymer 'PYROPHOSPHATE 2-'
11 non-polymer 'ZINC ION'
12 non-polymer 'MAGNESIUM ION'
#
loop_
_entity_poly.entity_id
_entity_poly.type
_entity_poly.pdbx_seq_one_letter_code
_entity_poly.pdbx_strand_id
1 'polypeptide(L)'
;MLISQRPTLSEDVLTDNRSQFVIEPLEPGFGYTLGNSLRRTLLSSIPGAAVTSIRIDGVLHEFTTVPGVKEDVTEIILNL
KSLVVSSEEDEPVTMYLRKQGPGEVTAGDIVPPAGVTVHNPGMHIATLNDKGKLEVELVVERGRGYVPAVQNRASGAEIG
RIPVDSIYSPVLKVTYKVDATRVEQRTDFDKLILDVETKNSISPRDALASAGKTLVELFGLARELNVEAEGIEIGPSPAE
ADHIASFALPIDDLDLTVRSYNCLKREGVHTVGELVARTESDLLDIRNFGQKSIDEVKIKLHQLGLSLKDSPPSFDPSEV
AGYDVATGTWSTEGAYDEQDYAETEQL
;
A,B
2 'polypeptide(L)'
;MEGCILADSRQSKTAASPSPSRPQSSSNNSVPGAPNRVSFAKLREPLEVPGLLDVQTDSFEWLIGSPRWRESAAERGDVN
PVGGLEEVLYELSPIEDFSGSMSLSFSDPRFDDVKAPVDECKDKDMTYAAPLFVTAEFINNNTGEIKSQTVFMGDFPMMT
EKGTFIINGTERVVVSQLVRSPGVYFDETIDKSTDKTLHSVKVIPSRGAWLEFDVDKRDTVGVRIDRKRRQPVTVLLKAL
GWTSEQIVERFGFSEIMRSTLEKDNTVGTDEALLDIYRKLRPGEPPTKESAQTLLENLFFKEKRYDLARVGRYKVNKKLG
LHVGEPITSSTLTEEDVVATIEYLVRLHEGQTTMTVPGGVEVPVETDDIDHFGNRRLRTVGELIQNQIRVGMSRMERVVR
ERMTTQDVEAITPQTLINIRPVVAAIKEFFGTSQLSQFMDQNNPLSGLTHKRRLSALGPGGLSRERAGLEVRDVHPSHYG
RMCPIETPEGPNIGLIGSLSVYARVNPFGFIETPYRKVVDGVVSDEIVYLTADEEDRHVVAQANSPIDADGRFVEPRVLV
RRKAGEVEYVPSSEVDYMDVSPRQMVSVATAMIPFLEHDDANRALMGANMQRQAVPLVRSEAPLVGTGMELRAAIDAGDV
VVAEESGVIEEVSADYITVMHDNGTRRTYRMRKFARSNHGTCANQCPIVDAGDRVEAGQVIADGPCTDDGEMALGKNLLV
AIMPWEGHNYEDAIILSNRLVEEDVLTSIHIEEHEIDARDTKLGAEEITRDIPNISDEVLADLDERGIVRIGAEVRDGDI
LVGKVTPKGETELTPEERLLRAIFGEKAREVRDTSLKVPHGESGKVIGIRVFSREDEDELPAGVNELVRVYVAQKRKISD
GDKLAGRHGNKGVIGKILPVEDMPFLADGTPVDIILNTHGVPRRMNIGQILETHLGWCAHSGWKVDAAKGVPDWAARLPD
ELLEAQPNAIVSTPVFDGAQEAELQGLLSCTLPNRDGDVLVDADGKAMLFDGRSGEPFPYPVTVGYMYIMKLHHLVDDKI
HARSTGPYSMITQQPLGGKAQFGGQRFGEMECWAMQAYGAAYTLQELLTIKSDDTVGRVKVYEAIVKGENIPEPGIPESF
KVLLKELQSLCLNVEVLSSDGAAIELREGEDEDLERAAANLGINLSRNESASVEDLA
;
C
3 'polypeptide(L)'
;LARHGGSGAMLDVNFFDELRIGLATAEDIRQWSYGEVKKPETINYRTLKPEKDGLFCEKIFGPTRDWECYCGKYKRVRFK
GIICERCGVEVTRAKVRRERMGHIELAAPVTHIWYFKGVPSRLGYLLDLAPKDLEKIIYFAAYVITSVDEEMRHNELSTL
EAEMAVERKAVEDQRDGELEARAQKLEADLAELEAEGAKADARRKVRDGGEREMRQIRDRAQRELDRLEDIWSTFTKLAP
KQLIVDENLYRELVDRYGEYFTGAMGAESIQKLIENFDIDAEAESLRDVIRNGKGQKKLRALKRLKVVAAFQQSGNSPMG
MVLDAVPVIPPELRPMVQLDGGRFATSDLNDLYRRVINRNNRLKRLIDLGAPEIIVNNEKRMLQESVDALFDNGRRGRPV
TGPGNRPLKSLSDLLKGKQGRFRQNLLGKRVDYSGRSVIVVGPQLKLHQCGLPKLMALELFKPFVMKRLVDLNHAQNIKS
AKRMVERQRPQVWDVLEEVIAEHPVLLNRAPTLHRLGIQAFEPMLVEGKAIQLHPLVCEAFNADFDGDQMAVHLPLSAEA
QAEARILMLSSNNILSPASGRPLAMPRLDMVTGLYYLTTEVPGDTGEYQPASGDHPETGVYSSPAEAIMAADRGVLSVRA
KIKVRLTQLRPPVEIEAELFGHSGWQPGDAWMAETTLGRVMFNELLPLGYPFVNKQMHKKVQAAIINDLAERYPMIVVAQ
TVDKLKDAGFYWATRSGVTVSMADVLVPPRKKEILDHYEERADKVEKQFQRGALNHDERNEALVEIWKEATDEVGQALRE
HYPDDNPIITIVDSGATGNFTQTRTLAGMKGLVTNPKGEFIPRPVKSSFREGLTVLEYFINTHGARKGLADTALRTADSG
YLTRRLVDVSQDVIVREHDCQTERGIVVELAERAPDGTLIRDPYIETSAYARTLGTDAVDEAGNVIVERGQDLGDPEIDA
LLAAGITQVKVRSVLTCATSTGVCATCYGRSMATGKLVDIGEAVGIVAAQSIGEPGTQLTMRTFHQGGVGEDITGGLPRV
QELFEARVPRGKAPIADVTGRVRLEDGERFYKITIVPDDGGEEVVYDKISKRQRLRVFKHEDGSERVLSDGDHVEVGQQL
MEGSADPHEVLRVQGPREVQIHLVREVQEVYRAQGVSIHDKHIEVIVRQMLRRVTIIDSGSTEFLPGSLIDRAEFEAENR
RVVAEGGEPAAGRPVLMGITKASLATDSWLSAASFQETTRVLTDAAINCRSDKLNGLKENVIIGKLIPAGTGINRYRNIA
VQPTEEARAAAYTIPSYEDQYYSPDFGAATGAAVPLDDYGYSDYRHHHHHHHH
;
D
4 'polypeptide(L)'
;MSISQSDASLAAVPAVDQFDPSSGASGGYDTPLGITNPPIDELLDRVSSKYALVIYAAKRARQINDYYNQLGEGILEYVG
PLVEPGLQEKPLSIALREIHADLLEHTEGE
;
E
5 'polypeptide(L)'
;HHHHHHHHHHSSGLEVLFQGPHMAATKASTATDEPVKRTATKSPAASASGAKTGAKRTAAKSASGSPPAKRATKPAARSV
KPASAPQDTTTSTIPKRKTRAAAKSAAAKAPSARGHATKPRAPKDAQHEAATDPEDALDSVEELDAEPDLDVEPGEDLDL
DAADLNLDDLEDDVAPDADDDLDSGDDEDHEDLEAEAAVAPGQTADDDEEIAEPTEKDKASGDFVWDEDESEALRQARKD
AELTASADSVRAYLKQIGKVALLNAEEEVELAKRIEAGLYATQLMTELSERGEKLPAAQRRDMMWICRDGDRAKNHLLEA
NLRLVVSLAKRYTGRGMAFLDLIQEGNLGLIRAVEKFDYTKGYKFSTYATWWIRQAITRAMADQARTIRIPVHMVEVINK
LGRIQRELLQDLGREPTPEELAKEMDITPEKVLEIQQYAREPISLDQTIGDEGDSQLGDFIEDSEAVVAVDAVSFTLLQD
QLQSVLDTLSEREAGVVRLRFGLTDGQPRTLDEIGQVYGVTRERIRQIESKTMSKLRHPSRSQVLRDYLD
;
F
6 'polypeptide(L)'
;MADRVLRGSRLGAVSYETDRNHDLAPRQIARYRTDNGEEFEVPFADDAEIPGTWLCRNGMEGTLIEGDLPEPKKVKPPRT
HWDMLLERRSIEELEELLKERLELIRSRRRG
;
J
7 'polypeptide(L)'
;MGHHHHHHHHHHSSGHIEGRHMASMSDSEVNQEAKPEVKPEVKPETHINLKVSDGSSEIFFKIKKTTPLRRLMEAFAKRQ
GKEMDSLRFLYDGIRIQADQTPEDLDMEDNDIIEAHREQIGGSMIFKVGDTVVYPHHGAALVEAIETRTIKGEQKEYLVL
KVAQGDLTVRVPAENAEYVGVRDVVGQEGLDKVFQVLRAPHTEEPTNWSRRYKANLEKLASGDVNKVAEVVRDLWRRDQE
RGLSAGEKRMLAKARQILVGELALAESTDDAKAETILDEVLAAAS
;
M
8 'polydeoxyribonucleotide'
;(DC)(DT)(DT)(DA)(DA)(DA)(DA)(DG)(DA)(DT)(DT)(DA)(DA)(DT)(DT)(DT)(DA)(DA)(DA)(DA)
(DT)(DT)(DT)(DA)(DT)(DC)(DA)(DA)(DA)(DA)(DA)(DG)(DA)(DG)(DT)(DA)(DT)(DT)(DG)(DA)
(DC)(DT)(DT)(DA)(DA)(DA)(DG)(DT)(DC)(DT)(DA)(DA)(DC)(DC)(DT)(DA)(DT)(DA)(DG)(DG)
(DA)(DT)(DA)(DC)(DT)(DT)(DA)(DC)(DA)(DG)(DC)(DC)(DA)(DG)(DC)(DG)(DA)(DG)(DA)(DG)
(DG)(DG)(DA)(DC)(DA)(DC)(DG)(DG)(DC)(DG)(DA)(DA)(DT)(DA)(DG)(DC)(DC)(DA)(DT)(DC)
(DC)(DC)(DA)(DA)(DT)(DC)(DG)(DA)(DC)(DA)(DC)(DC)(DG)(DG)(DG)(DG)(DT)(DC)(DG)(DG)
(DG)(DA)(DT)(DC)(DT)(DG)(DG)
;
N
9 'polydeoxyribonucleotide'
;(DC)(DC)(DA)(DG)(DA)(DT)(DC)(DC)(DC)(DG)(DA)(DC)(DC)(DC)(DC)(DG)(DG)(DT)(DG)(DT)
(DC)(DG)(DA)(DT)(DT)(DG)(DG)(DG)(DA)(DT)(DG)(DG)(DC)(DT)(DA)(DT)(DT)(DC)(DG)(DC)
(DC)(DG)(DT)(DG)(DT)(DC)(DC)(DC)(DT)(DC)(DT)(DC)(DG)(DC)(DT)(DG)(DG)(DC)(DT)(DG)
(DT)(DA)(DA)(DG)(DT)(DA)(DT)(DC)(DC)(DT)(DA)(DT)(DA)(DG)(DG)(DT)(DT)(DA)(DG)(DA)
(DC)(DT)(DT)(DT)(DA)(DA)(DG)(DT)(DC)(DA)(DA)(DT)(DA)(DC)(DT)(DC)(DT)(DT)(DT)(DT)
(DT)(DG)(DA)(DT)(DA)(DA)(DA)(DT)(DT)(DT)(DT)(DA)(DA)(DA)(DT)(DT)(DA)(DA)(DT)(DC)
(DT)(DT)(DT)(DT)(DA)(DA)(DG)
;
T
#
loop_
_chem_comp.id
_chem_comp.type
_chem_comp.name
_chem_comp.formula
DA DNA linking 2'-DEOXYADENOSINE-5'-MONOPHOSPHATE 'C10 H14 N5 O6 P'
DC DNA linking 2'-DEOXYCYTIDINE-5'-MONOPHOSPHATE 'C9 H14 N3 O7 P'
DG DNA linking 2'-DEOXYGUANOSINE-5'-MONOPHOSPHATE 'C10 H14 N5 O7 P'
DT DNA linking THYMIDINE-5'-MONOPHOSPHATE 'C10 H15 N2 O8 P'
MG non-polymer 'MAGNESIUM ION' 'Mg 2'
POP non-polymer 'PYROPHOSPHATE 2-' 'H2 O7 P2 -2'
ZN non-polymer 'ZINC ION' 'Zn 2'
#
# COMPACT_ATOMS: atom_id res chain seq x y z
N LEU A 2 19.88 -63.01 34.95
CA LEU A 2 19.07 -61.91 35.48
C LEU A 2 19.88 -61.04 36.45
N ILE A 3 19.96 -59.76 36.14
CA ILE A 3 20.70 -58.82 36.97
C ILE A 3 19.82 -58.36 38.13
N SER A 4 20.27 -58.62 39.37
CA SER A 4 19.51 -58.22 40.57
C SER A 4 20.47 -57.52 41.55
N GLN A 5 20.70 -56.23 41.31
CA GLN A 5 21.33 -55.35 42.31
C GLN A 5 20.72 -53.97 42.12
N ARG A 6 20.12 -53.43 43.18
CA ARG A 6 19.49 -52.12 43.07
C ARG A 6 20.54 -51.02 43.04
N PRO A 7 20.30 -49.94 42.31
CA PRO A 7 21.34 -48.92 42.11
C PRO A 7 21.64 -48.12 43.36
N THR A 8 22.81 -47.49 43.37
CA THR A 8 23.29 -46.67 44.45
C THR A 8 23.33 -45.21 43.99
N LEU A 9 23.56 -44.27 44.92
CA LEU A 9 23.55 -42.85 44.63
C LEU A 9 24.78 -42.19 45.25
N SER A 10 25.96 -42.67 44.88
CA SER A 10 27.17 -42.10 45.45
C SER A 10 27.32 -40.65 45.02
N GLU A 11 28.03 -39.88 45.85
CA GLU A 11 28.12 -38.44 45.67
C GLU A 11 29.59 -38.01 45.58
N ASP A 12 29.82 -36.88 44.93
CA ASP A 12 31.17 -36.35 44.77
C ASP A 12 31.08 -34.83 44.80
N VAL A 13 31.65 -34.21 45.82
CA VAL A 13 31.66 -32.76 45.95
C VAL A 13 32.83 -32.21 45.13
N LEU A 14 32.56 -31.20 44.32
CA LEU A 14 33.58 -30.52 43.55
C LEU A 14 33.83 -29.11 44.05
N THR A 15 32.79 -28.28 44.15
CA THR A 15 32.90 -26.97 44.78
C THR A 15 31.83 -26.84 45.86
N ASP A 16 31.67 -25.64 46.41
CA ASP A 16 30.66 -25.43 47.45
C ASP A 16 29.25 -25.51 46.87
N ASN A 17 29.06 -25.10 45.61
CA ASN A 17 27.74 -25.03 45.01
C ASN A 17 27.46 -26.09 43.96
N ARG A 18 28.49 -26.68 43.36
CA ARG A 18 28.33 -27.65 42.28
C ARG A 18 28.88 -29.00 42.72
N SER A 19 28.18 -30.07 42.36
CA SER A 19 28.63 -31.41 42.71
C SER A 19 28.07 -32.41 41.72
N GLN A 20 28.69 -33.58 41.70
CA GLN A 20 28.30 -34.67 40.83
C GLN A 20 27.66 -35.79 41.65
N PHE A 21 26.69 -36.46 41.05
CA PHE A 21 26.07 -37.65 41.61
C PHE A 21 26.30 -38.80 40.63
N VAL A 22 26.52 -40.00 41.14
CA VAL A 22 26.74 -41.16 40.30
C VAL A 22 25.80 -42.28 40.73
N ILE A 23 25.04 -42.79 39.78
CA ILE A 23 24.05 -43.83 40.00
C ILE A 23 24.46 -45.04 39.16
N GLU A 24 24.62 -46.18 39.82
CA GLU A 24 25.04 -47.41 39.16
C GLU A 24 24.70 -48.57 40.07
N PRO A 25 24.44 -49.76 39.50
CA PRO A 25 24.25 -50.04 38.07
C PRO A 25 22.79 -49.88 37.66
N LEU A 26 22.51 -49.61 36.39
CA LEU A 26 21.16 -49.45 35.89
C LEU A 26 20.94 -50.41 34.72
N GLU A 27 19.69 -50.53 34.30
CA GLU A 27 19.39 -51.32 33.12
C GLU A 27 19.94 -50.61 31.89
N PRO A 28 20.38 -51.35 30.88
CA PRO A 28 20.93 -50.70 29.68
C PRO A 28 19.87 -49.93 28.92
N GLY A 29 20.31 -48.88 28.24
CA GLY A 29 19.39 -47.99 27.54
C GLY A 29 18.47 -47.22 28.45
N PHE A 30 18.95 -46.82 29.63
CA PHE A 30 18.12 -46.14 30.62
C PHE A 30 18.78 -44.93 31.25
N GLY A 31 20.10 -44.82 31.21
CA GLY A 31 20.77 -43.69 31.87
C GLY A 31 20.43 -42.35 31.25
N TYR A 32 20.31 -42.30 29.92
CA TYR A 32 19.94 -41.05 29.27
C TYR A 32 18.56 -40.58 29.70
N THR A 33 17.57 -41.49 29.73
CA THR A 33 16.23 -41.09 30.11
C THR A 33 16.17 -40.72 31.60
N LEU A 34 16.96 -41.39 32.44
CA LEU A 34 16.98 -41.05 33.86
C LEU A 34 17.59 -39.66 34.07
N GLY A 35 18.72 -39.40 33.43
CA GLY A 35 19.34 -38.09 33.54
C GLY A 35 18.46 -36.99 32.99
N ASN A 36 17.76 -37.26 31.88
CA ASN A 36 16.89 -36.24 31.33
C ASN A 36 15.70 -35.96 32.24
N SER A 37 15.12 -37.01 32.84
CA SER A 37 14.02 -36.80 33.78
C SER A 37 14.47 -35.94 34.97
N LEU A 38 15.62 -36.29 35.55
CA LEU A 38 16.11 -35.52 36.69
C LEU A 38 16.49 -34.10 36.30
N ARG A 39 17.03 -33.91 35.09
CA ARG A 39 17.38 -32.57 34.62
C ARG A 39 16.13 -31.72 34.41
N ARG A 40 15.13 -32.28 33.73
CA ARG A 40 13.90 -31.53 33.47
C ARG A 40 13.16 -31.21 34.76
N THR A 41 13.30 -32.05 35.78
CA THR A 41 12.70 -31.71 37.08
C THR A 41 13.49 -30.63 37.79
N LEU A 42 14.82 -30.78 37.87
CA LEU A 42 15.64 -29.82 38.60
C LEU A 42 15.59 -28.44 37.97
N LEU A 43 15.65 -28.38 36.64
CA LEU A 43 15.75 -27.11 35.93
C LEU A 43 14.44 -26.35 35.87
N SER A 44 13.34 -26.93 36.32
CA SER A 44 12.04 -26.28 36.14
C SER A 44 11.23 -26.14 37.42
N SER A 45 11.29 -27.11 38.32
CA SER A 45 10.32 -27.19 39.42
C SER A 45 11.00 -27.42 40.76
N ILE A 46 12.02 -26.63 41.06
CA ILE A 46 12.64 -26.61 42.38
C ILE A 46 12.20 -25.33 43.09
N PRO A 47 11.46 -25.42 44.20
CA PRO A 47 11.00 -24.21 44.87
C PRO A 47 12.14 -23.40 45.44
N GLY A 48 12.04 -22.08 45.34
CA GLY A 48 13.05 -21.18 45.85
C GLY A 48 12.45 -19.87 46.30
N ALA A 49 13.27 -18.82 46.35
CA ALA A 49 12.80 -17.50 46.74
C ALA A 49 13.55 -16.45 45.94
N ALA A 50 12.85 -15.37 45.60
CA ALA A 50 13.46 -14.27 44.88
C ALA A 50 12.64 -13.01 45.10
N VAL A 51 13.28 -11.86 44.87
CA VAL A 51 12.58 -10.59 44.99
C VAL A 51 11.54 -10.48 43.88
N THR A 52 10.37 -9.92 44.22
CA THR A 52 9.27 -9.74 43.28
C THR A 52 8.89 -8.29 43.05
N SER A 53 8.87 -7.47 44.08
CA SER A 53 8.59 -6.05 43.89
C SER A 53 9.58 -5.23 44.69
N ILE A 54 9.96 -4.09 44.12
CA ILE A 54 10.78 -3.11 44.83
C ILE A 54 10.02 -1.79 44.84
N ARG A 55 10.25 -1.00 45.88
CA ARG A 55 9.69 0.34 46.02
C ARG A 55 10.84 1.25 46.39
N ILE A 56 11.28 2.06 45.43
CA ILE A 56 12.22 3.13 45.71
C ILE A 56 11.44 4.37 46.09
N ASP A 57 11.98 5.15 47.03
CA ASP A 57 11.23 6.28 47.60
C ASP A 57 10.92 7.34 46.55
N GLY A 58 11.94 7.75 45.79
CA GLY A 58 11.82 8.90 44.93
C GLY A 58 11.21 8.66 43.56
N VAL A 59 10.77 7.44 43.25
CA VAL A 59 10.28 7.10 41.92
C VAL A 59 8.80 6.77 42.01
N LEU A 60 8.05 7.18 40.99
CA LEU A 60 6.65 6.82 40.87
C LEU A 60 6.43 5.61 39.95
N HIS A 61 7.44 5.23 39.18
CA HIS A 61 7.30 4.15 38.20
C HIS A 61 8.69 3.58 37.93
N GLU A 62 8.81 2.81 36.85
CA GLU A 62 10.02 2.08 36.53
C GLU A 62 10.93 2.81 35.54
N PHE A 63 10.39 3.74 34.75
CA PHE A 63 11.11 4.34 33.63
C PHE A 63 11.62 5.74 33.96
N THR A 64 12.10 5.95 35.18
CA THR A 64 12.58 7.26 35.60
C THR A 64 13.99 7.17 36.14
N THR A 65 14.47 8.23 36.81
CA THR A 65 15.81 8.27 37.35
C THR A 65 15.77 8.73 38.80
N VAL A 66 16.83 8.40 39.54
CA VAL A 66 16.99 8.78 40.94
C VAL A 66 18.12 9.81 40.98
N PRO A 67 17.96 10.94 41.69
CA PRO A 67 19.00 11.98 41.65
C PRO A 67 20.22 11.57 42.47
N GLY A 68 21.36 11.48 41.80
CA GLY A 68 22.63 11.15 42.43
C GLY A 68 23.22 9.84 41.94
N VAL A 69 22.38 8.83 41.68
CA VAL A 69 22.88 7.53 41.27
C VAL A 69 23.38 7.61 39.85
N LYS A 70 24.51 6.93 39.57
CA LYS A 70 24.99 6.82 38.20
C LYS A 70 24.00 6.04 37.34
N GLU A 71 23.42 5.00 37.91
CA GLU A 71 22.48 4.10 37.26
C GLU A 71 21.09 4.75 37.22
N ASP A 72 20.22 4.18 36.39
CA ASP A 72 18.81 4.57 36.41
C ASP A 72 17.98 3.40 36.94
N VAL A 73 16.67 3.60 37.03
CA VAL A 73 15.82 2.67 37.77
C VAL A 73 15.76 1.30 37.10
N THR A 74 15.66 1.28 35.77
CA THR A 74 15.53 -0.02 35.10
C THR A 74 16.81 -0.84 35.19
N GLU A 75 17.98 -0.20 35.26
CA GLU A 75 19.19 -1.00 35.40
C GLU A 75 19.38 -1.45 36.84
N ILE A 76 18.85 -0.67 37.80
CA ILE A 76 18.76 -1.16 39.17
C ILE A 76 17.85 -2.39 39.22
N ILE A 77 16.76 -2.37 38.45
CA ILE A 77 15.89 -3.54 38.35
C ILE A 77 16.65 -4.73 37.80
N LEU A 78 17.41 -4.51 36.73
CA LEU A 78 18.18 -5.59 36.12
C LEU A 78 19.25 -6.13 37.06
N ASN A 79 19.87 -5.26 37.86
CA ASN A 79 20.90 -5.68 38.81
C ASN A 79 20.30 -6.47 39.97
N LEU A 80 19.19 -5.98 40.54
CA LEU A 80 18.52 -6.73 41.61
C LEU A 80 17.90 -8.01 41.12
N LYS A 81 17.62 -8.13 39.82
CA LYS A 81 17.08 -9.37 39.28
C LYS A 81 18.08 -10.51 39.33
N SER A 82 19.36 -10.20 39.50
CA SER A 82 20.39 -11.22 39.61
C SER A 82 20.66 -11.64 41.06
N LEU A 83 19.95 -11.06 42.02
CA LEU A 83 20.16 -11.40 43.42
C LEU A 83 19.75 -12.84 43.69
N VAL A 84 20.38 -13.42 44.71
CA VAL A 84 20.02 -14.74 45.23
C VAL A 84 19.67 -14.59 46.70
N VAL A 85 18.51 -15.13 47.08
CA VAL A 85 17.99 -14.99 48.44
C VAL A 85 17.16 -16.22 48.75
N SER A 86 17.31 -16.73 49.98
CA SER A 86 16.60 -17.93 50.41
C SER A 86 15.77 -17.58 51.65
N SER A 87 14.46 -17.75 51.55
CA SER A 87 13.57 -17.51 52.67
C SER A 87 13.30 -18.82 53.42
N GLU A 88 12.51 -18.73 54.48
CA GLU A 88 12.13 -19.90 55.25
C GLU A 88 10.62 -20.03 55.38
N GLU A 89 9.90 -18.91 55.42
CA GLU A 89 8.46 -18.87 55.59
C GLU A 89 7.80 -18.33 54.33
N ASP A 90 6.51 -18.66 54.20
CA ASP A 90 5.78 -18.46 52.95
C ASP A 90 5.09 -17.09 52.84
N GLU A 91 5.08 -16.31 53.91
CA GLU A 91 4.50 -14.98 53.86
C GLU A 91 5.40 -14.06 53.02
N PRO A 92 4.81 -13.10 52.29
CA PRO A 92 5.63 -12.19 51.47
C PRO A 92 6.45 -11.22 52.31
N VAL A 93 7.61 -11.68 52.77
CA VAL A 93 8.43 -10.88 53.66
C VAL A 93 9.06 -9.71 52.90
N THR A 94 9.55 -8.73 53.65
CA THR A 94 10.15 -7.53 53.08
C THR A 94 11.49 -7.25 53.77
N MET A 95 12.41 -6.65 53.02
CA MET A 95 13.65 -6.15 53.58
C MET A 95 13.89 -4.74 53.05
N TYR A 96 14.81 -4.03 53.69
CA TYR A 96 15.04 -2.61 53.43
C TYR A 96 16.47 -2.38 52.96
N LEU A 97 16.72 -1.18 52.44
CA LEU A 97 18.06 -0.78 52.03
C LEU A 97 18.14 0.73 52.00
N ARG A 98 18.93 1.31 52.91
CA ARG A 98 19.20 2.74 52.98
C ARG A 98 20.66 3.00 52.67
N LYS A 99 20.94 4.00 51.83
CA LYS A 99 22.31 4.37 51.56
C LYS A 99 22.39 5.87 51.28
N GLN A 100 23.30 6.55 51.98
CA GLN A 100 23.50 7.98 51.85
C GLN A 100 24.98 8.25 51.62
N GLY A 101 25.28 9.14 50.68
CA GLY A 101 26.63 9.54 50.41
C GLY A 101 27.27 8.75 49.30
N PRO A 102 28.50 9.11 48.93
CA PRO A 102 29.16 8.44 47.81
C PRO A 102 29.57 7.01 48.15
N GLY A 103 29.80 6.22 47.11
CA GLY A 103 30.24 4.85 47.28
C GLY A 103 29.43 3.85 46.49
N GLU A 104 29.95 2.63 46.40
CA GLU A 104 29.23 1.55 45.74
C GLU A 104 28.26 0.90 46.71
N VAL A 105 27.04 0.63 46.25
CA VAL A 105 26.01 -0.01 47.05
C VAL A 105 26.07 -1.51 46.75
N THR A 106 26.59 -2.28 47.69
CA THR A 106 26.65 -3.72 47.55
C THR A 106 25.41 -4.37 48.16
N ALA A 107 25.20 -5.64 47.82
CA ALA A 107 24.08 -6.38 48.38
C ALA A 107 24.23 -6.60 49.88
N GLY A 108 25.46 -6.51 50.41
CA GLY A 108 25.67 -6.63 51.84
C GLY A 108 25.10 -5.48 52.65
N ASP A 109 24.83 -4.35 52.00
CA ASP A 109 24.21 -3.22 52.69
C ASP A 109 22.74 -3.47 52.99
N ILE A 110 22.13 -4.48 52.40
CA ILE A 110 20.74 -4.80 52.69
C ILE A 110 20.64 -5.42 54.07
N VAL A 111 19.72 -4.91 54.88
CA VAL A 111 19.45 -5.47 56.20
C VAL A 111 18.21 -6.35 56.09
N PRO A 112 18.35 -7.68 56.21
CA PRO A 112 17.20 -8.56 56.07
C PRO A 112 16.58 -8.88 57.42
N PRO A 113 15.30 -9.20 57.46
CA PRO A 113 14.70 -9.72 58.70
C PRO A 113 15.09 -11.16 58.95
N ALA A 114 14.51 -11.76 59.99
CA ALA A 114 14.82 -13.15 60.31
C ALA A 114 14.28 -14.08 59.22
N GLY A 115 14.96 -15.21 59.06
CA GLY A 115 14.57 -16.19 58.06
C GLY A 115 15.28 -16.03 56.74
N VAL A 116 15.15 -14.87 56.12
CA VAL A 116 15.78 -14.62 54.83
C VAL A 116 17.26 -14.34 55.02
N THR A 117 18.02 -14.55 53.96
CA THR A 117 19.44 -14.25 53.94
C THR A 117 19.89 -14.01 52.51
N VAL A 118 20.91 -13.18 52.36
CA VAL A 118 21.48 -12.84 51.06
C VAL A 118 22.80 -13.58 50.92
N HIS A 119 22.92 -14.41 49.88
CA HIS A 119 24.03 -15.33 49.75
C HIS A 119 25.19 -14.78 48.93
N ASN A 120 25.13 -13.52 48.49
CA ASN A 120 26.25 -12.90 47.79
C ASN A 120 26.27 -11.41 48.12
N PRO A 121 26.93 -11.02 49.22
CA PRO A 121 27.01 -9.60 49.56
C PRO A 121 27.85 -8.77 48.60
N GLY A 122 28.63 -9.40 47.73
CA GLY A 122 29.55 -8.66 46.88
C GLY A 122 28.98 -8.21 45.55
N MET A 123 27.66 -8.20 45.42
CA MET A 123 27.03 -7.81 44.17
C MET A 123 26.99 -6.29 44.03
N HIS A 124 27.40 -5.81 42.86
CA HIS A 124 27.23 -4.40 42.52
C HIS A 124 25.77 -4.14 42.19
N ILE A 125 25.16 -3.18 42.90
CA ILE A 125 23.79 -2.76 42.64
C ILE A 125 23.76 -1.39 41.97
N ALA A 126 24.40 -0.40 42.59
CA ALA A 126 24.48 0.95 42.05
C ALA A 126 25.72 1.62 42.63
N THR A 127 25.97 2.84 42.17
CA THR A 127 27.05 3.66 42.74
C THR A 127 26.55 5.08 42.89
N LEU A 128 26.93 5.73 43.99
CA LEU A 128 26.37 7.01 44.38
C LEU A 128 27.46 8.08 44.35
N ASN A 129 27.08 9.29 44.74
CA ASN A 129 28.00 10.41 44.87
C ASN A 129 27.61 11.20 46.11
N ASP A 130 28.11 12.44 46.21
CA ASP A 130 27.76 13.29 47.34
C ASP A 130 26.25 13.52 47.39
N LYS A 131 25.64 13.83 46.25
CA LYS A 131 24.21 14.11 46.20
C LYS A 131 23.36 12.85 46.20
N GLY A 132 23.98 11.68 46.16
CA GLY A 132 23.21 10.45 46.05
C GLY A 132 22.53 10.07 47.36
N LYS A 133 21.32 9.51 47.22
CA LYS A 133 20.57 8.99 48.35
C LYS A 133 19.64 7.93 47.77
N LEU A 134 19.85 6.67 48.16
CA LEU A 134 19.07 5.56 47.63
C LEU A 134 18.41 4.81 48.78
N GLU A 135 17.08 4.86 48.82
CA GLU A 135 16.27 4.05 49.72
C GLU A 135 15.36 3.15 48.91
N VAL A 136 15.33 1.87 49.25
CA VAL A 136 14.51 0.93 48.52
C VAL A 136 14.06 -0.19 49.46
N GLU A 137 12.81 -0.61 49.31
CA GLU A 137 12.30 -1.78 50.01
C GLU A 137 12.04 -2.89 48.99
N LEU A 138 12.40 -4.11 49.35
CA LEU A 138 12.26 -5.27 48.48
C LEU A 138 11.34 -6.28 49.12
N VAL A 139 10.57 -6.98 48.29
CA VAL A 139 9.58 -7.94 48.76
C VAL A 139 9.99 -9.32 48.28
N VAL A 140 10.44 -10.17 49.20
CA VAL A 140 10.82 -11.54 48.90
C VAL A 140 9.67 -12.49 49.24
N GLU A 141 9.35 -13.37 48.30
CA GLU A 141 8.42 -14.46 48.58
C GLU A 141 8.95 -15.73 47.95
N ARG A 142 8.40 -16.86 48.39
CA ARG A 142 8.75 -18.16 47.84
C ARG A 142 7.92 -18.46 46.61
N GLY A 143 8.40 -19.39 45.81
CA GLY A 143 7.68 -19.77 44.61
C GLY A 143 8.47 -20.80 43.82
N ARG A 144 8.04 -21.01 42.58
CA ARG A 144 8.67 -21.98 41.70
C ARG A 144 8.55 -21.52 40.26
N GLY A 145 9.62 -21.70 39.49
CA GLY A 145 9.61 -21.36 38.07
C GLY A 145 9.67 -19.87 37.85
N TYR A 146 9.46 -19.47 36.59
CA TYR A 146 9.41 -18.06 36.22
C TYR A 146 7.96 -17.62 36.23
N VAL A 147 7.64 -16.71 37.14
CA VAL A 147 6.38 -15.96 37.13
C VAL A 147 6.67 -14.59 36.52
N PRO A 148 5.84 -14.10 35.60
CA PRO A 148 6.05 -12.76 35.06
C PRO A 148 5.73 -11.70 36.10
N ALA A 149 5.91 -10.42 35.74
CA ALA A 149 5.59 -9.34 36.66
C ALA A 149 4.11 -9.32 36.95
N VAL A 150 3.74 -9.35 38.23
CA VAL A 150 2.35 -9.27 38.64
C VAL A 150 1.92 -7.80 38.53
N GLN A 151 0.84 -7.55 37.78
CA GLN A 151 0.44 -6.18 37.50
C GLN A 151 0.03 -5.47 38.78
N ASN A 152 0.34 -4.17 38.83
CA ASN A 152 0.07 -3.39 40.04
C ASN A 152 -1.41 -3.33 40.36
N ARG A 153 -2.25 -3.22 39.32
CA ARG A 153 -3.70 -3.16 39.52
C ARG A 153 -4.20 -4.45 40.17
N ALA A 154 -3.67 -5.60 39.76
CA ALA A 154 -4.04 -6.86 40.39
C ALA A 154 -3.63 -6.89 41.86
N SER A 155 -2.52 -6.23 42.19
CA SER A 155 -2.06 -6.12 43.56
C SER A 155 -2.83 -5.00 44.27
N GLY A 156 -2.32 -4.56 45.41
CA GLY A 156 -2.95 -3.49 46.18
C GLY A 156 -3.07 -2.17 45.45
N ALA A 157 -2.31 -2.02 44.37
CA ALA A 157 -2.44 -0.91 43.42
C ALA A 157 -2.10 0.44 44.07
N GLU A 158 -1.12 0.42 44.98
CA GLU A 158 -0.56 1.66 45.49
C GLU A 158 0.55 2.13 44.57
N ILE A 159 0.44 3.35 44.07
CA ILE A 159 1.34 3.88 43.05
C ILE A 159 2.76 3.97 43.61
N GLY A 160 3.70 3.32 42.94
CA GLY A 160 5.08 3.31 43.38
C GLY A 160 5.64 1.91 43.51
N ARG A 161 4.76 0.92 43.62
CA ARG A 161 5.15 -0.48 43.75
C ARG A 161 5.60 -0.98 42.39
N ILE A 162 6.90 -0.84 42.13
CA ILE A 162 7.49 -1.33 40.88
C ILE A 162 7.45 -2.86 40.90
N PRO A 163 6.75 -3.50 39.97
CA PRO A 163 6.75 -4.97 39.94
C PRO A 163 7.90 -5.50 39.09
N VAL A 164 8.52 -6.56 39.61
CA VAL A 164 9.71 -7.15 38.99
C VAL A 164 9.41 -8.61 38.69
N ASP A 165 9.89 -9.07 37.54
CA ASP A 165 9.82 -10.50 37.24
C ASP A 165 10.60 -11.29 38.26
N SER A 166 10.00 -12.38 38.74
CA SER A 166 10.63 -13.26 39.70
C SER A 166 11.00 -14.57 39.04
N ILE A 167 12.19 -15.07 39.35
CA ILE A 167 12.66 -16.35 38.85
C ILE A 167 13.06 -17.17 40.08
N TYR A 168 12.15 -18.02 40.55
CA TYR A 168 12.42 -18.89 41.69
C TYR A 168 13.03 -20.17 41.15
N SER A 169 14.36 -20.20 41.03
CA SER A 169 15.07 -21.38 40.55
C SER A 169 16.46 -21.37 41.14
N PRO A 170 16.64 -21.99 42.31
CA PRO A 170 17.98 -22.08 42.91
C PRO A 170 18.98 -22.87 42.07
N VAL A 171 18.52 -23.67 41.13
CA VAL A 171 19.42 -24.43 40.25
C VAL A 171 19.93 -23.49 39.17
N LEU A 172 21.11 -23.79 38.65
CA LEU A 172 21.74 -22.93 37.67
C LEU A 172 22.17 -23.65 36.40
N LYS A 173 22.67 -24.88 36.51
CA LYS A 173 23.12 -25.63 35.33
C LYS A 173 23.23 -27.12 35.62
N VAL A 174 22.57 -27.94 34.80
CA VAL A 174 22.52 -29.38 35.00
C VAL A 174 22.92 -30.09 33.71
N THR A 175 23.83 -31.05 33.82
CA THR A 175 24.19 -31.92 32.72
C THR A 175 24.39 -33.33 33.26
N TYR A 176 24.71 -34.25 32.36
CA TYR A 176 25.01 -35.63 32.73
C TYR A 176 25.77 -36.28 31.59
N LYS A 177 26.17 -37.53 31.82
CA LYS A 177 26.80 -38.38 30.82
C LYS A 177 26.82 -39.80 31.37
N VAL A 178 26.61 -40.76 30.48
CA VAL A 178 26.58 -42.16 30.87
C VAL A 178 27.82 -42.87 30.33
N ASP A 179 28.23 -43.92 31.02
CA ASP A 179 29.35 -44.77 30.61
C ASP A 179 28.82 -46.20 30.54
N ALA A 180 28.26 -46.56 29.39
CA ALA A 180 27.65 -47.87 29.21
C ALA A 180 28.75 -48.88 28.93
N THR A 181 28.92 -49.84 29.85
CA THR A 181 29.95 -50.86 29.68
C THR A 181 29.67 -51.72 28.46
N ARG A 182 28.56 -52.45 28.48
CA ARG A 182 28.05 -53.22 27.33
C ARG A 182 29.11 -54.21 26.84
N VAL A 183 29.36 -55.19 27.71
CA VAL A 183 30.28 -56.27 27.37
C VAL A 183 29.52 -57.33 26.59
N GLU A 184 30.27 -58.14 25.82
CA GLU A 184 29.68 -59.13 24.94
C GLU A 184 29.00 -60.28 25.67
N GLN A 185 29.20 -60.38 26.98
CA GLN A 185 28.60 -61.44 27.79
C GLN A 185 27.23 -61.06 28.34
N ARG A 186 26.70 -59.89 27.94
CA ARG A 186 25.34 -59.45 28.22
C ARG A 186 25.05 -59.23 29.70
N THR A 187 26.08 -58.99 30.51
CA THR A 187 25.87 -58.45 31.85
C THR A 187 25.99 -56.93 31.83
N ASP A 188 25.24 -56.34 30.91
CA ASP A 188 25.32 -54.91 30.60
C ASP A 188 24.64 -54.08 31.67
N PHE A 189 25.19 -52.89 31.91
CA PHE A 189 24.59 -51.94 32.84
C PHE A 189 25.07 -50.55 32.49
N ASP A 190 24.22 -49.56 32.77
CA ASP A 190 24.56 -48.16 32.55
C ASP A 190 25.22 -47.58 33.80
N LYS A 191 25.64 -46.32 33.70
CA LYS A 191 26.31 -45.65 34.82
C LYS A 191 26.08 -44.16 34.63
N LEU A 192 25.13 -43.59 35.38
CA LEU A 192 24.71 -42.20 35.20
C LEU A 192 25.58 -41.31 36.06
N ILE A 193 26.33 -40.41 35.42
CA ILE A 193 27.13 -39.41 36.13
C ILE A 193 26.44 -38.07 35.88
N LEU A 194 25.56 -37.71 36.79
CA LEU A 194 24.81 -36.46 36.72
C LEU A 194 25.59 -35.35 37.41
N ASP A 195 25.37 -34.12 36.96
CA ASP A 195 26.09 -32.95 37.47
C ASP A 195 25.08 -31.85 37.77
N VAL A 196 25.21 -31.23 38.94
CA VAL A 196 24.31 -30.16 39.35
C VAL A 196 25.15 -28.97 39.82
N GLU A 197 24.84 -27.79 39.30
CA GLU A 197 25.42 -26.54 39.78
C GLU A 197 24.28 -25.60 40.14
N THR A 198 24.17 -25.27 41.43
CA THR A 198 23.17 -24.34 41.92
C THR A 198 23.78 -22.97 42.14
N LYS A 199 22.92 -21.95 42.17
CA LYS A 199 23.39 -20.57 42.30
C LYS A 199 23.46 -20.13 43.77
N ASN A 200 24.11 -20.97 44.59
CA ASN A 200 24.48 -20.66 45.97
C ASN A 200 23.27 -20.35 46.86
N SER A 201 22.07 -20.74 46.45
CA SER A 201 20.88 -20.56 47.28
C SER A 201 20.70 -21.75 48.23
N ILE A 202 20.64 -22.95 47.66
CA ILE A 202 20.62 -24.19 48.43
C ILE A 202 21.68 -25.11 47.85
N SER A 203 22.16 -26.02 48.68
CA SER A 203 23.17 -26.98 48.23
C SER A 203 22.56 -27.92 47.18
N PRO A 204 23.39 -28.43 46.27
CA PRO A 204 22.87 -29.35 45.23
C PRO A 204 22.21 -30.60 45.80
N ARG A 205 22.66 -31.07 46.96
CA ARG A 205 22.05 -32.24 47.58
C ARG A 205 20.58 -31.98 47.90
N ASP A 206 20.28 -30.80 48.46
CA ASP A 206 18.89 -30.47 48.79
C ASP A 206 18.04 -30.34 47.55
N ALA A 207 18.59 -29.74 46.48
CA ALA A 207 17.83 -29.61 45.23
C ALA A 207 17.50 -30.97 44.64
N LEU A 208 18.49 -31.88 44.63
CA LEU A 208 18.24 -33.21 44.10
C LEU A 208 17.26 -33.98 44.98
N ALA A 209 17.34 -33.79 46.30
CA ALA A 209 16.38 -34.44 47.20
C ALA A 209 14.96 -33.95 46.94
N SER A 210 14.79 -32.64 46.74
CA SER A 210 13.48 -32.09 46.45
C SER A 210 12.95 -32.59 45.12
N ALA A 211 13.81 -32.66 44.10
CA ALA A 211 13.39 -33.19 42.81
C ALA A 211 12.96 -34.65 42.94
N GLY A 212 13.71 -35.43 43.72
CA GLY A 212 13.36 -36.83 43.92
C GLY A 212 12.05 -37.01 44.64
N LYS A 213 11.78 -36.18 45.63
CA LYS A 213 10.51 -36.27 46.35
C LYS A 213 9.36 -35.86 45.45
N THR A 214 9.56 -34.83 44.62
CA THR A 214 8.51 -34.48 43.66
C THR A 214 8.21 -35.65 42.74
N LEU A 215 9.26 -36.31 42.26
CA LEU A 215 9.06 -37.46 41.37
C LEU A 215 8.39 -38.63 42.08
N VAL A 216 8.75 -38.86 43.35
CA VAL A 216 8.11 -39.91 44.14
C VAL A 216 6.63 -39.63 44.30
N GLU A 217 6.28 -38.38 44.60
CA GLU A 217 4.88 -38.01 44.78
C GLU A 217 4.11 -38.16 43.48
N LEU A 218 4.74 -37.81 42.36
CA LEU A 218 4.05 -37.93 41.07
C LEU A 218 3.93 -39.37 40.58
N PHE A 219 4.86 -40.24 40.96
CA PHE A 219 4.80 -41.63 40.51
C PHE A 219 4.07 -42.55 41.47
N GLY A 220 3.82 -42.11 42.71
CA GLY A 220 2.86 -42.81 43.55
C GLY A 220 1.47 -42.79 42.95
N LEU A 221 1.17 -41.78 42.13
CA LEU A 221 -0.07 -41.73 41.38
C LEU A 221 -0.21 -42.96 40.47
N ALA A 222 0.85 -43.26 39.71
CA ALA A 222 0.81 -44.41 38.81
C ALA A 222 0.93 -45.73 39.57
N ARG A 223 1.68 -45.75 40.67
CA ARG A 223 1.86 -47.00 41.42
C ARG A 223 0.58 -47.41 42.13
N GLU A 224 -0.08 -46.47 42.82
CA GLU A 224 -1.22 -46.81 43.66
C GLU A 224 -2.47 -47.04 42.81
N LEU A 225 -2.68 -48.29 42.40
CA LEU A 225 -3.87 -48.68 41.63
C LEU A 225 -4.70 -49.73 42.34
N ASN A 226 -4.08 -50.78 42.85
CA ASN A 226 -4.80 -51.86 43.51
C ASN A 226 -4.12 -52.27 44.82
N MET B 1 4.95 -27.15 47.78
CA MET B 1 3.78 -26.35 47.47
C MET B 1 2.63 -27.21 46.96
N LEU B 2 1.52 -26.56 46.64
CA LEU B 2 0.36 -27.24 46.10
C LEU B 2 0.55 -27.54 44.62
N ILE B 3 -0.02 -28.65 44.17
CA ILE B 3 0.00 -28.97 42.75
C ILE B 3 -0.95 -28.05 41.99
N SER B 4 -1.96 -27.49 42.67
CA SER B 4 -3.00 -26.58 42.22
C SER B 4 -4.02 -27.28 41.33
N GLN B 5 -3.80 -28.53 40.93
CA GLN B 5 -4.77 -29.37 40.23
C GLN B 5 -4.26 -30.80 40.25
N ARG B 6 -5.12 -31.75 40.62
CA ARG B 6 -4.66 -33.13 40.77
C ARG B 6 -4.75 -33.86 39.44
N PRO B 7 -3.65 -34.38 38.91
CA PRO B 7 -3.74 -35.20 37.70
C PRO B 7 -4.44 -36.52 37.97
N THR B 8 -5.11 -37.02 36.95
CA THR B 8 -5.84 -38.28 37.01
C THR B 8 -5.15 -39.31 36.14
N LEU B 9 -5.76 -40.49 36.04
CA LEU B 9 -5.22 -41.56 35.20
C LEU B 9 -6.38 -42.47 34.83
N SER B 10 -6.77 -42.45 33.56
CA SER B 10 -7.89 -43.29 33.12
C SER B 10 -7.52 -44.00 31.83
N GLU B 11 -7.97 -45.25 31.70
CA GLU B 11 -7.57 -46.08 30.58
C GLU B 11 -8.76 -46.38 29.67
N ASP B 12 -8.47 -46.48 28.38
CA ASP B 12 -9.38 -47.02 27.38
C ASP B 12 -8.85 -48.40 27.03
N VAL B 13 -9.68 -49.43 27.20
CA VAL B 13 -9.33 -50.78 26.83
C VAL B 13 -9.78 -51.00 25.38
N LEU B 14 -8.83 -51.36 24.51
CA LEU B 14 -9.14 -51.52 23.09
C LEU B 14 -9.33 -52.97 22.71
N THR B 15 -8.31 -53.80 22.94
CA THR B 15 -8.40 -55.25 22.85
C THR B 15 -8.21 -55.82 24.25
N ASP B 16 -8.08 -57.16 24.32
CA ASP B 16 -7.84 -57.81 25.61
C ASP B 16 -6.58 -57.25 26.24
N ASN B 17 -5.46 -57.24 25.50
CA ASN B 17 -4.20 -56.66 25.97
C ASN B 17 -3.80 -55.55 24.99
N ARG B 18 -4.43 -54.38 25.17
CA ARG B 18 -4.12 -53.16 24.44
C ARG B 18 -4.82 -52.01 25.15
N SER B 19 -4.07 -51.02 25.61
CA SER B 19 -4.68 -49.94 26.37
C SER B 19 -4.17 -48.58 25.93
N GLN B 20 -5.01 -47.59 26.15
CA GLN B 20 -4.70 -46.18 25.88
C GLN B 20 -4.92 -45.45 27.21
N PHE B 21 -3.85 -45.24 27.94
CA PHE B 21 -3.90 -44.50 29.19
C PHE B 21 -3.86 -43.00 28.89
N VAL B 22 -4.62 -42.23 29.65
CA VAL B 22 -4.56 -40.77 29.57
C VAL B 22 -4.36 -40.22 30.97
N ILE B 23 -3.42 -39.29 31.10
CA ILE B 23 -3.12 -38.59 32.33
C ILE B 23 -3.31 -37.11 32.07
N GLU B 24 -4.15 -36.47 32.88
CA GLU B 24 -4.48 -35.07 32.67
C GLU B 24 -4.92 -34.44 33.99
N PRO B 25 -4.58 -33.17 34.22
CA PRO B 25 -3.64 -32.35 33.46
C PRO B 25 -2.28 -32.30 34.14
N LEU B 26 -1.23 -32.78 33.48
CA LEU B 26 0.09 -32.73 34.08
C LEU B 26 0.63 -31.30 34.06
N GLU B 27 1.31 -30.92 35.13
CA GLU B 27 1.82 -29.56 35.26
C GLU B 27 2.88 -29.31 34.19
N PRO B 28 2.77 -28.21 33.44
CA PRO B 28 3.61 -28.05 32.24
C PRO B 28 5.06 -27.77 32.59
N GLY B 29 5.97 -28.37 31.83
CA GLY B 29 5.73 -29.47 30.90
C GLY B 29 6.10 -30.86 31.41
N PHE B 30 5.44 -31.34 32.46
CA PHE B 30 5.84 -32.62 33.04
C PHE B 30 5.46 -33.83 32.19
N GLY B 31 4.67 -33.61 31.14
CA GLY B 31 4.27 -34.65 30.21
C GLY B 31 5.42 -35.48 29.72
N TYR B 32 6.39 -34.84 29.05
CA TYR B 32 7.58 -35.56 28.58
C TYR B 32 8.38 -36.12 29.75
N THR B 33 8.53 -35.34 30.82
CA THR B 33 9.39 -35.70 31.94
C THR B 33 9.02 -37.06 32.50
N LEU B 34 7.73 -37.32 32.66
CA LEU B 34 7.34 -38.64 33.13
C LEU B 34 7.03 -39.61 32.01
N GLY B 35 6.65 -39.11 30.83
CA GLY B 35 6.30 -40.01 29.74
C GLY B 35 7.46 -40.82 29.22
N ASN B 36 8.61 -40.17 29.02
CA ASN B 36 9.76 -40.91 28.49
C ASN B 36 10.26 -41.93 29.50
N SER B 37 10.30 -41.54 30.78
CA SER B 37 10.71 -42.48 31.82
C SER B 37 9.74 -43.65 31.91
N LEU B 38 8.43 -43.38 31.80
CA LEU B 38 7.45 -44.45 31.81
C LEU B 38 7.63 -45.38 30.63
N ARG B 39 7.82 -44.82 29.43
CA ARG B 39 7.99 -45.64 28.24
C ARG B 39 9.21 -46.54 28.35
N ARG B 40 10.34 -45.99 28.80
CA ARG B 40 11.55 -46.79 28.91
C ARG B 40 11.43 -47.82 30.03
N THR B 41 10.73 -47.47 31.11
CA THR B 41 10.60 -48.38 32.24
C THR B 41 9.71 -49.56 31.91
N LEU B 42 8.59 -49.30 31.22
CA LEU B 42 7.72 -50.40 30.82
C LEU B 42 8.47 -51.40 29.96
N LEU B 43 9.18 -50.93 28.95
CA LEU B 43 9.83 -51.83 28.00
C LEU B 43 11.07 -52.51 28.59
N SER B 44 11.66 -51.96 29.65
CA SER B 44 12.99 -52.41 30.05
C SER B 44 13.15 -52.62 31.56
N SER B 45 12.07 -52.71 32.32
CA SER B 45 12.19 -52.97 33.75
C SER B 45 11.39 -54.18 34.21
N ILE B 46 10.19 -54.39 33.65
CA ILE B 46 9.32 -55.46 34.12
C ILE B 46 9.94 -56.80 33.80
N PRO B 47 10.16 -57.66 34.79
CA PRO B 47 10.81 -58.95 34.52
C PRO B 47 9.91 -59.88 33.71
N GLY B 48 10.56 -60.75 32.96
CA GLY B 48 9.85 -61.74 32.14
C GLY B 48 10.84 -62.77 31.65
N ALA B 49 10.31 -63.74 30.91
CA ALA B 49 11.14 -64.83 30.42
C ALA B 49 10.79 -65.15 28.97
N ALA B 50 11.79 -65.65 28.25
CA ALA B 50 11.63 -66.08 26.88
C ALA B 50 12.77 -67.04 26.55
N VAL B 51 12.65 -67.69 25.39
CA VAL B 51 13.68 -68.63 24.98
C VAL B 51 14.94 -67.87 24.59
N THR B 52 16.08 -68.29 25.16
CA THR B 52 17.35 -67.65 24.90
C THR B 52 18.26 -68.43 23.95
N SER B 53 18.10 -69.75 23.89
CA SER B 53 18.88 -70.57 22.97
C SER B 53 18.11 -71.86 22.73
N ILE B 54 18.39 -72.51 21.61
CA ILE B 54 17.74 -73.75 21.24
C ILE B 54 18.75 -74.67 20.57
N ARG B 55 18.67 -75.96 20.87
CA ARG B 55 19.43 -76.96 20.12
C ARG B 55 18.47 -77.92 19.41
N ILE B 56 18.68 -78.04 18.11
CA ILE B 56 18.01 -78.99 17.21
C ILE B 56 18.97 -80.07 16.74
N ASP B 57 18.42 -81.28 16.58
CA ASP B 57 19.17 -82.37 15.98
C ASP B 57 19.09 -82.28 14.46
N GLY B 58 20.15 -82.74 13.81
CA GLY B 58 20.25 -82.64 12.37
C GLY B 58 20.75 -81.32 11.85
N VAL B 59 21.12 -80.39 12.73
CA VAL B 59 21.66 -79.10 12.31
C VAL B 59 22.91 -78.82 13.16
N LEU B 60 24.08 -78.92 12.54
CA LEU B 60 25.35 -78.80 13.23
C LEU B 60 26.19 -77.65 12.71
N HIS B 61 26.35 -77.53 11.39
CA HIS B 61 27.06 -76.41 10.78
C HIS B 61 26.24 -75.71 9.72
N GLU B 62 25.47 -76.46 8.91
CA GLU B 62 24.59 -75.85 7.92
C GLU B 62 23.21 -75.64 8.56
N PHE B 63 23.05 -74.48 9.17
CA PHE B 63 21.80 -74.15 9.82
C PHE B 63 20.80 -73.64 8.79
N THR B 64 20.59 -74.39 7.72
CA THR B 64 19.70 -73.96 6.66
C THR B 64 18.29 -74.52 6.85
N THR B 65 18.15 -75.84 6.80
CA THR B 65 16.85 -76.48 6.91
C THR B 65 16.93 -77.71 7.80
N VAL B 66 15.83 -77.98 8.50
CA VAL B 66 15.75 -79.08 9.46
C VAL B 66 15.05 -80.25 8.77
N PRO B 67 15.61 -81.47 8.84
CA PRO B 67 14.95 -82.63 8.21
C PRO B 67 13.59 -82.93 8.81
N GLY B 68 12.56 -82.96 7.96
CA GLY B 68 11.22 -83.33 8.37
C GLY B 68 10.26 -82.18 8.52
N VAL B 69 10.75 -80.94 8.59
CA VAL B 69 9.89 -79.77 8.76
C VAL B 69 9.74 -79.06 7.43
N LYS B 70 8.62 -78.35 7.28
CA LYS B 70 8.38 -77.58 6.06
C LYS B 70 9.25 -76.32 6.03
N GLU B 71 9.42 -75.68 7.18
CA GLU B 71 10.11 -74.41 7.27
C GLU B 71 11.61 -74.65 7.41
N ASP B 72 12.35 -73.61 7.77
CA ASP B 72 13.79 -73.65 7.94
C ASP B 72 14.15 -73.29 9.38
N VAL B 73 15.46 -73.15 9.64
CA VAL B 73 15.92 -72.87 11.00
C VAL B 73 15.52 -71.46 11.42
N THR B 74 15.61 -70.50 10.51
CA THR B 74 15.27 -69.11 10.85
C THR B 74 13.79 -68.99 11.20
N GLU B 75 12.92 -69.68 10.47
CA GLU B 75 11.48 -69.63 10.75
C GLU B 75 11.16 -70.27 12.10
N ILE B 76 11.79 -71.41 12.40
CA ILE B 76 11.59 -72.03 13.70
C ILE B 76 12.09 -71.10 14.80
N ILE B 77 13.20 -70.39 14.56
CA ILE B 77 13.75 -69.48 15.55
C ILE B 77 12.79 -68.32 15.81
N LEU B 78 12.29 -67.69 14.74
CA LEU B 78 11.43 -66.53 14.97
C LEU B 78 10.08 -66.94 15.53
N ASN B 79 9.61 -68.15 15.23
CA ASN B 79 8.38 -68.64 15.85
C ASN B 79 8.60 -68.95 17.33
N LEU B 80 9.79 -69.43 17.67
CA LEU B 80 10.08 -69.74 19.07
C LEU B 80 10.32 -68.48 19.90
N LYS B 81 10.80 -67.41 19.27
CA LYS B 81 11.02 -66.16 20.00
C LYS B 81 9.71 -65.51 20.42
N SER B 82 8.69 -65.57 19.56
CA SER B 82 7.39 -65.00 19.88
C SER B 82 6.67 -65.76 20.99
N LEU B 83 7.14 -66.97 21.32
CA LEU B 83 6.53 -67.76 22.38
C LEU B 83 6.66 -67.05 23.72
N VAL B 84 5.56 -67.01 24.46
CA VAL B 84 5.53 -66.46 25.82
C VAL B 84 5.50 -67.62 26.81
N VAL B 85 6.47 -67.61 27.73
CA VAL B 85 6.53 -68.57 28.83
C VAL B 85 6.91 -67.82 30.10
N SER B 86 6.17 -68.07 31.18
CA SER B 86 6.56 -67.50 32.46
C SER B 86 7.70 -68.32 33.06
N SER B 87 8.27 -67.81 34.16
CA SER B 87 9.37 -68.51 34.82
C SER B 87 9.43 -68.11 36.28
N GLU B 88 10.06 -68.98 37.07
CA GLU B 88 10.21 -68.80 38.51
C GLU B 88 11.62 -69.15 38.98
N GLU B 89 12.60 -69.16 38.07
CA GLU B 89 13.94 -69.68 38.34
C GLU B 89 14.97 -68.74 37.74
N ASP B 90 16.01 -68.44 38.50
CA ASP B 90 17.10 -67.62 37.98
C ASP B 90 17.97 -68.43 37.01
N GLU B 91 18.17 -69.71 37.31
CA GLU B 91 18.96 -70.57 36.46
C GLU B 91 18.25 -70.82 35.13
N PRO B 92 19.00 -71.06 34.06
CA PRO B 92 18.41 -71.30 32.72
C PRO B 92 17.79 -72.69 32.56
N VAL B 93 16.51 -72.81 32.92
CA VAL B 93 15.82 -74.09 32.83
C VAL B 93 15.77 -74.53 31.38
N THR B 94 15.60 -75.83 31.15
CA THR B 94 15.63 -76.41 29.82
C THR B 94 14.26 -77.01 29.50
N MET B 95 13.54 -76.36 28.59
CA MET B 95 12.31 -76.91 28.06
C MET B 95 12.67 -77.99 27.05
N TYR B 96 11.86 -79.05 26.98
CA TYR B 96 12.09 -80.12 26.01
C TYR B 96 10.87 -80.22 25.12
N LEU B 97 11.08 -80.09 23.81
CA LEU B 97 10.05 -80.30 22.81
C LEU B 97 10.44 -81.50 21.97
N ARG B 98 9.51 -82.46 21.83
CA ARG B 98 9.77 -83.67 21.06
C ARG B 98 8.46 -84.18 20.51
N LYS B 99 8.33 -84.16 19.18
CA LYS B 99 7.14 -84.64 18.49
C LYS B 99 7.57 -85.34 17.22
N GLN B 100 7.04 -86.53 16.97
CA GLN B 100 7.32 -87.30 15.78
C GLN B 100 6.04 -87.55 15.01
N GLY B 101 6.17 -87.65 13.69
CA GLY B 101 5.03 -87.88 12.83
C GLY B 101 4.61 -86.64 12.07
N PRO B 102 3.58 -86.77 11.23
CA PRO B 102 3.15 -85.63 10.41
C PRO B 102 2.29 -84.65 11.22
N GLY B 103 1.97 -83.53 10.58
CA GLY B 103 1.15 -82.50 11.17
C GLY B 103 1.98 -81.35 11.74
N GLU B 104 1.26 -80.37 12.25
CA GLU B 104 1.91 -79.21 12.85
C GLU B 104 2.11 -79.44 14.35
N VAL B 105 3.07 -78.71 14.90
CA VAL B 105 3.38 -78.75 16.33
C VAL B 105 2.83 -77.48 16.97
N THR B 106 2.05 -77.64 18.03
CA THR B 106 1.46 -76.51 18.73
C THR B 106 2.40 -76.01 19.82
N ALA B 107 2.19 -74.76 20.24
CA ALA B 107 2.97 -74.19 21.33
C ALA B 107 2.70 -74.92 22.64
N GLY B 108 1.51 -75.51 22.79
CA GLY B 108 1.22 -76.33 23.95
C GLY B 108 1.76 -77.74 23.89
N ASP B 109 2.27 -78.16 22.74
CA ASP B 109 2.81 -79.52 22.61
C ASP B 109 4.06 -79.71 23.45
N ILE B 110 4.82 -78.63 23.68
CA ILE B 110 6.01 -78.73 24.50
C ILE B 110 5.59 -79.08 25.92
N VAL B 111 6.28 -80.04 26.53
CA VAL B 111 5.95 -80.36 27.92
C VAL B 111 6.49 -79.25 28.83
N PRO B 112 5.66 -78.63 29.66
CA PRO B 112 6.18 -77.75 30.70
C PRO B 112 6.46 -78.52 31.98
N PRO B 113 7.72 -78.59 32.40
CA PRO B 113 8.00 -78.96 33.79
C PRO B 113 7.46 -77.89 34.73
N ALA B 114 7.34 -78.26 36.01
CA ALA B 114 6.61 -77.48 37.00
C ALA B 114 7.15 -76.06 37.12
N GLY B 115 6.24 -75.11 37.33
CA GLY B 115 6.63 -73.71 37.31
C GLY B 115 6.32 -73.06 35.98
N VAL B 116 7.33 -73.03 35.11
CA VAL B 116 7.30 -72.40 33.79
C VAL B 116 6.05 -72.81 33.01
N THR B 117 5.21 -71.84 32.67
CA THR B 117 3.94 -72.09 32.00
C THR B 117 3.93 -71.43 30.64
N VAL B 118 3.41 -72.15 29.64
CA VAL B 118 3.29 -71.68 28.27
C VAL B 118 1.98 -70.91 28.12
N HIS B 119 2.04 -69.58 28.21
CA HIS B 119 0.82 -68.79 28.20
C HIS B 119 0.14 -68.85 26.84
N ASN B 120 0.91 -68.83 25.76
CA ASN B 120 0.32 -68.95 24.43
C ASN B 120 -0.18 -70.37 24.21
N PRO B 121 -1.43 -70.56 23.82
CA PRO B 121 -2.00 -71.91 23.79
C PRO B 121 -1.43 -72.84 22.72
N GLY B 122 -1.52 -72.45 21.44
CA GLY B 122 -1.20 -73.40 20.38
C GLY B 122 -0.47 -72.88 19.17
N MET B 123 0.29 -71.80 19.32
CA MET B 123 0.96 -71.15 18.21
C MET B 123 1.87 -72.09 17.42
N HIS B 124 1.69 -72.05 16.10
CA HIS B 124 2.39 -72.94 15.18
C HIS B 124 3.88 -72.67 15.20
N ILE B 125 4.64 -73.65 15.66
CA ILE B 125 6.09 -73.51 15.80
C ILE B 125 6.86 -74.35 14.80
N ALA B 126 6.21 -75.35 14.20
CA ALA B 126 6.83 -76.18 13.16
C ALA B 126 5.73 -76.95 12.44
N THR B 127 6.00 -77.31 11.20
CA THR B 127 5.10 -78.14 10.39
C THR B 127 5.86 -79.40 9.99
N LEU B 128 5.79 -80.42 10.84
CA LEU B 128 6.47 -81.67 10.57
C LEU B 128 5.74 -82.43 9.47
N ASN B 129 6.48 -82.91 8.47
CA ASN B 129 5.90 -83.63 7.35
C ASN B 129 6.67 -84.93 7.12
N ASP B 130 6.13 -85.76 6.21
CA ASP B 130 6.73 -87.02 5.78
C ASP B 130 6.91 -88.01 6.94
N LYS B 131 6.03 -87.91 7.93
CA LYS B 131 6.23 -88.50 9.25
C LYS B 131 7.63 -88.13 9.70
N GLY B 132 7.79 -86.88 10.09
CA GLY B 132 9.07 -86.34 10.50
C GLY B 132 9.27 -86.51 11.99
N LYS B 133 10.40 -85.99 12.45
CA LYS B 133 10.67 -85.93 13.87
C LYS B 133 11.30 -84.59 14.19
N LEU B 134 10.91 -84.01 15.32
CA LEU B 134 11.39 -82.72 15.74
C LEU B 134 11.68 -82.78 17.23
N GLU B 135 12.85 -82.29 17.63
CA GLU B 135 13.26 -82.30 19.03
C GLU B 135 14.12 -81.09 19.33
N VAL B 136 13.55 -80.07 19.94
CA VAL B 136 14.27 -78.84 20.24
C VAL B 136 14.44 -78.85 21.74
N GLU B 137 15.66 -78.68 22.25
CA GLU B 137 15.82 -78.32 23.65
C GLU B 137 15.91 -76.80 23.75
N LEU B 138 14.91 -76.18 24.38
CA LEU B 138 14.83 -74.73 24.48
C LEU B 138 15.45 -74.39 25.82
N VAL B 139 16.07 -73.22 25.93
CA VAL B 139 16.57 -72.73 27.20
C VAL B 139 15.78 -71.48 27.57
N VAL B 140 15.15 -71.50 28.74
CA VAL B 140 14.32 -70.40 29.22
C VAL B 140 14.94 -69.88 30.52
N GLU B 141 15.21 -68.57 30.54
CA GLU B 141 15.67 -67.89 31.74
C GLU B 141 14.98 -66.54 31.84
N ARG B 142 14.71 -66.12 33.07
CA ARG B 142 14.04 -64.84 33.26
C ARG B 142 14.99 -63.69 32.97
N GLY B 143 14.41 -62.52 32.72
CA GLY B 143 15.22 -61.34 32.41
C GLY B 143 14.33 -60.14 32.19
N ARG B 144 14.98 -59.03 31.83
CA ARG B 144 14.27 -57.79 31.55
C ARG B 144 14.83 -57.16 30.27
N GLY B 145 13.99 -56.35 29.62
CA GLY B 145 14.42 -55.67 28.42
C GLY B 145 14.44 -56.59 27.22
N TYR B 146 15.30 -56.26 26.26
CA TYR B 146 15.53 -57.07 25.06
C TYR B 146 17.03 -57.28 24.95
N VAL B 147 17.52 -58.34 25.59
CA VAL B 147 18.92 -58.72 25.45
C VAL B 147 19.06 -59.39 24.09
N PRO B 148 19.91 -58.88 23.20
CA PRO B 148 20.12 -59.53 21.91
C PRO B 148 20.78 -60.89 22.10
N ALA B 149 20.74 -61.68 21.03
CA ALA B 149 21.31 -63.03 21.06
C ALA B 149 22.73 -63.01 21.61
N VAL B 150 22.93 -63.61 22.77
CA VAL B 150 24.22 -63.54 23.46
C VAL B 150 25.25 -64.29 22.61
N GLN B 151 26.12 -63.53 21.95
CA GLN B 151 27.03 -64.11 20.99
C GLN B 151 28.16 -64.80 21.72
N ASN B 152 28.25 -66.12 21.53
CA ASN B 152 29.25 -66.96 22.17
C ASN B 152 29.22 -66.81 23.69
N ARG B 153 28.09 -67.20 24.27
CA ARG B 153 27.97 -67.23 25.74
C ARG B 153 29.01 -68.16 26.33
N ALA B 154 29.25 -69.29 25.69
CA ALA B 154 30.42 -70.12 25.89
C ALA B 154 31.30 -70.02 24.65
N SER B 155 32.36 -70.83 24.60
CA SER B 155 33.21 -70.82 23.41
C SER B 155 32.62 -71.70 22.32
N GLY B 156 31.34 -71.48 22.01
CA GLY B 156 30.63 -72.32 21.05
C GLY B 156 30.65 -73.79 21.44
N ALA B 157 30.65 -74.07 22.74
CA ALA B 157 30.83 -75.44 23.22
C ALA B 157 29.68 -76.33 22.77
N GLU B 158 28.44 -75.91 23.02
CA GLU B 158 27.27 -76.62 22.51
C GLU B 158 26.96 -76.06 21.13
N ILE B 159 27.62 -76.67 20.13
CA ILE B 159 27.47 -76.22 18.74
C ILE B 159 26.04 -76.35 18.26
N GLY B 160 25.33 -77.36 18.74
CA GLY B 160 23.92 -77.50 18.40
C GLY B 160 23.08 -76.34 18.92
N ARG B 161 23.45 -75.80 20.08
CA ARG B 161 22.73 -74.67 20.65
C ARG B 161 22.98 -73.42 19.83
N ILE B 162 21.92 -72.87 19.25
CA ILE B 162 21.97 -71.65 18.46
C ILE B 162 21.44 -70.51 19.32
N PRO B 163 22.25 -69.49 19.64
CA PRO B 163 21.76 -68.40 20.48
C PRO B 163 20.78 -67.52 19.72
N VAL B 164 19.57 -67.42 20.26
CA VAL B 164 18.51 -66.63 19.65
C VAL B 164 18.33 -65.35 20.45
N ASP B 165 17.64 -64.39 19.83
CA ASP B 165 17.29 -63.17 20.54
C ASP B 165 16.27 -63.47 21.63
N SER B 166 16.08 -62.51 22.54
CA SER B 166 15.31 -62.73 23.75
C SER B 166 14.43 -61.53 24.03
N ILE B 167 13.13 -61.68 23.84
CA ILE B 167 12.16 -60.63 24.21
C ILE B 167 11.75 -60.94 25.64
N TYR B 168 12.54 -60.41 26.60
CA TYR B 168 12.23 -60.61 28.00
C TYR B 168 11.02 -59.79 28.46
N SER B 169 10.79 -58.64 27.84
CA SER B 169 9.78 -57.72 28.32
C SER B 169 8.38 -58.28 28.10
N PRO B 170 7.55 -58.37 29.15
CA PRO B 170 6.15 -58.75 28.92
C PRO B 170 5.40 -57.78 28.03
N VAL B 171 5.72 -56.49 28.11
CA VAL B 171 5.11 -55.51 27.23
C VAL B 171 5.90 -55.47 25.92
N LEU B 172 5.22 -55.19 24.82
CA LEU B 172 5.84 -55.21 23.50
C LEU B 172 5.96 -53.87 22.82
N LYS B 173 5.05 -52.93 23.06
CA LYS B 173 5.13 -51.66 22.34
C LYS B 173 4.43 -50.57 23.12
N VAL B 174 5.17 -49.56 23.55
CA VAL B 174 4.61 -48.40 24.22
C VAL B 174 4.96 -47.16 23.42
N THR B 175 3.94 -46.39 23.04
CA THR B 175 4.11 -45.12 22.36
C THR B 175 3.48 -44.03 23.21
N TYR B 176 4.28 -43.05 23.60
CA TYR B 176 3.80 -41.91 24.37
C TYR B 176 3.60 -40.71 23.47
N LYS B 177 2.62 -39.88 23.82
CA LYS B 177 2.32 -38.68 23.02
C LYS B 177 1.67 -37.65 23.92
N VAL B 178 2.28 -36.48 24.05
CA VAL B 178 1.70 -35.42 24.87
C VAL B 178 0.78 -34.58 24.00
N ASP B 179 -0.06 -33.78 24.63
CA ASP B 179 -1.01 -32.93 23.92
C ASP B 179 -1.17 -31.64 24.71
N ALA B 180 -2.21 -30.87 24.40
CA ALA B 180 -2.49 -29.62 25.07
C ALA B 180 -3.85 -29.71 25.75
N THR B 181 -3.92 -29.29 27.01
CA THR B 181 -5.14 -29.32 27.81
C THR B 181 -5.30 -27.99 28.52
N ARG B 182 -6.53 -27.48 28.50
CA ARG B 182 -6.89 -26.22 29.13
C ARG B 182 -7.10 -26.41 30.62
N VAL B 183 -6.47 -25.54 31.41
CA VAL B 183 -6.77 -25.40 32.83
C VAL B 183 -7.08 -23.93 33.07
N GLU B 184 -8.29 -23.65 33.55
CA GLU B 184 -8.81 -22.29 33.67
C GLU B 184 -8.70 -21.58 32.32
N GLN B 185 -7.66 -20.76 32.16
CA GLN B 185 -7.36 -20.11 30.90
C GLN B 185 -5.95 -20.42 30.39
N ARG B 186 -5.21 -21.28 31.11
CA ARG B 186 -3.82 -21.53 30.77
C ARG B 186 -3.67 -22.14 29.38
N THR B 187 -4.53 -23.12 29.04
CA THR B 187 -4.53 -23.80 27.74
C THR B 187 -3.15 -24.33 27.36
N ASP B 188 -2.33 -24.67 28.36
CA ASP B 188 -0.99 -25.17 28.11
C ASP B 188 -0.62 -26.40 28.90
N PHE B 189 -1.49 -26.92 29.76
CA PHE B 189 -1.13 -28.07 30.58
C PHE B 189 -0.97 -29.30 29.69
N ASP B 190 -0.16 -30.24 30.15
CA ASP B 190 0.22 -31.38 29.32
C ASP B 190 -0.66 -32.58 29.65
N LYS B 191 -1.33 -33.10 28.63
CA LYS B 191 -2.08 -34.35 28.72
C LYS B 191 -1.26 -35.45 28.07
N LEU B 192 -0.93 -36.48 28.82
CA LEU B 192 -0.14 -37.58 28.31
C LEU B 192 -1.05 -38.71 27.86
N ILE B 193 -0.79 -39.24 26.66
CA ILE B 193 -1.54 -40.36 26.10
C ILE B 193 -0.55 -41.47 25.81
N LEU B 194 -0.72 -42.60 26.48
CA LEU B 194 0.09 -43.78 26.29
C LEU B 194 -0.70 -44.84 25.54
N ASP B 195 -0.07 -45.44 24.52
CA ASP B 195 -0.62 -46.57 23.81
C ASP B 195 0.30 -47.74 24.14
N VAL B 196 -0.21 -48.70 24.92
CA VAL B 196 0.58 -49.81 25.42
C VAL B 196 0.01 -51.12 24.88
N GLU B 197 0.88 -51.93 24.29
CA GLU B 197 0.55 -53.26 23.76
C GLU B 197 1.45 -54.27 24.44
N THR B 198 0.83 -55.23 25.13
CA THR B 198 1.53 -56.31 25.80
C THR B 198 1.13 -57.64 25.19
N LYS B 199 1.79 -58.70 25.65
CA LYS B 199 1.34 -60.05 25.33
C LYS B 199 0.33 -60.49 26.38
N ASN B 200 -0.21 -61.70 26.21
CA ASN B 200 -1.27 -62.20 27.08
C ASN B 200 -0.75 -62.74 28.41
N SER B 201 0.49 -62.41 28.78
CA SER B 201 1.02 -62.83 30.06
C SER B 201 0.42 -62.03 31.21
N ILE B 202 0.50 -60.70 31.12
CA ILE B 202 -0.03 -59.81 32.14
C ILE B 202 -0.90 -58.75 31.49
N SER B 203 -1.79 -58.18 32.29
CA SER B 203 -2.60 -57.07 31.83
C SER B 203 -1.76 -55.79 31.76
N PRO B 204 -2.06 -54.91 30.80
CA PRO B 204 -1.32 -53.64 30.72
C PRO B 204 -1.47 -52.77 31.96
N ARG B 205 -2.63 -52.84 32.65
CA ARG B 205 -2.80 -52.09 33.88
C ARG B 205 -1.80 -52.53 34.94
N ASP B 206 -1.63 -53.84 35.11
CA ASP B 206 -0.67 -54.36 36.08
C ASP B 206 0.76 -54.02 35.68
N ALA B 207 1.05 -54.05 34.38
CA ALA B 207 2.38 -53.67 33.90
C ALA B 207 2.68 -52.21 34.22
N LEU B 208 1.70 -51.33 34.00
CA LEU B 208 1.89 -49.92 34.34
C LEU B 208 2.07 -49.75 35.85
N ALA B 209 1.31 -50.49 36.66
CA ALA B 209 1.44 -50.39 38.10
C ALA B 209 2.83 -50.83 38.56
N SER B 210 3.33 -51.94 38.01
CA SER B 210 4.64 -52.44 38.41
C SER B 210 5.75 -51.49 37.97
N ALA B 211 5.62 -50.92 36.76
CA ALA B 211 6.61 -49.95 36.30
C ALA B 211 6.59 -48.70 37.17
N GLY B 212 5.40 -48.26 37.57
CA GLY B 212 5.31 -47.15 38.49
C GLY B 212 5.96 -47.45 39.83
N LYS B 213 5.80 -48.69 40.31
CA LYS B 213 6.48 -49.11 41.53
C LYS B 213 7.99 -49.00 41.39
N THR B 214 8.53 -49.55 40.29
CA THR B 214 9.99 -49.51 40.10
C THR B 214 10.50 -48.08 39.98
N LEU B 215 9.79 -47.24 39.24
CA LEU B 215 10.20 -45.86 39.07
C LEU B 215 10.11 -45.08 40.38
N VAL B 216 9.07 -45.32 41.18
CA VAL B 216 8.95 -44.60 42.44
C VAL B 216 10.02 -45.07 43.42
N GLU B 217 10.46 -46.34 43.32
CA GLU B 217 11.58 -46.77 44.15
C GLU B 217 12.88 -46.10 43.70
N LEU B 218 13.09 -45.98 42.40
CA LEU B 218 14.32 -45.37 41.92
C LEU B 218 14.39 -43.90 42.31
N PHE B 219 13.27 -43.20 42.15
CA PHE B 219 13.24 -41.80 42.54
C PHE B 219 13.14 -41.62 44.05
N GLY B 220 12.79 -42.66 44.81
CA GLY B 220 12.96 -42.62 46.25
C GLY B 220 14.39 -42.84 46.68
N LEU B 221 15.14 -43.65 45.95
CA LEU B 221 16.58 -43.69 46.13
C LEU B 221 17.20 -42.33 45.86
N ALA B 222 16.66 -41.61 44.86
CA ALA B 222 17.03 -40.22 44.67
C ALA B 222 16.62 -39.35 45.85
N ARG B 223 15.41 -39.57 46.38
CA ARG B 223 14.85 -38.73 47.43
C ARG B 223 15.64 -38.85 48.74
N GLU B 224 16.05 -40.07 49.09
CA GLU B 224 16.51 -40.34 50.45
C GLU B 224 17.88 -39.74 50.70
N LEU B 225 17.99 -38.43 50.52
CA LEU B 225 19.17 -37.65 50.89
C LEU B 225 18.84 -36.64 51.96
N ASN B 226 17.82 -35.81 51.74
CA ASN B 226 17.23 -34.96 52.76
C ASN B 226 15.72 -35.16 52.64
N VAL B 227 15.15 -35.97 53.54
CA VAL B 227 13.74 -36.32 53.45
C VAL B 227 12.86 -35.10 53.66
N GLU B 228 13.28 -34.18 54.52
CA GLU B 228 12.51 -32.99 54.87
C GLU B 228 12.79 -31.83 53.92
N ALA B 229 12.63 -32.06 52.62
CA ALA B 229 12.81 -31.02 51.62
C ALA B 229 11.46 -30.60 51.05
N GLU B 230 11.29 -29.30 50.83
CA GLU B 230 10.03 -28.82 50.28
C GLU B 230 9.99 -28.92 48.76
N GLY B 231 8.83 -29.27 48.22
CA GLY B 231 8.57 -29.13 46.81
C GLY B 231 7.09 -29.30 46.54
N ILE B 232 6.73 -30.05 45.50
CA ILE B 232 5.38 -30.03 44.93
C ILE B 232 4.66 -31.29 45.41
N GLU B 233 3.76 -31.13 46.37
CA GLU B 233 2.90 -32.21 46.87
C GLU B 233 1.55 -32.15 46.19
N ILE B 234 1.08 -33.29 45.68
CA ILE B 234 -0.21 -33.36 45.02
C ILE B 234 -1.34 -33.52 46.03
N SER C 26 46.78 -3.26 13.12
CA SER C 26 45.56 -3.91 13.56
C SER C 26 44.67 -2.93 14.33
N SER C 27 43.54 -3.43 14.83
CA SER C 27 42.58 -2.65 15.61
C SER C 27 42.08 -1.44 14.84
N ASN C 28 41.69 -0.38 15.55
CA ASN C 28 41.22 0.85 14.95
C ASN C 28 42.25 1.98 15.04
N ASN C 29 42.94 2.10 16.18
CA ASN C 29 44.02 3.06 16.39
C ASN C 29 43.56 4.51 16.19
N SER C 30 42.29 4.78 16.47
CA SER C 30 41.73 6.12 16.40
C SER C 30 40.45 6.15 17.21
N VAL C 31 39.85 7.33 17.32
CA VAL C 31 38.65 7.57 18.14
C VAL C 31 38.90 7.07 19.55
N PRO C 32 39.64 7.82 20.37
CA PRO C 32 40.05 7.33 21.70
C PRO C 32 38.85 6.92 22.54
N GLY C 33 39.07 5.96 23.44
CA GLY C 33 37.98 5.31 24.13
C GLY C 33 37.38 4.15 23.36
N ALA C 34 38.07 3.68 22.34
CA ALA C 34 37.59 2.57 21.54
C ALA C 34 37.67 1.26 22.32
N PRO C 35 36.77 0.32 22.07
CA PRO C 35 37.00 -1.05 22.53
C PRO C 35 38.09 -1.71 21.71
N ASN C 36 38.97 -2.45 22.39
CA ASN C 36 40.08 -3.08 21.68
C ASN C 36 39.54 -4.22 20.83
N ARG C 37 39.22 -3.92 19.57
CA ARG C 37 38.59 -4.88 18.67
C ARG C 37 39.62 -5.29 17.64
N VAL C 38 40.17 -6.50 17.82
CA VAL C 38 41.21 -7.00 16.92
C VAL C 38 40.63 -7.21 15.54
N SER C 39 41.42 -6.88 14.52
CA SER C 39 40.97 -6.91 13.14
C SER C 39 41.71 -7.97 12.34
N PHE C 40 40.99 -8.58 11.41
CA PHE C 40 41.56 -9.54 10.47
C PHE C 40 42.05 -8.87 9.20
N ALA C 41 42.13 -7.53 9.19
CA ALA C 41 42.48 -6.79 7.99
C ALA C 41 43.92 -7.03 7.57
N LYS C 42 44.11 -7.77 6.47
CA LYS C 42 45.45 -7.99 5.95
C LYS C 42 45.99 -6.73 5.28
N LEU C 43 45.13 -5.95 4.62
CA LEU C 43 45.61 -4.75 3.96
C LEU C 43 45.54 -3.54 4.87
N ARG C 44 46.09 -2.44 4.37
CA ARG C 44 46.13 -1.15 5.04
C ARG C 44 44.93 -0.31 4.60
N GLU C 45 44.63 0.71 5.39
CA GLU C 45 43.52 1.63 5.15
C GLU C 45 44.08 3.03 4.95
N PRO C 46 44.46 3.37 3.71
CA PRO C 46 45.09 4.69 3.46
C PRO C 46 44.23 5.87 3.89
N LEU C 47 42.94 5.83 3.60
CA LEU C 47 42.03 6.92 3.92
C LEU C 47 40.99 6.45 4.92
N GLU C 48 40.91 7.14 6.06
CA GLU C 48 39.86 6.88 7.02
C GLU C 48 38.53 7.31 6.42
N VAL C 49 37.44 6.71 6.92
CA VAL C 49 36.13 7.04 6.35
C VAL C 49 35.82 8.50 6.64
N PRO C 50 35.23 9.25 5.71
CA PRO C 50 35.00 10.67 5.93
C PRO C 50 33.96 10.89 7.02
N GLY C 51 33.77 12.17 7.35
CA GLY C 51 32.66 12.54 8.20
C GLY C 51 31.38 12.03 7.57
N LEU C 52 30.75 11.05 8.21
CA LEU C 52 29.67 10.31 7.56
C LEU C 52 28.53 11.24 7.16
N LEU C 53 28.21 12.21 8.01
CA LEU C 53 27.10 13.11 7.77
C LEU C 53 27.51 14.39 7.05
N ASP C 54 28.59 14.36 6.28
CA ASP C 54 29.06 15.56 5.61
C ASP C 54 28.12 15.98 4.49
N VAL C 55 27.44 15.02 3.86
CA VAL C 55 26.59 15.30 2.71
C VAL C 55 25.47 16.27 3.08
N GLN C 56 25.04 16.28 4.34
CA GLN C 56 24.03 17.21 4.82
C GLN C 56 24.64 18.51 5.34
N THR C 57 25.61 18.39 6.25
CA THR C 57 26.14 19.56 6.95
C THR C 57 26.89 20.48 6.00
N ASP C 58 27.74 19.91 5.15
CA ASP C 58 28.52 20.74 4.22
C ASP C 58 27.61 21.43 3.22
N SER C 59 26.57 20.73 2.74
CA SER C 59 25.62 21.35 1.82
C SER C 59 24.88 22.50 2.50
N PHE C 60 24.43 22.31 3.74
CA PHE C 60 23.69 23.39 4.38
C PHE C 60 24.58 24.58 4.70
N GLU C 61 25.82 24.34 5.16
CA GLU C 61 26.70 25.48 5.42
C GLU C 61 27.22 26.10 4.14
N TRP C 62 27.14 25.39 3.01
CA TRP C 62 27.30 26.03 1.71
C TRP C 62 26.13 26.96 1.41
N LEU C 63 24.91 26.52 1.73
CA LEU C 63 23.75 27.38 1.54
C LEU C 63 23.85 28.65 2.39
N ILE C 64 24.23 28.49 3.66
CA ILE C 64 24.33 29.63 4.56
C ILE C 64 25.50 30.52 4.18
N GLY C 65 26.67 29.92 3.98
CA GLY C 65 27.89 30.69 3.79
C GLY C 65 28.69 30.74 5.08
N SER C 66 28.71 29.62 5.81
CA SER C 66 29.41 29.57 7.08
C SER C 66 30.92 29.72 6.85
N PRO C 67 31.63 30.34 7.80
CA PRO C 67 33.08 30.56 7.60
C PRO C 67 33.88 29.29 7.41
N ARG C 68 33.47 28.17 8.01
CA ARG C 68 34.16 26.91 7.77
C ARG C 68 34.03 26.50 6.30
N TRP C 69 32.84 26.64 5.74
CA TRP C 69 32.68 26.41 4.31
C TRP C 69 33.47 27.43 3.50
N ARG C 70 33.54 28.67 3.98
CA ARG C 70 34.30 29.71 3.29
C ARG C 70 35.77 29.31 3.15
N GLU C 71 36.38 28.86 4.25
CA GLU C 71 37.78 28.48 4.19
C GLU C 71 37.99 27.17 3.43
N SER C 72 37.02 26.24 3.50
CA SER C 72 37.14 25.02 2.71
C SER C 72 37.10 25.32 1.21
N ALA C 73 36.17 26.20 0.80
CA ALA C 73 36.10 26.60 -0.61
C ALA C 73 37.34 27.37 -1.01
N ALA C 74 37.88 28.20 -0.11
CA ALA C 74 39.15 28.87 -0.38
C ALA C 74 40.28 27.86 -0.57
N GLU C 75 40.22 26.74 0.15
CA GLU C 75 41.19 25.67 -0.05
C GLU C 75 40.98 24.97 -1.38
N ARG C 76 39.74 24.87 -1.85
CA ARG C 76 39.39 24.00 -2.98
C ARG C 76 38.65 24.77 -4.07
N GLY C 77 39.21 25.87 -4.55
CA GLY C 77 38.48 26.66 -5.54
C GLY C 77 38.20 28.09 -5.15
N ASP C 78 39.16 28.73 -4.48
CA ASP C 78 38.99 30.01 -3.81
C ASP C 78 38.37 31.12 -4.65
N VAL C 79 38.34 30.98 -5.98
CA VAL C 79 38.07 32.13 -6.84
C VAL C 79 36.67 32.70 -6.62
N ASN C 80 35.69 31.85 -6.34
CA ASN C 80 34.30 32.28 -6.17
C ASN C 80 33.71 31.68 -4.91
N PRO C 81 34.07 32.23 -3.74
CA PRO C 81 33.41 31.79 -2.50
C PRO C 81 32.05 32.47 -2.33
N VAL C 82 30.98 31.73 -2.57
CA VAL C 82 29.65 32.31 -2.73
C VAL C 82 28.59 31.36 -2.20
N GLY C 83 27.77 31.83 -1.25
CA GLY C 83 26.72 31.02 -0.68
C GLY C 83 25.44 31.05 -1.52
N GLY C 84 24.56 30.08 -1.24
CA GLY C 84 23.36 29.92 -2.06
C GLY C 84 22.41 31.09 -1.94
N LEU C 85 22.21 31.61 -0.73
CA LEU C 85 21.40 32.81 -0.56
C LEU C 85 22.00 33.98 -1.32
N GLU C 86 23.32 34.09 -1.32
CA GLU C 86 23.99 35.12 -2.11
C GLU C 86 23.70 34.92 -3.60
N GLU C 87 23.60 33.66 -4.05
CA GLU C 87 23.37 33.43 -5.47
C GLU C 87 21.96 33.81 -5.88
N VAL C 88 20.96 33.43 -5.07
CA VAL C 88 19.60 33.78 -5.40
C VAL C 88 19.41 35.30 -5.31
N LEU C 89 20.09 35.95 -4.36
CA LEU C 89 19.99 37.40 -4.23
C LEU C 89 20.67 38.13 -5.37
N TYR C 90 21.82 37.63 -5.83
CA TYR C 90 22.56 38.27 -6.91
C TYR C 90 21.88 38.06 -8.24
N GLU C 91 21.31 36.87 -8.49
CA GLU C 91 20.52 36.66 -9.68
C GLU C 91 19.20 37.43 -9.61
N LEU C 92 18.72 37.75 -8.42
CA LEU C 92 17.53 38.59 -8.30
C LEU C 92 17.85 40.06 -8.51
N SER C 93 18.91 40.55 -7.88
CA SER C 93 19.31 41.95 -7.97
C SER C 93 19.86 42.26 -9.37
N PRO C 94 19.48 43.40 -9.95
CA PRO C 94 18.51 44.37 -9.47
C PRO C 94 17.11 44.12 -10.04
N ILE C 95 16.08 44.76 -9.51
CA ILE C 95 14.71 44.63 -10.01
C ILE C 95 14.26 46.01 -10.49
N GLU C 96 13.98 46.13 -11.78
CA GLU C 96 13.57 47.38 -12.38
C GLU C 96 12.14 47.29 -12.89
N ASP C 97 11.45 48.42 -12.87
CA ASP C 97 10.13 48.50 -13.47
C ASP C 97 10.25 48.56 -15.00
N PHE C 98 9.11 48.53 -15.67
CA PHE C 98 9.11 48.65 -17.12
C PHE C 98 9.61 50.02 -17.58
N SER C 99 9.39 51.05 -16.75
CA SER C 99 9.87 52.38 -17.09
C SER C 99 11.39 52.47 -17.05
N GLY C 100 12.03 51.71 -16.17
CA GLY C 100 13.47 51.81 -16.00
C GLY C 100 13.94 52.99 -15.21
N SER C 101 13.04 53.70 -14.54
CA SER C 101 13.38 54.88 -13.76
C SER C 101 13.70 54.57 -12.31
N MET C 102 13.65 53.30 -11.90
CA MET C 102 13.96 52.93 -10.53
C MET C 102 14.32 51.45 -10.49
N SER C 103 14.95 51.05 -9.39
CA SER C 103 15.52 49.72 -9.23
C SER C 103 15.52 49.34 -7.76
N LEU C 104 15.54 48.03 -7.51
CA LEU C 104 15.62 47.49 -6.16
C LEU C 104 16.64 46.35 -6.16
N SER C 105 17.49 46.33 -5.14
CA SER C 105 18.61 45.40 -5.09
C SER C 105 18.73 44.81 -3.70
N PHE C 106 19.48 43.71 -3.61
CA PHE C 106 19.68 42.97 -2.37
C PHE C 106 21.15 42.68 -2.16
N SER C 107 21.55 42.59 -0.91
CA SER C 107 22.92 42.23 -0.58
C SER C 107 23.00 41.73 0.86
N ASP C 108 24.09 41.02 1.14
CA ASP C 108 24.53 40.60 2.47
C ASP C 108 23.46 39.87 3.27
N PRO C 109 23.16 38.62 2.94
CA PRO C 109 22.34 37.82 3.86
C PRO C 109 23.07 37.60 5.17
N ARG C 110 22.31 37.63 6.27
CA ARG C 110 22.93 37.57 7.59
C ARG C 110 21.92 37.00 8.58
N PHE C 111 22.42 36.17 9.49
CA PHE C 111 21.60 35.50 10.48
C PHE C 111 21.86 36.06 11.88
N ASP C 112 20.83 36.01 12.72
CA ASP C 112 20.99 36.22 14.14
C ASP C 112 21.25 34.87 14.79
N ASP C 113 21.27 34.82 16.12
CA ASP C 113 21.29 33.54 16.79
C ASP C 113 19.91 32.91 16.75
N VAL C 114 19.86 31.60 17.00
CA VAL C 114 18.57 30.91 17.05
C VAL C 114 17.78 31.46 18.23
N LYS C 115 16.46 31.56 18.04
CA LYS C 115 15.60 32.13 19.07
C LYS C 115 15.36 31.16 20.23
N ALA C 116 15.70 29.89 20.07
CA ALA C 116 15.42 28.88 21.09
C ALA C 116 16.35 27.71 20.87
N PRO C 117 16.81 27.04 21.94
CA PRO C 117 17.70 25.89 21.77
C PRO C 117 17.00 24.68 21.19
N VAL C 118 17.75 23.59 21.00
CA VAL C 118 17.22 22.41 20.32
C VAL C 118 16.17 21.71 21.17
N ASP C 119 16.48 21.45 22.44
CA ASP C 119 15.59 20.65 23.27
C ASP C 119 14.29 21.38 23.58
N GLU C 120 14.38 22.68 23.87
CA GLU C 120 13.17 23.46 24.11
C GLU C 120 12.30 23.52 22.85
N CYS C 121 12.95 23.62 21.68
CA CYS C 121 12.21 23.59 20.42
C CYS C 121 11.50 22.26 20.24
N LYS C 122 12.16 21.16 20.58
CA LYS C 122 11.53 19.84 20.43
C LYS C 122 10.40 19.64 21.41
N ASP C 123 10.55 20.16 22.64
CA ASP C 123 9.53 19.98 23.66
C ASP C 123 8.29 20.81 23.39
N LYS C 124 8.48 22.08 23.00
CA LYS C 124 7.37 23.02 22.93
C LYS C 124 6.81 23.17 21.51
N ASP C 125 7.13 22.23 20.61
CA ASP C 125 6.56 22.16 19.27
C ASP C 125 6.85 23.39 18.41
N MET C 126 7.93 24.11 18.70
CA MET C 126 8.32 25.24 17.87
C MET C 126 9.48 24.84 16.97
N THR C 127 9.44 25.30 15.72
CA THR C 127 10.45 24.93 14.74
C THR C 127 11.78 25.59 15.08
N TYR C 128 12.87 24.87 14.86
CA TYR C 128 14.21 25.35 15.16
C TYR C 128 14.69 26.20 13.99
N ALA C 129 14.62 27.52 14.16
CA ALA C 129 14.92 28.46 13.09
C ALA C 129 15.80 29.58 13.61
N ALA C 130 16.19 30.48 12.70
CA ALA C 130 16.95 31.68 13.00
C ALA C 130 16.52 32.75 12.02
N PRO C 131 16.40 34.01 12.44
CA PRO C 131 15.95 35.05 11.52
C PRO C 131 16.95 35.31 10.41
N LEU C 132 16.45 35.76 9.27
CA LEU C 132 17.28 36.13 8.13
C LEU C 132 17.18 37.64 7.92
N PHE C 133 18.34 38.30 7.93
CA PHE C 133 18.42 39.74 7.72
C PHE C 133 19.11 40.02 6.40
N VAL C 134 18.46 40.81 5.56
CA VAL C 134 18.97 41.15 4.23
C VAL C 134 19.06 42.66 4.09
N THR C 135 20.13 43.14 3.46
CA THR C 135 20.30 44.57 3.19
C THR C 135 19.68 44.89 1.84
N ALA C 136 18.51 45.52 1.84
CA ALA C 136 17.84 45.92 0.61
C ALA C 136 18.15 47.38 0.30
N GLU C 137 18.27 47.67 -0.99
CA GLU C 137 18.60 49.03 -1.44
C GLU C 137 17.66 49.41 -2.57
N PHE C 138 16.84 50.44 -2.34
CA PHE C 138 16.03 51.03 -3.39
C PHE C 138 16.79 52.19 -4.00
N ILE C 139 16.96 52.16 -5.32
CA ILE C 139 17.65 53.21 -6.06
C ILE C 139 16.68 53.84 -7.03
N ASN C 140 16.65 55.16 -7.10
CA ASN C 140 15.91 55.86 -8.13
C ASN C 140 16.88 56.33 -9.19
N ASN C 141 16.45 56.30 -10.45
CA ASN C 141 17.33 56.68 -11.54
C ASN C 141 17.25 58.17 -11.85
N ASN C 142 16.02 58.72 -11.97
CA ASN C 142 15.88 60.05 -12.55
C ASN C 142 16.35 61.14 -11.58
N THR C 143 15.94 61.07 -10.31
CA THR C 143 16.44 62.07 -9.37
C THR C 143 17.67 61.59 -8.61
N GLY C 144 17.68 60.32 -8.19
CA GLY C 144 18.88 59.70 -7.66
C GLY C 144 18.97 59.64 -6.15
N GLU C 145 18.61 58.50 -5.58
CA GLU C 145 18.73 58.24 -4.15
C GLU C 145 18.99 56.75 -3.95
N ILE C 146 19.55 56.42 -2.79
CA ILE C 146 19.65 55.04 -2.33
C ILE C 146 18.86 54.92 -1.05
N LYS C 147 17.95 53.95 -0.99
CA LYS C 147 17.15 53.66 0.21
C LYS C 147 17.60 52.33 0.77
N SER C 148 18.61 52.37 1.65
CA SER C 148 19.19 51.18 2.23
C SER C 148 18.58 50.89 3.59
N GLN C 149 18.25 49.62 3.84
CA GLN C 149 17.62 49.20 5.08
C GLN C 149 18.23 47.87 5.51
N THR C 150 17.59 47.24 6.50
CA THR C 150 17.90 45.87 6.92
C THR C 150 16.55 45.21 7.16
N VAL C 151 16.02 44.57 6.11
CA VAL C 151 14.66 44.05 6.12
C VAL C 151 14.65 42.65 6.70
N PHE C 152 13.75 42.40 7.64
CA PHE C 152 13.53 41.07 8.19
C PHE C 152 12.91 40.20 7.10
N MET C 153 13.65 39.21 6.61
CA MET C 153 13.16 38.34 5.55
C MET C 153 12.37 37.13 6.06
N GLY C 154 12.49 36.78 7.32
CA GLY C 154 11.70 35.70 7.86
C GLY C 154 12.55 34.72 8.64
N ASP C 155 11.89 33.83 9.36
CA ASP C 155 12.61 32.78 10.05
C ASP C 155 13.02 31.70 9.06
N PHE C 156 14.26 31.22 9.19
CA PHE C 156 14.83 30.22 8.32
C PHE C 156 15.16 29.00 9.14
N PRO C 157 14.61 27.84 8.82
CA PRO C 157 14.93 26.63 9.58
C PRO C 157 16.42 26.31 9.51
N MET C 158 16.97 25.89 10.64
CA MET C 158 18.40 25.63 10.76
C MET C 158 18.62 24.17 11.08
N MET C 159 19.56 23.54 10.36
CA MET C 159 19.91 22.16 10.63
C MET C 159 20.66 22.06 11.96
N THR C 160 20.33 21.04 12.73
CA THR C 160 20.97 20.81 14.03
C THR C 160 22.37 20.26 13.83
N GLU C 161 23.01 19.82 14.92
CA GLU C 161 24.34 19.25 14.81
C GLU C 161 24.31 17.88 14.15
N LYS C 162 23.19 17.18 14.22
CA LYS C 162 23.09 15.80 13.77
C LYS C 162 22.65 15.66 12.32
N GLY C 163 22.48 16.77 11.60
CA GLY C 163 22.10 16.69 10.21
C GLY C 163 20.60 16.70 9.96
N THR C 164 19.80 17.09 10.94
CA THR C 164 18.34 17.05 10.83
C THR C 164 17.77 18.44 11.12
N PHE C 165 16.63 18.72 10.50
CA PHE C 165 15.83 19.90 10.80
C PHE C 165 14.77 19.54 11.84
N ILE C 166 14.30 20.56 12.55
CA ILE C 166 13.24 20.40 13.54
C ILE C 166 12.09 21.30 13.13
N ILE C 167 10.99 20.68 12.68
CA ILE C 167 9.80 21.39 12.24
C ILE C 167 8.65 21.01 13.16
N ASN C 168 8.03 22.02 13.78
CA ASN C 168 6.86 21.83 14.64
C ASN C 168 7.11 20.82 15.74
N GLY C 169 8.33 20.83 16.28
CA GLY C 169 8.70 19.89 17.33
C GLY C 169 9.17 18.56 16.79
N THR C 170 8.61 18.12 15.67
CA THR C 170 9.03 16.88 15.06
C THR C 170 10.38 17.05 14.37
N GLU C 171 11.06 15.94 14.13
CA GLU C 171 12.35 15.94 13.48
C GLU C 171 12.20 15.44 12.05
N ARG C 172 12.73 16.20 11.10
CA ARG C 172 12.59 15.90 9.68
C ARG C 172 13.95 15.93 9.00
N VAL C 173 14.10 15.09 7.98
CA VAL C 173 15.34 14.97 7.23
C VAL C 173 15.03 15.24 5.76
N VAL C 174 15.82 16.11 5.15
CA VAL C 174 15.70 16.39 3.72
C VAL C 174 16.60 15.40 2.98
N VAL C 175 15.97 14.50 2.22
CA VAL C 175 16.70 13.45 1.53
C VAL C 175 17.29 14.00 0.24
N SER C 176 18.59 13.76 0.02
CA SER C 176 19.24 14.20 -1.20
C SER C 176 18.60 13.52 -2.41
N GLN C 177 18.44 14.29 -3.48
CA GLN C 177 17.69 13.84 -4.65
C GLN C 177 18.61 13.66 -5.85
N LEU C 178 18.48 12.54 -6.54
CA LEU C 178 19.20 12.32 -7.79
C LEU C 178 18.33 12.80 -8.95
N VAL C 179 18.84 13.75 -9.72
CA VAL C 179 18.12 14.27 -10.88
C VAL C 179 19.01 14.14 -12.11
N ARG C 180 18.41 14.43 -13.26
CA ARG C 180 19.11 14.42 -14.54
C ARG C 180 19.64 15.81 -14.81
N SER C 181 20.97 15.93 -14.87
CA SER C 181 21.61 17.22 -15.00
C SER C 181 21.26 17.89 -16.32
N PRO C 182 21.12 19.21 -16.34
CA PRO C 182 20.92 19.91 -17.61
C PRO C 182 22.17 19.85 -18.48
N GLY C 183 21.95 19.84 -19.79
CA GLY C 183 23.07 19.80 -20.73
C GLY C 183 22.60 19.32 -22.09
N VAL C 184 23.55 18.72 -22.83
CA VAL C 184 23.31 18.19 -24.16
C VAL C 184 23.54 16.68 -24.11
N TYR C 185 22.61 15.91 -24.66
CA TYR C 185 22.61 14.45 -24.53
C TYR C 185 22.26 13.84 -25.89
N PHE C 186 23.28 13.44 -26.63
CA PHE C 186 23.10 12.87 -27.95
C PHE C 186 22.87 11.37 -27.85
N ASP C 187 21.74 10.91 -28.38
CA ASP C 187 21.30 9.55 -28.24
C ASP C 187 20.84 9.01 -29.59
N GLU C 188 20.88 7.69 -29.73
CA GLU C 188 20.56 7.05 -31.00
C GLU C 188 19.52 5.96 -30.81
N THR C 189 18.72 5.76 -31.85
CA THR C 189 17.81 4.62 -31.95
C THR C 189 18.02 3.96 -33.31
N ILE C 190 17.39 2.80 -33.47
CA ILE C 190 17.35 2.10 -34.75
C ILE C 190 15.91 2.02 -35.20
N ASP C 191 15.72 1.95 -36.52
CA ASP C 191 14.40 1.90 -37.12
C ASP C 191 14.28 0.57 -37.86
N LYS C 192 13.47 -0.34 -37.30
CA LYS C 192 13.32 -1.67 -37.90
C LYS C 192 12.67 -1.61 -39.27
N SER C 193 11.97 -0.53 -39.60
CA SER C 193 11.41 -0.37 -40.93
C SER C 193 12.44 0.09 -41.96
N THR C 194 13.59 0.59 -41.51
CA THR C 194 14.62 1.09 -42.41
C THR C 194 16.02 0.58 -42.09
N ASP C 195 16.29 0.14 -40.86
CA ASP C 195 17.61 -0.33 -40.43
C ASP C 195 18.68 0.74 -40.64
N LYS C 196 18.41 1.92 -40.09
CA LYS C 196 19.33 3.04 -40.11
C LYS C 196 19.48 3.58 -38.70
N THR C 197 20.67 4.10 -38.41
CA THR C 197 20.92 4.73 -37.11
C THR C 197 20.38 6.15 -37.12
N LEU C 198 19.40 6.42 -36.26
CA LEU C 198 18.79 7.74 -36.16
C LEU C 198 19.33 8.40 -34.90
N HIS C 199 19.99 9.54 -35.06
CA HIS C 199 20.60 10.23 -33.95
C HIS C 199 19.80 11.48 -33.59
N SER C 200 19.91 11.89 -32.33
CA SER C 200 19.10 12.99 -31.82
C SER C 200 19.82 13.60 -30.63
N VAL C 201 19.35 14.79 -30.23
CA VAL C 201 19.88 15.49 -29.06
C VAL C 201 18.70 16.08 -28.31
N LYS C 202 18.80 16.09 -26.98
CA LYS C 202 17.83 16.75 -26.13
C LYS C 202 18.59 17.75 -25.26
N VAL C 203 18.57 19.03 -25.67
CA VAL C 203 19.20 20.09 -24.90
C VAL C 203 18.17 20.52 -23.87
N ILE C 204 18.19 19.83 -22.72
CA ILE C 204 17.19 20.05 -21.67
C ILE C 204 17.74 21.12 -20.73
N PRO C 205 17.10 22.28 -20.63
CA PRO C 205 17.54 23.28 -19.64
C PRO C 205 16.82 23.09 -18.31
N SER C 206 17.08 24.00 -17.37
CA SER C 206 16.28 24.09 -16.16
C SER C 206 15.24 25.18 -16.36
N ARG C 207 13.98 24.88 -16.03
CA ARG C 207 12.80 25.74 -16.17
C ARG C 207 12.78 26.52 -17.49
N GLY C 208 13.24 25.89 -18.57
CA GLY C 208 13.22 26.55 -19.86
C GLY C 208 12.35 25.82 -20.87
N ALA C 209 12.64 26.00 -22.16
CA ALA C 209 11.94 25.30 -23.23
C ALA C 209 12.94 24.45 -23.98
N TRP C 210 12.58 23.18 -24.22
CA TRP C 210 13.51 22.27 -24.88
C TRP C 210 13.62 22.58 -26.37
N LEU C 211 14.62 21.96 -26.99
CA LEU C 211 14.75 21.90 -28.45
C LEU C 211 15.47 20.60 -28.78
N GLU C 212 14.96 19.88 -29.76
CA GLU C 212 15.51 18.59 -30.16
C GLU C 212 15.87 18.63 -31.63
N PHE C 213 17.10 18.22 -31.93
CA PHE C 213 17.57 18.09 -33.30
C PHE C 213 17.63 16.59 -33.60
N ASP C 214 16.77 16.12 -34.48
CA ASP C 214 16.66 14.70 -34.81
C ASP C 214 16.94 14.49 -36.29
N VAL C 215 17.45 13.30 -36.62
CA VAL C 215 17.60 12.87 -38.00
C VAL C 215 16.56 11.78 -38.24
N ASP C 216 15.61 12.05 -39.13
CA ASP C 216 14.43 11.21 -39.29
C ASP C 216 14.74 10.01 -40.16
N LYS C 217 13.67 9.33 -40.62
CA LYS C 217 13.81 8.16 -41.47
C LYS C 217 14.53 8.50 -42.77
N ARG C 218 14.18 9.63 -43.38
CA ARG C 218 14.88 10.10 -44.57
C ARG C 218 16.17 10.80 -44.15
N ASP C 219 16.91 11.30 -45.14
CA ASP C 219 18.18 11.97 -44.87
C ASP C 219 17.98 13.47 -44.72
N THR C 220 17.04 13.81 -43.84
CA THR C 220 16.83 15.18 -43.39
C THR C 220 17.04 15.22 -41.89
N VAL C 221 17.00 16.42 -41.32
CA VAL C 221 17.29 16.63 -39.91
C VAL C 221 16.17 17.46 -39.28
N GLY C 222 15.49 16.89 -38.29
CA GLY C 222 14.39 17.57 -37.64
C GLY C 222 14.87 18.44 -36.49
N VAL C 223 14.33 19.65 -36.41
CA VAL C 223 14.75 20.67 -35.43
C VAL C 223 13.56 21.10 -34.58
N ARG C 224 12.71 20.13 -34.22
CA ARG C 224 11.54 20.38 -33.38
C ARG C 224 11.88 21.25 -32.18
N ILE C 225 11.27 22.45 -32.14
CA ILE C 225 11.47 23.40 -31.06
C ILE C 225 10.16 23.55 -30.31
N ASP C 226 10.20 23.26 -29.01
CA ASP C 226 9.04 23.33 -28.12
C ASP C 226 7.93 22.41 -28.67
N ARG C 227 8.24 21.12 -28.71
CA ARG C 227 7.27 20.02 -28.78
C ARG C 227 6.33 20.06 -29.98
N LYS C 228 6.57 20.91 -30.98
CA LYS C 228 5.54 21.20 -31.98
C LYS C 228 6.09 21.05 -33.40
N ARG C 229 5.89 19.86 -33.98
CA ARG C 229 5.87 19.63 -35.43
C ARG C 229 7.18 20.05 -36.12
N ARG C 230 8.28 19.49 -35.62
CA ARG C 230 9.57 19.41 -36.31
C ARG C 230 10.11 20.72 -36.88
N GLN C 231 11.23 20.64 -37.62
CA GLN C 231 11.81 21.70 -38.46
C GLN C 231 13.00 21.16 -39.25
N PRO C 232 13.19 21.52 -40.51
CA PRO C 232 14.54 21.48 -41.08
C PRO C 232 15.45 22.50 -40.40
N VAL C 233 16.77 22.26 -40.50
CA VAL C 233 17.73 23.17 -39.86
C VAL C 233 17.66 24.57 -40.46
N THR C 234 17.57 24.65 -41.79
CA THR C 234 17.81 25.89 -42.50
C THR C 234 16.90 27.02 -42.04
N VAL C 235 15.68 26.68 -41.63
CA VAL C 235 14.76 27.69 -41.09
C VAL C 235 15.32 28.31 -39.82
N LEU C 236 15.84 27.47 -38.92
CA LEU C 236 16.40 27.98 -37.68
C LEU C 236 17.72 28.68 -37.89
N LEU C 237 18.56 28.17 -38.81
CA LEU C 237 19.84 28.83 -39.08
C LEU C 237 19.63 30.22 -39.69
N LYS C 238 18.72 30.33 -40.66
CA LYS C 238 18.40 31.65 -41.21
C LYS C 238 17.68 32.52 -40.20
N ALA C 239 16.96 31.91 -39.25
CA ALA C 239 16.33 32.67 -38.20
C ALA C 239 17.35 33.41 -37.34
N LEU C 240 18.46 32.74 -37.00
CA LEU C 240 19.51 33.39 -36.23
C LEU C 240 20.24 34.43 -37.08
N GLY C 241 20.23 34.27 -38.40
CA GLY C 241 20.86 35.24 -39.27
C GLY C 241 21.95 34.66 -40.15
N TRP C 242 21.87 33.36 -40.44
CA TRP C 242 22.83 32.69 -41.28
C TRP C 242 22.26 32.59 -42.70
N THR C 243 22.94 33.19 -43.66
CA THR C 243 22.54 33.02 -45.05
C THR C 243 22.99 31.66 -45.56
N SER C 244 22.53 31.32 -46.78
CA SER C 244 22.83 30.01 -47.34
C SER C 244 24.32 29.82 -47.55
N GLU C 245 25.03 30.88 -47.93
CA GLU C 245 26.47 30.78 -48.11
C GLU C 245 27.17 30.47 -46.79
N GLN C 246 26.75 31.10 -45.69
CA GLN C 246 27.34 30.77 -44.40
C GLN C 246 26.97 29.37 -43.94
N ILE C 247 25.80 28.85 -44.35
CA ILE C 247 25.45 27.47 -43.99
C ILE C 247 26.33 26.49 -44.77
N VAL C 248 26.59 26.79 -46.04
CA VAL C 248 27.53 25.97 -46.82
C VAL C 248 28.93 26.03 -46.20
N GLU C 249 29.37 27.24 -45.82
CA GLU C 249 30.69 27.40 -45.22
C GLU C 249 30.82 26.65 -43.91
N ARG C 250 29.78 26.71 -43.07
CA ARG C 250 29.79 25.98 -41.80
C ARG C 250 29.54 24.49 -42.00
N PHE C 251 28.69 24.11 -42.96
CA PHE C 251 28.35 22.72 -43.23
C PHE C 251 28.59 22.47 -44.71
N GLY C 252 29.84 22.15 -45.06
CA GLY C 252 30.17 21.81 -46.43
C GLY C 252 30.28 20.31 -46.63
N PHE C 253 31.02 19.64 -45.74
CA PHE C 253 31.19 18.20 -45.82
C PHE C 253 29.91 17.44 -45.49
N SER C 254 28.97 18.08 -44.81
CA SER C 254 27.77 17.40 -44.34
C SER C 254 26.78 17.20 -45.49
N GLU C 255 26.59 15.95 -45.90
CA GLU C 255 25.67 15.66 -47.00
C GLU C 255 24.22 15.93 -46.60
N ILE C 256 23.85 15.57 -45.37
CA ILE C 256 22.48 15.80 -44.92
C ILE C 256 22.19 17.29 -44.83
N MET C 257 23.16 18.08 -44.37
CA MET C 257 22.93 19.51 -44.23
C MET C 257 22.80 20.20 -45.58
N ARG C 258 23.61 19.82 -46.57
CA ARG C 258 23.45 20.41 -47.90
C ARG C 258 22.16 19.93 -48.56
N SER C 259 21.76 18.68 -48.30
CA SER C 259 20.47 18.19 -48.81
C SER C 259 19.32 18.99 -48.23
N THR C 260 19.36 19.27 -46.92
CA THR C 260 18.32 20.08 -46.32
C THR C 260 18.39 21.53 -46.76
N LEU C 261 19.60 22.01 -47.10
CA LEU C 261 19.72 23.36 -47.67
C LEU C 261 19.02 23.44 -49.02
N GLU C 262 19.17 22.39 -49.84
CA GLU C 262 18.39 22.34 -51.09
C GLU C 262 16.90 22.23 -50.80
N LYS C 263 16.54 21.44 -49.78
CA LYS C 263 15.15 21.18 -49.41
C LYS C 263 14.54 22.34 -48.61
N ASP C 264 15.30 23.42 -48.40
CA ASP C 264 14.89 24.55 -47.56
C ASP C 264 13.50 25.07 -47.93
N ASN C 265 13.21 25.21 -49.22
CA ASN C 265 11.94 25.74 -49.77
C ASN C 265 11.51 27.06 -49.10
N THR C 266 12.49 27.82 -48.60
CA THR C 266 12.22 29.13 -48.02
C THR C 266 13.50 29.94 -48.04
N VAL C 267 13.47 31.10 -48.67
CA VAL C 267 14.62 32.00 -48.74
C VAL C 267 14.25 33.30 -48.05
N GLY C 268 15.20 33.87 -47.31
CA GLY C 268 14.95 35.06 -46.53
C GLY C 268 14.86 34.78 -45.05
N THR C 269 15.64 35.52 -44.25
CA THR C 269 15.67 35.29 -42.80
C THR C 269 14.31 35.58 -42.18
N ASP C 270 13.70 36.70 -42.55
CA ASP C 270 12.38 37.03 -42.02
C ASP C 270 11.30 36.10 -42.57
N GLU C 271 11.52 35.54 -43.77
CA GLU C 271 10.61 34.53 -44.29
C GLU C 271 10.61 33.28 -43.44
N ALA C 272 11.76 32.95 -42.83
CA ALA C 272 11.81 31.86 -41.86
C ALA C 272 11.23 32.30 -40.51
N LEU C 273 11.46 33.56 -40.13
CA LEU C 273 10.98 34.06 -38.85
C LEU C 273 9.46 34.05 -38.77
N LEU C 274 8.79 34.44 -39.86
CA LEU C 274 7.33 34.44 -39.86
C LEU C 274 6.77 33.03 -39.73
N ASP C 275 7.39 32.05 -40.42
CA ASP C 275 6.96 30.67 -40.28
C ASP C 275 7.16 30.16 -38.85
N ILE C 276 8.28 30.52 -38.24
CA ILE C 276 8.54 30.14 -36.86
C ILE C 276 7.49 30.76 -35.93
N TYR C 277 7.16 32.02 -36.17
CA TYR C 277 6.14 32.69 -35.35
C TYR C 277 4.78 32.03 -35.50
N ARG C 278 4.42 31.65 -36.73
CA ARG C 278 3.15 30.95 -36.94
C ARG C 278 3.14 29.60 -36.24
N LYS C 279 4.25 28.87 -36.31
CA LYS C 279 4.31 27.55 -35.69
C LYS C 279 4.34 27.63 -34.17
N LEU C 280 4.86 28.74 -33.62
CA LEU C 280 5.06 28.87 -32.19
C LEU C 280 4.05 29.78 -31.52
N ARG C 281 3.34 30.63 -32.28
CA ARG C 281 2.27 31.48 -31.75
C ARG C 281 1.01 31.25 -32.56
N PRO C 282 0.39 30.07 -32.44
CA PRO C 282 -0.79 29.77 -33.25
C PRO C 282 -2.03 30.51 -32.78
N GLY C 283 -2.47 31.51 -33.55
CA GLY C 283 -3.58 32.35 -33.16
C GLY C 283 -3.12 33.71 -32.69
N GLU C 284 -2.09 34.24 -33.35
CA GLU C 284 -1.50 35.52 -33.00
C GLU C 284 -1.13 36.25 -34.29
N PRO C 285 -1.46 37.53 -34.41
CA PRO C 285 -1.06 38.29 -35.61
C PRO C 285 0.43 38.54 -35.61
N PRO C 286 1.16 38.01 -36.60
CA PRO C 286 2.61 38.15 -36.59
C PRO C 286 3.08 39.51 -37.10
N THR C 287 4.12 40.02 -36.43
CA THR C 287 4.80 41.23 -36.86
C THR C 287 6.30 40.95 -36.88
N LYS C 288 7.03 41.77 -37.64
CA LYS C 288 8.47 41.56 -37.81
C LYS C 288 9.22 41.72 -36.49
N GLU C 289 8.88 42.74 -35.70
CA GLU C 289 9.59 42.96 -34.44
C GLU C 289 9.27 41.87 -33.42
N SER C 290 8.04 41.36 -33.43
CA SER C 290 7.65 40.33 -32.47
C SER C 290 8.41 39.03 -32.72
N ALA C 291 8.51 38.62 -33.99
CA ALA C 291 9.26 37.42 -34.31
C ALA C 291 10.76 37.63 -34.10
N GLN C 292 11.25 38.84 -34.34
CA GLN C 292 12.66 39.13 -34.09
C GLN C 292 13.00 39.04 -32.61
N THR C 293 12.07 39.45 -31.74
CA THR C 293 12.35 39.49 -30.31
C THR C 293 11.97 38.20 -29.59
N LEU C 294 11.00 37.44 -30.09
CA LEU C 294 10.51 36.28 -29.36
C LEU C 294 11.50 35.11 -29.39
N LEU C 295 12.18 34.91 -30.51
CA LEU C 295 13.20 33.88 -30.58
C LEU C 295 14.35 34.17 -29.62
N GLU C 296 14.74 35.44 -29.52
CA GLU C 296 15.73 35.84 -28.53
C GLU C 296 15.17 35.71 -27.11
N ASN C 297 13.87 35.93 -26.93
CA ASN C 297 13.24 35.79 -25.63
C ASN C 297 13.33 34.37 -25.12
N LEU C 298 12.98 33.40 -25.97
CA LEU C 298 12.88 32.02 -25.52
C LEU C 298 14.24 31.43 -25.18
N PHE C 299 15.31 31.88 -25.85
CA PHE C 299 16.59 31.21 -25.68
C PHE C 299 17.71 32.12 -25.18
N PHE C 300 17.55 33.43 -25.24
CA PHE C 300 18.69 34.30 -24.94
C PHE C 300 18.32 35.33 -23.88
N LYS C 301 17.04 35.70 -23.79
CA LYS C 301 16.58 36.55 -22.69
C LYS C 301 16.43 35.65 -21.47
N GLU C 302 17.31 35.85 -20.48
CA GLU C 302 17.51 34.90 -19.40
C GLU C 302 16.33 34.80 -18.44
N LYS C 303 15.37 35.73 -18.50
CA LYS C 303 14.26 35.71 -17.55
C LYS C 303 13.32 34.53 -17.79
N ARG C 304 13.27 34.00 -19.01
CA ARG C 304 12.45 32.84 -19.33
C ARG C 304 13.26 31.62 -19.72
N TYR C 305 14.58 31.65 -19.53
CA TYR C 305 15.44 30.54 -19.93
C TYR C 305 16.72 30.60 -19.10
N ASP C 306 16.98 29.57 -18.30
CA ASP C 306 18.16 29.56 -17.45
C ASP C 306 18.58 28.10 -17.24
N LEU C 307 19.54 27.65 -18.04
CA LEU C 307 20.28 26.45 -17.69
C LEU C 307 21.36 26.85 -16.69
N ALA C 308 21.42 26.13 -15.57
CA ALA C 308 22.10 26.60 -14.37
C ALA C 308 23.61 26.52 -14.52
N ARG C 309 24.33 26.71 -13.41
CA ARG C 309 25.78 26.60 -13.41
C ARG C 309 26.22 25.21 -13.85
N VAL C 310 25.53 24.18 -13.34
CA VAL C 310 25.86 22.81 -13.70
C VAL C 310 25.62 22.58 -15.19
N GLY C 311 24.51 23.12 -15.71
CA GLY C 311 24.24 22.96 -17.13
C GLY C 311 25.25 23.67 -18.01
N ARG C 312 25.65 24.88 -17.62
CA ARG C 312 26.66 25.61 -18.38
C ARG C 312 27.99 24.87 -18.38
N TYR C 313 28.41 24.38 -17.21
CA TYR C 313 29.64 23.61 -17.12
C TYR C 313 29.56 22.35 -17.97
N LYS C 314 28.42 21.65 -17.92
CA LYS C 314 28.26 20.42 -18.67
C LYS C 314 28.34 20.69 -20.17
N VAL C 315 27.68 21.76 -20.63
CA VAL C 315 27.68 22.05 -22.07
C VAL C 315 29.06 22.47 -22.54
N ASN C 316 29.73 23.37 -21.81
CA ASN C 316 31.03 23.82 -22.30
C ASN C 316 32.13 22.80 -22.05
N LYS C 317 31.86 21.75 -21.26
CA LYS C 317 32.82 20.65 -21.19
C LYS C 317 32.56 19.62 -22.28
N LYS C 318 31.29 19.31 -22.55
CA LYS C 318 30.96 18.34 -23.60
C LYS C 318 31.35 18.87 -24.97
N LEU C 319 31.06 20.14 -25.25
CA LEU C 319 31.37 20.73 -26.54
C LEU C 319 32.74 21.41 -26.56
N GLY C 320 33.38 21.56 -25.40
CA GLY C 320 34.71 22.15 -25.33
C GLY C 320 34.77 23.59 -25.78
N LEU C 321 33.73 24.36 -25.50
CA LEU C 321 33.68 25.75 -25.93
C LEU C 321 34.66 26.61 -25.14
N HIS C 322 34.48 26.68 -23.82
CA HIS C 322 35.38 27.40 -22.94
C HIS C 322 36.09 26.41 -22.02
N VAL C 323 37.38 26.67 -21.78
CA VAL C 323 38.22 25.79 -20.96
C VAL C 323 38.57 26.44 -19.63
N GLY C 324 39.29 27.55 -19.66
CA GLY C 324 39.66 28.25 -18.45
C GLY C 324 38.75 29.39 -18.05
N GLU C 325 37.75 29.69 -18.87
CA GLU C 325 36.86 30.81 -18.61
C GLU C 325 35.91 30.47 -17.45
N PRO C 326 35.53 31.48 -16.66
CA PRO C 326 34.58 31.24 -15.57
C PRO C 326 33.17 31.01 -16.10
N ILE C 327 32.34 30.48 -15.23
CA ILE C 327 30.96 30.12 -15.58
C ILE C 327 30.09 31.37 -15.44
N THR C 328 29.51 31.81 -16.55
CA THR C 328 28.64 32.98 -16.58
C THR C 328 27.76 32.87 -17.83
N SER C 329 26.84 33.83 -17.97
CA SER C 329 25.92 33.89 -19.10
C SER C 329 25.11 32.60 -19.21
N SER C 330 24.26 32.37 -18.21
CA SER C 330 23.57 31.11 -18.00
C SER C 330 22.57 30.75 -19.10
N THR C 331 22.40 31.62 -20.09
CA THR C 331 21.57 31.29 -21.24
C THR C 331 22.39 30.58 -22.31
N LEU C 332 21.75 30.30 -23.44
CA LEU C 332 22.45 29.73 -24.57
C LEU C 332 23.17 30.82 -25.36
N THR C 333 23.88 30.40 -26.40
CA THR C 333 24.48 31.31 -27.35
C THR C 333 24.43 30.67 -28.72
N GLU C 334 24.53 31.50 -29.77
CA GLU C 334 24.49 30.98 -31.13
C GLU C 334 25.63 30.02 -31.40
N GLU C 335 26.80 30.27 -30.81
CA GLU C 335 27.94 29.37 -30.96
C GLU C 335 27.60 27.98 -30.43
N ASP C 336 26.96 27.92 -29.26
CA ASP C 336 26.59 26.63 -28.68
C ASP C 336 25.60 25.87 -29.57
N VAL C 337 24.63 26.59 -30.12
CA VAL C 337 23.60 25.93 -30.93
C VAL C 337 24.20 25.39 -32.24
N VAL C 338 25.00 26.22 -32.91
CA VAL C 338 25.61 25.76 -34.17
C VAL C 338 26.61 24.64 -33.89
N ALA C 339 27.31 24.70 -32.76
CA ALA C 339 28.22 23.62 -32.39
C ALA C 339 27.44 22.34 -32.10
N THR C 340 26.26 22.45 -31.49
CA THR C 340 25.42 21.28 -31.26
C THR C 340 24.97 20.64 -32.57
N ILE C 341 24.53 21.48 -33.51
CA ILE C 341 24.07 20.96 -34.81
C ILE C 341 25.21 20.27 -35.54
N GLU C 342 26.39 20.90 -35.56
CA GLU C 342 27.52 20.32 -36.29
C GLU C 342 28.08 19.09 -35.56
N TYR C 343 27.99 19.07 -34.23
CA TYR C 343 28.35 17.86 -33.48
C TYR C 343 27.42 16.71 -33.85
N LEU C 344 26.12 16.99 -33.95
CA LEU C 344 25.17 15.96 -34.34
C LEU C 344 25.47 15.44 -35.74
N VAL C 345 25.74 16.34 -36.69
CA VAL C 345 25.90 15.88 -38.06
C VAL C 345 27.20 15.09 -38.22
N ARG C 346 28.25 15.46 -37.47
CA ARG C 346 29.47 14.66 -37.53
C ARG C 346 29.31 13.35 -36.77
N LEU C 347 28.45 13.33 -35.74
CA LEU C 347 28.19 12.11 -34.99
C LEU C 347 27.34 11.13 -35.81
N HIS C 348 26.48 11.65 -36.67
CA HIS C 348 25.82 10.80 -37.67
C HIS C 348 26.78 10.41 -38.79
N GLU C 349 27.76 11.27 -39.08
CA GLU C 349 28.78 10.95 -40.08
C GLU C 349 29.71 9.83 -39.60
N GLY C 350 29.73 9.54 -38.31
CA GLY C 350 30.62 8.52 -37.79
C GLY C 350 32.02 9.03 -37.48
N GLN C 351 32.14 10.28 -37.07
CA GLN C 351 33.44 10.83 -36.71
C GLN C 351 33.84 10.38 -35.30
N THR C 352 35.13 10.52 -35.00
CA THR C 352 35.66 10.13 -33.70
C THR C 352 35.90 11.32 -32.77
N THR C 353 36.48 12.41 -33.27
CA THR C 353 36.70 13.61 -32.48
C THR C 353 36.29 14.81 -33.31
N MET C 354 36.44 15.99 -32.72
CA MET C 354 35.84 17.19 -33.32
C MET C 354 36.36 18.46 -32.66
N THR C 355 36.82 19.38 -33.49
CA THR C 355 37.31 20.67 -33.02
C THR C 355 36.31 21.76 -33.42
N VAL C 356 35.89 22.56 -32.45
CA VAL C 356 35.09 23.76 -32.68
C VAL C 356 36.03 24.96 -32.65
N PRO C 357 35.89 25.91 -33.57
CA PRO C 357 36.76 27.09 -33.54
C PRO C 357 36.60 27.87 -32.24
N GLY C 358 37.72 28.23 -31.64
CA GLY C 358 37.73 28.87 -30.34
C GLY C 358 37.69 27.95 -29.16
N GLY C 359 37.76 26.64 -29.37
CA GLY C 359 37.71 25.68 -28.28
C GLY C 359 38.50 24.44 -28.58
N VAL C 360 39.01 23.80 -27.52
CA VAL C 360 39.76 22.56 -27.66
C VAL C 360 38.82 21.45 -28.12
N GLU C 361 39.34 20.55 -28.94
CA GLU C 361 38.52 19.51 -29.54
C GLU C 361 38.02 18.53 -28.47
N VAL C 362 36.88 17.90 -28.78
CA VAL C 362 36.24 16.96 -27.86
C VAL C 362 35.96 15.65 -28.60
N PRO C 363 35.91 14.51 -27.90
CA PRO C 363 35.54 13.26 -28.58
C PRO C 363 34.07 13.25 -28.96
N VAL C 364 33.79 12.64 -30.10
CA VAL C 364 32.43 12.52 -30.61
C VAL C 364 31.85 11.20 -30.12
N GLU C 365 30.81 11.27 -29.31
CA GLU C 365 30.26 10.08 -28.69
C GLU C 365 28.82 10.31 -28.27
N THR C 366 28.09 9.22 -28.11
CA THR C 366 26.77 9.26 -27.49
C THR C 366 26.92 9.31 -25.97
N ASP C 367 25.86 9.74 -25.30
CA ASP C 367 25.88 9.96 -23.86
C ASP C 367 24.90 9.01 -23.19
N ASP C 368 25.35 8.39 -22.09
CA ASP C 368 24.50 7.50 -21.32
C ASP C 368 23.56 8.31 -20.44
N ILE C 369 22.29 7.91 -20.41
CA ILE C 369 21.27 8.60 -19.62
C ILE C 369 21.46 8.36 -18.13
N ASP C 370 22.15 7.29 -17.75
CA ASP C 370 22.30 6.93 -16.34
C ASP C 370 23.75 6.95 -15.84
N HIS C 371 24.72 7.27 -16.69
CA HIS C 371 26.09 7.44 -16.21
C HIS C 371 26.15 8.61 -15.24
N PHE C 372 26.90 8.44 -14.15
CA PHE C 372 26.92 9.44 -13.08
C PHE C 372 27.61 10.73 -13.49
N GLY C 373 28.29 10.77 -14.62
CA GLY C 373 28.67 12.06 -15.17
C GLY C 373 27.51 12.88 -15.68
N ASN C 374 26.36 12.25 -15.92
CA ASN C 374 25.18 12.94 -16.42
C ASN C 374 24.01 12.92 -15.44
N ARG C 375 24.17 12.29 -14.29
CA ARG C 375 23.10 12.16 -13.29
C ARG C 375 23.58 12.86 -12.02
N ARG C 376 23.09 14.07 -11.78
CA ARG C 376 23.62 14.89 -10.71
C ARG C 376 22.77 14.73 -9.44
N LEU C 377 23.25 15.33 -8.35
CA LEU C 377 22.66 15.16 -7.02
C LEU C 377 22.30 16.53 -6.46
N ARG C 378 21.01 16.88 -6.52
CA ARG C 378 20.51 18.04 -5.80
C ARG C 378 20.45 17.67 -4.33
N THR C 379 21.43 18.14 -3.57
CA THR C 379 21.46 17.90 -2.14
C THR C 379 20.49 18.85 -1.44
N VAL C 380 20.54 18.86 -0.10
CA VAL C 380 19.59 19.65 0.68
C VAL C 380 19.73 21.14 0.38
N GLY C 381 20.98 21.61 0.23
CA GLY C 381 21.19 23.02 -0.07
C GLY C 381 20.59 23.42 -1.40
N GLU C 382 20.77 22.58 -2.42
CA GLU C 382 20.21 22.89 -3.74
C GLU C 382 18.69 22.93 -3.70
N LEU C 383 18.07 22.00 -2.96
CA LEU C 383 16.61 21.96 -2.87
C LEU C 383 16.07 23.20 -2.15
N ILE C 384 16.66 23.55 -1.01
CA ILE C 384 16.19 24.73 -0.29
C ILE C 384 16.46 25.99 -1.11
N GLN C 385 17.56 26.04 -1.85
CA GLN C 385 17.82 27.19 -2.71
C GLN C 385 16.78 27.30 -3.83
N ASN C 386 16.38 26.17 -4.41
CA ASN C 386 15.34 26.20 -5.43
C ASN C 386 14.01 26.70 -4.86
N GLN C 387 13.65 26.23 -3.67
CA GLN C 387 12.41 26.70 -3.03
C GLN C 387 12.48 28.19 -2.73
N ILE C 388 13.64 28.65 -2.25
CA ILE C 388 13.82 30.08 -2.00
C ILE C 388 13.74 30.86 -3.31
N ARG C 389 14.25 30.28 -4.40
CA ARG C 389 14.18 30.95 -5.70
C ARG C 389 12.74 31.14 -6.15
N VAL C 390 11.91 30.09 -6.01
CA VAL C 390 10.52 30.26 -6.44
C VAL C 390 9.76 31.22 -5.51
N GLY C 391 10.05 31.21 -4.21
CA GLY C 391 9.44 32.19 -3.32
C GLY C 391 9.86 33.61 -3.67
N MET C 392 11.13 33.80 -3.98
CA MET C 392 11.62 35.11 -4.40
C MET C 392 11.01 35.53 -5.74
N SER C 393 10.70 34.56 -6.62
CA SER C 393 10.04 34.90 -7.87
C SER C 393 8.62 35.43 -7.61
N ARG C 394 7.87 34.76 -6.73
CA ARG C 394 6.55 35.27 -6.39
C ARG C 394 6.64 36.66 -5.75
N MET C 395 7.56 36.82 -4.80
CA MET C 395 7.73 38.11 -4.14
C MET C 395 8.19 39.18 -5.13
N GLU C 396 9.00 38.80 -6.12
CA GLU C 396 9.45 39.76 -7.13
C GLU C 396 8.31 40.20 -8.03
N ARG C 397 7.41 39.27 -8.38
CA ARG C 397 6.22 39.67 -9.12
C ARG C 397 5.41 40.69 -8.32
N VAL C 398 5.21 40.43 -7.03
CA VAL C 398 4.45 41.37 -6.20
C VAL C 398 5.17 42.72 -6.13
N VAL C 399 6.49 42.70 -5.94
CA VAL C 399 7.22 43.95 -5.73
C VAL C 399 7.24 44.78 -7.01
N ARG C 400 7.38 44.15 -8.17
CA ARG C 400 7.38 44.92 -9.41
C ARG C 400 5.98 45.28 -9.86
N GLU C 401 4.95 44.61 -9.33
CA GLU C 401 3.60 45.14 -9.49
C GLU C 401 3.44 46.44 -8.70
N ARG C 402 3.89 46.46 -7.46
CA ARG C 402 3.66 47.62 -6.60
C ARG C 402 4.68 48.73 -6.79
N MET C 403 5.76 48.51 -7.55
CA MET C 403 6.66 49.60 -7.88
C MET C 403 5.94 50.70 -8.65
N THR C 404 5.09 50.32 -9.61
CA THR C 404 4.40 51.27 -10.48
C THR C 404 3.20 51.94 -9.82
N THR C 405 2.34 51.15 -9.17
CA THR C 405 1.10 51.71 -8.62
C THR C 405 1.38 52.65 -7.46
N GLN C 406 2.45 52.43 -6.73
CA GLN C 406 2.75 53.28 -5.57
C GLN C 406 3.43 54.57 -6.01
N ASP C 407 3.14 55.65 -5.27
CA ASP C 407 3.65 56.97 -5.61
C ASP C 407 5.15 57.06 -5.35
N VAL C 408 5.84 57.74 -6.25
CA VAL C 408 7.28 57.92 -6.14
C VAL C 408 7.58 58.94 -5.05
N GLU C 409 8.80 58.85 -4.49
CA GLU C 409 9.33 59.75 -3.47
C GLU C 409 8.58 59.63 -2.15
N ALA C 410 7.97 58.47 -1.89
CA ALA C 410 7.33 58.17 -0.63
C ALA C 410 7.56 56.75 -0.15
N ILE C 411 8.37 55.96 -0.84
CA ILE C 411 8.45 54.52 -0.62
C ILE C 411 9.85 54.15 -0.17
N THR C 412 9.96 52.92 0.34
CA THR C 412 11.18 52.36 0.90
C THR C 412 11.05 50.85 0.81
N PRO C 413 12.17 50.10 0.80
CA PRO C 413 12.07 48.64 0.70
C PRO C 413 11.23 47.99 1.79
N GLN C 414 11.04 48.65 2.93
CA GLN C 414 10.12 48.14 3.94
C GLN C 414 8.70 48.08 3.39
N THR C 415 8.28 49.10 2.65
CA THR C 415 6.95 49.17 2.08
C THR C 415 6.80 48.30 0.83
N LEU C 416 7.90 48.01 0.13
CA LEU C 416 7.88 47.27 -1.12
C LEU C 416 7.99 45.77 -0.94
N ILE C 417 8.81 45.30 0.00
CA ILE C 417 9.08 43.89 0.17
C ILE C 417 7.90 43.24 0.90
N ASN C 418 7.41 42.14 0.34
CA ASN C 418 6.42 41.29 1.00
C ASN C 418 7.06 39.95 1.29
N ILE C 419 7.24 39.63 2.57
CA ILE C 419 7.93 38.41 2.97
C ILE C 419 7.00 37.23 3.16
N ARG C 420 5.68 37.43 3.10
CA ARG C 420 4.76 36.31 3.25
C ARG C 420 4.91 35.21 2.20
N PRO C 421 5.13 35.46 0.91
CA PRO C 421 5.28 34.32 0.00
C PRO C 421 6.57 33.54 0.20
N VAL C 422 7.65 34.20 0.62
CA VAL C 422 8.91 33.50 0.84
C VAL C 422 8.80 32.54 2.02
N VAL C 423 8.28 33.03 3.13
CA VAL C 423 8.10 32.17 4.30
C VAL C 423 7.05 31.10 4.02
N ALA C 424 6.04 31.43 3.21
CA ALA C 424 5.06 30.43 2.82
C ALA C 424 5.70 29.32 1.99
N ALA C 425 6.61 29.68 1.08
CA ALA C 425 7.31 28.68 0.27
C ALA C 425 8.20 27.80 1.13
N ILE C 426 8.92 28.40 2.08
CA ILE C 426 9.80 27.62 2.95
C ILE C 426 8.97 26.66 3.81
N LYS C 427 7.88 27.15 4.38
CA LYS C 427 7.01 26.31 5.20
C LYS C 427 6.36 25.22 4.39
N GLU C 428 6.00 25.50 3.14
CA GLU C 428 5.44 24.48 2.25
C GLU C 428 6.50 23.47 1.82
N PHE C 429 7.77 23.85 1.83
CA PHE C 429 8.80 22.86 1.51
C PHE C 429 9.04 21.93 2.69
N PHE C 430 9.28 22.49 3.87
CA PHE C 430 9.64 21.63 5.01
C PHE C 430 8.46 20.80 5.50
N GLY C 431 7.24 21.29 5.33
CA GLY C 431 6.05 20.53 5.65
C GLY C 431 5.27 20.20 4.39
N THR C 432 4.83 18.94 4.30
CA THR C 432 4.10 18.41 3.15
C THR C 432 4.93 18.50 1.86
N SER C 433 6.05 17.77 1.87
CA SER C 433 6.81 17.51 0.66
C SER C 433 7.40 16.11 0.77
N GLN C 434 7.46 15.41 -0.37
CA GLN C 434 7.92 14.03 -0.37
C GLN C 434 9.40 13.90 -0.03
N LEU C 435 10.17 15.00 -0.13
CA LEU C 435 11.58 14.96 0.21
C LEU C 435 11.89 15.45 1.62
N SER C 436 10.99 16.20 2.24
CA SER C 436 11.13 16.58 3.65
C SER C 436 10.56 15.49 4.54
N GLN C 437 11.25 14.36 4.54
CA GLN C 437 10.69 13.13 5.09
C GLN C 437 10.77 13.11 6.61
N PHE C 438 9.83 12.37 7.20
CA PHE C 438 9.83 12.15 8.64
C PHE C 438 11.07 11.34 9.01
N MET C 439 11.79 11.82 10.03
CA MET C 439 13.05 11.19 10.40
C MET C 439 12.79 9.80 11.00
N ASP C 440 13.44 8.79 10.44
CA ASP C 440 13.21 7.39 10.78
C ASP C 440 14.25 6.96 11.82
N GLN C 441 13.84 6.90 13.08
CA GLN C 441 14.73 6.46 14.17
C GLN C 441 14.11 5.24 14.83
N ASN C 442 14.41 4.06 14.29
CA ASN C 442 14.25 2.84 15.06
C ASN C 442 15.52 2.54 15.84
N ASN C 443 16.66 2.69 15.19
CA ASN C 443 17.98 2.54 15.79
C ASN C 443 18.85 3.67 15.27
N PRO C 444 19.98 3.96 15.93
CA PRO C 444 20.88 5.03 15.44
C PRO C 444 21.33 4.84 14.01
N LEU C 445 21.49 3.57 13.58
CA LEU C 445 21.90 3.31 12.21
C LEU C 445 20.85 3.77 11.22
N SER C 446 19.56 3.59 11.54
CA SER C 446 18.52 4.08 10.65
C SER C 446 18.50 5.60 10.61
N GLY C 447 18.80 6.26 11.73
CA GLY C 447 18.95 7.69 11.71
C GLY C 447 20.10 8.13 10.82
N LEU C 448 21.21 7.39 10.84
CA LEU C 448 22.34 7.73 9.98
C LEU C 448 22.04 7.45 8.52
N THR C 449 21.27 6.39 8.23
CA THR C 449 21.06 5.94 6.86
C THR C 449 19.83 6.58 6.22
N HIS C 450 18.94 7.20 6.98
CA HIS C 450 17.90 8.01 6.36
C HIS C 450 18.51 9.27 5.73
N LYS C 451 19.41 9.91 6.44
CA LYS C 451 20.37 10.81 5.80
C LYS C 451 21.39 9.98 5.02
N ARG C 452 22.20 10.64 4.20
CA ARG C 452 23.09 9.96 3.26
C ARG C 452 22.34 9.06 2.30
N ARG C 453 21.06 9.33 2.06
CA ARG C 453 20.24 8.52 1.17
C ARG C 453 19.97 9.31 -0.09
N LEU C 454 20.11 8.65 -1.24
CA LEU C 454 19.82 9.26 -2.53
C LEU C 454 18.50 8.73 -3.02
N SER C 455 17.58 9.64 -3.33
CA SER C 455 16.26 9.27 -3.82
C SER C 455 16.06 9.88 -5.20
N ALA C 456 15.69 9.04 -6.17
CA ALA C 456 15.51 9.49 -7.54
C ALA C 456 14.08 9.94 -7.84
N LEU C 457 13.20 9.94 -6.84
CA LEU C 457 11.81 10.30 -7.02
C LEU C 457 11.45 11.53 -6.19
N GLY C 458 10.51 12.31 -6.71
CA GLY C 458 10.08 13.52 -6.05
C GLY C 458 9.77 14.61 -7.05
N PRO C 459 9.51 15.82 -6.57
CA PRO C 459 9.28 16.95 -7.48
C PRO C 459 10.54 17.24 -8.29
N GLY C 460 10.37 17.33 -9.61
CA GLY C 460 11.50 17.47 -10.51
C GLY C 460 12.18 16.16 -10.89
N GLY C 461 11.70 15.03 -10.36
CA GLY C 461 12.24 13.73 -10.69
C GLY C 461 11.15 12.78 -11.13
N LEU C 462 11.58 11.63 -11.64
CA LEU C 462 10.64 10.63 -12.15
C LEU C 462 9.88 9.96 -11.01
N SER C 463 8.60 9.71 -11.24
CA SER C 463 7.79 8.96 -10.28
C SER C 463 7.87 7.46 -10.59
N ARG C 464 7.29 6.66 -9.70
CA ARG C 464 7.41 5.21 -9.81
C ARG C 464 6.63 4.67 -11.02
N GLU C 465 5.50 5.30 -11.37
CA GLU C 465 4.78 4.88 -12.56
C GLU C 465 5.50 5.33 -13.83
N ARG C 466 6.15 6.48 -13.79
CA ARG C 466 6.99 6.94 -14.89
C ARG C 466 8.36 6.27 -14.90
N ALA C 467 8.67 5.47 -13.88
CA ALA C 467 9.99 4.85 -13.76
C ALA C 467 10.08 3.64 -14.68
N GLY C 468 11.09 3.64 -15.56
CA GLY C 468 11.36 2.49 -16.39
C GLY C 468 12.24 1.49 -15.69
N LEU C 469 12.50 0.38 -16.39
CA LEU C 469 13.39 -0.63 -15.86
C LEU C 469 14.87 -0.25 -16.00
N GLU C 470 15.21 0.53 -17.03
CA GLU C 470 16.61 0.83 -17.30
C GLU C 470 17.20 1.82 -16.30
N VAL C 471 16.37 2.58 -15.59
CA VAL C 471 16.90 3.50 -14.58
C VAL C 471 17.19 2.76 -13.27
N ARG C 472 16.58 1.60 -13.06
CA ARG C 472 16.68 0.88 -11.79
C ARG C 472 17.87 -0.07 -11.72
N ASP C 473 18.65 -0.19 -12.79
CA ASP C 473 19.80 -1.09 -12.77
C ASP C 473 20.99 -0.42 -12.09
N VAL C 474 22.12 -1.08 -12.10
CA VAL C 474 23.36 -0.54 -11.55
C VAL C 474 24.33 -0.35 -12.72
N HIS C 475 24.45 0.90 -13.17
CA HIS C 475 25.44 1.23 -14.16
C HIS C 475 26.84 1.06 -13.56
N PRO C 476 27.83 0.69 -14.36
CA PRO C 476 29.18 0.46 -13.82
C PRO C 476 29.86 1.73 -13.28
N SER C 477 29.17 2.86 -13.32
CA SER C 477 29.66 4.10 -12.74
C SER C 477 29.21 4.30 -11.29
N HIS C 478 28.41 3.38 -10.76
CA HIS C 478 28.01 3.36 -9.35
C HIS C 478 29.14 2.94 -8.42
N TYR C 479 30.20 2.32 -8.93
CA TYR C 479 31.25 1.77 -8.09
C TYR C 479 32.00 2.87 -7.36
N GLY C 480 31.78 2.96 -6.05
CA GLY C 480 32.40 4.00 -5.24
C GLY C 480 31.59 5.27 -5.11
N ARG C 481 30.45 5.37 -5.80
CA ARG C 481 29.59 6.55 -5.74
C ARG C 481 28.19 6.26 -5.20
N MET C 482 27.74 5.02 -5.27
CA MET C 482 26.41 4.64 -4.80
C MET C 482 26.36 3.13 -4.60
N CYS C 483 25.96 2.69 -3.42
CA CYS C 483 26.02 1.26 -3.11
C CYS C 483 25.01 0.49 -3.96
N PRO C 484 25.45 -0.57 -4.64
CA PRO C 484 24.49 -1.39 -5.40
C PRO C 484 23.72 -2.39 -4.56
N ILE C 485 24.03 -2.52 -3.26
CA ILE C 485 23.34 -3.51 -2.45
C ILE C 485 22.08 -2.91 -1.83
N GLU C 486 22.24 -1.83 -1.06
CA GLU C 486 21.18 -1.38 -0.18
C GLU C 486 20.22 -0.50 -0.96
N THR C 487 19.04 -1.05 -1.26
CA THR C 487 17.89 -0.37 -1.84
C THR C 487 16.67 -0.97 -1.16
N PRO C 488 15.58 -0.22 -1.02
CA PRO C 488 14.35 -0.82 -0.49
C PRO C 488 13.85 -1.95 -1.38
N GLU C 489 13.37 -3.01 -0.75
CA GLU C 489 12.96 -4.20 -1.48
C GLU C 489 11.59 -4.06 -2.13
N GLY C 490 10.76 -3.14 -1.66
CA GLY C 490 9.42 -2.96 -2.20
C GLY C 490 9.43 -2.34 -3.59
N PRO C 491 8.36 -1.61 -3.93
CA PRO C 491 8.25 -0.99 -5.25
C PRO C 491 9.09 0.28 -5.40
N ASN C 492 10.33 0.22 -4.93
CA ASN C 492 11.26 1.34 -5.03
C ASN C 492 12.68 0.88 -5.35
N ILE C 493 12.86 -0.36 -5.79
CA ILE C 493 14.19 -0.94 -5.95
C ILE C 493 14.96 -0.19 -7.03
N GLY C 494 16.09 0.40 -6.65
CA GLY C 494 16.91 1.18 -7.55
C GLY C 494 16.59 2.67 -7.55
N LEU C 495 15.35 3.04 -7.23
CA LEU C 495 15.01 4.45 -7.15
C LEU C 495 15.55 5.10 -5.89
N ILE C 496 15.77 4.32 -4.83
CA ILE C 496 16.32 4.81 -3.57
C ILE C 496 17.56 3.98 -3.25
N GLY C 497 18.69 4.65 -3.12
CA GLY C 497 19.92 4.01 -2.70
C GLY C 497 20.64 4.89 -1.69
N SER C 498 21.95 4.69 -1.51
CA SER C 498 22.68 5.53 -0.59
C SER C 498 24.09 5.73 -1.08
N LEU C 499 24.73 6.79 -0.57
CA LEU C 499 26.10 7.10 -0.90
C LEU C 499 27.04 6.01 -0.39
N SER C 500 28.18 5.88 -1.06
CA SER C 500 29.22 4.98 -0.58
C SER C 500 29.85 5.55 0.69
N VAL C 501 30.74 4.75 1.27
CA VAL C 501 31.39 5.17 2.52
C VAL C 501 32.31 6.36 2.28
N TYR C 502 33.13 6.29 1.24
CA TYR C 502 34.14 7.30 0.97
C TYR C 502 33.67 8.39 0.02
N ALA C 503 32.40 8.36 -0.40
CA ALA C 503 31.92 9.28 -1.40
C ALA C 503 31.91 10.72 -0.90
N ARG C 504 32.15 11.66 -1.82
CA ARG C 504 32.11 13.08 -1.54
C ARG C 504 31.44 13.77 -2.72
N VAL C 505 30.83 14.93 -2.46
CA VAL C 505 29.96 15.58 -3.43
C VAL C 505 30.73 16.70 -4.11
N ASN C 506 30.78 16.64 -5.44
CA ASN C 506 31.32 17.73 -6.24
C ASN C 506 30.50 19.00 -6.00
N PRO C 507 31.14 20.17 -5.92
CA PRO C 507 30.37 21.42 -5.75
C PRO C 507 29.29 21.65 -6.80
N PHE C 508 29.40 21.05 -7.99
CA PHE C 508 28.39 21.15 -9.02
C PHE C 508 27.30 20.09 -8.89
N GLY C 509 27.28 19.35 -7.77
CA GLY C 509 26.26 18.35 -7.54
C GLY C 509 26.60 16.95 -7.96
N PHE C 510 27.81 16.71 -8.45
CA PHE C 510 28.22 15.37 -8.83
C PHE C 510 28.88 14.67 -7.63
N ILE C 511 29.14 13.38 -7.80
CA ILE C 511 29.61 12.55 -6.70
C ILE C 511 31.06 12.18 -6.98
N GLU C 512 31.98 12.83 -6.27
CA GLU C 512 33.40 12.50 -6.36
C GLU C 512 33.71 11.26 -5.53
N THR C 513 34.91 10.71 -5.76
CA THR C 513 35.35 9.47 -5.14
C THR C 513 36.87 9.55 -5.02
N PRO C 514 37.43 9.19 -3.87
CA PRO C 514 38.89 9.22 -3.73
C PRO C 514 39.57 8.09 -4.48
N TYR C 515 40.81 8.36 -4.89
CA TYR C 515 41.64 7.37 -5.55
C TYR C 515 43.10 7.65 -5.21
N ARG C 516 43.88 6.58 -5.12
CA ARG C 516 45.31 6.67 -4.86
C ARG C 516 46.04 6.72 -6.19
N LYS C 517 46.73 7.83 -6.46
CA LYS C 517 47.45 7.98 -7.70
C LYS C 517 48.75 7.19 -7.68
N VAL C 518 48.99 6.43 -8.74
CA VAL C 518 50.23 5.69 -8.94
C VAL C 518 50.89 6.20 -10.22
N VAL C 519 52.16 6.60 -10.11
CA VAL C 519 52.91 7.19 -11.20
C VAL C 519 54.08 6.26 -11.52
N ASP C 520 54.12 5.78 -12.77
CA ASP C 520 55.21 4.93 -13.26
C ASP C 520 55.37 3.67 -12.41
N GLY C 521 54.28 3.26 -11.76
CA GLY C 521 54.29 2.02 -11.01
C GLY C 521 54.60 2.12 -9.53
N VAL C 522 54.89 3.30 -8.99
CA VAL C 522 55.04 3.47 -7.56
C VAL C 522 53.75 4.08 -7.04
N VAL C 523 53.03 3.33 -6.20
CA VAL C 523 51.75 3.76 -5.67
C VAL C 523 52.01 4.87 -4.65
N SER C 524 51.67 6.10 -5.02
CA SER C 524 51.88 7.24 -4.14
C SER C 524 50.75 7.32 -3.12
N ASP C 525 50.73 8.38 -2.33
CA ASP C 525 49.68 8.61 -1.36
C ASP C 525 48.87 9.87 -1.66
N GLU C 526 49.13 10.53 -2.78
CA GLU C 526 48.36 11.71 -3.16
C GLU C 526 46.95 11.29 -3.55
N ILE C 527 46.02 11.42 -2.62
CA ILE C 527 44.63 11.00 -2.83
C ILE C 527 43.92 12.09 -3.62
N VAL C 528 43.38 11.73 -4.79
CA VAL C 528 42.72 12.68 -5.66
C VAL C 528 41.27 12.24 -5.84
N TYR C 529 40.36 13.21 -5.88
CA TYR C 529 38.93 12.95 -5.97
C TYR C 529 38.49 13.11 -7.42
N LEU C 530 37.85 12.08 -7.96
CA LEU C 530 37.34 12.09 -9.32
C LEU C 530 35.85 11.85 -9.34
N THR C 531 35.15 12.56 -10.21
CA THR C 531 33.78 12.18 -10.57
C THR C 531 33.84 11.11 -11.65
N ALA C 532 32.68 10.74 -12.18
CA ALA C 532 32.59 9.58 -13.07
C ALA C 532 33.34 9.82 -14.39
N ASP C 533 33.41 11.06 -14.85
CA ASP C 533 34.05 11.35 -16.13
C ASP C 533 35.53 11.00 -16.09
N GLU C 534 36.26 11.53 -15.11
CA GLU C 534 37.68 11.19 -14.98
C GLU C 534 37.89 9.73 -14.63
N GLU C 535 36.89 9.06 -14.07
CA GLU C 535 36.96 7.61 -13.92
C GLU C 535 36.88 6.91 -15.25
N ASP C 536 36.15 7.49 -16.21
CA ASP C 536 36.14 6.96 -17.57
C ASP C 536 37.50 7.17 -18.23
N ARG C 537 38.03 8.40 -18.18
CA ARG C 537 39.25 8.74 -18.93
C ARG C 537 40.43 7.89 -18.50
N HIS C 538 40.61 7.73 -17.20
CA HIS C 538 41.77 7.05 -16.65
C HIS C 538 41.44 5.58 -16.40
N VAL C 539 42.36 4.88 -15.72
CA VAL C 539 42.26 3.43 -15.58
C VAL C 539 42.50 3.09 -14.11
N VAL C 540 41.73 2.15 -13.57
CA VAL C 540 41.62 1.96 -12.13
C VAL C 540 42.01 0.53 -11.76
N ALA C 541 42.86 0.39 -10.74
CA ALA C 541 43.33 -0.88 -10.22
C ALA C 541 42.52 -1.31 -9.00
N GLN C 542 43.00 -2.34 -8.31
CA GLN C 542 42.30 -2.93 -7.17
C GLN C 542 43.15 -2.90 -5.91
N ALA C 543 42.49 -2.55 -4.79
CA ALA C 543 43.18 -2.42 -3.52
C ALA C 543 43.81 -3.72 -3.05
N ASN C 544 43.12 -4.85 -3.26
CA ASN C 544 43.66 -6.15 -2.87
C ASN C 544 44.67 -6.67 -3.90
N SER C 545 45.69 -5.86 -4.16
CA SER C 545 46.75 -6.18 -5.09
C SER C 545 48.09 -6.20 -4.37
N PRO C 546 49.04 -7.00 -4.85
CA PRO C 546 50.32 -7.13 -4.11
C PRO C 546 51.23 -5.93 -4.25
N ILE C 547 51.04 -4.93 -3.40
CA ILE C 547 52.00 -3.84 -3.28
C ILE C 547 53.20 -4.32 -2.48
N ASP C 548 54.39 -4.12 -3.04
CA ASP C 548 55.62 -4.68 -2.44
C ASP C 548 56.27 -3.71 -1.47
N ALA C 549 55.48 -3.17 -0.53
CA ALA C 549 55.94 -2.33 0.58
C ALA C 549 56.71 -1.09 0.12
N ASP C 550 56.64 -0.76 -1.18
CA ASP C 550 57.36 0.38 -1.72
C ASP C 550 56.50 1.19 -2.69
N GLY C 551 55.20 0.89 -2.76
CA GLY C 551 54.36 1.42 -3.80
C GLY C 551 54.45 0.67 -5.12
N ARG C 552 55.29 -0.35 -5.19
CA ARG C 552 55.54 -1.10 -6.42
C ARG C 552 54.62 -2.32 -6.47
N PHE C 553 54.03 -2.57 -7.63
CA PHE C 553 53.30 -3.81 -7.84
C PHE C 553 54.27 -4.97 -7.92
N VAL C 554 53.74 -6.18 -7.83
CA VAL C 554 54.53 -7.41 -7.92
C VAL C 554 54.32 -8.12 -9.26
N GLU C 555 53.08 -8.52 -9.53
CA GLU C 555 52.83 -9.15 -10.82
C GLU C 555 52.47 -8.10 -11.87
N PRO C 556 53.08 -8.18 -13.05
CA PRO C 556 52.75 -7.19 -14.09
C PRO C 556 51.30 -7.24 -14.52
N ARG C 557 50.67 -8.40 -14.43
CA ARG C 557 49.34 -8.64 -15.00
C ARG C 557 48.30 -8.44 -13.90
N VAL C 558 47.51 -7.36 -14.00
CA VAL C 558 46.81 -6.76 -12.86
C VAL C 558 45.33 -6.58 -13.19
N LEU C 559 44.48 -6.83 -12.20
CA LEU C 559 43.04 -6.55 -12.30
C LEU C 559 42.78 -5.05 -12.40
N VAL C 560 41.99 -4.65 -13.39
CA VAL C 560 41.83 -3.25 -13.78
C VAL C 560 40.47 -3.06 -14.46
N ARG C 561 39.87 -1.88 -14.25
CA ARG C 561 38.62 -1.47 -14.89
C ARG C 561 38.90 -0.44 -15.97
N ARG C 562 38.24 -0.59 -17.13
CA ARG C 562 38.30 0.38 -18.21
C ARG C 562 37.06 1.29 -18.20
N LYS C 563 36.89 2.05 -19.29
CA LYS C 563 35.88 3.10 -19.35
C LYS C 563 34.46 2.55 -19.25
N ALA C 564 34.13 1.59 -20.12
CA ALA C 564 32.74 1.13 -20.28
C ALA C 564 32.39 -0.01 -19.33
N GLY C 565 33.06 -0.10 -18.19
CA GLY C 565 32.81 -1.17 -17.25
C GLY C 565 33.52 -2.47 -17.54
N GLU C 566 34.38 -2.49 -18.55
CA GLU C 566 35.14 -3.70 -18.87
C GLU C 566 36.18 -3.99 -17.81
N VAL C 567 36.49 -5.27 -17.66
CA VAL C 567 37.50 -5.75 -16.71
C VAL C 567 38.54 -6.53 -17.50
N GLU C 568 39.80 -6.10 -17.41
CA GLU C 568 40.86 -6.75 -18.18
C GLU C 568 42.13 -6.87 -17.34
N TYR C 569 43.23 -7.16 -18.02
CA TYR C 569 44.52 -7.42 -17.39
C TYR C 569 45.56 -6.54 -18.10
N VAL C 570 45.70 -5.31 -17.62
CA VAL C 570 46.58 -4.30 -18.21
C VAL C 570 47.96 -4.65 -17.62
N PRO C 571 49.09 -4.20 -18.16
CA PRO C 571 50.34 -4.43 -17.43
C PRO C 571 50.55 -3.41 -16.32
N SER C 572 51.49 -3.72 -15.44
CA SER C 572 51.69 -2.86 -14.26
C SER C 572 52.55 -1.67 -14.62
N SER C 573 52.21 -1.01 -15.73
CA SER C 573 52.81 0.25 -16.14
C SER C 573 51.80 1.29 -16.59
N GLU C 574 50.63 0.89 -17.11
CA GLU C 574 49.60 1.84 -17.52
C GLU C 574 48.63 2.19 -16.42
N VAL C 575 48.70 1.52 -15.26
CA VAL C 575 47.84 1.85 -14.14
C VAL C 575 48.27 3.21 -13.60
N ASP C 576 47.36 4.18 -13.64
CA ASP C 576 47.63 5.50 -13.08
C ASP C 576 46.86 5.78 -11.80
N TYR C 577 45.73 5.11 -11.59
CA TYR C 577 44.91 5.29 -10.39
C TYR C 577 44.60 3.96 -9.74
N MET C 578 44.45 3.99 -8.42
CA MET C 578 44.25 2.81 -7.62
C MET C 578 43.20 3.10 -6.57
N ASP C 579 42.39 2.08 -6.24
CA ASP C 579 41.35 2.23 -5.24
C ASP C 579 41.98 2.50 -3.87
N VAL C 580 41.28 3.33 -3.08
CA VAL C 580 41.80 3.68 -1.75
C VAL C 580 41.78 2.48 -0.82
N SER C 581 40.79 1.59 -0.95
CA SER C 581 40.64 0.45 -0.07
C SER C 581 39.56 -0.47 -0.64
N PRO C 582 39.43 -1.71 -0.15
CA PRO C 582 38.22 -2.49 -0.46
C PRO C 582 37.02 -1.89 0.24
N ARG C 583 35.84 -2.51 0.10
CA ARG C 583 34.58 -2.02 0.68
C ARG C 583 34.32 -0.54 0.38
N GLN C 584 34.92 -0.03 -0.69
CA GLN C 584 34.66 1.34 -1.12
C GLN C 584 33.33 1.46 -1.86
N MET C 585 32.95 0.41 -2.60
CA MET C 585 31.69 0.34 -3.31
C MET C 585 30.46 0.27 -2.41
N VAL C 586 30.64 0.03 -1.12
CA VAL C 586 29.55 -0.36 -0.25
C VAL C 586 29.09 0.82 0.59
N SER C 587 27.86 0.72 1.10
CA SER C 587 27.25 1.77 1.90
C SER C 587 27.69 1.66 3.36
N VAL C 588 27.01 2.40 4.23
CA VAL C 588 27.33 2.36 5.66
C VAL C 588 26.73 1.14 6.32
N ALA C 589 25.41 0.95 6.17
CA ALA C 589 24.72 -0.16 6.82
C ALA C 589 25.23 -1.49 6.30
N THR C 590 25.47 -1.58 5.00
CA THR C 590 25.96 -2.84 4.42
C THR C 590 27.41 -3.12 4.81
N ALA C 591 28.19 -2.09 5.14
CA ALA C 591 29.56 -2.31 5.58
C ALA C 591 29.63 -2.91 6.98
N MET C 592 28.51 -3.01 7.69
CA MET C 592 28.48 -3.58 9.03
C MET C 592 28.05 -5.05 9.02
N ILE C 593 28.08 -5.71 7.87
CA ILE C 593 27.75 -7.12 7.75
C ILE C 593 29.06 -7.90 7.65
N PRO C 594 29.40 -8.72 8.63
CA PRO C 594 30.60 -9.57 8.49
C PRO C 594 30.38 -10.62 7.43
N PHE C 595 31.48 -11.03 6.79
CA PHE C 595 31.46 -12.06 5.74
C PHE C 595 30.47 -11.70 4.64
N LEU C 596 30.44 -10.42 4.27
CA LEU C 596 29.51 -9.98 3.24
C LEU C 596 29.84 -10.60 1.89
N GLU C 597 31.13 -10.76 1.60
CA GLU C 597 31.56 -11.30 0.31
C GLU C 597 31.12 -12.74 0.08
N HIS C 598 30.70 -13.44 1.14
CA HIS C 598 30.13 -14.78 0.99
C HIS C 598 28.63 -14.77 0.79
N ASP C 599 27.96 -13.67 1.09
CA ASP C 599 26.51 -13.58 0.96
C ASP C 599 26.12 -13.29 -0.49
N ASP C 600 24.95 -13.80 -0.88
CA ASP C 600 24.38 -13.43 -2.15
C ASP C 600 23.79 -12.02 -2.07
N ALA C 601 23.68 -11.35 -3.22
CA ALA C 601 23.27 -9.96 -3.24
C ALA C 601 21.83 -9.77 -2.80
N ASN C 602 20.96 -10.75 -3.06
CA ASN C 602 19.58 -10.65 -2.59
C ASN C 602 19.51 -10.68 -1.07
N ARG C 603 20.16 -11.68 -0.46
CA ARG C 603 20.13 -11.77 1.00
C ARG C 603 20.98 -10.69 1.65
N ALA C 604 22.03 -10.22 0.99
CA ALA C 604 22.76 -9.07 1.50
C ALA C 604 21.90 -7.82 1.47
N LEU C 605 21.10 -7.65 0.41
CA LEU C 605 20.15 -6.55 0.34
C LEU C 605 19.13 -6.64 1.48
N MET C 606 18.61 -7.83 1.73
CA MET C 606 17.67 -8.02 2.84
C MET C 606 18.33 -7.72 4.17
N GLY C 607 19.55 -8.20 4.38
CA GLY C 607 20.24 -7.93 5.62
C GLY C 607 20.50 -6.46 5.84
N ALA C 608 20.89 -5.75 4.78
CA ALA C 608 21.10 -4.31 4.89
C ALA C 608 19.80 -3.57 5.17
N ASN C 609 18.69 -4.01 4.56
CA ASN C 609 17.42 -3.32 4.75
C ASN C 609 16.76 -3.62 6.09
N MET C 610 17.09 -4.75 6.71
CA MET C 610 16.54 -5.10 8.01
C MET C 610 17.53 -4.89 9.15
N GLN C 611 18.75 -4.47 8.85
CA GLN C 611 19.66 -4.03 9.90
C GLN C 611 19.26 -2.66 10.45
N ARG C 612 18.46 -1.91 9.70
CA ARG C 612 17.98 -0.60 10.10
C ARG C 612 16.64 -0.66 10.81
N GLN C 613 16.09 -1.84 11.04
CA GLN C 613 14.80 -2.00 11.69
C GLN C 613 14.89 -2.57 13.09
N ALA C 614 16.09 -2.81 13.61
CA ALA C 614 16.24 -3.32 14.96
C ALA C 614 15.76 -2.29 15.98
N VAL C 615 15.29 -2.78 17.12
CA VAL C 615 14.77 -1.90 18.16
C VAL C 615 15.79 -1.80 19.28
N PRO C 616 15.84 -0.68 20.00
CA PRO C 616 16.79 -0.55 21.12
C PRO C 616 16.35 -1.40 22.31
N LEU C 617 17.16 -2.40 22.64
CA LEU C 617 16.87 -3.25 23.76
C LEU C 617 17.27 -2.57 25.06
N VAL C 618 16.96 -3.22 26.19
CA VAL C 618 17.26 -2.65 27.48
C VAL C 618 18.72 -2.83 27.87
N ARG C 619 19.43 -3.76 27.25
CA ARG C 619 20.81 -4.05 27.60
C ARG C 619 21.80 -3.62 26.51
N SER C 620 21.52 -3.96 25.25
CA SER C 620 22.31 -3.54 24.09
C SER C 620 23.77 -3.98 24.21
N GLU C 621 23.95 -5.30 24.18
CA GLU C 621 25.29 -5.88 24.25
C GLU C 621 25.96 -5.84 22.88
N ALA C 622 27.24 -5.48 22.88
CA ALA C 622 27.99 -5.33 21.64
C ALA C 622 28.21 -6.69 20.98
N PRO C 623 28.29 -6.73 19.64
CA PRO C 623 28.51 -8.01 18.96
C PRO C 623 29.91 -8.55 19.19
N LEU C 624 30.02 -9.88 19.12
CA LEU C 624 31.32 -10.52 19.19
C LEU C 624 32.10 -10.32 17.91
N VAL C 625 31.56 -10.79 16.79
CA VAL C 625 32.17 -10.64 15.48
C VAL C 625 31.48 -9.51 14.73
N GLY C 626 32.26 -8.60 14.18
CA GLY C 626 31.72 -7.46 13.47
C GLY C 626 32.69 -6.91 12.43
N THR C 627 32.53 -5.64 12.10
CA THR C 627 33.42 -4.94 11.18
C THR C 627 34.03 -3.73 11.88
N GLY C 628 34.74 -2.91 11.11
CA GLY C 628 35.24 -1.66 11.63
C GLY C 628 34.24 -0.52 11.65
N MET C 629 33.05 -0.74 11.09
CA MET C 629 32.01 0.30 11.03
C MET C 629 31.02 0.20 12.18
N GLU C 630 31.28 -0.63 13.17
CA GLU C 630 30.43 -0.59 14.34
C GLU C 630 30.71 0.62 15.22
N LEU C 631 31.95 1.12 15.19
CA LEU C 631 32.33 2.25 16.03
C LEU C 631 32.03 3.59 15.38
N ARG C 632 32.30 3.73 14.09
CA ARG C 632 32.16 5.01 13.41
C ARG C 632 30.77 5.26 12.87
N ALA C 633 29.89 4.26 12.89
CA ALA C 633 28.49 4.49 12.56
C ALA C 633 27.67 4.92 13.77
N ALA C 634 28.28 4.99 14.94
CA ALA C 634 27.61 5.43 16.16
C ALA C 634 28.06 6.81 16.61
N ILE C 635 29.37 7.09 16.54
CA ILE C 635 29.86 8.41 16.92
C ILE C 635 29.42 9.46 15.91
N ASP C 636 29.11 9.05 14.69
CA ASP C 636 28.66 9.97 13.65
C ASP C 636 27.14 10.07 13.56
N ALA C 637 26.43 9.03 14.01
CA ALA C 637 24.97 9.05 13.94
C ALA C 637 24.37 10.13 14.83
N GLY C 638 25.11 10.55 15.86
CA GLY C 638 24.71 11.64 16.72
C GLY C 638 24.14 11.22 18.05
N ASP C 639 23.65 9.99 18.18
CA ASP C 639 23.03 9.51 19.40
C ASP C 639 24.03 8.99 20.41
N VAL C 640 25.31 9.36 20.28
CA VAL C 640 26.31 9.02 21.28
C VAL C 640 26.98 10.32 21.71
N VAL C 641 26.89 10.64 23.01
CA VAL C 641 27.46 11.88 23.50
C VAL C 641 28.98 11.79 23.46
N VAL C 642 29.61 12.79 22.85
CA VAL C 642 31.04 12.80 22.60
C VAL C 642 31.67 13.93 23.39
N ALA C 643 32.75 13.63 24.11
CA ALA C 643 33.51 14.65 24.83
C ALA C 643 34.07 15.66 23.84
N GLU C 644 33.58 16.91 23.90
CA GLU C 644 33.98 17.92 22.92
C GLU C 644 35.46 18.26 23.04
N GLU C 645 35.93 18.49 24.26
CA GLU C 645 37.32 18.81 24.51
C GLU C 645 37.81 18.00 25.69
N SER C 646 39.11 17.68 25.68
CA SER C 646 39.68 16.78 26.67
C SER C 646 39.60 17.38 28.07
N GLY C 647 39.67 16.51 29.06
CA GLY C 647 39.62 16.93 30.44
C GLY C 647 39.37 15.74 31.35
N VAL C 648 39.18 16.05 32.62
CA VAL C 648 38.88 15.03 33.63
C VAL C 648 37.41 15.14 34.01
N ILE C 649 36.82 14.00 34.37
CA ILE C 649 35.43 13.96 34.79
C ILE C 649 35.32 14.56 36.17
N GLU C 650 34.51 15.62 36.31
CA GLU C 650 34.22 16.14 37.64
C GLU C 650 33.18 15.26 38.33
N GLU C 651 32.06 14.99 37.67
CA GLU C 651 30.96 14.31 38.34
C GLU C 651 30.03 13.66 37.32
N VAL C 652 29.46 12.52 37.70
CA VAL C 652 28.56 11.74 36.85
C VAL C 652 27.27 11.47 37.60
N SER C 653 26.23 11.14 36.84
CA SER C 653 24.93 10.74 37.37
C SER C 653 24.21 9.98 36.28
N ALA C 654 22.92 9.72 36.48
CA ALA C 654 22.08 9.18 35.43
C ALA C 654 21.43 10.26 34.58
N ASP C 655 21.68 11.52 34.90
CA ASP C 655 21.03 12.64 34.23
C ASP C 655 22.00 13.58 33.53
N TYR C 656 23.22 13.75 34.04
CA TYR C 656 24.16 14.69 33.46
C TYR C 656 25.58 14.27 33.79
N ILE C 657 26.52 14.79 33.00
CA ILE C 657 27.94 14.58 33.22
C ILE C 657 28.61 15.95 33.22
N THR C 658 29.25 16.31 34.33
CA THR C 658 30.00 17.55 34.41
C THR C 658 31.48 17.21 34.23
N VAL C 659 32.07 17.70 33.14
CA VAL C 659 33.46 17.49 32.78
C VAL C 659 34.24 18.76 33.12
N MET C 660 35.48 18.57 33.55
CA MET C 660 36.39 19.65 33.90
C MET C 660 37.45 19.75 32.80
N HIS C 661 37.37 20.80 31.99
CA HIS C 661 38.36 21.01 30.95
C HIS C 661 39.70 21.38 31.56
N ASP C 662 40.76 21.22 30.76
CA ASP C 662 42.12 21.48 31.24
C ASP C 662 42.34 22.95 31.60
N ASN C 663 41.57 23.86 31.03
CA ASN C 663 41.73 25.30 31.27
C ASN C 663 40.45 25.85 31.90
N GLY C 664 40.33 25.69 33.22
CA GLY C 664 39.32 26.40 33.97
C GLY C 664 37.88 25.95 33.75
N THR C 665 37.44 25.98 32.49
CA THR C 665 36.03 25.82 32.17
C THR C 665 35.52 24.42 32.50
N ARG C 666 34.24 24.34 32.83
CA ARG C 666 33.55 23.09 33.06
C ARG C 666 32.31 23.05 32.18
N ARG C 667 31.91 21.86 31.77
CA ARG C 667 30.75 21.74 30.90
C ARG C 667 29.86 20.58 31.34
N THR C 668 28.55 20.80 31.31
CA THR C 668 27.57 19.81 31.71
C THR C 668 26.86 19.27 30.47
N TYR C 669 27.10 17.99 30.17
CA TYR C 669 26.39 17.28 29.12
C TYR C 669 25.11 16.70 29.71
N ARG C 670 23.97 17.15 29.23
CA ARG C 670 22.68 16.63 29.66
C ARG C 670 22.34 15.38 28.86
N MET C 671 21.74 14.40 29.53
CA MET C 671 21.32 13.18 28.86
C MET C 671 19.89 13.33 28.34
N ARG C 672 19.41 12.27 27.68
CA ARG C 672 18.05 12.21 27.14
C ARG C 672 17.48 10.87 27.61
N LYS C 673 16.88 10.86 28.79
CA LYS C 673 16.42 9.64 29.42
C LYS C 673 14.98 9.35 29.03
N PHE C 674 14.76 8.19 28.41
CA PHE C 674 13.43 7.68 28.07
C PHE C 674 12.65 8.63 27.17
N ALA C 675 13.36 9.32 26.28
CA ALA C 675 12.69 10.17 25.30
C ALA C 675 12.11 9.31 24.19
N ARG C 676 10.87 9.60 23.82
CA ARG C 676 10.22 8.85 22.75
C ARG C 676 10.87 9.16 21.41
N SER C 677 11.13 8.12 20.63
CA SER C 677 11.63 8.28 19.27
C SER C 677 10.48 8.64 18.34
N ASN C 678 10.73 8.64 17.04
CA ASN C 678 9.69 8.92 16.06
C ASN C 678 8.88 7.69 15.70
N HIS C 679 9.25 6.51 16.22
CA HIS C 679 8.53 5.28 15.93
C HIS C 679 8.23 4.50 17.21
N GLY C 680 8.16 5.20 18.34
CA GLY C 680 7.71 4.60 19.58
C GLY C 680 8.75 3.87 20.39
N THR C 681 10.01 3.88 19.98
CA THR C 681 11.06 3.17 20.70
C THR C 681 11.75 4.10 21.70
N CYS C 682 12.43 3.48 22.66
CA CYS C 682 13.15 4.23 23.68
C CYS C 682 14.43 4.82 23.10
N ALA C 683 14.91 5.89 23.75
CA ALA C 683 16.12 6.58 23.33
C ALA C 683 16.98 6.92 24.53
N ASN C 684 17.18 5.93 25.41
CA ASN C 684 17.95 6.13 26.62
C ASN C 684 19.42 6.41 26.32
N GLN C 685 20.05 7.19 27.18
CA GLN C 685 21.47 7.52 27.08
C GLN C 685 22.07 7.44 28.47
N CYS C 686 22.79 6.35 28.76
CA CYS C 686 23.41 6.24 30.07
C CYS C 686 24.93 6.38 29.95
N PRO C 687 25.57 7.01 30.94
CA PRO C 687 27.02 7.24 30.84
C PRO C 687 27.82 5.96 31.03
N ILE C 688 29.06 5.99 30.54
CA ILE C 688 29.96 4.85 30.63
C ILE C 688 31.28 5.29 31.26
N VAL C 689 31.29 6.47 31.86
CA VAL C 689 32.50 7.02 32.48
C VAL C 689 32.30 7.11 33.98
N ASP C 690 33.41 7.11 34.70
CA ASP C 690 33.40 7.18 36.16
C ASP C 690 33.90 8.54 36.63
N ALA C 691 33.82 8.74 37.95
CA ALA C 691 34.05 10.06 38.52
C ALA C 691 35.51 10.50 38.47
N GLY C 692 36.45 9.58 38.25
CA GLY C 692 37.85 9.93 38.24
C GLY C 692 38.52 9.81 36.89
N ASP C 693 37.77 9.34 35.89
CA ASP C 693 38.34 9.06 34.58
C ASP C 693 38.71 10.35 33.85
N ARG C 694 39.76 10.26 33.05
CA ARG C 694 40.19 11.34 32.17
C ARG C 694 39.77 11.04 30.74
N VAL C 695 39.12 12.00 30.10
CA VAL C 695 38.61 11.83 28.75
C VAL C 695 39.38 12.73 27.79
N GLU C 696 39.44 12.31 26.54
CA GLU C 696 40.06 13.07 25.47
C GLU C 696 38.99 13.57 24.51
N ALA C 697 39.35 14.55 23.70
CA ALA C 697 38.42 15.08 22.72
C ALA C 697 38.10 14.02 21.68
N GLY C 698 36.83 13.91 21.33
CA GLY C 698 36.38 12.90 20.40
C GLY C 698 36.10 11.54 21.00
N GLN C 699 36.13 11.41 22.32
CA GLN C 699 35.90 10.12 22.98
C GLN C 699 34.42 9.96 23.31
N VAL C 700 33.93 8.74 23.14
CA VAL C 700 32.58 8.39 23.58
C VAL C 700 32.50 8.53 25.08
N ILE C 701 31.52 9.31 25.56
CA ILE C 701 31.34 9.55 26.98
C ILE C 701 30.01 9.01 27.51
N ALA C 702 29.08 8.67 26.63
CA ALA C 702 27.80 8.11 27.08
C ALA C 702 27.20 7.34 25.91
N ASP C 703 26.85 6.07 26.14
CA ASP C 703 26.26 5.26 25.08
C ASP C 703 24.86 5.78 24.74
N GLY C 704 24.32 5.27 23.63
CA GLY C 704 23.05 5.72 23.15
C GLY C 704 21.98 4.65 23.21
N PRO C 705 21.01 4.74 22.30
CA PRO C 705 19.94 3.71 22.28
C PRO C 705 20.47 2.32 21.97
N CYS C 706 21.33 2.19 20.96
CA CYS C 706 21.85 0.91 20.50
C CYS C 706 23.38 0.94 20.47
N THR C 707 23.99 1.43 21.54
CA THR C 707 25.43 1.56 21.63
C THR C 707 25.93 0.88 22.89
N ASP C 708 27.15 0.34 22.80
CA ASP C 708 27.76 -0.38 23.92
C ASP C 708 29.23 -0.04 23.96
N ASP C 709 29.63 0.78 24.92
CA ASP C 709 31.02 1.21 25.11
C ASP C 709 31.58 1.87 23.85
N GLY C 710 30.71 2.58 23.14
CA GLY C 710 31.16 3.34 21.99
C GLY C 710 30.66 2.85 20.65
N GLU C 711 30.54 1.54 20.47
CA GLU C 711 30.20 0.98 19.16
C GLU C 711 28.77 0.49 19.14
N MET C 712 28.26 0.32 17.92
CA MET C 712 26.87 -0.04 17.69
C MET C 712 26.55 -1.44 18.21
N ALA C 713 25.33 -1.60 18.74
CA ALA C 713 24.85 -2.90 19.20
C ALA C 713 23.34 -2.93 18.99
N LEU C 714 22.94 -3.49 17.85
CA LEU C 714 21.53 -3.59 17.49
C LEU C 714 20.88 -4.89 17.95
N GLY C 715 21.67 -5.82 18.47
CA GLY C 715 21.12 -7.11 18.85
C GLY C 715 21.98 -7.79 19.89
N LYS C 716 21.72 -9.07 20.10
CA LYS C 716 22.37 -9.84 21.15
C LYS C 716 23.06 -11.06 20.57
N ASN C 717 24.08 -11.54 21.29
CA ASN C 717 24.81 -12.74 20.91
C ASN C 717 24.12 -13.94 21.53
N LEU C 718 23.59 -14.82 20.70
CA LEU C 718 22.79 -15.96 21.14
C LEU C 718 23.44 -17.25 20.68
N LEU C 719 23.35 -18.28 21.52
CA LEU C 719 23.85 -19.61 21.17
C LEU C 719 22.90 -20.25 20.18
N VAL C 720 23.41 -20.62 19.01
CA VAL C 720 22.61 -20.99 17.86
C VAL C 720 23.00 -22.39 17.41
N ALA C 721 21.99 -23.23 17.15
CA ALA C 721 22.15 -24.52 16.50
C ALA C 721 21.38 -24.49 15.18
N ILE C 722 21.83 -25.30 14.23
CA ILE C 722 21.33 -25.24 12.86
C ILE C 722 20.58 -26.52 12.53
N MET C 723 19.91 -27.07 13.49
CA MET C 723 19.21 -28.30 13.16
C MET C 723 17.73 -28.04 12.96
N PRO C 724 17.04 -28.87 12.17
CA PRO C 724 15.56 -28.80 12.11
C PRO C 724 14.96 -29.58 13.27
N TRP C 725 14.30 -28.87 14.19
CA TRP C 725 13.87 -29.45 15.45
C TRP C 725 12.34 -29.51 15.48
N GLU C 726 11.80 -30.72 15.35
CA GLU C 726 10.39 -31.04 15.61
C GLU C 726 9.41 -30.21 14.79
N GLY C 727 9.85 -29.62 13.68
CA GLY C 727 8.95 -28.89 12.81
C GLY C 727 8.53 -27.53 13.31
N HIS C 728 9.00 -27.11 14.49
CA HIS C 728 8.71 -25.76 14.95
C HIS C 728 9.57 -24.72 14.24
N ASN C 729 10.77 -25.08 13.82
CA ASN C 729 11.59 -24.23 12.97
C ASN C 729 11.44 -24.63 11.50
N TYR C 730 10.20 -24.60 11.03
CA TYR C 730 9.86 -25.04 9.68
C TYR C 730 9.60 -23.82 8.81
N GLU C 731 10.33 -23.73 7.69
CA GLU C 731 10.15 -22.68 6.69
C GLU C 731 10.34 -21.29 7.32
N ASP C 732 11.59 -21.05 7.73
CA ASP C 732 12.13 -19.79 8.25
C ASP C 732 11.68 -19.49 9.68
N ALA C 733 10.85 -20.32 10.30
CA ALA C 733 10.47 -20.08 11.68
C ALA C 733 11.67 -20.33 12.60
N ILE C 734 11.68 -19.62 13.71
CA ILE C 734 12.79 -19.66 14.67
C ILE C 734 12.21 -19.95 16.05
N ILE C 735 12.78 -20.91 16.75
CA ILE C 735 12.40 -21.14 18.15
C ILE C 735 13.46 -20.52 19.04
N LEU C 736 13.03 -20.09 20.22
CA LEU C 736 13.93 -19.46 21.18
C LEU C 736 13.85 -20.22 22.48
N SER C 737 14.83 -19.97 23.34
CA SER C 737 14.68 -20.45 24.68
C SER C 737 13.80 -19.51 25.47
N ASN C 738 13.15 -20.05 26.50
CA ASN C 738 12.54 -19.19 27.49
C ASN C 738 13.60 -18.34 28.20
N ARG C 739 14.89 -18.73 28.09
CA ARG C 739 15.99 -18.01 28.71
C ARG C 739 16.00 -16.55 28.29
N LEU C 740 15.62 -16.28 27.03
CA LEU C 740 15.58 -14.90 26.55
C LEU C 740 14.41 -14.14 27.15
N VAL C 741 13.38 -14.84 27.60
CA VAL C 741 12.28 -14.19 28.29
C VAL C 741 12.62 -13.99 29.77
N GLU C 742 13.28 -14.97 30.38
CA GLU C 742 13.56 -14.88 31.82
C GLU C 742 14.53 -13.74 32.13
N GLU C 743 15.64 -13.67 31.43
CA GLU C 743 16.68 -12.68 31.66
C GLU C 743 16.61 -11.46 30.75
N ASP C 744 15.48 -11.23 30.09
CA ASP C 744 15.20 -9.98 29.39
C ASP C 744 16.30 -9.68 28.37
N VAL C 745 16.73 -10.73 27.66
CA VAL C 745 17.76 -10.56 26.64
C VAL C 745 17.22 -9.71 25.50
N LEU C 746 16.13 -10.17 24.87
CA LEU C 746 15.43 -9.42 23.84
C LEU C 746 14.18 -8.84 24.48
N THR C 747 14.24 -7.56 24.85
CA THR C 747 13.14 -6.90 25.54
C THR C 747 13.26 -5.41 25.29
N SER C 748 12.28 -4.85 24.58
CA SER C 748 12.31 -3.44 24.22
C SER C 748 11.34 -2.64 25.09
N ILE C 749 11.63 -1.36 25.24
CA ILE C 749 10.77 -0.44 25.99
C ILE C 749 10.11 0.47 24.96
N HIS C 750 8.83 0.24 24.70
CA HIS C 750 8.12 1.02 23.70
C HIS C 750 7.30 2.12 24.36
N ILE C 751 7.48 3.35 23.87
CA ILE C 751 6.86 4.53 24.45
C ILE C 751 5.89 5.09 23.41
N GLU C 752 4.62 5.16 23.76
CA GLU C 752 3.57 5.63 22.87
C GLU C 752 3.05 6.96 23.39
N GLU C 753 2.69 7.85 22.46
CA GLU C 753 2.28 9.21 22.78
C GLU C 753 0.81 9.39 22.41
N HIS C 754 0.00 9.76 23.39
CA HIS C 754 -1.40 10.05 23.18
C HIS C 754 -1.64 11.53 23.43
N GLU C 755 -2.57 12.12 22.69
CA GLU C 755 -2.78 13.56 22.76
C GLU C 755 -4.27 13.85 22.74
N ILE C 756 -4.66 14.93 23.42
CA ILE C 756 -6.04 15.39 23.37
C ILE C 756 -6.06 16.89 23.68
N ASP C 757 -6.90 17.61 22.95
CA ASP C 757 -7.00 19.07 23.07
C ASP C 757 -8.41 19.46 23.47
N ALA C 758 -8.51 20.42 24.38
CA ALA C 758 -9.78 21.03 24.77
C ALA C 758 -9.93 22.31 23.96
N ARG C 759 -10.66 22.23 22.86
CA ARG C 759 -10.79 23.34 21.92
C ARG C 759 -11.99 24.20 22.29
N ASP C 760 -12.44 25.02 21.35
CA ASP C 760 -13.73 25.70 21.48
C ASP C 760 -14.77 25.05 20.57
N THR C 761 -16.04 25.37 20.84
CA THR C 761 -17.13 24.79 20.07
C THR C 761 -18.28 25.78 20.02
N LYS C 762 -19.26 25.48 19.16
CA LYS C 762 -20.40 26.36 18.97
C LYS C 762 -21.26 26.45 20.23
N LEU C 763 -21.53 25.31 20.86
CA LEU C 763 -22.39 25.29 22.04
C LEU C 763 -21.72 25.87 23.28
N GLY C 764 -20.40 26.02 23.27
CA GLY C 764 -19.69 26.55 24.42
C GLY C 764 -18.22 26.22 24.42
N ALA C 765 -17.72 25.69 25.52
CA ALA C 765 -16.34 25.24 25.64
C ALA C 765 -16.30 23.98 26.48
N GLU C 766 -15.48 23.02 26.06
CA GLU C 766 -15.29 21.82 26.86
C GLU C 766 -14.26 22.06 27.96
N GLU C 767 -14.21 21.11 28.89
CA GLU C 767 -13.37 21.26 30.07
C GLU C 767 -12.74 19.91 30.41
N ILE C 768 -11.47 19.92 30.78
CA ILE C 768 -10.77 18.72 31.25
C ILE C 768 -11.00 18.65 32.75
N THR C 769 -11.93 17.79 33.17
CA THR C 769 -12.37 17.77 34.56
C THR C 769 -12.62 16.33 34.98
N ARG C 770 -12.92 16.16 36.27
CA ARG C 770 -13.34 14.87 36.81
C ARG C 770 -14.85 14.68 36.80
N ASP C 771 -15.62 15.73 36.50
CA ASP C 771 -17.07 15.61 36.47
C ASP C 771 -17.46 15.02 35.12
N ILE C 772 -17.39 13.70 35.05
CA ILE C 772 -17.74 12.96 33.84
C ILE C 772 -19.15 12.42 34.01
N PRO C 773 -19.90 12.22 32.91
CA PRO C 773 -21.19 11.52 33.00
C PRO C 773 -21.00 10.04 33.34
N ASN C 774 -22.08 9.26 33.21
CA ASN C 774 -22.23 7.99 33.93
C ASN C 774 -21.06 7.04 33.75
N ILE C 775 -20.27 6.90 34.82
CA ILE C 775 -19.25 5.88 35.00
C ILE C 775 -19.05 5.73 36.50
N SER C 776 -18.83 4.50 36.97
CA SER C 776 -18.63 4.27 38.38
C SER C 776 -17.37 4.96 38.86
N ASP C 777 -17.36 5.36 40.13
CA ASP C 777 -16.17 5.98 40.72
C ASP C 777 -15.01 5.00 40.87
N GLU C 778 -15.22 3.73 40.54
CA GLU C 778 -14.13 2.76 40.51
C GLU C 778 -13.07 3.15 39.48
N VAL C 779 -13.51 3.59 38.29
CA VAL C 779 -12.57 3.93 37.23
C VAL C 779 -12.06 5.36 37.33
N LEU C 780 -12.50 6.12 38.32
CA LEU C 780 -11.96 7.46 38.56
C LEU C 780 -10.86 7.46 39.62
N ALA C 781 -10.43 6.28 40.06
CA ALA C 781 -9.39 6.21 41.09
C ALA C 781 -8.05 6.69 40.55
N ASP C 782 -7.72 6.33 39.31
CA ASP C 782 -6.40 6.66 38.76
C ASP C 782 -6.28 8.13 38.40
N LEU C 783 -7.37 8.79 38.05
CA LEU C 783 -7.33 10.18 37.64
C LEU C 783 -6.96 11.07 38.83
N ASP C 784 -6.17 12.12 38.57
CA ASP C 784 -5.89 13.08 39.64
C ASP C 784 -7.06 14.05 39.75
N GLU C 785 -6.87 15.08 40.60
CA GLU C 785 -7.98 15.95 40.98
C GLU C 785 -8.53 16.79 39.83
N ARG C 786 -7.78 16.93 38.74
CA ARG C 786 -8.17 17.82 37.65
C ARG C 786 -8.00 17.14 36.29
N GLY C 787 -8.52 15.92 36.16
CA GLY C 787 -8.51 15.26 34.87
C GLY C 787 -7.54 14.11 34.73
N ILE C 788 -6.41 14.39 34.09
CA ILE C 788 -5.44 13.42 33.60
C ILE C 788 -4.94 12.46 34.68
N VAL C 789 -4.42 11.31 34.28
CA VAL C 789 -4.05 10.23 35.21
C VAL C 789 -2.87 10.63 36.07
N ARG C 790 -2.65 9.87 37.15
CA ARG C 790 -1.47 10.04 37.97
C ARG C 790 -0.30 9.28 37.34
N ILE C 791 0.89 9.85 37.49
CA ILE C 791 2.09 9.28 36.87
C ILE C 791 2.41 7.94 37.51
N GLY C 792 2.56 6.91 36.69
CA GLY C 792 2.89 5.58 37.15
C GLY C 792 1.71 4.63 37.27
N ALA C 793 0.48 5.13 37.14
CA ALA C 793 -0.69 4.27 37.23
C ALA C 793 -0.80 3.42 35.98
N GLU C 794 -0.71 2.10 36.15
CA GLU C 794 -0.80 1.20 35.00
C GLU C 794 -2.20 1.22 34.42
N VAL C 795 -2.28 1.20 33.09
CA VAL C 795 -3.56 1.27 32.39
C VAL C 795 -3.70 0.03 31.51
N ARG C 796 -4.95 -0.34 31.27
CA ARG C 796 -5.31 -1.42 30.36
C ARG C 796 -6.09 -0.82 29.19
N ASP C 797 -6.49 -1.67 28.26
CA ASP C 797 -7.23 -1.22 27.10
C ASP C 797 -8.61 -0.70 27.50
N GLY C 798 -8.94 0.51 27.04
CA GLY C 798 -10.23 1.11 27.33
C GLY C 798 -10.31 1.92 28.60
N ASP C 799 -9.20 2.10 29.32
CA ASP C 799 -9.22 2.90 30.53
C ASP C 799 -9.27 4.39 30.20
N ILE C 800 -9.57 5.19 31.21
CA ILE C 800 -9.70 6.64 31.05
C ILE C 800 -8.35 7.29 31.30
N LEU C 801 -7.88 8.08 30.33
CA LEU C 801 -6.63 8.81 30.47
C LEU C 801 -6.84 10.28 30.79
N VAL C 802 -7.71 10.96 30.04
CA VAL C 802 -7.95 12.38 30.22
C VAL C 802 -9.46 12.57 30.34
N GLY C 803 -9.93 12.88 31.55
CA GLY C 803 -11.33 13.18 31.73
C GLY C 803 -11.69 14.48 31.04
N LYS C 804 -12.42 14.41 29.94
CA LYS C 804 -12.77 15.57 29.14
C LYS C 804 -14.20 15.43 28.67
N VAL C 805 -15.02 16.44 28.97
CA VAL C 805 -16.46 16.38 28.71
C VAL C 805 -16.86 17.61 27.92
N THR C 806 -17.80 17.43 26.98
CA THR C 806 -18.25 18.47 26.08
C THR C 806 -19.74 18.72 26.25
N PRO C 807 -20.21 19.94 25.99
CA PRO C 807 -21.65 20.19 25.97
C PRO C 807 -22.32 19.53 24.78
N LYS C 808 -23.60 19.22 24.94
CA LYS C 808 -24.39 18.55 23.91
C LYS C 808 -25.60 19.36 23.46
N GLY C 809 -26.22 20.12 24.36
CA GLY C 809 -27.38 20.91 24.00
C GLY C 809 -28.67 20.38 24.58
N GLU C 810 -29.71 20.28 23.75
CA GLU C 810 -30.99 19.73 24.18
C GLU C 810 -31.51 18.80 23.09
N THR C 811 -31.58 17.51 23.40
CA THR C 811 -32.20 16.52 22.53
C THR C 811 -33.29 15.82 23.32
N GLU C 812 -34.48 15.73 22.72
CA GLU C 812 -35.59 15.06 23.38
C GLU C 812 -35.28 13.58 23.58
N LEU C 813 -35.48 13.09 24.80
CA LEU C 813 -35.11 11.74 25.13
C LEU C 813 -36.17 10.75 24.64
N THR C 814 -35.76 9.50 24.49
CA THR C 814 -36.72 8.43 24.28
C THR C 814 -37.53 8.27 25.57
N PRO C 815 -38.82 7.94 25.47
CA PRO C 815 -39.66 7.89 26.69
C PRO C 815 -39.13 6.96 27.77
N GLU C 816 -38.52 5.85 27.35
CA GLU C 816 -38.06 4.84 28.30
C GLU C 816 -36.78 5.30 28.99
N GLU C 817 -35.96 6.08 28.28
CA GLU C 817 -34.85 6.76 28.93
C GLU C 817 -35.34 7.73 29.99
N ARG C 818 -36.42 8.47 29.70
CA ARG C 818 -36.97 9.37 30.69
C ARG C 818 -37.46 8.61 31.91
N LEU C 819 -38.20 7.52 31.68
CA LEU C 819 -38.71 6.72 32.78
C LEU C 819 -37.57 6.12 33.60
N LEU C 820 -36.55 5.58 32.93
CA LEU C 820 -35.45 4.94 33.63
C LEU C 820 -34.63 5.96 34.41
N ARG C 821 -34.47 7.17 33.86
CA ARG C 821 -33.80 8.24 34.59
C ARG C 821 -34.58 8.64 35.84
N ALA C 822 -35.89 8.81 35.71
CA ALA C 822 -36.68 9.22 36.86
C ALA C 822 -36.78 8.11 37.90
N ILE C 823 -36.70 6.85 37.47
CA ILE C 823 -36.77 5.71 38.40
C ILE C 823 -35.61 5.77 39.38
N PHE C 824 -34.42 6.13 38.92
CA PHE C 824 -33.27 6.30 39.78
C PHE C 824 -33.03 7.76 40.17
N GLY C 825 -33.83 8.68 39.65
CA GLY C 825 -33.73 10.08 40.00
C GLY C 825 -32.58 10.83 39.35
N GLU C 826 -31.85 10.20 38.45
CA GLU C 826 -30.67 10.84 37.87
C GLU C 826 -31.09 11.88 36.83
N LYS C 827 -30.33 12.98 36.77
CA LYS C 827 -30.70 14.13 35.95
C LYS C 827 -30.31 13.88 34.49
N ALA C 828 -30.64 14.84 33.62
CA ALA C 828 -30.36 14.72 32.19
C ALA C 828 -28.86 14.70 31.92
N ARG C 829 -28.09 15.52 32.65
CA ARG C 829 -26.65 15.65 32.45
C ARG C 829 -26.33 16.08 31.02
N GLU C 830 -26.70 17.34 30.73
CA GLU C 830 -26.70 17.87 29.38
C GLU C 830 -25.36 17.77 28.68
N VAL C 831 -24.26 17.70 29.43
CA VAL C 831 -22.94 17.58 28.82
C VAL C 831 -22.71 16.15 28.35
N ARG C 832 -21.86 15.99 27.35
CA ARG C 832 -21.57 14.70 26.74
C ARG C 832 -20.07 14.43 26.84
N ASP C 833 -19.72 13.21 27.24
CA ASP C 833 -18.33 12.86 27.52
C ASP C 833 -17.69 12.39 26.22
N THR C 834 -16.56 12.98 25.86
CA THR C 834 -15.63 12.41 24.89
C THR C 834 -14.25 12.42 25.55
N SER C 835 -13.99 11.43 26.38
CA SER C 835 -12.71 11.37 27.10
C SER C 835 -11.66 10.67 26.25
N LEU C 836 -10.40 10.92 26.59
CA LEU C 836 -9.29 10.26 25.93
C LEU C 836 -9.16 8.86 26.51
N LYS C 837 -9.78 7.89 25.85
CA LYS C 837 -9.62 6.50 26.23
C LYS C 837 -8.44 5.90 25.48
N VAL C 838 -7.58 5.22 26.21
CA VAL C 838 -6.44 4.55 25.58
C VAL C 838 -6.95 3.45 24.63
N PRO C 839 -6.46 3.38 23.40
CA PRO C 839 -7.06 2.48 22.41
C PRO C 839 -6.85 1.01 22.76
N HIS C 840 -7.60 0.17 22.05
CA HIS C 840 -7.65 -1.25 22.34
C HIS C 840 -6.31 -1.94 22.07
N GLY C 841 -6.08 -3.04 22.77
CA GLY C 841 -4.85 -3.79 22.62
C GLY C 841 -3.61 -3.07 23.08
N GLU C 842 -3.68 -2.34 24.19
CA GLU C 842 -2.56 -1.58 24.68
C GLU C 842 -2.59 -1.58 26.20
N SER C 843 -1.42 -1.68 26.80
CA SER C 843 -1.27 -1.57 28.25
C SER C 843 0.13 -1.03 28.53
N GLY C 844 0.36 -0.64 29.78
CA GLY C 844 1.67 -0.19 30.22
C GLY C 844 1.58 1.00 31.16
N LYS C 845 2.73 1.31 31.75
CA LYS C 845 2.85 2.41 32.70
C LYS C 845 2.69 3.75 31.99
N VAL C 846 2.69 4.81 32.78
CA VAL C 846 2.60 6.18 32.27
C VAL C 846 3.84 6.92 32.76
N ILE C 847 4.76 7.22 31.84
CA ILE C 847 6.01 7.87 32.23
C ILE C 847 5.77 9.32 32.59
N GLY C 848 5.36 10.10 31.62
CA GLY C 848 5.32 11.54 31.77
C GLY C 848 4.08 12.13 31.14
N ILE C 849 3.61 13.21 31.74
CA ILE C 849 2.43 13.94 31.29
C ILE C 849 2.88 15.36 30.98
N ARG C 850 2.65 15.79 29.74
CA ARG C 850 3.03 17.13 29.30
C ARG C 850 1.76 17.90 28.94
N VAL C 851 1.46 18.91 29.74
CA VAL C 851 0.19 19.64 29.63
C VAL C 851 0.49 21.08 29.27
N PHE C 852 -0.13 21.56 28.19
CA PHE C 852 -0.12 22.97 27.82
C PHE C 852 -1.38 23.61 28.36
N SER C 853 -1.48 24.93 28.19
CA SER C 853 -2.67 25.66 28.61
C SER C 853 -2.65 27.03 27.96
N ARG C 854 -3.85 27.58 27.76
CA ARG C 854 -3.97 28.97 27.36
C ARG C 854 -3.69 29.92 28.53
N GLU C 855 -3.87 29.44 29.76
CA GLU C 855 -3.66 30.27 30.94
C GLU C 855 -2.19 30.57 31.21
N ASP C 856 -1.29 29.70 30.76
CA ASP C 856 0.15 29.97 30.84
C ASP C 856 0.67 30.72 29.62
N GLU C 857 -0.22 31.10 28.70
CA GLU C 857 0.13 31.83 27.48
C GLU C 857 1.14 31.04 26.63
N ASP C 858 0.80 29.78 26.36
CA ASP C 858 1.58 28.96 25.46
C ASP C 858 1.04 29.06 24.04
N GLU C 859 1.90 28.75 23.08
CA GLU C 859 1.51 28.84 21.66
C GLU C 859 0.57 27.69 21.32
N LEU C 860 -0.72 27.99 21.22
CA LEU C 860 -1.73 27.03 20.82
C LEU C 860 -2.45 27.53 19.57
N PRO C 861 -2.93 26.62 18.72
CA PRO C 861 -3.68 27.05 17.54
C PRO C 861 -4.99 27.73 17.91
N ALA C 862 -5.63 28.31 16.91
CA ALA C 862 -6.84 29.10 17.14
C ALA C 862 -7.97 28.22 17.66
N GLY C 863 -8.67 28.72 18.67
CA GLY C 863 -9.81 28.00 19.22
C GLY C 863 -9.47 26.78 20.03
N VAL C 864 -8.27 26.73 20.62
CA VAL C 864 -7.86 25.64 21.49
C VAL C 864 -7.54 26.21 22.86
N ASN C 865 -8.14 25.64 23.90
CA ASN C 865 -7.97 26.13 25.26
C ASN C 865 -6.91 25.38 26.05
N GLU C 866 -6.91 24.04 25.99
CA GLU C 866 -5.98 23.25 26.77
C GLU C 866 -5.60 21.99 26.02
N LEU C 867 -4.30 21.76 25.85
CA LEU C 867 -3.74 20.59 25.21
C LEU C 867 -3.04 19.74 26.26
N VAL C 868 -3.07 18.43 26.09
CA VAL C 868 -2.35 17.55 27.01
C VAL C 868 -1.96 16.26 26.31
N ARG C 869 -0.72 15.84 26.52
CA ARG C 869 -0.16 14.62 25.97
C ARG C 869 0.28 13.70 27.10
N VAL C 870 -0.04 12.43 26.95
CA VAL C 870 0.29 11.40 27.94
C VAL C 870 1.16 10.35 27.27
N TYR C 871 2.28 10.03 27.90
CA TYR C 871 3.24 9.07 27.37
C TYR C 871 3.07 7.75 28.12
N VAL C 872 2.61 6.73 27.41
CA VAL C 872 2.34 5.41 27.99
C VAL C 872 3.38 4.45 27.44
N ALA C 873 4.15 3.82 28.32
CA ALA C 873 5.21 2.92 27.91
C ALA C 873 4.95 1.51 28.42
N GLN C 874 5.36 0.54 27.61
CA GLN C 874 5.27 -0.85 27.99
C GLN C 874 6.57 -1.57 27.67
N LYS C 875 6.89 -2.55 28.49
CA LYS C 875 8.10 -3.36 28.34
C LYS C 875 7.75 -4.58 27.50
N ARG C 876 7.83 -4.41 26.18
CA ARG C 876 7.50 -5.48 25.27
C ARG C 876 8.61 -6.53 25.28
N LYS C 877 8.31 -7.70 25.82
CA LYS C 877 9.23 -8.81 25.83
C LYS C 877 9.24 -9.50 24.48
N ILE C 878 10.00 -10.57 24.37
CA ILE C 878 9.93 -11.42 23.19
C ILE C 878 8.77 -12.39 23.37
N SER C 879 8.17 -12.80 22.25
CA SER C 879 7.01 -13.66 22.27
C SER C 879 6.98 -14.47 20.99
N ASP C 880 6.03 -15.39 20.89
CA ASP C 880 5.87 -16.13 19.65
C ASP C 880 5.15 -15.25 18.62
N GLY C 881 5.85 -14.93 17.55
CA GLY C 881 5.32 -14.11 16.48
C GLY C 881 6.16 -12.91 16.13
N ASP C 882 6.94 -12.38 17.07
CA ASP C 882 7.83 -11.27 16.75
C ASP C 882 8.89 -11.72 15.74
N LYS C 883 9.36 -10.76 14.94
CA LYS C 883 10.26 -11.04 13.84
C LYS C 883 11.70 -10.91 14.30
N LEU C 884 12.48 -11.96 14.09
CA LEU C 884 13.89 -11.98 14.43
C LEU C 884 14.73 -12.18 13.17
N ALA C 885 15.98 -11.72 13.24
CA ALA C 885 16.83 -11.70 12.07
C ALA C 885 18.28 -11.51 12.49
N GLY C 886 19.19 -12.12 11.74
CA GLY C 886 20.60 -11.85 11.87
C GLY C 886 21.04 -10.78 10.89
N ARG C 887 22.31 -10.85 10.51
CA ARG C 887 22.91 -9.82 9.67
C ARG C 887 23.04 -10.25 8.21
N HIS C 888 22.48 -11.40 7.82
CA HIS C 888 22.70 -11.93 6.48
C HIS C 888 21.39 -12.28 5.78
N GLY C 889 20.32 -11.56 6.09
CA GLY C 889 19.07 -11.72 5.39
C GLY C 889 18.18 -12.83 5.90
N ASN C 890 18.64 -13.63 6.85
CA ASN C 890 17.75 -14.58 7.51
C ASN C 890 16.73 -13.83 8.33
N LYS C 891 15.50 -14.33 8.37
CA LYS C 891 14.44 -13.68 9.10
C LYS C 891 13.34 -14.68 9.37
N GLY C 892 12.60 -14.48 10.45
CA GLY C 892 11.50 -15.37 10.76
C GLY C 892 10.70 -14.90 11.95
N VAL C 893 9.41 -15.21 11.93
CA VAL C 893 8.58 -15.08 13.11
C VAL C 893 8.94 -16.20 14.07
N ILE C 894 8.89 -15.89 15.37
CA ILE C 894 9.24 -16.90 16.35
C ILE C 894 8.11 -17.91 16.48
N GLY C 895 8.40 -19.14 16.10
CA GLY C 895 7.43 -20.22 16.13
C GLY C 895 6.99 -20.62 17.52
N LYS C 896 7.92 -20.76 18.45
CA LYS C 896 7.58 -21.28 19.77
C LYS C 896 8.66 -20.90 20.77
N ILE C 897 8.23 -20.47 21.97
CA ILE C 897 9.13 -20.25 23.09
C ILE C 897 9.11 -21.52 23.93
N LEU C 898 10.12 -22.36 23.75
CA LEU C 898 10.22 -23.55 24.58
C LEU C 898 10.73 -23.21 25.97
N PRO C 899 10.40 -24.03 26.97
CA PRO C 899 11.10 -23.93 28.25
C PRO C 899 12.58 -24.24 28.09
N VAL C 900 13.34 -23.98 29.15
CA VAL C 900 14.78 -24.18 29.08
C VAL C 900 15.17 -25.65 29.06
N GLU C 901 14.36 -26.53 29.66
CA GLU C 901 14.72 -27.93 29.76
C GLU C 901 14.51 -28.71 28.45
N ASP C 902 13.47 -28.41 27.68
CA ASP C 902 13.25 -29.11 26.41
C ASP C 902 13.94 -28.38 25.26
N MET C 903 15.24 -28.13 25.44
CA MET C 903 16.05 -27.52 24.41
C MET C 903 17.37 -28.26 24.32
N PRO C 904 17.86 -28.53 23.11
CA PRO C 904 19.13 -29.28 22.96
C PRO C 904 20.29 -28.60 23.66
N PHE C 905 20.81 -29.23 24.70
CA PHE C 905 21.92 -28.70 25.47
C PHE C 905 23.21 -29.43 25.11
N LEU C 906 24.33 -28.72 25.29
CA LEU C 906 25.63 -29.27 24.98
C LEU C 906 26.02 -30.31 26.03
N ALA C 907 27.23 -30.84 25.90
CA ALA C 907 27.71 -31.83 26.85
C ALA C 907 27.95 -31.22 28.24
N ASP C 908 28.10 -29.91 28.33
CA ASP C 908 28.34 -29.23 29.60
C ASP C 908 27.05 -28.73 30.26
N GLY C 909 25.89 -28.99 29.66
CA GLY C 909 24.62 -28.57 30.22
C GLY C 909 24.16 -27.19 29.80
N THR C 910 24.96 -26.47 29.01
CA THR C 910 24.53 -25.17 28.51
C THR C 910 23.52 -25.36 27.40
N PRO C 911 22.27 -24.95 27.60
CA PRO C 911 21.28 -25.06 26.52
C PRO C 911 21.58 -24.06 25.42
N VAL C 912 21.21 -24.44 24.19
CA VAL C 912 21.28 -23.49 23.09
C VAL C 912 20.15 -22.48 23.30
N ASP C 913 20.28 -21.30 22.70
CA ASP C 913 19.30 -20.24 22.92
C ASP C 913 18.27 -20.14 21.83
N ILE C 914 18.66 -20.25 20.56
CA ILE C 914 17.71 -20.35 19.46
C ILE C 914 18.15 -21.49 18.56
N ILE C 915 17.21 -21.94 17.72
CA ILE C 915 17.47 -23.03 16.78
C ILE C 915 16.95 -22.60 15.41
N LEU C 916 17.85 -22.26 14.50
CA LEU C 916 17.46 -21.96 13.13
C LEU C 916 17.16 -23.24 12.37
N ASN C 917 16.84 -23.11 11.09
CA ASN C 917 16.59 -24.25 10.22
C ASN C 917 17.74 -24.40 9.22
N THR C 918 17.98 -25.64 8.81
CA THR C 918 19.06 -25.89 7.86
C THR C 918 18.62 -25.66 6.42
N HIS C 919 17.35 -25.98 6.10
CA HIS C 919 16.91 -25.96 4.70
C HIS C 919 16.86 -24.54 4.13
N GLY C 920 16.86 -23.52 4.97
CA GLY C 920 16.96 -22.17 4.46
C GLY C 920 18.35 -21.70 4.10
N VAL C 921 19.38 -22.44 4.52
CA VAL C 921 20.76 -22.00 4.31
C VAL C 921 21.25 -22.24 2.88
N PRO C 922 21.20 -23.46 2.32
CA PRO C 922 21.89 -23.67 1.04
C PRO C 922 21.17 -23.04 -0.15
N ARG C 923 19.85 -23.02 -0.15
CA ARG C 923 19.11 -22.53 -1.31
C ARG C 923 19.03 -21.01 -1.37
N ARG C 924 19.38 -20.32 -0.29
CA ARG C 924 19.41 -18.86 -0.29
C ARG C 924 20.81 -18.30 -0.48
N MET C 925 21.83 -19.16 -0.49
CA MET C 925 23.21 -18.78 -0.78
C MET C 925 23.71 -17.66 0.15
N ASN C 926 23.50 -17.86 1.44
CA ASN C 926 23.89 -16.90 2.47
C ASN C 926 24.66 -17.59 3.58
N ILE C 927 25.67 -18.39 3.20
CA ILE C 927 26.42 -19.21 4.15
C ILE C 927 27.31 -18.36 5.05
N GLY C 928 27.29 -17.04 4.86
CA GLY C 928 27.98 -16.16 5.79
C GLY C 928 27.51 -16.37 7.22
N GLN C 929 26.20 -16.60 7.39
CA GLN C 929 25.66 -16.88 8.72
C GLN C 929 26.28 -18.13 9.32
N ILE C 930 26.67 -19.09 8.48
CA ILE C 930 27.42 -20.23 8.98
C ILE C 930 28.80 -19.77 9.42
N LEU C 931 29.50 -19.02 8.58
CA LEU C 931 30.85 -18.57 8.91
C LEU C 931 30.82 -17.66 10.14
N GLU C 932 29.91 -16.68 10.16
CA GLU C 932 29.74 -15.84 11.33
C GLU C 932 29.42 -16.68 12.55
N THR C 933 28.71 -17.79 12.37
CA THR C 933 28.48 -18.71 13.46
C THR C 933 29.80 -19.29 13.97
N HIS C 934 30.60 -19.85 13.05
CA HIS C 934 31.81 -20.56 13.47
C HIS C 934 32.79 -19.62 14.15
N LEU C 935 33.12 -18.51 13.49
CA LEU C 935 33.98 -17.50 14.10
C LEU C 935 33.40 -17.03 15.43
N GLY C 936 32.06 -16.93 15.51
CA GLY C 936 31.45 -16.54 16.75
C GLY C 936 31.85 -17.44 17.90
N TRP C 937 31.78 -18.75 17.67
CA TRP C 937 32.22 -19.68 18.69
C TRP C 937 33.70 -19.50 18.98
N CYS C 938 34.50 -19.30 17.92
CA CYS C 938 35.93 -19.05 18.12
C CYS C 938 36.15 -17.79 18.93
N ALA C 939 35.27 -16.78 18.75
CA ALA C 939 35.41 -15.56 19.52
C ALA C 939 34.92 -15.73 20.96
N HIS C 940 34.12 -16.76 21.23
CA HIS C 940 33.59 -16.93 22.57
C HIS C 940 34.50 -17.78 23.43
N SER C 941 34.94 -18.93 22.91
CA SER C 941 35.82 -19.80 23.67
C SER C 941 37.24 -19.25 23.73
N GLY C 942 37.67 -18.50 22.72
CA GLY C 942 39.04 -18.03 22.66
C GLY C 942 39.99 -19.09 22.16
N TRP C 943 40.96 -18.70 21.35
CA TRP C 943 41.88 -19.64 20.73
C TRP C 943 43.29 -19.39 21.23
N LYS C 944 44.18 -20.33 20.88
CA LYS C 944 45.61 -20.15 21.12
C LYS C 944 46.35 -21.00 20.10
N VAL C 945 46.93 -20.34 19.10
CA VAL C 945 47.75 -21.02 18.10
C VAL C 945 49.11 -21.30 18.73
N ASP C 946 49.36 -22.56 19.07
CA ASP C 946 50.61 -22.93 19.75
C ASP C 946 51.76 -22.87 18.77
N ALA C 947 52.31 -21.66 18.61
CA ALA C 947 53.44 -21.43 17.72
C ALA C 947 54.75 -21.84 18.40
N ALA C 948 54.81 -23.12 18.77
CA ALA C 948 55.99 -23.64 19.44
C ALA C 948 57.13 -23.85 18.45
N LYS C 949 56.85 -24.54 17.35
CA LYS C 949 57.83 -24.79 16.29
C LYS C 949 57.40 -23.95 15.08
N GLY C 950 57.81 -22.67 15.08
CA GLY C 950 57.39 -21.77 14.04
C GLY C 950 55.89 -21.47 14.12
N VAL C 951 55.41 -20.83 13.06
CA VAL C 951 53.99 -20.50 12.94
C VAL C 951 53.36 -21.53 12.00
N PRO C 952 52.16 -22.04 12.29
CA PRO C 952 51.51 -22.96 11.35
C PRO C 952 51.24 -22.28 10.01
N ASP C 953 51.03 -23.11 8.99
CA ASP C 953 50.98 -22.63 7.62
C ASP C 953 49.83 -21.68 7.39
N TRP C 954 48.66 -21.97 7.97
CA TRP C 954 47.49 -21.11 7.76
C TRP C 954 47.68 -19.76 8.43
N ALA C 955 48.35 -19.73 9.57
CA ALA C 955 48.49 -18.52 10.39
C ALA C 955 49.69 -17.68 10.01
N ALA C 956 50.30 -17.93 8.85
CA ALA C 956 51.51 -17.20 8.47
C ALA C 956 51.24 -15.72 8.26
N ARG C 957 50.12 -15.39 7.60
CA ARG C 957 49.79 -14.02 7.28
C ARG C 957 48.74 -13.43 8.22
N LEU C 958 48.46 -14.10 9.33
CA LEU C 958 47.63 -13.50 10.37
C LEU C 958 48.41 -12.37 11.03
N PRO C 959 47.70 -11.30 11.44
CA PRO C 959 48.36 -10.26 12.22
C PRO C 959 48.79 -10.79 13.58
N ASP C 960 49.72 -10.08 14.20
CA ASP C 960 50.12 -10.43 15.56
C ASP C 960 48.97 -10.17 16.53
N GLU C 961 49.20 -10.55 17.79
CA GLU C 961 48.20 -10.66 18.86
C GLU C 961 46.87 -11.20 18.34
N LEU C 962 46.95 -12.21 17.45
CA LEU C 962 45.82 -13.02 17.05
C LEU C 962 46.12 -14.50 17.15
N LEU C 963 47.38 -14.86 17.45
CA LEU C 963 47.75 -16.24 17.70
C LEU C 963 47.20 -16.76 19.01
N GLU C 964 46.66 -15.88 19.86
CA GLU C 964 45.97 -16.27 21.08
C GLU C 964 44.93 -15.21 21.40
N ALA C 965 43.82 -15.64 22.00
CA ALA C 965 42.75 -14.73 22.36
C ALA C 965 42.07 -15.22 23.62
N GLN C 966 41.39 -14.32 24.29
CA GLN C 966 40.71 -14.59 25.54
C GLN C 966 39.26 -15.00 25.29
N PRO C 967 38.62 -15.65 26.26
CA PRO C 967 37.17 -15.89 26.13
C PRO C 967 36.41 -14.58 26.08
N ASN C 968 35.33 -14.56 25.29
CA ASN C 968 34.49 -13.38 25.08
C ASN C 968 35.29 -12.20 24.53
N ALA C 969 36.35 -12.47 23.78
CA ALA C 969 37.14 -11.42 23.18
C ALA C 969 36.51 -10.98 21.87
N ILE C 970 36.27 -9.68 21.74
CA ILE C 970 35.68 -9.15 20.52
C ILE C 970 36.69 -9.23 19.38
N VAL C 971 36.19 -9.51 18.19
CA VAL C 971 36.99 -9.54 16.97
C VAL C 971 36.28 -8.73 15.90
N SER C 972 36.92 -8.58 14.75
CA SER C 972 36.30 -7.87 13.64
C SER C 972 36.90 -8.36 12.33
N THR C 973 36.03 -8.71 11.39
CA THR C 973 36.44 -8.96 10.02
C THR C 973 35.92 -7.84 9.15
N PRO C 974 36.79 -7.01 8.56
CA PRO C 974 36.31 -6.04 7.55
C PRO C 974 35.58 -6.73 6.41
N VAL C 975 34.89 -5.93 5.59
CA VAL C 975 33.91 -6.50 4.66
C VAL C 975 34.60 -7.39 3.62
N PHE C 976 35.45 -6.80 2.78
CA PHE C 976 36.03 -7.55 1.67
C PHE C 976 37.46 -8.00 1.95
N ASP C 977 37.88 -7.93 3.21
CA ASP C 977 39.13 -8.59 3.65
C ASP C 977 38.94 -8.99 5.11
N GLY C 978 38.51 -10.23 5.31
CA GLY C 978 38.18 -10.75 6.61
C GLY C 978 38.84 -12.09 6.84
N ALA C 979 38.15 -12.94 7.61
CA ALA C 979 38.64 -14.27 7.88
C ALA C 979 38.64 -15.10 6.62
N GLN C 980 39.81 -15.58 6.22
CA GLN C 980 39.88 -16.59 5.17
C GLN C 980 39.37 -17.92 5.70
N GLU C 981 38.86 -18.75 4.80
CA GLU C 981 38.29 -20.03 5.20
C GLU C 981 39.33 -20.94 5.84
N ALA C 982 40.56 -20.93 5.30
CA ALA C 982 41.63 -21.70 5.93
C ALA C 982 41.95 -21.17 7.31
N GLU C 983 41.93 -19.85 7.49
CA GLU C 983 42.14 -19.26 8.81
C GLU C 983 41.02 -19.62 9.77
N LEU C 984 39.77 -19.69 9.27
CA LEU C 984 38.67 -20.15 10.12
C LEU C 984 38.89 -21.59 10.55
N GLN C 985 39.32 -22.46 9.63
CA GLN C 985 39.63 -23.84 10.00
C GLN C 985 40.71 -23.89 11.07
N GLY C 986 41.77 -23.10 10.89
CA GLY C 986 42.87 -23.12 11.83
C GLY C 986 42.46 -22.62 13.21
N LEU C 987 41.69 -21.54 13.26
CA LEU C 987 41.20 -21.04 14.54
C LEU C 987 40.29 -22.05 15.21
N LEU C 988 39.42 -22.69 14.43
CA LEU C 988 38.50 -23.67 14.96
C LEU C 988 39.20 -24.93 15.44
N SER C 989 40.40 -25.21 14.93
CA SER C 989 41.15 -26.39 15.38
C SER C 989 41.54 -26.28 16.85
N CYS C 990 42.03 -25.12 17.28
CA CYS C 990 42.49 -24.89 18.65
C CYS C 990 41.59 -23.85 19.30
N THR C 991 40.70 -24.32 20.17
CA THR C 991 39.60 -23.51 20.72
C THR C 991 39.46 -23.76 22.23
N LEU C 992 40.54 -23.50 22.99
CA LEU C 992 40.88 -23.98 24.32
C LEU C 992 39.68 -24.13 25.27
N PRO C 993 39.68 -25.18 26.10
CA PRO C 993 38.45 -25.63 26.75
C PRO C 993 37.89 -24.65 27.77
N ASN C 994 36.59 -24.79 28.03
CA ASN C 994 35.85 -23.85 28.86
C ASN C 994 36.30 -23.83 30.32
N ARG C 995 36.03 -24.89 31.07
CA ARG C 995 36.43 -24.98 32.47
C ARG C 995 37.12 -26.28 32.82
N ASP C 996 36.66 -27.39 32.28
CA ASP C 996 37.29 -28.70 32.45
C ASP C 996 38.17 -28.95 31.23
N GLY C 997 38.66 -30.18 31.09
CA GLY C 997 39.27 -30.53 29.83
C GLY C 997 38.18 -31.01 28.89
N ASP C 998 37.66 -30.09 28.08
CA ASP C 998 36.44 -30.36 27.31
C ASP C 998 36.45 -29.43 26.10
N VAL C 999 36.83 -29.96 24.95
CA VAL C 999 36.72 -29.24 23.68
C VAL C 999 35.36 -29.62 23.11
N LEU C 1000 34.35 -28.81 23.40
CA LEU C 1000 32.97 -29.16 23.04
C LEU C 1000 32.78 -29.20 21.52
N VAL C 1001 33.40 -28.26 20.81
CA VAL C 1001 33.24 -28.14 19.37
C VAL C 1001 34.52 -28.61 18.71
N ASP C 1002 34.42 -29.68 17.91
CA ASP C 1002 35.60 -30.28 17.30
C ASP C 1002 36.08 -29.42 16.13
N ALA C 1003 37.06 -29.94 15.38
CA ALA C 1003 37.64 -29.18 14.28
C ALA C 1003 36.63 -28.92 13.16
N ASP C 1004 35.63 -29.79 13.02
CA ASP C 1004 34.64 -29.60 11.97
C ASP C 1004 33.69 -28.43 12.26
N GLY C 1005 33.57 -28.01 13.51
CA GLY C 1005 32.66 -26.94 13.86
C GLY C 1005 31.32 -27.38 14.39
N LYS C 1006 31.16 -28.66 14.73
CA LYS C 1006 29.90 -29.20 15.21
C LYS C 1006 30.07 -29.75 16.62
N ALA C 1007 28.94 -30.04 17.25
CA ALA C 1007 28.96 -30.53 18.62
C ALA C 1007 27.91 -31.62 18.79
N MET C 1008 28.08 -32.44 19.81
CA MET C 1008 27.15 -33.53 20.11
C MET C 1008 26.09 -33.01 21.06
N LEU C 1009 24.94 -32.64 20.52
CA LEU C 1009 23.84 -32.11 21.32
C LEU C 1009 23.06 -33.24 21.98
N PHE C 1010 22.54 -32.96 23.17
CA PHE C 1010 21.66 -33.88 23.87
C PHE C 1010 20.23 -33.38 23.74
N ASP C 1011 19.32 -34.28 23.36
CA ASP C 1011 17.91 -33.92 23.25
C ASP C 1011 17.38 -33.64 24.64
N GLY C 1012 17.08 -32.38 24.93
CA GLY C 1012 16.56 -32.02 26.23
C GLY C 1012 15.16 -32.53 26.49
N ARG C 1013 14.43 -32.90 25.44
CA ARG C 1013 13.06 -33.39 25.59
C ARG C 1013 13.03 -34.89 25.84
N SER C 1014 13.59 -35.67 24.92
CA SER C 1014 13.57 -37.12 25.07
C SER C 1014 14.69 -37.60 25.98
N GLY C 1015 15.94 -37.21 25.68
CA GLY C 1015 17.05 -37.58 26.52
C GLY C 1015 18.22 -38.18 25.78
N GLU C 1016 17.93 -38.93 24.72
CA GLU C 1016 18.98 -39.56 23.93
C GLU C 1016 19.80 -38.49 23.22
N PRO C 1017 21.11 -38.72 23.08
CA PRO C 1017 21.92 -37.81 22.26
C PRO C 1017 21.54 -37.93 20.80
N PHE C 1018 21.66 -36.83 20.09
CA PHE C 1018 21.37 -36.84 18.66
C PHE C 1018 22.45 -37.65 17.95
N PRO C 1019 22.08 -38.55 17.03
CA PRO C 1019 23.07 -39.49 16.46
C PRO C 1019 24.19 -38.81 15.70
N TYR C 1020 23.97 -37.61 15.16
CA TYR C 1020 24.98 -36.94 14.37
C TYR C 1020 25.34 -35.59 15.00
N PRO C 1021 26.59 -35.15 14.88
CA PRO C 1021 26.96 -33.84 15.43
C PRO C 1021 26.23 -32.72 14.71
N VAL C 1022 25.97 -31.65 15.45
CA VAL C 1022 25.15 -30.52 14.97
C VAL C 1022 25.98 -29.25 15.10
N THR C 1023 25.89 -28.39 14.09
CA THR C 1023 26.58 -27.11 14.12
C THR C 1023 26.05 -26.23 15.26
N VAL C 1024 26.97 -25.70 16.06
CA VAL C 1024 26.63 -24.79 17.14
C VAL C 1024 27.60 -23.62 17.08
N GLY C 1025 27.13 -22.46 17.54
CA GLY C 1025 27.98 -21.29 17.56
C GLY C 1025 27.30 -20.14 18.25
N TYR C 1026 27.93 -18.98 18.18
CA TYR C 1026 27.38 -17.76 18.75
C TYR C 1026 27.07 -16.79 17.61
N MET C 1027 25.79 -16.53 17.39
CA MET C 1027 25.35 -15.69 16.30
C MET C 1027 24.70 -14.42 16.85
N TYR C 1028 24.95 -13.31 16.18
CA TYR C 1028 24.45 -12.00 16.60
C TYR C 1028 23.14 -11.74 15.88
N ILE C 1029 22.07 -11.59 16.67
CA ILE C 1029 20.71 -11.52 16.12
C ILE C 1029 19.95 -10.37 16.77
N MET C 1030 19.22 -9.63 15.93
CA MET C 1030 18.47 -8.46 16.32
C MET C 1030 17.01 -8.82 16.57
N LYS C 1031 16.23 -7.81 16.95
CA LYS C 1031 14.79 -7.93 17.14
C LYS C 1031 14.13 -6.86 16.27
N LEU C 1032 13.47 -7.30 15.20
CA LEU C 1032 12.93 -6.37 14.22
C LEU C 1032 11.66 -5.69 14.74
N HIS C 1033 11.35 -4.55 14.14
CA HIS C 1033 10.20 -3.74 14.56
C HIS C 1033 8.95 -4.13 13.77
N HIS C 1034 8.62 -5.42 13.85
CA HIS C 1034 7.42 -5.99 13.27
C HIS C 1034 6.70 -6.85 14.31
N LEU C 1035 6.53 -6.29 15.50
CA LEU C 1035 6.03 -7.07 16.62
C LEU C 1035 4.56 -7.40 16.44
N VAL C 1036 4.10 -8.44 17.16
CA VAL C 1036 2.74 -8.94 16.97
C VAL C 1036 1.73 -7.92 17.45
N ASP C 1037 2.01 -7.27 18.58
CA ASP C 1037 1.06 -6.34 19.19
C ASP C 1037 0.73 -5.17 18.26
N ASP C 1038 1.62 -4.84 17.33
CA ASP C 1038 1.31 -3.84 16.31
C ASP C 1038 0.50 -4.40 15.15
N LYS C 1039 0.43 -5.73 15.01
CA LYS C 1039 -0.19 -6.35 13.84
C LYS C 1039 -1.50 -7.05 14.14
N ILE C 1040 -1.65 -7.63 15.33
CA ILE C 1040 -2.88 -8.35 15.65
C ILE C 1040 -4.07 -7.40 15.62
N HIS C 1041 -5.17 -7.85 15.05
CA HIS C 1041 -6.30 -6.98 14.77
C HIS C 1041 -7.55 -7.83 14.65
N ALA C 1042 -8.67 -7.27 15.13
CA ALA C 1042 -9.94 -7.97 15.07
C ALA C 1042 -11.07 -6.95 15.09
N ARG C 1043 -12.22 -7.35 14.54
CA ARG C 1043 -13.39 -6.49 14.55
C ARG C 1043 -14.62 -7.39 14.40
N SER C 1044 -15.57 -7.25 15.31
CA SER C 1044 -16.90 -7.82 15.08
C SER C 1044 -17.86 -6.75 14.59
N THR C 1045 -17.84 -5.58 15.23
CA THR C 1045 -18.59 -4.41 14.78
C THR C 1045 -17.86 -3.17 15.31
N GLY C 1046 -17.84 -2.11 14.51
CA GLY C 1046 -17.16 -0.89 14.91
C GLY C 1046 -17.61 0.32 14.12
N PRO C 1047 -16.66 1.20 13.79
CA PRO C 1047 -16.99 2.40 13.03
C PRO C 1047 -17.33 2.06 11.58
N TYR C 1048 -17.93 3.05 10.90
CA TYR C 1048 -18.39 2.87 9.53
C TYR C 1048 -17.97 4.08 8.70
N SER C 1049 -17.77 3.86 7.40
CA SER C 1049 -17.27 4.89 6.51
C SER C 1049 -18.33 5.96 6.27
N MET C 1050 -17.97 6.96 5.48
CA MET C 1050 -18.76 8.18 5.47
C MET C 1050 -19.81 8.19 4.37
N ILE C 1051 -19.36 8.18 3.11
CA ILE C 1051 -20.28 8.30 1.98
C ILE C 1051 -20.89 6.95 1.65
N THR C 1052 -20.05 5.98 1.32
CA THR C 1052 -20.47 4.59 1.39
C THR C 1052 -20.54 4.18 2.86
N GLN C 1053 -21.38 3.17 3.13
CA GLN C 1053 -21.58 2.70 4.50
C GLN C 1053 -20.74 1.48 4.82
N GLN C 1054 -19.57 1.35 4.19
CA GLN C 1054 -18.67 0.25 4.44
C GLN C 1054 -17.97 0.41 5.79
N PRO C 1055 -17.47 -0.68 6.35
CA PRO C 1055 -16.62 -0.57 7.55
C PRO C 1055 -15.33 0.18 7.25
N LEU C 1056 -14.79 0.82 8.28
CA LEU C 1056 -13.52 1.52 8.16
C LEU C 1056 -12.39 0.50 8.18
N GLY C 1057 -11.15 0.98 8.17
CA GLY C 1057 -10.02 0.07 8.15
C GLY C 1057 -8.72 0.77 8.46
N GLY C 1058 -7.73 -0.03 8.85
CA GLY C 1058 -6.39 0.47 9.08
C GLY C 1058 -5.84 0.22 10.47
N LYS C 1059 -6.65 -0.37 11.34
CA LYS C 1059 -6.30 -0.77 12.71
C LYS C 1059 -6.16 0.44 13.63
N ALA C 1060 -6.15 1.64 13.07
CA ALA C 1060 -6.21 2.84 13.90
C ALA C 1060 -7.57 2.96 14.58
N GLN C 1061 -8.64 2.69 13.83
CA GLN C 1061 -9.95 2.42 14.38
C GLN C 1061 -10.05 0.92 14.62
N PHE C 1062 -11.25 0.40 14.84
CA PHE C 1062 -11.41 -1.05 14.82
C PHE C 1062 -11.01 -1.57 13.44
N GLY C 1063 -11.77 -1.20 12.42
CA GLY C 1063 -11.37 -1.47 11.05
C GLY C 1063 -11.54 -2.93 10.65
N GLY C 1064 -11.70 -3.14 9.34
CA GLY C 1064 -11.90 -4.47 8.81
C GLY C 1064 -10.98 -4.73 7.63
N GLN C 1065 -10.88 -6.01 7.26
CA GLN C 1065 -10.01 -6.45 6.19
C GLN C 1065 -10.71 -6.38 4.85
N ARG C 1066 -9.97 -5.97 3.83
CA ARG C 1066 -10.52 -5.83 2.49
C ARG C 1066 -10.74 -7.21 1.87
N PHE C 1067 -12.00 -7.61 1.74
CA PHE C 1067 -12.35 -8.84 1.02
C PHE C 1067 -12.43 -8.47 -0.46
N GLY C 1068 -11.26 -8.41 -1.09
CA GLY C 1068 -11.15 -7.83 -2.42
C GLY C 1068 -11.73 -8.63 -3.56
N GLU C 1069 -11.32 -8.28 -4.78
CA GLU C 1069 -11.85 -8.91 -5.98
C GLU C 1069 -11.34 -10.35 -6.12
N MET C 1070 -10.06 -10.57 -5.83
CA MET C 1070 -9.49 -11.90 -6.01
C MET C 1070 -10.11 -12.91 -5.06
N GLU C 1071 -10.41 -12.49 -3.84
CA GLU C 1071 -11.11 -13.38 -2.92
C GLU C 1071 -12.54 -13.64 -3.39
N CYS C 1072 -13.17 -12.65 -4.02
CA CYS C 1072 -14.48 -12.88 -4.63
C CYS C 1072 -14.40 -13.96 -5.71
N TRP C 1073 -13.35 -13.92 -6.54
CA TRP C 1073 -13.15 -14.96 -7.54
C TRP C 1073 -12.92 -16.32 -6.87
N ALA C 1074 -12.12 -16.34 -5.80
CA ALA C 1074 -11.81 -17.59 -5.12
C ALA C 1074 -13.07 -18.22 -4.52
N MET C 1075 -13.95 -17.39 -3.97
CA MET C 1075 -15.20 -17.91 -3.42
C MET C 1075 -16.20 -18.30 -4.50
N GLN C 1076 -16.17 -17.60 -5.64
CA GLN C 1076 -17.00 -18.03 -6.77
C GLN C 1076 -16.55 -19.38 -7.30
N ALA C 1077 -15.24 -19.62 -7.34
CA ALA C 1077 -14.72 -20.88 -7.86
C ALA C 1077 -15.10 -22.06 -6.98
N TYR C 1078 -15.20 -21.85 -5.68
CA TYR C 1078 -15.67 -22.91 -4.78
C TYR C 1078 -17.13 -23.25 -5.02
N GLY C 1079 -17.87 -22.35 -5.65
CA GLY C 1079 -19.31 -22.45 -5.65
C GLY C 1079 -19.96 -21.86 -4.42
N ALA C 1080 -19.19 -21.18 -3.58
CA ALA C 1080 -19.71 -20.63 -2.34
C ALA C 1080 -20.57 -19.39 -2.59
N ALA C 1081 -21.88 -19.58 -2.61
CA ALA C 1081 -22.79 -18.49 -2.98
C ALA C 1081 -23.27 -17.70 -1.77
N TYR C 1082 -23.78 -18.40 -0.75
CA TYR C 1082 -24.37 -17.69 0.39
C TYR C 1082 -23.31 -16.99 1.22
N THR C 1083 -22.12 -17.59 1.35
CA THR C 1083 -21.05 -16.94 2.08
C THR C 1083 -20.59 -15.67 1.38
N LEU C 1084 -20.50 -15.70 0.04
CA LEU C 1084 -20.19 -14.50 -0.71
C LEU C 1084 -21.28 -13.45 -0.55
N GLN C 1085 -22.54 -13.87 -0.58
CA GLN C 1085 -23.66 -12.95 -0.39
C GLN C 1085 -23.58 -12.29 0.99
N GLU C 1086 -23.27 -13.08 2.02
CA GLU C 1086 -23.04 -12.53 3.36
C GLU C 1086 -21.95 -11.49 3.34
N LEU C 1087 -20.74 -11.91 2.93
CA LEU C 1087 -19.55 -11.07 3.02
C LEU C 1087 -19.66 -9.80 2.18
N LEU C 1088 -20.57 -9.77 1.20
CA LEU C 1088 -20.74 -8.57 0.40
C LEU C 1088 -22.02 -7.79 0.71
N THR C 1089 -22.95 -8.35 1.49
CA THR C 1089 -24.17 -7.63 1.80
C THR C 1089 -24.32 -7.31 3.28
N ILE C 1090 -24.31 -8.31 4.18
CA ILE C 1090 -24.75 -8.07 5.55
C ILE C 1090 -23.58 -7.89 6.52
N LYS C 1091 -22.36 -7.88 6.01
CA LYS C 1091 -21.20 -7.50 6.82
C LYS C 1091 -20.60 -6.17 6.40
N SER C 1092 -21.00 -5.62 5.25
CA SER C 1092 -20.42 -4.38 4.76
C SER C 1092 -21.44 -3.27 4.56
N ASP C 1093 -22.54 -3.52 3.87
CA ASP C 1093 -23.34 -2.44 3.33
C ASP C 1093 -24.83 -2.49 3.63
N ASP C 1094 -25.40 -3.63 4.01
CA ASP C 1094 -26.83 -3.65 4.26
C ASP C 1094 -27.12 -2.88 5.55
N THR C 1095 -27.43 -1.59 5.42
CA THR C 1095 -27.51 -0.71 6.58
C THR C 1095 -28.61 -1.15 7.53
N VAL C 1096 -29.76 -1.55 6.98
CA VAL C 1096 -30.85 -2.06 7.82
C VAL C 1096 -30.62 -3.51 8.20
N GLY C 1097 -29.77 -4.23 7.47
CA GLY C 1097 -29.54 -5.63 7.74
C GLY C 1097 -28.49 -5.97 8.80
N ARG C 1098 -27.54 -5.05 9.03
CA ARG C 1098 -26.50 -5.33 10.03
C ARG C 1098 -27.06 -5.28 11.44
N VAL C 1099 -27.94 -4.32 11.73
CA VAL C 1099 -28.60 -4.32 13.04
C VAL C 1099 -29.46 -5.56 13.18
N LYS C 1100 -30.04 -6.04 12.07
CA LYS C 1100 -30.85 -7.25 12.12
C LYS C 1100 -30.00 -8.47 12.41
N VAL C 1101 -28.81 -8.57 11.81
CA VAL C 1101 -27.97 -9.73 12.06
C VAL C 1101 -27.42 -9.71 13.48
N TYR C 1102 -27.07 -8.53 14.01
CA TYR C 1102 -26.64 -8.46 15.40
C TYR C 1102 -27.76 -8.84 16.35
N GLU C 1103 -28.98 -8.35 16.09
CA GLU C 1103 -30.13 -8.71 16.92
C GLU C 1103 -30.41 -10.19 16.85
N ALA C 1104 -30.35 -10.77 15.64
CA ALA C 1104 -30.67 -12.19 15.47
C ALA C 1104 -29.62 -13.07 16.12
N ILE C 1105 -28.36 -12.62 16.14
CA ILE C 1105 -27.34 -13.38 16.85
C ILE C 1105 -27.56 -13.30 18.36
N VAL C 1106 -27.83 -12.10 18.88
CA VAL C 1106 -27.98 -11.93 20.32
C VAL C 1106 -29.19 -12.72 20.82
N LYS C 1107 -30.32 -12.59 20.13
CA LYS C 1107 -31.53 -13.29 20.55
C LYS C 1107 -31.51 -14.76 20.21
N GLY C 1108 -30.50 -15.24 19.47
CA GLY C 1108 -30.42 -16.64 19.13
C GLY C 1108 -31.28 -17.07 17.98
N GLU C 1109 -31.79 -16.13 17.19
CA GLU C 1109 -32.63 -16.46 16.05
C GLU C 1109 -31.76 -16.78 14.84
N ASN C 1110 -32.37 -16.93 13.68
CA ASN C 1110 -31.64 -17.22 12.46
C ASN C 1110 -31.20 -15.93 11.79
N ILE C 1111 -30.10 -16.02 11.05
CA ILE C 1111 -29.54 -14.84 10.38
C ILE C 1111 -30.51 -14.37 9.30
N PRO C 1112 -30.90 -13.10 9.28
CA PRO C 1112 -31.88 -12.63 8.30
C PRO C 1112 -31.34 -12.66 6.89
N GLU C 1113 -32.27 -12.79 5.94
CA GLU C 1113 -31.90 -12.85 4.54
C GLU C 1113 -31.32 -11.51 4.08
N PRO C 1114 -30.23 -11.51 3.31
CA PRO C 1114 -29.64 -10.25 2.86
C PRO C 1114 -30.57 -9.48 1.91
N GLY C 1115 -30.44 -8.16 1.96
CA GLY C 1115 -31.06 -7.28 1.00
C GLY C 1115 -30.04 -6.68 0.03
N ILE C 1116 -30.48 -5.63 -0.65
CA ILE C 1116 -29.62 -4.95 -1.62
C ILE C 1116 -28.56 -4.14 -0.89
N PRO C 1117 -27.31 -4.17 -1.34
CA PRO C 1117 -26.25 -3.42 -0.63
C PRO C 1117 -26.38 -1.92 -0.84
N GLU C 1118 -25.74 -1.17 0.06
CA GLU C 1118 -25.66 0.28 -0.05
C GLU C 1118 -24.54 0.72 -0.99
N SER C 1119 -23.92 -0.21 -1.71
CA SER C 1119 -22.98 0.12 -2.77
C SER C 1119 -23.68 0.18 -4.13
N PHE C 1120 -24.51 -0.82 -4.42
CA PHE C 1120 -25.30 -0.82 -5.65
C PHE C 1120 -26.25 0.37 -5.70
N LYS C 1121 -26.82 0.75 -4.57
CA LYS C 1121 -27.76 1.88 -4.57
C LYS C 1121 -27.05 3.20 -4.80
N VAL C 1122 -25.85 3.37 -4.23
CA VAL C 1122 -25.05 4.57 -4.52
C VAL C 1122 -24.67 4.60 -5.99
N LEU C 1123 -24.31 3.44 -6.55
CA LEU C 1123 -24.02 3.37 -7.98
C LEU C 1123 -25.24 3.75 -8.81
N LEU C 1124 -26.42 3.28 -8.39
CA LEU C 1124 -27.65 3.59 -9.11
C LEU C 1124 -27.95 5.09 -9.08
N LYS C 1125 -27.80 5.71 -7.91
CA LYS C 1125 -28.06 7.14 -7.81
C LYS C 1125 -27.04 7.97 -8.59
N GLU C 1126 -25.78 7.54 -8.61
CA GLU C 1126 -24.79 8.22 -9.44
C GLU C 1126 -25.11 8.08 -10.92
N LEU C 1127 -25.52 6.88 -11.34
CA LEU C 1127 -25.89 6.67 -12.74
C LEU C 1127 -27.10 7.51 -13.12
N GLN C 1128 -28.07 7.64 -12.22
CA GLN C 1128 -29.20 8.54 -12.47
C GLN C 1128 -28.79 10.00 -12.44
N SER C 1129 -27.69 10.33 -11.76
CA SER C 1129 -27.19 11.70 -11.75
C SER C 1129 -26.53 12.08 -13.06
N LEU C 1130 -26.04 11.09 -13.82
CA LEU C 1130 -25.39 11.32 -15.10
C LEU C 1130 -26.36 11.27 -16.27
N CYS C 1131 -27.64 11.54 -16.02
CA CYS C 1131 -28.68 11.58 -17.06
C CYS C 1131 -28.81 10.26 -17.78
N LEU C 1132 -28.56 9.16 -17.06
CA LEU C 1132 -28.74 7.81 -17.58
C LEU C 1132 -29.87 7.17 -16.80
N ASN C 1133 -31.00 6.93 -17.47
CA ASN C 1133 -32.18 6.36 -16.81
C ASN C 1133 -31.90 4.88 -16.57
N VAL C 1134 -31.14 4.61 -15.50
CA VAL C 1134 -30.89 3.22 -15.14
C VAL C 1134 -32.05 2.77 -14.25
N GLU C 1135 -33.13 2.39 -14.89
CA GLU C 1135 -34.29 1.83 -14.21
C GLU C 1135 -34.16 0.32 -14.13
N VAL C 1136 -34.67 -0.25 -13.05
CA VAL C 1136 -34.83 -1.69 -12.94
C VAL C 1136 -36.26 -2.06 -13.35
N LEU C 1137 -36.36 -2.98 -14.31
CA LEU C 1137 -37.60 -3.70 -14.54
C LEU C 1137 -37.66 -4.86 -13.56
N SER C 1138 -38.80 -5.02 -12.89
CA SER C 1138 -38.93 -6.09 -11.91
C SER C 1138 -38.88 -7.45 -12.60
N SER C 1139 -39.85 -7.72 -13.48
CA SER C 1139 -39.90 -8.97 -14.22
C SER C 1139 -40.89 -8.86 -15.38
N VAL D 13 -36.83 -5.80 -1.54
CA VAL D 13 -37.92 -6.64 -2.00
C VAL D 13 -37.40 -7.73 -2.92
N ASN D 14 -36.18 -7.52 -3.41
CA ASN D 14 -35.52 -8.40 -4.39
C ASN D 14 -36.42 -8.52 -5.63
N PHE D 15 -36.50 -9.72 -6.19
CA PHE D 15 -37.17 -10.03 -7.46
C PHE D 15 -36.52 -9.27 -8.62
N PHE D 16 -35.30 -8.79 -8.43
CA PHE D 16 -34.46 -8.20 -9.47
C PHE D 16 -34.28 -9.16 -10.62
N ASP D 17 -34.59 -8.73 -11.85
CA ASP D 17 -34.28 -9.56 -13.00
C ASP D 17 -33.59 -8.82 -14.15
N GLU D 18 -33.92 -7.54 -14.36
CA GLU D 18 -33.28 -6.80 -15.45
C GLU D 18 -32.90 -5.40 -14.98
N LEU D 19 -31.86 -4.86 -15.61
CA LEU D 19 -31.46 -3.46 -15.45
C LEU D 19 -31.32 -2.84 -16.84
N ARG D 20 -32.09 -1.79 -17.10
CA ARG D 20 -32.16 -1.18 -18.42
C ARG D 20 -31.61 0.24 -18.36
N ILE D 21 -30.33 0.40 -18.71
CA ILE D 21 -29.78 1.73 -18.91
C ILE D 21 -30.37 2.33 -20.19
N GLY D 22 -30.44 3.66 -20.22
CA GLY D 22 -30.95 4.34 -21.39
C GLY D 22 -30.83 5.84 -21.32
N LEU D 23 -30.87 6.50 -22.47
CA LEU D 23 -30.79 7.96 -22.53
C LEU D 23 -31.99 8.60 -21.86
N ALA D 24 -31.76 9.25 -20.71
CA ALA D 24 -32.83 9.90 -19.99
C ALA D 24 -33.21 11.21 -20.68
N THR D 25 -34.49 11.54 -20.61
CA THR D 25 -35.03 12.77 -21.19
C THR D 25 -35.32 13.78 -20.09
N ALA D 26 -35.61 15.01 -20.51
CA ALA D 26 -35.91 16.07 -19.56
C ALA D 26 -37.18 15.78 -18.76
N GLU D 27 -38.19 15.22 -19.42
CA GLU D 27 -39.42 14.85 -18.73
C GLU D 27 -39.19 13.75 -17.71
N ASP D 28 -38.19 12.90 -17.91
CA ASP D 28 -37.82 11.93 -16.88
C ASP D 28 -37.04 12.59 -15.75
N ILE D 29 -36.17 13.54 -16.08
CA ILE D 29 -35.31 14.16 -15.08
C ILE D 29 -36.14 15.01 -14.12
N ARG D 30 -37.04 15.82 -14.65
CA ARG D 30 -37.90 16.63 -13.79
C ARG D 30 -39.08 15.85 -13.23
N GLN D 31 -39.16 14.53 -13.51
CA GLN D 31 -40.05 13.64 -12.80
C GLN D 31 -39.35 12.87 -11.70
N TRP D 32 -38.03 12.65 -11.81
CA TRP D 32 -37.27 12.08 -10.72
C TRP D 32 -37.24 13.02 -9.51
N SER D 33 -37.02 14.30 -9.77
CA SER D 33 -36.68 15.25 -8.72
C SER D 33 -37.88 15.52 -7.80
N TYR D 34 -37.57 15.93 -6.58
CA TYR D 34 -38.58 16.37 -5.62
C TYR D 34 -38.57 17.88 -5.45
N GLY D 35 -37.66 18.58 -6.09
CA GLY D 35 -37.63 20.02 -6.02
C GLY D 35 -36.75 20.59 -7.10
N GLU D 36 -36.57 21.91 -7.06
CA GLU D 36 -35.73 22.62 -8.01
C GLU D 36 -34.75 23.49 -7.23
N VAL D 37 -33.52 23.01 -7.08
CA VAL D 37 -32.49 23.81 -6.43
C VAL D 37 -32.17 25.03 -7.29
N LYS D 38 -32.21 26.20 -6.67
CA LYS D 38 -32.05 27.44 -7.43
C LYS D 38 -31.18 28.48 -6.72
N LYS D 39 -30.43 28.07 -5.70
CA LYS D 39 -29.57 29.00 -4.99
C LYS D 39 -28.24 28.32 -4.68
N PRO D 40 -27.11 29.01 -4.93
CA PRO D 40 -25.78 28.41 -4.75
C PRO D 40 -25.27 28.49 -3.31
N GLU D 41 -26.12 28.12 -2.35
CA GLU D 41 -25.74 28.12 -0.95
C GLU D 41 -26.00 26.73 -0.36
N THR D 42 -25.20 26.38 0.64
CA THR D 42 -25.27 25.06 1.26
C THR D 42 -25.74 25.13 2.70
N ILE D 43 -25.06 25.90 3.55
CA ILE D 43 -25.29 25.90 4.98
C ILE D 43 -25.18 27.33 5.48
N ASN D 44 -26.08 27.73 6.38
CA ASN D 44 -25.94 29.02 7.03
C ASN D 44 -24.70 29.02 7.91
N TYR D 45 -23.86 30.04 7.74
CA TYR D 45 -22.53 30.04 8.35
C TYR D 45 -22.59 30.05 9.86
N ARG D 46 -23.64 30.62 10.45
CA ARG D 46 -23.70 30.85 11.89
C ARG D 46 -24.45 29.77 12.65
N THR D 47 -25.59 29.30 12.15
CA THR D 47 -26.37 28.28 12.85
C THR D 47 -26.11 26.88 12.34
N LEU D 48 -25.35 26.72 11.24
CA LEU D 48 -24.98 25.42 10.68
C LEU D 48 -26.21 24.57 10.36
N LYS D 49 -27.19 25.19 9.70
CA LYS D 49 -28.36 24.51 9.21
C LYS D 49 -28.48 24.76 7.71
N PRO D 50 -29.00 23.79 6.95
CA PRO D 50 -29.07 23.96 5.49
C PRO D 50 -30.01 25.09 5.10
N GLU D 51 -29.66 25.74 3.99
CA GLU D 51 -30.42 26.88 3.51
C GLU D 51 -31.64 26.42 2.71
N LYS D 52 -32.59 27.34 2.53
CA LYS D 52 -33.78 27.06 1.75
C LYS D 52 -33.47 27.21 0.26
N ASP D 53 -33.97 26.25 -0.53
CA ASP D 53 -33.75 26.18 -1.97
C ASP D 53 -32.27 26.08 -2.34
N GLY D 54 -31.45 25.56 -1.42
CA GLY D 54 -30.04 25.39 -1.66
C GLY D 54 -29.69 23.96 -2.04
N LEU D 55 -28.41 23.65 -2.00
CA LEU D 55 -27.92 22.32 -2.34
C LEU D 55 -28.18 21.29 -1.24
N PHE D 56 -28.70 21.72 -0.09
CA PHE D 56 -28.99 20.80 1.00
C PHE D 56 -30.37 21.02 1.61
N CYS D 57 -31.27 21.72 0.91
CA CYS D 57 -32.51 22.17 1.51
C CYS D 57 -33.37 21.00 1.96
N GLU D 58 -33.91 21.10 3.18
CA GLU D 58 -34.69 20.01 3.74
C GLU D 58 -36.01 19.81 3.00
N LYS D 59 -36.61 20.89 2.50
CA LYS D 59 -37.84 20.75 1.72
C LYS D 59 -37.59 19.93 0.46
N ILE D 60 -36.49 20.21 -0.23
CA ILE D 60 -36.21 19.52 -1.49
C ILE D 60 -35.76 18.08 -1.23
N PHE D 61 -34.89 17.88 -0.24
CA PHE D 61 -34.16 16.63 -0.11
C PHE D 61 -34.52 15.79 1.11
N GLY D 62 -35.26 16.35 2.07
CA GLY D 62 -35.65 15.59 3.24
C GLY D 62 -35.00 16.10 4.51
N PRO D 63 -35.53 15.66 5.67
CA PRO D 63 -35.06 16.20 6.95
C PRO D 63 -33.68 15.68 7.32
N THR D 64 -32.87 16.56 7.92
CA THR D 64 -31.57 16.14 8.41
C THR D 64 -31.70 15.22 9.62
N ARG D 65 -32.64 15.52 10.52
CA ARG D 65 -32.89 14.71 11.69
C ARG D 65 -34.00 13.71 11.39
N ASP D 66 -34.46 13.00 12.42
CA ASP D 66 -35.47 11.96 12.26
C ASP D 66 -36.81 12.47 12.75
N TRP D 67 -37.81 12.45 11.86
CA TRP D 67 -39.19 12.80 12.18
C TRP D 67 -39.29 14.18 12.81
N GLU D 68 -38.57 15.14 12.24
CA GLU D 68 -38.60 16.52 12.71
C GLU D 68 -38.64 17.46 11.52
N CYS D 69 -39.53 18.44 11.56
CA CYS D 69 -39.58 19.45 10.51
C CYS D 69 -38.56 20.55 10.81
N TYR D 70 -38.48 21.54 9.91
CA TYR D 70 -37.42 22.54 10.00
C TYR D 70 -37.67 23.53 11.14
N CYS D 71 -38.92 23.93 11.35
CA CYS D 71 -39.29 24.78 12.47
C CYS D 71 -39.71 23.98 13.70
N GLY D 72 -39.62 22.65 13.63
CA GLY D 72 -39.90 21.83 14.79
C GLY D 72 -41.35 21.71 15.16
N LYS D 73 -42.26 21.98 14.21
CA LYS D 73 -43.69 21.87 14.50
C LYS D 73 -44.08 20.44 14.83
N TYR D 74 -43.55 19.47 14.09
CA TYR D 74 -43.93 18.07 14.21
C TYR D 74 -42.69 17.25 14.50
N LYS D 75 -42.60 16.73 15.73
CA LYS D 75 -41.39 16.06 16.21
C LYS D 75 -41.60 14.59 16.54
N ARG D 76 -42.70 13.99 16.11
CA ARG D 76 -43.01 12.62 16.49
C ARG D 76 -43.43 11.81 15.28
N VAL D 77 -43.30 10.49 15.41
CA VAL D 77 -43.64 9.56 14.33
C VAL D 77 -45.15 9.57 14.07
N ARG D 78 -45.95 9.92 15.09
CA ARG D 78 -47.38 10.11 14.89
C ARG D 78 -47.66 11.09 13.77
N PHE D 79 -46.80 12.10 13.65
CA PHE D 79 -46.81 13.04 12.52
C PHE D 79 -45.80 12.54 11.49
N LYS D 80 -46.25 11.71 10.54
CA LYS D 80 -45.36 11.21 9.50
C LYS D 80 -46.11 11.21 8.17
N GLY D 81 -45.34 11.29 7.09
CA GLY D 81 -45.89 11.37 5.76
C GLY D 81 -46.52 12.70 5.42
N ILE D 82 -46.49 13.67 6.33
CA ILE D 82 -47.13 14.95 6.12
C ILE D 82 -46.04 16.02 5.93
N ILE D 83 -46.47 17.18 5.47
CA ILE D 83 -45.59 18.31 5.20
C ILE D 83 -46.00 19.45 6.11
N CYS D 84 -45.02 20.04 6.81
CA CYS D 84 -45.31 21.19 7.67
C CYS D 84 -45.73 22.36 6.80
N GLU D 85 -46.84 23.01 7.18
CA GLU D 85 -47.44 24.03 6.34
C GLU D 85 -46.54 25.26 6.20
N ARG D 86 -45.69 25.52 7.20
CA ARG D 86 -44.88 26.72 7.19
C ARG D 86 -43.51 26.49 6.55
N CYS D 87 -42.71 25.58 7.12
CA CYS D 87 -41.36 25.38 6.63
C CYS D 87 -41.31 24.53 5.37
N GLY D 88 -42.28 23.63 5.18
CA GLY D 88 -42.42 22.91 3.93
C GLY D 88 -41.67 21.61 3.81
N VAL D 89 -40.88 21.22 4.80
CA VAL D 89 -40.16 19.95 4.75
C VAL D 89 -41.09 18.84 5.21
N GLU D 90 -41.13 17.75 4.45
CA GLU D 90 -41.99 16.62 4.77
C GLU D 90 -41.32 15.78 5.86
N VAL D 91 -42.08 15.43 6.89
CA VAL D 91 -41.52 14.82 8.10
C VAL D 91 -41.44 13.30 7.92
N THR D 92 -40.22 12.79 7.85
CA THR D 92 -39.98 11.37 7.63
C THR D 92 -38.66 10.99 8.30
N ARG D 93 -38.11 9.85 7.91
CA ARG D 93 -36.80 9.41 8.37
C ARG D 93 -35.72 10.31 7.77
N ALA D 94 -34.46 10.01 8.08
CA ALA D 94 -33.33 10.79 7.59
C ALA D 94 -32.54 10.06 6.51
N LYS D 95 -32.91 8.83 6.16
CA LYS D 95 -32.23 8.13 5.08
C LYS D 95 -32.69 8.62 3.71
N VAL D 96 -33.82 9.34 3.65
CA VAL D 96 -34.30 9.86 2.38
C VAL D 96 -33.34 10.89 1.81
N ARG D 97 -32.50 11.49 2.67
CA ARG D 97 -31.48 12.40 2.18
C ARG D 97 -30.40 11.70 1.36
N ARG D 98 -30.36 10.37 1.38
CA ARG D 98 -29.46 9.61 0.52
C ARG D 98 -30.08 9.22 -0.81
N GLU D 99 -31.39 9.39 -0.97
CA GLU D 99 -32.10 8.87 -2.13
C GLU D 99 -32.79 9.94 -2.95
N ARG D 100 -33.41 10.93 -2.31
CA ARG D 100 -34.16 11.95 -3.05
C ARG D 100 -33.22 12.84 -3.84
N MET D 101 -33.53 13.03 -5.12
CA MET D 101 -32.71 13.81 -6.03
C MET D 101 -33.34 15.17 -6.29
N GLY D 102 -32.52 16.09 -6.81
CA GLY D 102 -33.00 17.40 -7.22
C GLY D 102 -32.81 17.60 -8.71
N HIS D 103 -33.14 18.79 -9.17
CA HIS D 103 -32.91 19.13 -10.57
C HIS D 103 -32.74 20.64 -10.71
N ILE D 104 -32.02 21.04 -11.76
CA ILE D 104 -31.77 22.42 -12.11
C ILE D 104 -32.38 22.66 -13.48
N GLU D 105 -33.30 23.63 -13.55
CA GLU D 105 -33.90 24.04 -14.82
C GLU D 105 -32.98 25.04 -15.49
N LEU D 106 -32.23 24.59 -16.49
CA LEU D 106 -31.32 25.47 -17.20
C LEU D 106 -32.09 26.47 -18.06
N ALA D 107 -31.59 27.71 -18.07
CA ALA D 107 -32.22 28.74 -18.87
C ALA D 107 -31.82 28.66 -20.34
N ALA D 108 -30.76 27.92 -20.66
CA ALA D 108 -30.38 27.66 -22.04
C ALA D 108 -30.04 26.19 -22.20
N PRO D 109 -30.40 25.57 -23.31
CA PRO D 109 -30.07 24.16 -23.52
C PRO D 109 -28.56 23.94 -23.57
N VAL D 110 -28.14 22.77 -23.09
CA VAL D 110 -26.74 22.39 -23.05
C VAL D 110 -26.62 21.00 -23.65
N THR D 111 -25.43 20.66 -24.15
CA THR D 111 -25.22 19.34 -24.71
C THR D 111 -24.45 18.46 -23.74
N HIS D 112 -24.75 17.17 -23.76
CA HIS D 112 -24.05 16.21 -22.92
C HIS D 112 -22.65 15.99 -23.48
N ILE D 113 -21.68 15.79 -22.58
CA ILE D 113 -20.30 15.70 -23.01
C ILE D 113 -19.96 14.31 -23.55
N TRP D 114 -20.62 13.27 -23.05
CA TRP D 114 -20.28 11.91 -23.46
C TRP D 114 -20.61 11.66 -24.92
N TYR D 115 -21.64 12.31 -25.43
CA TYR D 115 -22.10 12.11 -26.79
C TYR D 115 -21.53 13.15 -27.76
N PHE D 116 -20.61 13.99 -27.31
CA PHE D 116 -19.95 14.95 -28.18
C PHE D 116 -18.43 14.74 -28.21
N LYS D 117 -17.80 14.55 -27.06
CA LYS D 117 -16.35 14.58 -26.99
C LYS D 117 -15.72 13.19 -27.11
N GLY D 118 -16.32 12.19 -26.49
CA GLY D 118 -15.78 10.84 -26.53
C GLY D 118 -15.69 10.27 -27.93
N VAL D 119 -14.50 9.93 -28.37
CA VAL D 119 -14.29 9.41 -29.72
C VAL D 119 -14.76 7.96 -29.78
N PRO D 120 -15.57 7.57 -30.77
CA PRO D 120 -16.13 8.40 -31.85
C PRO D 120 -17.30 9.25 -31.39
N SER D 121 -17.38 10.50 -31.83
CA SER D 121 -18.43 11.39 -31.38
C SER D 121 -19.79 10.93 -31.89
N ARG D 122 -20.77 10.88 -30.99
CA ARG D 122 -22.08 10.37 -31.35
C ARG D 122 -22.98 11.43 -31.97
N LEU D 123 -22.89 12.68 -31.51
CA LEU D 123 -23.54 13.76 -32.22
C LEU D 123 -23.00 13.89 -33.63
N GLY D 124 -21.69 13.71 -33.79
CA GLY D 124 -21.09 13.78 -35.11
C GLY D 124 -21.63 12.73 -36.06
N TYR D 125 -21.76 11.49 -35.58
CA TYR D 125 -22.26 10.43 -36.44
C TYR D 125 -23.76 10.57 -36.69
N LEU D 126 -24.51 11.00 -35.67
CA LEU D 126 -25.95 11.17 -35.84
C LEU D 126 -26.26 12.28 -36.83
N LEU D 127 -25.48 13.37 -36.80
CA LEU D 127 -25.74 14.53 -37.65
C LEU D 127 -24.81 14.62 -38.85
N ASP D 128 -23.87 13.67 -39.01
CA ASP D 128 -22.87 13.71 -40.09
C ASP D 128 -22.07 15.01 -40.04
N LEU D 129 -21.59 15.35 -38.86
CA LEU D 129 -20.77 16.54 -38.62
C LEU D 129 -19.40 16.14 -38.09
N ALA D 130 -18.37 16.86 -38.51
CA ALA D 130 -17.03 16.60 -38.01
C ALA D 130 -16.88 17.15 -36.60
N PRO D 131 -16.22 16.41 -35.70
CA PRO D 131 -16.00 16.94 -34.33
C PRO D 131 -15.18 18.21 -34.30
N LYS D 132 -14.20 18.34 -35.20
CA LYS D 132 -13.42 19.57 -35.30
C LYS D 132 -14.29 20.77 -35.63
N ASP D 133 -15.46 20.52 -36.23
CA ASP D 133 -16.45 21.56 -36.53
C ASP D 133 -17.60 21.58 -35.55
N LEU D 134 -17.98 20.42 -35.01
CA LEU D 134 -19.01 20.36 -33.97
C LEU D 134 -18.58 21.14 -32.73
N GLU D 135 -17.29 21.08 -32.40
CA GLU D 135 -16.78 21.89 -31.30
C GLU D 135 -16.93 23.38 -31.59
N LYS D 136 -16.71 23.78 -32.84
CA LYS D 136 -16.95 25.17 -33.22
C LYS D 136 -18.42 25.54 -33.08
N ILE D 137 -19.34 24.62 -33.32
CA ILE D 137 -20.76 24.92 -33.09
C ILE D 137 -21.06 25.06 -31.60
N ILE D 138 -20.88 23.98 -30.83
CA ILE D 138 -21.48 23.96 -29.49
C ILE D 138 -20.76 24.83 -28.48
N TYR D 139 -19.57 25.32 -28.79
CA TYR D 139 -18.88 26.27 -27.92
C TYR D 139 -18.96 27.69 -28.44
N PHE D 140 -19.95 27.97 -29.30
CA PHE D 140 -20.26 29.32 -29.75
C PHE D 140 -19.09 29.97 -30.49
N ALA D 141 -18.49 29.23 -31.42
CA ALA D 141 -17.43 29.74 -32.26
C ALA D 141 -17.81 29.85 -33.73
N ALA D 142 -18.92 29.24 -34.14
CA ALA D 142 -19.35 29.27 -35.54
C ALA D 142 -20.84 29.02 -35.61
N TYR D 143 -21.48 29.65 -36.60
CA TYR D 143 -22.91 29.49 -36.80
C TYR D 143 -23.23 28.20 -37.54
N VAL D 144 -24.49 27.79 -37.46
CA VAL D 144 -25.03 26.72 -38.28
C VAL D 144 -26.40 27.15 -38.79
N ILE D 145 -26.83 26.56 -39.90
CA ILE D 145 -28.15 26.80 -40.47
C ILE D 145 -29.03 25.62 -40.11
N THR D 146 -30.12 25.89 -39.40
CA THR D 146 -31.04 24.85 -38.98
C THR D 146 -32.14 24.58 -39.99
N SER D 147 -32.32 25.48 -40.96
CA SER D 147 -33.35 25.34 -41.98
C SER D 147 -33.07 26.29 -43.14
N VAL D 148 -33.14 25.78 -44.37
CA VAL D 148 -33.10 26.62 -45.56
C VAL D 148 -34.32 26.28 -46.40
N ASP D 149 -34.97 27.32 -46.92
CA ASP D 149 -36.17 27.14 -47.72
C ASP D 149 -35.85 27.31 -49.20
N GLU D 150 -36.72 26.72 -50.04
CA GLU D 150 -36.51 26.75 -51.48
C GLU D 150 -37.33 27.83 -52.15
N GLU D 151 -38.66 27.78 -52.08
CA GLU D 151 -39.52 28.51 -53.02
C GLU D 151 -39.24 30.01 -53.09
N MET D 152 -39.09 30.66 -51.93
CA MET D 152 -38.80 32.08 -51.91
C MET D 152 -37.38 32.36 -52.41
N ARG D 153 -36.44 31.49 -52.09
CA ARG D 153 -35.12 31.61 -52.72
C ARG D 153 -35.22 31.37 -54.21
N HIS D 154 -36.08 30.46 -54.65
CA HIS D 154 -36.20 30.09 -56.05
C HIS D 154 -36.69 31.26 -56.89
N ASN D 155 -37.67 32.01 -56.40
CA ASN D 155 -38.13 33.15 -57.20
C ASN D 155 -37.39 34.44 -56.91
N GLU D 156 -36.91 34.67 -55.68
CA GLU D 156 -36.15 35.89 -55.40
C GLU D 156 -34.67 35.76 -55.70
N LEU D 157 -34.20 34.59 -56.17
CA LEU D 157 -32.83 34.48 -56.66
C LEU D 157 -32.61 35.42 -57.84
N SER D 158 -33.58 35.48 -58.75
CA SER D 158 -33.52 36.41 -59.85
C SER D 158 -33.57 37.85 -59.37
N THR D 159 -34.47 38.15 -58.41
CA THR D 159 -34.57 39.50 -57.89
C THR D 159 -33.33 39.89 -57.11
N LEU D 160 -32.82 38.99 -56.26
CA LEU D 160 -31.64 39.31 -55.48
C LEU D 160 -30.37 39.31 -56.32
N GLU D 161 -30.33 38.52 -57.41
CA GLU D 161 -29.20 38.67 -58.33
C GLU D 161 -29.29 39.97 -59.12
N ALA D 162 -30.50 40.44 -59.41
CA ALA D 162 -30.63 41.78 -59.98
C ALA D 162 -30.15 42.84 -59.01
N GLU D 163 -30.48 42.69 -57.72
CA GLU D 163 -29.98 43.61 -56.71
C GLU D 163 -28.46 43.51 -56.59
N MET D 164 -27.92 42.31 -56.73
CA MET D 164 -26.47 42.13 -56.71
C MET D 164 -25.81 42.82 -57.90
N ALA D 165 -26.44 42.72 -59.08
CA ALA D 165 -25.93 43.43 -60.25
C ALA D 165 -25.97 44.94 -60.04
N VAL D 166 -27.04 45.44 -59.43
CA VAL D 166 -27.13 46.87 -59.12
C VAL D 166 -26.04 47.28 -58.13
N GLU D 167 -25.82 46.47 -57.10
CA GLU D 167 -24.81 46.78 -56.11
C GLU D 167 -23.41 46.76 -56.71
N ARG D 168 -23.12 45.78 -57.57
CA ARG D 168 -21.81 45.72 -58.20
C ARG D 168 -21.64 46.81 -59.23
N LYS D 169 -22.73 47.27 -59.84
CA LYS D 169 -22.65 48.44 -60.71
C LYS D 169 -22.35 49.70 -59.91
N ALA D 170 -22.93 49.83 -58.72
CA ALA D 170 -22.58 50.94 -57.83
C ALA D 170 -21.12 50.82 -57.38
N VAL D 171 -20.65 49.60 -57.14
CA VAL D 171 -19.25 49.37 -56.81
C VAL D 171 -18.35 49.82 -57.96
N GLU D 172 -18.74 49.49 -59.19
CA GLU D 172 -17.96 49.94 -60.35
C GLU D 172 -18.09 51.43 -60.57
N ASP D 173 -19.18 52.04 -60.13
CA ASP D 173 -19.27 53.49 -60.12
C ASP D 173 -18.24 54.08 -59.17
N GLN D 174 -18.10 53.49 -57.99
CA GLN D 174 -17.04 53.90 -57.08
C GLN D 174 -15.66 53.63 -57.69
N ARG D 175 -15.53 52.52 -58.42
CA ARG D 175 -14.24 52.12 -58.98
C ARG D 175 -13.80 53.04 -60.10
N ASP D 176 -14.70 53.39 -61.01
CA ASP D 176 -14.31 54.33 -62.06
C ASP D 176 -14.34 55.77 -61.56
N GLY D 177 -14.97 56.04 -60.42
CA GLY D 177 -14.70 57.28 -59.72
C GLY D 177 -13.26 57.36 -59.24
N GLU D 178 -12.75 56.25 -58.69
CA GLU D 178 -11.33 56.18 -58.36
C GLU D 178 -10.47 56.35 -59.59
N LEU D 179 -10.85 55.67 -60.69
CA LEU D 179 -10.12 55.78 -61.95
C LEU D 179 -10.04 57.23 -62.42
N GLU D 180 -11.18 57.93 -62.45
CA GLU D 180 -11.20 59.31 -62.91
C GLU D 180 -10.46 60.23 -61.96
N ALA D 181 -10.63 60.04 -60.65
CA ALA D 181 -10.00 60.92 -59.67
C ALA D 181 -8.48 60.83 -59.75
N ARG D 182 -7.95 59.60 -59.79
CA ARG D 182 -6.51 59.48 -59.88
C ARG D 182 -5.98 59.67 -61.30
N ALA D 183 -6.83 59.57 -62.32
CA ALA D 183 -6.42 60.01 -63.65
C ALA D 183 -6.23 61.52 -63.67
N GLN D 184 -7.13 62.26 -63.02
CA GLN D 184 -6.94 63.69 -62.86
C GLN D 184 -5.71 64.01 -62.03
N LYS D 185 -5.49 63.26 -60.94
CA LYS D 185 -4.31 63.49 -60.12
C LYS D 185 -3.03 63.07 -60.84
N LEU D 186 -3.12 62.11 -61.77
CA LEU D 186 -1.97 61.70 -62.56
C LEU D 186 -1.64 62.73 -63.63
N GLU D 187 -2.66 63.35 -64.24
CA GLU D 187 -2.39 64.48 -65.10
C GLU D 187 -1.93 65.71 -64.32
N ALA D 188 -2.32 65.82 -63.04
CA ALA D 188 -1.72 66.82 -62.18
C ALA D 188 -0.25 66.51 -61.92
N ASP D 189 0.08 65.22 -61.79
CA ASP D 189 1.48 64.81 -61.73
C ASP D 189 2.21 65.22 -63.01
N LEU D 190 1.56 65.01 -64.16
CA LEU D 190 2.09 65.47 -65.44
C LEU D 190 2.38 66.97 -65.40
N ALA D 191 1.40 67.76 -64.97
CA ALA D 191 1.51 69.22 -65.01
C ALA D 191 2.47 69.79 -63.98
N GLU D 192 2.65 69.11 -62.84
CA GLU D 192 3.62 69.54 -61.83
C GLU D 192 4.95 68.79 -61.95
N LEU D 193 5.11 67.95 -62.97
CA LEU D 193 6.30 67.17 -63.16
C LEU D 193 7.05 67.53 -64.44
N GLU D 194 6.40 67.47 -65.59
CA GLU D 194 7.02 67.77 -66.87
C GLU D 194 7.00 69.25 -67.21
N ALA D 195 6.73 70.12 -66.23
CA ALA D 195 6.72 71.56 -66.42
C ALA D 195 7.85 72.27 -65.68
N GLU D 196 8.78 71.51 -65.08
CA GLU D 196 9.89 72.10 -64.34
C GLU D 196 11.18 71.43 -64.79
N GLY D 197 12.28 71.81 -64.15
CA GLY D 197 13.58 71.23 -64.42
C GLY D 197 13.91 70.07 -63.51
N ALA D 198 12.88 69.47 -62.91
CA ALA D 198 13.07 68.35 -62.01
C ALA D 198 13.67 67.15 -62.76
N LYS D 199 14.18 66.20 -61.98
CA LYS D 199 14.82 65.01 -62.55
C LYS D 199 13.84 64.24 -63.42
N ALA D 200 14.33 63.73 -64.56
CA ALA D 200 13.49 63.03 -65.51
C ALA D 200 12.82 61.80 -64.92
N ASP D 201 13.38 61.24 -63.84
CA ASP D 201 12.71 60.17 -63.11
C ASP D 201 11.88 60.71 -61.96
N ALA D 202 12.35 61.76 -61.28
CA ALA D 202 11.59 62.34 -60.17
C ALA D 202 10.27 62.94 -60.65
N ARG D 203 10.22 63.37 -61.92
CA ARG D 203 8.95 63.81 -62.47
C ARG D 203 8.00 62.64 -62.70
N ARG D 204 8.52 61.45 -62.94
CA ARG D 204 7.67 60.27 -63.10
C ARG D 204 7.56 59.45 -61.83
N LYS D 205 8.21 59.88 -60.73
CA LYS D 205 7.97 59.22 -59.44
C LYS D 205 6.54 59.43 -58.98
N VAL D 206 5.98 60.63 -59.19
CA VAL D 206 4.58 60.86 -58.86
C VAL D 206 3.68 60.08 -59.82
N ARG D 207 4.10 59.90 -61.07
CA ARG D 207 3.36 59.04 -62.00
C ARG D 207 3.27 57.62 -61.47
N ASP D 208 4.42 57.07 -61.04
CA ASP D 208 4.45 55.73 -60.49
C ASP D 208 3.65 55.63 -59.20
N GLY D 209 3.71 56.69 -58.37
CA GLY D 209 2.91 56.70 -57.16
C GLY D 209 1.42 56.67 -57.44
N GLY D 210 0.98 57.45 -58.42
CA GLY D 210 -0.42 57.43 -58.80
C GLY D 210 -0.85 56.08 -59.37
N GLU D 211 -0.03 55.51 -60.25
CA GLU D 211 -0.37 54.21 -60.83
C GLU D 211 -0.36 53.11 -59.78
N ARG D 212 0.55 53.17 -58.81
CA ARG D 212 0.57 52.21 -57.72
C ARG D 212 -0.65 52.39 -56.81
N GLU D 213 -1.07 53.64 -56.58
CA GLU D 213 -2.32 53.89 -55.88
C GLU D 213 -3.50 53.25 -56.61
N MET D 214 -3.53 53.36 -57.94
CA MET D 214 -4.53 52.64 -58.74
C MET D 214 -4.42 51.13 -58.62
N ARG D 215 -3.22 50.57 -58.60
CA ARG D 215 -3.10 49.11 -58.48
C ARG D 215 -3.63 48.64 -57.14
N GLN D 216 -3.26 49.32 -56.05
CA GLN D 216 -3.75 48.91 -54.74
C GLN D 216 -5.24 49.23 -54.55
N ILE D 217 -5.73 50.30 -55.18
CA ILE D 217 -7.13 50.67 -55.06
C ILE D 217 -8.02 49.67 -55.80
N ARG D 218 -7.61 49.28 -57.02
CA ARG D 218 -8.35 48.24 -57.71
C ARG D 218 -8.17 46.89 -57.02
N ASP D 219 -7.07 46.70 -56.29
CA ASP D 219 -6.95 45.52 -55.43
C ASP D 219 -8.00 45.53 -54.33
N ARG D 220 -8.22 46.69 -53.70
CA ARG D 220 -9.28 46.83 -52.70
C ARG D 220 -10.63 46.49 -53.30
N ALA D 221 -10.93 47.10 -54.46
CA ALA D 221 -12.22 46.88 -55.10
C ALA D 221 -12.41 45.43 -55.50
N GLN D 222 -11.36 44.81 -56.06
CA GLN D 222 -11.45 43.40 -56.45
C GLN D 222 -11.62 42.50 -55.25
N ARG D 223 -10.96 42.81 -54.13
CA ARG D 223 -11.08 41.98 -52.94
C ARG D 223 -12.48 42.06 -52.34
N GLU D 224 -13.06 43.27 -52.27
CA GLU D 224 -14.42 43.33 -51.74
C GLU D 224 -15.43 42.75 -52.71
N LEU D 225 -15.19 42.87 -54.02
CA LEU D 225 -16.06 42.21 -54.99
C LEU D 225 -15.95 40.68 -54.88
N ASP D 226 -14.75 40.17 -54.60
CA ASP D 226 -14.59 38.73 -54.37
C ASP D 226 -15.29 38.29 -53.10
N ARG D 227 -15.26 39.14 -52.06
CA ARG D 227 -16.01 38.85 -50.85
C ARG D 227 -17.51 38.75 -51.14
N LEU D 228 -18.02 39.68 -51.96
CA LEU D 228 -19.43 39.63 -52.33
C LEU D 228 -19.75 38.41 -53.20
N GLU D 229 -18.85 38.05 -54.11
CA GLU D 229 -19.06 36.84 -54.91
C GLU D 229 -19.09 35.61 -54.00
N ASP D 230 -18.22 35.57 -53.00
CA ASP D 230 -18.19 34.46 -52.05
C ASP D 230 -19.49 34.39 -51.25
N ILE D 231 -19.98 35.53 -50.77
CA ILE D 231 -21.22 35.48 -49.98
C ILE D 231 -22.41 35.09 -50.86
N TRP D 232 -22.42 35.52 -52.13
CA TRP D 232 -23.50 35.10 -53.02
C TRP D 232 -23.45 33.59 -53.26
N SER D 233 -22.25 33.06 -53.52
CA SER D 233 -22.11 31.62 -53.73
C SER D 233 -22.52 30.85 -52.48
N THR D 234 -22.19 31.38 -51.30
CA THR D 234 -22.62 30.74 -50.05
C THR D 234 -24.14 30.78 -49.90
N PHE D 235 -24.76 31.91 -50.26
CA PHE D 235 -26.22 32.01 -50.14
C PHE D 235 -26.92 31.04 -51.10
N THR D 236 -26.37 30.87 -52.30
CA THR D 236 -26.92 29.87 -53.22
C THR D 236 -26.75 28.46 -52.66
N LYS D 237 -25.59 28.18 -52.08
CA LYS D 237 -25.26 26.85 -51.56
C LYS D 237 -25.59 26.68 -50.08
N LEU D 238 -26.40 27.58 -49.51
CA LEU D 238 -26.78 27.44 -48.12
C LEU D 238 -27.61 26.18 -47.91
N ALA D 239 -27.19 25.37 -46.95
CA ALA D 239 -27.82 24.08 -46.69
C ALA D 239 -27.82 23.84 -45.19
N PRO D 240 -28.74 23.03 -44.68
CA PRO D 240 -28.68 22.65 -43.25
C PRO D 240 -27.42 21.86 -42.96
N LYS D 241 -26.98 21.95 -41.70
CA LYS D 241 -25.78 21.26 -41.22
C LYS D 241 -24.53 21.73 -41.97
N GLN D 242 -24.45 23.04 -42.18
CA GLN D 242 -23.27 23.68 -42.76
C GLN D 242 -22.68 24.62 -41.71
N LEU D 243 -21.36 24.73 -41.72
CA LEU D 243 -20.65 25.60 -40.76
C LEU D 243 -20.31 26.92 -41.43
N ILE D 244 -21.00 27.98 -41.03
CA ILE D 244 -20.59 29.34 -41.39
C ILE D 244 -19.68 29.88 -40.30
N VAL D 245 -18.53 30.38 -40.71
CA VAL D 245 -17.57 31.06 -39.84
C VAL D 245 -17.37 32.39 -40.55
N ASP D 246 -16.44 33.23 -40.07
CA ASP D 246 -16.29 34.60 -40.54
C ASP D 246 -17.56 35.41 -40.27
N GLU D 247 -17.78 35.63 -38.97
CA GLU D 247 -18.97 36.28 -38.39
C GLU D 247 -19.42 37.51 -39.16
N ASN D 248 -18.47 38.27 -39.72
CA ASN D 248 -18.81 39.40 -40.59
C ASN D 248 -19.69 38.94 -41.75
N LEU D 249 -19.26 37.87 -42.44
CA LEU D 249 -20.05 37.26 -43.51
C LEU D 249 -21.44 36.90 -43.03
N TYR D 250 -21.54 36.26 -41.85
CA TYR D 250 -22.85 35.82 -41.36
C TYR D 250 -23.78 37.00 -41.11
N ARG D 251 -23.28 38.06 -40.47
CA ARG D 251 -24.17 39.18 -40.18
C ARG D 251 -24.58 39.86 -41.48
N GLU D 252 -23.70 39.90 -42.47
CA GLU D 252 -24.11 40.58 -43.70
C GLU D 252 -25.02 39.72 -44.56
N LEU D 253 -25.03 38.39 -44.38
CA LEU D 253 -26.12 37.65 -45.04
C LEU D 253 -27.43 37.86 -44.30
N VAL D 254 -27.42 37.81 -42.96
CA VAL D 254 -28.69 37.82 -42.24
C VAL D 254 -29.37 39.19 -42.34
N ASP D 255 -28.60 40.27 -42.33
CA ASP D 255 -29.27 41.57 -42.39
C ASP D 255 -29.71 41.96 -43.80
N ARG D 256 -29.29 41.22 -44.82
CA ARG D 256 -29.76 41.44 -46.19
C ARG D 256 -30.67 40.34 -46.69
N TYR D 257 -30.50 39.11 -46.20
CA TYR D 257 -31.31 37.97 -46.60
C TYR D 257 -31.97 37.35 -45.37
N GLY D 258 -32.61 38.18 -44.55
CA GLY D 258 -33.14 37.73 -43.27
C GLY D 258 -34.20 36.66 -43.36
N GLU D 259 -34.92 36.59 -44.48
CA GLU D 259 -35.88 35.53 -44.69
C GLU D 259 -35.15 34.34 -45.32
N TYR D 260 -35.89 33.39 -45.86
CA TYR D 260 -35.45 32.26 -46.68
C TYR D 260 -34.74 31.18 -45.86
N PHE D 261 -34.43 31.42 -44.59
CA PHE D 261 -33.66 30.45 -43.82
C PHE D 261 -33.69 30.84 -42.34
N THR D 262 -33.30 29.90 -41.50
CA THR D 262 -33.07 30.16 -40.08
C THR D 262 -31.70 29.63 -39.69
N GLY D 263 -30.90 30.46 -39.03
CA GLY D 263 -29.58 30.07 -38.61
C GLY D 263 -29.25 30.48 -37.20
N ALA D 264 -28.74 29.54 -36.40
CA ALA D 264 -28.45 29.83 -35.00
C ALA D 264 -27.04 29.39 -34.62
N MET D 265 -26.72 29.45 -33.33
CA MET D 265 -25.41 29.08 -32.82
C MET D 265 -25.56 28.47 -31.44
N GLY D 266 -24.88 27.38 -31.19
CA GLY D 266 -24.84 26.77 -29.88
C GLY D 266 -25.68 25.51 -29.77
N ALA D 267 -25.89 25.09 -28.52
CA ALA D 267 -26.56 23.82 -28.26
C ALA D 267 -28.04 23.85 -28.65
N GLU D 268 -28.66 25.02 -28.57
CA GLU D 268 -30.06 25.12 -28.99
C GLU D 268 -30.21 24.87 -30.48
N SER D 269 -29.20 25.24 -31.27
CA SER D 269 -29.21 24.93 -32.69
C SER D 269 -29.10 23.43 -32.93
N ILE D 270 -28.27 22.75 -32.13
CA ILE D 270 -28.18 21.29 -32.23
C ILE D 270 -29.50 20.65 -31.85
N GLN D 271 -30.18 21.20 -30.84
CA GLN D 271 -31.50 20.70 -30.47
C GLN D 271 -32.50 20.90 -31.60
N LYS D 272 -32.45 22.04 -32.28
CA LYS D 272 -33.32 22.26 -33.44
C LYS D 272 -32.99 21.29 -34.56
N LEU D 273 -31.71 20.99 -34.77
CA LEU D 273 -31.31 20.02 -35.78
C LEU D 273 -31.88 18.63 -35.45
N ILE D 274 -31.78 18.22 -34.19
CA ILE D 274 -32.33 16.92 -33.79
C ILE D 274 -33.84 16.92 -33.92
N GLU D 275 -34.50 18.06 -33.68
CA GLU D 275 -35.93 18.17 -33.91
C GLU D 275 -36.27 17.91 -35.38
N ASN D 276 -35.58 18.59 -36.29
CA ASN D 276 -35.84 18.46 -37.72
C ASN D 276 -34.87 17.44 -38.33
N PHE D 277 -35.12 16.18 -38.02
CA PHE D 277 -34.24 15.11 -38.49
C PHE D 277 -35.05 13.82 -38.57
N ASP D 278 -35.36 13.39 -39.79
CA ASP D 278 -36.05 12.11 -40.00
C ASP D 278 -35.02 10.98 -39.86
N ILE D 279 -35.19 10.17 -38.83
CA ILE D 279 -34.28 9.04 -38.63
C ILE D 279 -34.50 7.97 -39.68
N ASP D 280 -35.75 7.81 -40.14
CA ASP D 280 -36.10 6.68 -40.99
C ASP D 280 -35.51 6.82 -42.39
N ALA D 281 -35.75 7.97 -43.04
CA ALA D 281 -35.26 8.18 -44.39
C ALA D 281 -33.73 8.21 -44.43
N GLU D 282 -33.11 8.82 -43.42
CA GLU D 282 -31.65 8.82 -43.34
C GLU D 282 -31.11 7.40 -43.17
N ALA D 283 -31.77 6.59 -42.34
CA ALA D 283 -31.34 5.21 -42.17
C ALA D 283 -31.47 4.42 -43.45
N GLU D 284 -32.58 4.61 -44.19
CA GLU D 284 -32.73 3.92 -45.47
C GLU D 284 -31.70 4.40 -46.49
N SER D 285 -31.35 5.68 -46.47
CA SER D 285 -30.29 6.17 -47.34
C SER D 285 -28.96 5.52 -47.01
N LEU D 286 -28.67 5.36 -45.71
CA LEU D 286 -27.44 4.66 -45.31
C LEU D 286 -27.45 3.20 -45.75
N ARG D 287 -28.62 2.55 -45.64
CA ARG D 287 -28.75 1.19 -46.14
C ARG D 287 -28.49 1.12 -47.64
N ASP D 288 -29.02 2.09 -48.39
CA ASP D 288 -28.77 2.15 -49.82
C ASP D 288 -27.29 2.36 -50.12
N VAL D 289 -26.62 3.21 -49.33
CA VAL D 289 -25.20 3.47 -49.54
C VAL D 289 -24.37 2.21 -49.31
N ILE D 290 -24.64 1.51 -48.20
CA ILE D 290 -23.94 0.26 -47.93
C ILE D 290 -24.29 -0.80 -48.99
N ARG D 291 -25.51 -0.77 -49.50
CA ARG D 291 -25.94 -1.71 -50.54
C ARG D 291 -25.21 -1.49 -51.86
N ASN D 292 -24.99 -0.24 -52.25
CA ASN D 292 -24.41 0.09 -53.55
C ASN D 292 -22.98 0.60 -53.47
N GLY D 293 -22.68 1.49 -52.54
CA GLY D 293 -21.37 2.11 -52.49
C GLY D 293 -20.30 1.15 -52.00
N LYS D 294 -19.06 1.65 -52.03
CA LYS D 294 -17.91 0.85 -51.66
C LYS D 294 -16.79 1.76 -51.21
N GLY D 295 -15.82 1.17 -50.49
CA GLY D 295 -14.62 1.89 -50.10
C GLY D 295 -14.71 2.63 -48.77
N GLN D 296 -14.12 3.83 -48.72
CA GLN D 296 -14.18 4.65 -47.52
C GLN D 296 -15.61 5.08 -47.22
N LYS D 297 -16.36 5.44 -48.27
CA LYS D 297 -17.76 5.81 -48.08
C LYS D 297 -18.54 4.67 -47.43
N LYS D 298 -18.25 3.43 -47.85
CA LYS D 298 -18.82 2.27 -47.19
C LYS D 298 -18.56 2.30 -45.69
N LEU D 299 -17.29 2.36 -45.29
CA LEU D 299 -16.93 2.25 -43.87
C LEU D 299 -17.56 3.37 -43.05
N ARG D 300 -17.57 4.59 -43.59
CA ARG D 300 -18.23 5.69 -42.90
C ARG D 300 -19.73 5.43 -42.77
N ALA D 301 -20.34 4.81 -43.78
CA ALA D 301 -21.76 4.46 -43.68
C ALA D 301 -21.99 3.38 -42.62
N LEU D 302 -21.08 2.40 -42.54
CA LEU D 302 -21.21 1.37 -41.51
C LEU D 302 -21.12 1.96 -40.11
N LYS D 303 -20.13 2.83 -39.88
CA LYS D 303 -19.98 3.39 -38.53
C LYS D 303 -21.17 4.27 -38.15
N ARG D 304 -21.65 5.10 -39.08
CA ARG D 304 -22.81 5.93 -38.78
C ARG D 304 -24.04 5.08 -38.49
N LEU D 305 -24.33 4.09 -39.35
CA LEU D 305 -25.51 3.26 -39.18
C LEU D 305 -25.50 2.54 -37.82
N LYS D 306 -24.31 2.26 -37.28
CA LYS D 306 -24.23 1.66 -35.96
C LYS D 306 -24.81 2.57 -34.88
N VAL D 307 -24.87 3.87 -35.15
CA VAL D 307 -25.47 4.82 -34.21
C VAL D 307 -26.89 5.15 -34.67
N VAL D 308 -27.08 5.36 -35.98
CA VAL D 308 -28.41 5.69 -36.51
C VAL D 308 -29.39 4.54 -36.27
N ALA D 309 -28.97 3.30 -36.57
CA ALA D 309 -29.89 2.17 -36.39
C ALA D 309 -30.11 1.87 -34.92
N ALA D 310 -29.16 2.26 -34.05
CA ALA D 310 -29.35 2.09 -32.63
C ALA D 310 -30.52 2.94 -32.13
N PHE D 311 -30.65 4.16 -32.66
CA PHE D 311 -31.76 5.02 -32.29
C PHE D 311 -33.06 4.65 -32.98
N GLN D 312 -33.00 3.85 -34.05
CA GLN D 312 -34.22 3.50 -34.77
C GLN D 312 -34.88 2.26 -34.18
N GLN D 313 -34.07 1.32 -33.66
CA GLN D 313 -34.62 0.02 -33.25
C GLN D 313 -35.42 0.14 -31.96
N SER D 314 -34.85 0.82 -30.96
CA SER D 314 -35.55 0.96 -29.69
C SER D 314 -36.38 2.24 -29.70
N GLY D 315 -36.95 2.57 -28.55
CA GLY D 315 -37.86 3.69 -28.46
C GLY D 315 -37.23 4.97 -27.96
N ASN D 316 -35.92 5.09 -28.04
CA ASN D 316 -35.24 6.30 -27.55
C ASN D 316 -35.31 7.38 -28.62
N SER D 317 -35.93 8.49 -28.29
CA SER D 317 -35.76 9.69 -29.09
C SER D 317 -34.35 10.23 -28.88
N PRO D 318 -33.67 10.68 -29.94
CA PRO D 318 -32.33 11.24 -29.77
C PRO D 318 -32.33 12.63 -29.15
N MET D 319 -33.49 13.15 -28.76
CA MET D 319 -33.57 14.46 -28.13
C MET D 319 -32.81 14.51 -26.82
N GLY D 320 -32.68 13.37 -26.14
CA GLY D 320 -31.97 13.32 -24.88
C GLY D 320 -30.48 13.57 -24.97
N MET D 321 -29.94 13.62 -26.19
CA MET D 321 -28.52 13.93 -26.34
C MET D 321 -28.21 15.35 -25.86
N VAL D 322 -29.06 16.31 -26.20
CA VAL D 322 -28.97 17.64 -25.60
C VAL D 322 -29.74 17.64 -24.30
N LEU D 323 -29.39 18.58 -23.42
CA LEU D 323 -29.86 18.56 -22.04
C LEU D 323 -30.52 19.88 -21.69
N ASP D 324 -31.65 19.80 -20.98
CA ASP D 324 -32.37 20.98 -20.54
C ASP D 324 -32.49 21.10 -19.03
N ALA D 325 -32.62 19.98 -18.30
CA ALA D 325 -32.67 19.99 -16.85
C ALA D 325 -31.62 19.03 -16.33
N VAL D 326 -30.74 19.52 -15.47
CA VAL D 326 -29.61 18.74 -14.96
C VAL D 326 -29.97 18.21 -13.57
N PRO D 327 -29.99 16.91 -13.37
CA PRO D 327 -30.30 16.38 -12.04
C PRO D 327 -29.17 16.56 -11.05
N VAL D 328 -29.54 16.58 -9.78
CA VAL D 328 -28.61 16.82 -8.67
C VAL D 328 -28.66 15.61 -7.75
N ILE D 329 -27.48 15.03 -7.49
CA ILE D 329 -27.28 13.83 -6.68
C ILE D 329 -27.73 14.14 -5.25
N PRO D 330 -28.26 13.18 -4.51
CA PRO D 330 -28.76 13.46 -3.18
C PRO D 330 -27.64 13.96 -2.27
N PRO D 331 -27.99 14.77 -1.26
CA PRO D 331 -26.95 15.39 -0.42
C PRO D 331 -26.05 14.41 0.31
N GLU D 332 -26.58 13.26 0.72
CA GLU D 332 -25.77 12.34 1.51
C GLU D 332 -24.71 11.64 0.68
N LEU D 333 -24.85 11.64 -0.65
CA LEU D 333 -23.78 11.15 -1.52
C LEU D 333 -22.76 12.22 -1.84
N ARG D 334 -23.03 13.47 -1.47
CA ARG D 334 -22.04 14.55 -1.53
C ARG D 334 -22.03 15.31 -0.21
N PRO D 335 -21.69 14.64 0.89
CA PRO D 335 -21.99 15.19 2.21
C PRO D 335 -21.08 16.35 2.59
N MET D 336 -21.59 17.19 3.49
CA MET D 336 -20.81 18.23 4.15
C MET D 336 -20.76 17.83 5.63
N VAL D 337 -19.59 17.42 6.09
CA VAL D 337 -19.43 16.89 7.43
C VAL D 337 -18.63 17.86 8.28
N GLN D 338 -18.92 17.85 9.58
CA GLN D 338 -18.18 18.65 10.55
C GLN D 338 -17.17 17.73 11.23
N LEU D 339 -15.91 17.82 10.81
CA LEU D 339 -14.85 17.01 11.40
C LEU D 339 -14.62 17.43 12.85
N ASP D 340 -13.94 16.56 13.61
CA ASP D 340 -13.57 16.93 14.96
C ASP D 340 -12.59 18.08 14.91
N GLY D 341 -12.94 19.21 15.51
CA GLY D 341 -12.14 20.41 15.38
C GLY D 341 -12.93 21.54 14.76
N GLY D 342 -14.24 21.34 14.59
CA GLY D 342 -15.09 22.38 14.03
C GLY D 342 -14.81 22.70 12.58
N ARG D 343 -14.12 21.81 11.87
CA ARG D 343 -13.79 22.04 10.46
C ARG D 343 -14.97 21.64 9.59
N PHE D 344 -14.76 21.60 8.29
CA PHE D 344 -15.78 21.18 7.35
C PHE D 344 -15.10 20.51 6.17
N ALA D 345 -15.75 19.49 5.61
CA ALA D 345 -15.22 18.74 4.47
C ALA D 345 -16.31 18.61 3.42
N THR D 346 -16.13 19.31 2.30
CA THR D 346 -17.02 19.14 1.17
C THR D 346 -16.65 17.88 0.41
N SER D 347 -17.58 17.41 -0.43
CA SER D 347 -17.37 16.20 -1.21
C SER D 347 -16.96 16.51 -2.64
N ASP D 348 -16.59 17.77 -2.92
CA ASP D 348 -15.97 18.25 -4.15
C ASP D 348 -16.94 18.30 -5.32
N LEU D 349 -18.15 17.79 -5.13
CA LEU D 349 -19.21 18.02 -6.09
C LEU D 349 -20.00 19.29 -5.79
N ASN D 350 -19.95 19.75 -4.54
CA ASN D 350 -20.68 20.96 -4.17
C ASN D 350 -20.15 22.17 -4.92
N ASP D 351 -18.83 22.22 -5.17
CA ASP D 351 -18.27 23.37 -5.88
C ASP D 351 -18.68 23.37 -7.35
N LEU D 352 -18.69 22.21 -8.00
CA LEU D 352 -19.13 22.14 -9.39
C LEU D 352 -20.59 22.51 -9.53
N TYR D 353 -21.44 22.00 -8.63
CA TYR D 353 -22.85 22.37 -8.65
C TYR D 353 -23.02 23.86 -8.36
N ARG D 354 -22.21 24.41 -7.46
CA ARG D 354 -22.27 25.85 -7.18
C ARG D 354 -21.91 26.67 -8.41
N ARG D 355 -20.88 26.24 -9.14
CA ARG D 355 -20.52 26.93 -10.38
C ARG D 355 -21.66 26.87 -11.39
N VAL D 356 -22.28 25.69 -11.54
CA VAL D 356 -23.37 25.54 -12.51
C VAL D 356 -24.55 26.43 -12.13
N ILE D 357 -24.93 26.43 -10.85
CA ILE D 357 -26.06 27.25 -10.41
C ILE D 357 -25.73 28.73 -10.55
N ASN D 358 -24.50 29.13 -10.20
CA ASN D 358 -24.09 30.53 -10.35
C ASN D 358 -24.22 30.98 -11.79
N ARG D 359 -23.68 30.18 -12.73
CA ARG D 359 -23.70 30.59 -14.13
C ARG D 359 -25.11 30.54 -14.71
N ASN D 360 -25.94 29.59 -14.28
CA ASN D 360 -27.31 29.54 -14.76
C ASN D 360 -28.11 30.73 -14.26
N ASN D 361 -27.97 31.08 -12.98
CA ASN D 361 -28.68 32.24 -12.44
C ASN D 361 -28.20 33.53 -13.08
N ARG D 362 -26.89 33.64 -13.32
CA ARG D 362 -26.36 34.82 -13.99
C ARG D 362 -26.90 34.93 -15.41
N LEU D 363 -26.99 33.80 -16.12
CA LEU D 363 -27.58 33.82 -17.46
C LEU D 363 -29.04 34.25 -17.41
N LYS D 364 -29.79 33.75 -16.43
CA LYS D 364 -31.19 34.13 -16.29
C LYS D 364 -31.31 35.64 -16.08
N ARG D 365 -30.48 36.20 -15.19
CA ARG D 365 -30.53 37.65 -14.94
C ARG D 365 -30.10 38.43 -16.17
N LEU D 366 -29.08 37.96 -16.89
CA LEU D 366 -28.63 38.62 -18.10
C LEU D 366 -29.73 38.67 -19.16
N ILE D 367 -30.42 37.56 -19.37
CA ILE D 367 -31.45 37.51 -20.40
C ILE D 367 -32.65 38.35 -19.97
N ASP D 368 -33.03 38.29 -18.69
CA ASP D 368 -34.17 39.07 -18.23
C ASP D 368 -33.90 40.56 -18.31
N LEU D 369 -32.66 40.98 -18.01
CA LEU D 369 -32.32 42.40 -18.04
C LEU D 369 -32.28 42.94 -19.46
N GLY D 370 -31.74 42.17 -20.39
CA GLY D 370 -31.47 42.68 -21.73
C GLY D 370 -30.00 42.95 -21.90
N ALA D 371 -29.31 42.03 -22.56
CA ALA D 371 -27.85 41.99 -22.61
C ALA D 371 -27.40 41.77 -24.05
N PRO D 372 -26.18 42.18 -24.40
CA PRO D 372 -25.75 42.05 -25.79
C PRO D 372 -25.50 40.60 -26.17
N GLU D 373 -25.36 40.38 -27.48
CA GLU D 373 -25.14 39.04 -28.00
C GLU D 373 -23.83 38.45 -27.50
N ILE D 374 -22.79 39.29 -27.39
CA ILE D 374 -21.48 38.80 -26.99
C ILE D 374 -21.50 38.31 -25.55
N ILE D 375 -22.07 39.10 -24.64
CA ILE D 375 -22.08 38.72 -23.23
C ILE D 375 -22.96 37.49 -23.00
N VAL D 376 -24.13 37.46 -23.65
CA VAL D 376 -25.03 36.31 -23.51
C VAL D 376 -24.39 35.05 -24.08
N ASN D 377 -23.71 35.16 -25.23
CA ASN D 377 -23.08 33.99 -25.82
C ASN D 377 -21.90 33.51 -24.99
N ASN D 378 -21.12 34.43 -24.42
CA ASN D 378 -20.05 34.05 -23.51
C ASN D 378 -20.60 33.34 -22.29
N GLU D 379 -21.72 33.84 -21.75
CA GLU D 379 -22.36 33.21 -20.60
C GLU D 379 -22.87 31.82 -20.94
N LYS D 380 -23.46 31.66 -22.14
CA LYS D 380 -23.90 30.33 -22.57
C LYS D 380 -22.73 29.38 -22.74
N ARG D 381 -21.61 29.88 -23.28
CA ARG D 381 -20.43 29.04 -23.44
C ARG D 381 -19.88 28.60 -22.08
N MET D 382 -19.88 29.51 -21.10
CA MET D 382 -19.42 29.11 -19.77
C MET D 382 -20.40 28.16 -19.09
N LEU D 383 -21.70 28.33 -19.33
CA LEU D 383 -22.66 27.35 -18.82
C LEU D 383 -22.37 25.97 -19.41
N GLN D 384 -22.08 25.92 -20.71
CA GLN D 384 -21.71 24.67 -21.36
C GLN D 384 -20.45 24.08 -20.75
N GLU D 385 -19.43 24.92 -20.52
CA GLU D 385 -18.18 24.42 -19.95
C GLU D 385 -18.36 23.94 -18.51
N SER D 386 -19.22 24.62 -17.74
CA SER D 386 -19.46 24.19 -16.36
C SER D 386 -20.17 22.85 -16.33
N VAL D 387 -21.16 22.66 -17.20
CA VAL D 387 -21.83 21.36 -17.27
C VAL D 387 -20.86 20.28 -17.74
N ASP D 388 -19.99 20.62 -18.69
CA ASP D 388 -18.99 19.67 -19.18
C ASP D 388 -18.05 19.26 -18.05
N ALA D 389 -17.62 20.22 -17.25
CA ALA D 389 -16.76 19.93 -16.11
C ALA D 389 -17.48 19.10 -15.06
N LEU D 390 -18.78 19.37 -14.87
CA LEU D 390 -19.57 18.61 -13.91
C LEU D 390 -19.66 17.14 -14.32
N PHE D 391 -19.95 16.87 -15.58
CA PHE D 391 -20.15 15.49 -16.00
C PHE D 391 -18.82 14.75 -16.18
N ASP D 392 -17.80 15.42 -16.71
CA ASP D 392 -16.52 14.74 -16.97
C ASP D 392 -15.41 15.79 -17.00
N ASN D 393 -14.59 15.81 -15.96
CA ASN D 393 -13.42 16.66 -15.94
C ASN D 393 -12.26 16.01 -16.68
N GLY D 394 -11.38 16.85 -17.23
CA GLY D 394 -10.21 16.38 -17.95
C GLY D 394 -10.45 16.02 -19.40
N ARG D 395 -11.65 16.28 -19.94
CA ARG D 395 -11.96 15.97 -21.33
C ARG D 395 -11.71 17.16 -22.26
N ARG D 396 -12.42 18.26 -22.04
CA ARG D 396 -12.34 19.43 -22.89
C ARG D 396 -11.57 20.53 -22.18
N GLY D 397 -10.61 21.13 -22.88
CA GLY D 397 -9.81 22.18 -22.29
C GLY D 397 -8.88 21.61 -21.22
N ARG D 398 -8.92 22.23 -20.04
CA ARG D 398 -8.07 21.82 -18.93
C ARG D 398 -8.92 21.36 -17.76
N PRO D 399 -8.40 20.48 -16.91
CA PRO D 399 -9.17 20.07 -15.72
C PRO D 399 -9.41 21.25 -14.80
N VAL D 400 -10.69 21.45 -14.44
CA VAL D 400 -11.04 22.52 -13.51
C VAL D 400 -10.40 22.23 -12.16
N THR D 401 -9.48 23.09 -11.75
CA THR D 401 -8.67 22.85 -10.58
C THR D 401 -9.27 23.49 -9.34
N GLY D 402 -8.76 23.07 -8.18
CA GLY D 402 -9.12 23.66 -6.91
C GLY D 402 -7.91 24.25 -6.24
N PRO D 403 -7.95 24.36 -4.91
CA PRO D 403 -6.76 24.84 -4.18
C PRO D 403 -5.61 23.86 -4.29
N GLY D 404 -4.40 24.41 -4.31
CA GLY D 404 -3.22 23.58 -4.49
C GLY D 404 -3.02 23.06 -5.88
N ASN D 405 -3.78 23.56 -6.86
CA ASN D 405 -3.73 23.11 -8.26
C ASN D 405 -3.97 21.60 -8.36
N ARG D 406 -5.00 21.13 -7.65
CA ARG D 406 -5.45 19.75 -7.71
C ARG D 406 -6.68 19.64 -8.59
N PRO D 407 -6.71 18.74 -9.57
CA PRO D 407 -7.90 18.60 -10.41
C PRO D 407 -9.11 18.13 -9.61
N LEU D 408 -10.28 18.61 -10.00
CA LEU D 408 -11.49 18.30 -9.26
C LEU D 408 -11.99 16.92 -9.65
N LYS D 409 -12.83 16.34 -8.80
CA LYS D 409 -13.42 15.03 -9.07
C LYS D 409 -14.85 15.24 -9.54
N SER D 410 -15.10 14.95 -10.82
CA SER D 410 -16.42 15.09 -11.39
C SER D 410 -17.20 13.77 -11.21
N LEU D 411 -18.36 13.68 -11.86
CA LEU D 411 -19.16 12.47 -11.74
C LEU D 411 -18.52 11.30 -12.48
N SER D 412 -17.88 11.57 -13.62
CA SER D 412 -17.21 10.51 -14.36
C SER D 412 -16.04 9.93 -13.57
N ASP D 413 -15.28 10.80 -12.90
CA ASP D 413 -14.12 10.37 -12.12
C ASP D 413 -14.52 9.57 -10.88
N LEU D 414 -15.80 9.39 -10.63
CA LEU D 414 -16.28 8.55 -9.56
C LEU D 414 -16.77 7.20 -10.07
N LEU D 415 -17.32 7.16 -11.29
CA LEU D 415 -17.59 5.89 -11.94
C LEU D 415 -16.32 5.26 -12.49
N LYS D 416 -15.48 6.07 -13.14
CA LYS D 416 -14.26 5.58 -13.78
C LYS D 416 -13.22 5.22 -12.72
N GLY D 417 -12.05 4.82 -13.21
CA GLY D 417 -10.91 4.62 -12.35
C GLY D 417 -10.94 3.28 -11.64
N LYS D 418 -9.76 2.87 -11.17
CA LYS D 418 -9.67 1.65 -10.38
C LYS D 418 -10.36 1.82 -9.03
N GLN D 419 -10.33 3.03 -8.48
CA GLN D 419 -10.93 3.33 -7.18
C GLN D 419 -12.38 3.78 -7.30
N GLY D 420 -12.92 3.87 -8.51
CA GLY D 420 -14.31 4.21 -8.67
C GLY D 420 -15.22 3.07 -8.28
N ARG D 421 -16.51 3.39 -8.13
CA ARG D 421 -17.47 2.43 -7.59
C ARG D 421 -17.57 1.18 -8.45
N PHE D 422 -17.58 1.35 -9.78
CA PHE D 422 -17.88 0.25 -10.68
C PHE D 422 -16.90 -0.92 -10.49
N ARG D 423 -15.61 -0.63 -10.33
CA ARG D 423 -14.62 -1.70 -10.26
C ARG D 423 -14.55 -2.30 -8.86
N GLN D 424 -14.14 -1.50 -7.88
CA GLN D 424 -14.05 -1.95 -6.49
C GLN D 424 -14.71 -0.91 -5.61
N ASN D 425 -15.00 -1.30 -4.37
CA ASN D 425 -16.00 -0.77 -3.44
C ASN D 425 -17.38 -1.29 -3.84
N LEU D 426 -17.47 -2.12 -4.88
CA LEU D 426 -18.70 -2.78 -5.30
C LEU D 426 -18.46 -4.27 -5.41
N LEU D 427 -17.25 -4.66 -5.85
CA LEU D 427 -16.85 -6.05 -5.93
C LEU D 427 -16.09 -6.49 -4.68
N GLY D 428 -15.22 -5.64 -4.16
CA GLY D 428 -14.51 -5.91 -2.93
C GLY D 428 -14.84 -4.86 -1.88
N LYS D 429 -15.13 -5.32 -0.67
CA LYS D 429 -15.58 -4.44 0.39
C LYS D 429 -14.89 -4.81 1.70
N ARG D 430 -14.68 -3.80 2.55
CA ARG D 430 -14.31 -4.08 3.93
C ARG D 430 -15.47 -4.80 4.61
N VAL D 431 -15.15 -5.77 5.46
CA VAL D 431 -16.15 -6.65 6.04
C VAL D 431 -16.08 -6.61 7.56
N ASP D 432 -17.23 -6.77 8.20
CA ASP D 432 -17.29 -6.98 9.64
C ASP D 432 -17.02 -8.44 9.97
N TYR D 433 -16.89 -8.72 11.26
CA TYR D 433 -16.58 -10.05 11.77
C TYR D 433 -15.33 -10.61 11.10
N SER D 434 -14.23 -9.90 11.31
CA SER D 434 -12.98 -10.19 10.62
C SER D 434 -11.81 -9.76 11.48
N GLY D 435 -10.63 -10.25 11.11
CA GLY D 435 -9.41 -9.86 11.78
C GLY D 435 -8.23 -10.28 10.95
N ARG D 436 -7.03 -9.95 11.43
CA ARG D 436 -5.81 -10.39 10.78
C ARG D 436 -4.72 -10.52 11.83
N SER D 437 -3.72 -11.34 11.52
CA SER D 437 -2.57 -11.48 12.41
C SER D 437 -1.42 -12.11 11.66
N VAL D 438 -0.22 -11.93 12.22
CA VAL D 438 0.96 -12.63 11.73
C VAL D 438 0.84 -14.10 12.10
N ILE D 439 1.48 -14.96 11.30
CA ILE D 439 1.24 -16.40 11.39
C ILE D 439 2.52 -17.12 11.76
N VAL D 440 2.36 -18.26 12.42
CA VAL D 440 3.46 -19.13 12.83
C VAL D 440 3.06 -20.57 12.54
N VAL D 441 4.05 -21.46 12.58
CA VAL D 441 3.86 -22.86 12.23
C VAL D 441 3.28 -23.61 13.42
N GLY D 442 2.32 -24.49 13.14
CA GLY D 442 1.55 -25.17 14.16
C GLY D 442 1.68 -26.69 14.13
N PRO D 443 2.92 -27.21 14.08
CA PRO D 443 3.12 -28.62 13.67
C PRO D 443 2.43 -29.68 14.51
N GLN D 444 1.79 -29.28 15.62
CA GLN D 444 1.00 -30.23 16.41
C GLN D 444 -0.48 -30.21 16.07
N LEU D 445 -0.91 -29.31 15.19
CA LEU D 445 -2.32 -29.22 14.83
C LEU D 445 -2.71 -30.36 13.88
N LYS D 446 -4.00 -30.67 13.85
CA LYS D 446 -4.54 -31.53 12.82
C LYS D 446 -4.75 -30.74 11.54
N LEU D 447 -5.02 -31.46 10.45
CA LEU D 447 -5.11 -30.82 9.14
C LEU D 447 -6.29 -29.85 9.06
N HIS D 448 -7.43 -30.23 9.66
CA HIS D 448 -8.60 -29.36 9.64
C HIS D 448 -8.57 -28.27 10.69
N GLN D 449 -7.67 -28.36 11.67
CA GLN D 449 -7.61 -27.41 12.76
C GLN D 449 -6.70 -26.24 12.41
N CYS D 450 -6.79 -25.18 13.21
CA CYS D 450 -5.88 -24.06 13.10
C CYS D 450 -5.83 -23.33 14.43
N GLY D 451 -4.72 -22.66 14.68
CA GLY D 451 -4.61 -21.82 15.83
C GLY D 451 -5.42 -20.54 15.68
N LEU D 452 -5.79 -19.97 16.80
CA LEU D 452 -6.49 -18.70 16.82
C LEU D 452 -6.21 -18.03 18.16
N PRO D 453 -5.53 -16.89 18.16
CA PRO D 453 -5.21 -16.23 19.43
C PRO D 453 -6.47 -15.83 20.17
N LYS D 454 -6.57 -16.26 21.44
CA LYS D 454 -7.79 -16.08 22.19
C LYS D 454 -8.15 -14.62 22.37
N LEU D 455 -7.14 -13.74 22.44
CA LEU D 455 -7.38 -12.30 22.49
C LEU D 455 -8.02 -11.77 21.22
N MET D 456 -7.95 -12.53 20.13
CA MET D 456 -8.59 -12.18 18.86
C MET D 456 -9.88 -12.95 18.64
N ALA D 457 -9.92 -14.22 19.07
CA ALA D 457 -11.16 -14.99 18.99
C ALA D 457 -12.25 -14.38 19.86
N LEU D 458 -11.86 -13.81 21.01
CA LEU D 458 -12.84 -13.13 21.86
C LEU D 458 -13.50 -11.98 21.12
N GLU D 459 -12.74 -11.26 20.28
CA GLU D 459 -13.32 -10.15 19.53
C GLU D 459 -14.07 -10.60 18.28
N LEU D 460 -13.63 -11.69 17.64
CA LEU D 460 -14.40 -12.24 16.52
C LEU D 460 -15.75 -12.77 16.97
N PHE D 461 -15.76 -13.53 18.07
CA PHE D 461 -16.98 -14.18 18.57
C PHE D 461 -17.64 -13.39 19.70
N LYS D 462 -17.53 -12.06 19.69
CA LYS D 462 -18.12 -11.28 20.77
C LYS D 462 -19.64 -11.41 20.88
N PRO D 463 -20.45 -11.34 19.81
CA PRO D 463 -21.90 -11.51 20.00
C PRO D 463 -22.28 -12.92 20.44
N PHE D 464 -21.63 -13.94 19.90
CA PHE D 464 -21.92 -15.31 20.31
C PHE D 464 -21.64 -15.51 21.80
N VAL D 465 -20.47 -15.07 22.26
CA VAL D 465 -20.11 -15.24 23.66
C VAL D 465 -21.00 -14.37 24.55
N MET D 466 -21.41 -13.19 24.06
CA MET D 466 -22.34 -12.36 24.80
C MET D 466 -23.65 -13.09 25.05
N LYS D 467 -24.23 -13.64 23.99
CA LYS D 467 -25.47 -14.39 24.13
C LYS D 467 -25.30 -15.58 25.06
N ARG D 468 -24.21 -16.32 24.92
CA ARG D 468 -24.05 -17.55 25.69
C ARG D 468 -23.87 -17.24 27.17
N LEU D 469 -23.06 -16.24 27.51
CA LEU D 469 -22.88 -15.93 28.92
C LEU D 469 -24.00 -15.07 29.49
N VAL D 470 -24.90 -14.57 28.65
CA VAL D 470 -26.21 -14.15 29.16
C VAL D 470 -27.05 -15.38 29.51
N ASP D 471 -27.01 -16.40 28.65
CA ASP D 471 -27.83 -17.60 28.86
C ASP D 471 -27.41 -18.36 30.11
N LEU D 472 -26.13 -18.33 30.46
CA LEU D 472 -25.62 -19.06 31.63
C LEU D 472 -25.76 -18.26 32.91
N ASN D 473 -26.57 -17.20 32.91
CA ASN D 473 -26.86 -16.37 34.08
C ASN D 473 -25.61 -15.74 34.68
N HIS D 474 -24.53 -15.60 33.90
CA HIS D 474 -23.35 -14.90 34.38
C HIS D 474 -23.50 -13.39 34.29
N ALA D 475 -24.48 -12.91 33.52
CA ALA D 475 -24.78 -11.49 33.42
C ALA D 475 -26.29 -11.29 33.55
N GLN D 476 -26.68 -10.17 34.14
CA GLN D 476 -28.10 -9.87 34.30
C GLN D 476 -28.76 -9.57 32.96
N ASN D 477 -28.04 -8.97 32.02
CA ASN D 477 -28.59 -8.58 30.73
C ASN D 477 -27.44 -8.49 29.73
N ILE D 478 -27.73 -7.90 28.57
CA ILE D 478 -26.74 -7.81 27.51
C ILE D 478 -25.66 -6.78 27.84
N LYS D 479 -26.03 -5.68 28.50
CA LYS D 479 -25.08 -4.60 28.74
C LYS D 479 -24.02 -5.02 29.75
N SER D 480 -24.44 -5.66 30.84
CA SER D 480 -23.47 -6.18 31.80
C SER D 480 -22.59 -7.25 31.16
N ALA D 481 -23.16 -8.03 30.24
CA ALA D 481 -22.38 -9.02 29.51
C ALA D 481 -21.31 -8.36 28.64
N LYS D 482 -21.67 -7.27 27.96
CA LYS D 482 -20.72 -6.57 27.12
C LYS D 482 -19.60 -5.95 27.95
N ARG D 483 -19.96 -5.35 29.09
CA ARG D 483 -18.93 -4.80 29.98
C ARG D 483 -18.04 -5.91 30.53
N MET D 484 -18.62 -7.07 30.84
CA MET D 484 -17.84 -8.20 31.32
C MET D 484 -16.87 -8.70 30.26
N VAL D 485 -17.32 -8.72 29.00
CA VAL D 485 -16.45 -9.10 27.89
C VAL D 485 -15.31 -8.10 27.74
N GLU D 486 -15.62 -6.80 27.83
CA GLU D 486 -14.59 -5.78 27.68
C GLU D 486 -13.57 -5.82 28.81
N ARG D 487 -14.00 -6.15 30.03
CA ARG D 487 -13.06 -6.29 31.13
C ARG D 487 -12.43 -7.67 31.21
N GLN D 488 -12.91 -8.62 30.41
CA GLN D 488 -12.29 -9.94 30.24
C GLN D 488 -12.18 -10.69 31.57
N ARG D 489 -13.30 -10.81 32.26
CA ARG D 489 -13.33 -11.59 33.49
C ARG D 489 -13.07 -13.05 33.15
N PRO D 490 -12.31 -13.78 33.97
CA PRO D 490 -11.74 -15.06 33.52
C PRO D 490 -12.75 -16.12 33.12
N GLN D 491 -14.01 -16.00 33.53
CA GLN D 491 -15.03 -16.94 33.07
C GLN D 491 -15.45 -16.71 31.63
N VAL D 492 -15.01 -15.62 30.99
CA VAL D 492 -15.32 -15.40 29.59
C VAL D 492 -14.54 -16.34 28.68
N TRP D 493 -13.51 -17.01 29.21
CA TRP D 493 -12.72 -17.91 28.39
C TRP D 493 -13.31 -19.31 28.33
N ASP D 494 -13.91 -19.77 29.44
CA ASP D 494 -14.54 -21.10 29.44
C ASP D 494 -15.75 -21.13 28.51
N VAL D 495 -16.52 -20.05 28.47
CA VAL D 495 -17.65 -19.94 27.55
C VAL D 495 -17.15 -19.74 26.12
N LEU D 496 -16.02 -19.06 25.94
CA LEU D 496 -15.46 -18.86 24.61
C LEU D 496 -15.10 -20.19 23.95
N GLU D 497 -14.60 -21.14 24.75
CA GLU D 497 -14.34 -22.48 24.22
C GLU D 497 -15.62 -23.15 23.74
N GLU D 498 -16.73 -22.92 24.45
CA GLU D 498 -18.00 -23.52 24.07
C GLU D 498 -18.51 -22.93 22.75
N VAL D 499 -18.49 -21.59 22.64
CA VAL D 499 -19.04 -20.95 21.45
C VAL D 499 -18.19 -21.11 20.21
N ILE D 500 -16.99 -21.67 20.34
CA ILE D 500 -16.06 -21.79 19.22
C ILE D 500 -16.10 -23.19 18.62
N ALA D 501 -16.34 -24.21 19.44
CA ALA D 501 -16.28 -25.60 19.00
C ALA D 501 -17.23 -25.85 17.84
N GLU D 502 -16.68 -26.43 16.77
CA GLU D 502 -17.44 -26.79 15.57
C GLU D 502 -18.08 -25.54 14.94
N HIS D 503 -17.23 -24.56 14.64
CA HIS D 503 -17.68 -23.31 14.02
C HIS D 503 -16.53 -22.78 13.17
N PRO D 504 -16.48 -23.14 11.90
CA PRO D 504 -15.28 -22.87 11.09
C PRO D 504 -15.08 -21.39 10.82
N VAL D 505 -13.81 -21.03 10.61
CA VAL D 505 -13.41 -19.69 10.22
C VAL D 505 -12.62 -19.79 8.93
N LEU D 506 -12.53 -18.66 8.21
CA LEU D 506 -11.89 -18.62 6.91
C LEU D 506 -10.54 -17.93 7.02
N LEU D 507 -9.55 -18.44 6.31
CA LEU D 507 -8.18 -17.91 6.41
C LEU D 507 -7.72 -17.45 5.02
N ASN D 508 -7.95 -16.18 4.74
CA ASN D 508 -7.48 -15.52 3.53
C ASN D 508 -6.02 -15.11 3.67
N ARG D 509 -5.29 -15.16 2.56
CA ARG D 509 -3.95 -14.56 2.50
C ARG D 509 -3.82 -13.79 1.19
N ALA D 510 -3.76 -12.47 1.29
CA ALA D 510 -3.48 -11.66 0.12
C ALA D 510 -2.00 -11.76 -0.25
N PRO D 511 -1.67 -11.94 -1.54
CA PRO D 511 -2.58 -12.05 -2.69
C PRO D 511 -3.20 -13.43 -2.83
N THR D 512 -4.51 -13.50 -3.02
CA THR D 512 -5.19 -14.78 -3.24
C THR D 512 -5.07 -15.12 -4.71
N LEU D 513 -4.01 -15.86 -5.04
CA LEU D 513 -3.71 -16.12 -6.44
C LEU D 513 -4.71 -17.09 -7.06
N HIS D 514 -5.03 -18.18 -6.37
CA HIS D 514 -5.90 -19.21 -6.93
C HIS D 514 -6.93 -19.61 -5.87
N ARG D 515 -7.67 -20.68 -6.16
CA ARG D 515 -8.87 -21.02 -5.39
C ARG D 515 -8.56 -21.40 -3.95
N LEU D 516 -7.37 -21.95 -3.68
CA LEU D 516 -7.04 -22.44 -2.36
C LEU D 516 -6.48 -21.35 -1.45
N GLY D 517 -6.46 -20.10 -1.90
CA GLY D 517 -6.02 -19.01 -1.05
C GLY D 517 -6.96 -18.73 0.11
N ILE D 518 -8.20 -19.20 0.04
CA ILE D 518 -9.15 -19.10 1.14
C ILE D 518 -9.60 -20.50 1.50
N GLN D 519 -9.44 -20.86 2.78
CA GLN D 519 -9.81 -22.18 3.26
C GLN D 519 -10.45 -22.04 4.63
N ALA D 520 -11.28 -23.01 4.98
CA ALA D 520 -12.01 -22.99 6.25
C ALA D 520 -11.37 -23.99 7.21
N PHE D 521 -11.02 -23.51 8.40
CA PHE D 521 -10.44 -24.33 9.45
C PHE D 521 -11.34 -24.29 10.67
N GLU D 522 -11.30 -25.36 11.46
CA GLU D 522 -11.92 -25.33 12.78
C GLU D 522 -10.98 -24.65 13.75
N PRO D 523 -11.38 -23.56 14.40
CA PRO D 523 -10.44 -22.81 15.24
C PRO D 523 -10.28 -23.43 16.61
N MET D 524 -9.09 -23.26 17.17
CA MET D 524 -8.81 -23.60 18.56
C MET D 524 -8.05 -22.46 19.21
N LEU D 525 -8.13 -22.40 20.53
CA LEU D 525 -7.53 -21.33 21.29
C LEU D 525 -6.05 -21.60 21.54
N VAL D 526 -5.23 -20.59 21.34
CA VAL D 526 -3.77 -20.69 21.39
C VAL D 526 -3.23 -19.56 22.24
N GLU D 527 -2.35 -19.89 23.19
CA GLU D 527 -1.64 -18.86 23.94
C GLU D 527 -0.76 -18.04 23.01
N GLY D 528 -0.83 -16.73 23.16
CA GLY D 528 -0.08 -15.82 22.32
C GLY D 528 -1.01 -15.00 21.44
N LYS D 529 -0.40 -14.31 20.48
CA LYS D 529 -1.13 -13.39 19.62
C LYS D 529 -0.88 -13.65 18.13
N ALA D 530 -0.30 -14.80 17.79
CA ALA D 530 -0.01 -15.16 16.42
C ALA D 530 -0.88 -16.34 16.00
N ILE D 531 -1.48 -16.26 14.81
CA ILE D 531 -2.30 -17.34 14.29
C ILE D 531 -1.41 -18.53 13.99
N GLN D 532 -1.72 -19.68 14.58
CA GLN D 532 -0.96 -20.89 14.34
C GLN D 532 -1.56 -21.61 13.13
N LEU D 533 -0.80 -21.68 12.04
CA LEU D 533 -1.24 -22.30 10.81
C LEU D 533 -0.65 -23.69 10.70
N HIS D 534 -1.44 -24.63 10.18
CA HIS D 534 -0.93 -25.96 9.92
C HIS D 534 0.15 -25.89 8.82
N PRO D 535 1.26 -26.60 8.99
CA PRO D 535 2.37 -26.44 8.02
C PRO D 535 2.08 -26.99 6.63
N LEU D 536 1.07 -27.84 6.48
CA LEU D 536 0.81 -28.50 5.21
C LEU D 536 -0.01 -27.68 4.23
N VAL D 537 -0.58 -26.56 4.67
CA VAL D 537 -1.28 -25.66 3.76
C VAL D 537 -0.39 -24.50 3.32
N CYS D 538 0.90 -24.55 3.66
CA CYS D 538 1.81 -23.49 3.25
C CYS D 538 2.06 -23.50 1.74
N GLU D 539 1.98 -24.66 1.11
CA GLU D 539 2.12 -24.71 -0.35
C GLU D 539 0.90 -24.10 -1.04
N ALA D 540 -0.29 -24.34 -0.50
CA ALA D 540 -1.50 -23.79 -1.08
C ALA D 540 -1.55 -22.27 -0.93
N PHE D 541 -1.29 -21.78 0.29
CA PHE D 541 -1.29 -20.35 0.56
C PHE D 541 -0.06 -19.65 -0.03
N ASN D 542 0.96 -20.39 -0.44
CA ASN D 542 2.27 -19.84 -0.80
C ASN D 542 2.81 -18.99 0.35
N ALA D 543 2.70 -19.53 1.56
CA ALA D 543 2.95 -18.78 2.80
C ALA D 543 4.15 -19.37 3.53
N ASP D 544 5.30 -18.72 3.37
CA ASP D 544 6.39 -18.95 4.30
C ASP D 544 6.17 -18.09 5.56
N PHE D 545 7.13 -18.13 6.47
CA PHE D 545 6.95 -17.56 7.81
C PHE D 545 7.93 -16.43 8.09
N ASP D 546 8.03 -15.49 7.16
CA ASP D 546 8.86 -14.29 7.30
C ASP D 546 8.18 -13.19 8.07
N GLY D 547 6.94 -13.38 8.48
CA GLY D 547 6.14 -12.29 9.00
C GLY D 547 4.94 -12.08 8.12
N ASP D 548 4.59 -13.11 7.35
CA ASP D 548 3.46 -12.99 6.45
C ASP D 548 2.17 -13.08 7.26
N GLN D 549 1.19 -12.27 6.90
CA GLN D 549 -0.01 -12.12 7.69
C GLN D 549 -1.20 -12.76 6.99
N MET D 550 -2.16 -13.25 7.78
CA MET D 550 -3.38 -13.81 7.24
C MET D 550 -4.59 -13.21 7.93
N ALA D 551 -5.69 -13.14 7.17
CA ALA D 551 -6.94 -12.55 7.63
C ALA D 551 -7.94 -13.66 7.92
N VAL D 552 -8.52 -13.62 9.12
CA VAL D 552 -9.55 -14.56 9.52
C VAL D 552 -10.92 -13.90 9.34
N HIS D 553 -11.77 -14.55 8.56
CA HIS D 553 -13.16 -14.16 8.37
C HIS D 553 -14.06 -15.15 9.11
N LEU D 554 -15.30 -14.74 9.35
CA LEU D 554 -16.20 -15.56 10.12
C LEU D 554 -17.55 -15.73 9.42
N PRO D 555 -17.87 -16.94 8.96
CA PRO D 555 -19.22 -17.18 8.43
C PRO D 555 -20.25 -17.16 9.56
N LEU D 556 -21.45 -16.65 9.24
CA LEU D 556 -22.48 -16.43 10.24
C LEU D 556 -23.68 -17.35 10.09
N SER D 557 -24.33 -17.35 8.92
CA SER D 557 -25.59 -18.08 8.79
C SER D 557 -25.34 -19.58 8.73
N ALA D 558 -26.42 -20.34 8.87
CA ALA D 558 -26.33 -21.78 8.73
C ALA D 558 -25.84 -22.18 7.34
N GLU D 559 -26.30 -21.45 6.32
CA GLU D 559 -25.81 -21.69 4.96
C GLU D 559 -24.30 -21.45 4.87
N ALA D 560 -23.84 -20.31 5.40
CA ALA D 560 -22.41 -19.99 5.32
C ALA D 560 -21.56 -20.96 6.12
N GLN D 561 -22.03 -21.35 7.31
CA GLN D 561 -21.31 -22.33 8.10
C GLN D 561 -21.24 -23.68 7.38
N ALA D 562 -22.35 -24.09 6.75
CA ALA D 562 -22.34 -25.35 5.99
C ALA D 562 -21.38 -25.27 4.82
N GLU D 563 -21.35 -24.14 4.12
CA GLU D 563 -20.43 -23.97 3.00
C GLU D 563 -18.97 -24.00 3.45
N ALA D 564 -18.66 -23.38 4.58
CA ALA D 564 -17.30 -23.45 5.09
C ALA D 564 -16.96 -24.86 5.54
N ARG D 565 -17.94 -25.58 6.07
CA ARG D 565 -17.68 -26.88 6.69
C ARG D 565 -17.60 -28.02 5.66
N ILE D 566 -18.30 -27.89 4.53
CA ILE D 566 -18.39 -28.97 3.56
C ILE D 566 -17.56 -28.67 2.31
N LEU D 567 -17.64 -27.44 1.80
CA LEU D 567 -16.98 -27.09 0.54
C LEU D 567 -15.53 -26.65 0.75
N MET D 568 -15.29 -25.78 1.72
CA MET D 568 -14.01 -25.08 1.85
C MET D 568 -13.18 -25.56 3.03
N LEU D 569 -13.46 -26.74 3.56
CA LEU D 569 -12.64 -27.30 4.63
C LEU D 569 -11.27 -27.69 4.08
N SER D 570 -10.28 -27.71 4.98
CA SER D 570 -8.92 -28.00 4.57
C SER D 570 -8.77 -29.44 4.09
N SER D 571 -9.30 -30.39 4.88
CA SER D 571 -9.12 -31.80 4.57
C SER D 571 -9.90 -32.25 3.34
N ASN D 572 -10.84 -31.45 2.85
CA ASN D 572 -11.56 -31.76 1.63
C ASN D 572 -10.89 -31.19 0.39
N ASN D 573 -9.91 -30.30 0.55
CA ASN D 573 -9.16 -29.70 -0.54
C ASN D 573 -7.71 -30.12 -0.42
N ILE D 574 -7.39 -31.29 -0.97
CA ILE D 574 -6.03 -31.81 -0.95
C ILE D 574 -5.31 -31.56 -2.27
N LEU D 575 -5.98 -31.86 -3.38
CA LEU D 575 -5.36 -31.78 -4.70
C LEU D 575 -5.52 -30.38 -5.29
N SER D 576 -4.70 -30.09 -6.29
CA SER D 576 -4.80 -28.82 -6.99
C SER D 576 -6.07 -28.79 -7.83
N PRO D 577 -6.62 -27.59 -8.06
CA PRO D 577 -7.67 -27.46 -9.08
C PRO D 577 -7.13 -27.52 -10.49
N ALA D 578 -5.82 -27.32 -10.68
CA ALA D 578 -5.24 -27.26 -12.02
C ALA D 578 -4.94 -28.65 -12.56
N SER D 579 -4.04 -29.39 -11.89
CA SER D 579 -3.54 -30.65 -12.42
C SER D 579 -3.86 -31.85 -11.55
N GLY D 580 -4.50 -31.67 -10.41
CA GLY D 580 -4.85 -32.80 -9.55
C GLY D 580 -3.73 -33.32 -8.69
N ARG D 581 -2.54 -32.75 -8.76
CA ARG D 581 -1.46 -33.15 -7.87
C ARG D 581 -1.73 -32.62 -6.46
N PRO D 582 -1.22 -33.29 -5.43
CA PRO D 582 -1.60 -32.90 -4.06
C PRO D 582 -0.86 -31.64 -3.64
N LEU D 583 -1.57 -30.80 -2.87
CA LEU D 583 -0.93 -29.67 -2.23
C LEU D 583 -0.79 -29.87 -0.72
N ALA D 584 -1.47 -30.86 -0.16
CA ALA D 584 -1.21 -31.31 1.21
C ALA D 584 -0.08 -32.33 1.26
N MET D 585 0.61 -32.54 0.15
CA MET D 585 1.78 -33.41 0.14
C MET D 585 2.84 -32.88 1.10
N PRO D 586 3.48 -33.75 1.89
CA PRO D 586 4.62 -33.30 2.70
C PRO D 586 5.73 -32.76 1.80
N ARG D 587 6.31 -31.63 2.21
CA ARG D 587 7.32 -30.93 1.44
C ARG D 587 8.48 -30.56 2.35
N LEU D 588 9.57 -30.10 1.72
CA LEU D 588 10.70 -29.49 2.42
C LEU D 588 11.27 -30.38 3.50
N ASP D 589 11.24 -29.88 4.73
CA ASP D 589 11.73 -30.56 5.93
C ASP D 589 11.19 -31.99 6.01
N MET D 590 9.89 -32.15 5.78
CA MET D 590 9.24 -33.45 5.94
C MET D 590 9.76 -34.47 4.94
N VAL D 591 10.02 -34.04 3.71
CA VAL D 591 10.56 -34.94 2.70
C VAL D 591 11.95 -35.41 3.10
N THR D 592 12.76 -34.51 3.66
CA THR D 592 14.07 -34.90 4.18
C THR D 592 13.93 -35.94 5.28
N GLY D 593 12.97 -35.74 6.18
CA GLY D 593 12.75 -36.71 7.25
C GLY D 593 12.36 -38.08 6.72
N LEU D 594 11.43 -38.12 5.78
CA LEU D 594 10.98 -39.40 5.24
C LEU D 594 12.07 -40.06 4.41
N TYR D 595 12.87 -39.27 3.71
CA TYR D 595 13.99 -39.80 2.95
C TYR D 595 15.00 -40.46 3.87
N TYR D 596 15.42 -39.75 4.92
CA TYR D 596 16.35 -40.36 5.87
C TYR D 596 15.73 -41.57 6.55
N LEU D 597 14.40 -41.55 6.73
CA LEU D 597 13.71 -42.66 7.35
C LEU D 597 13.78 -43.91 6.48
N THR D 598 13.59 -43.75 5.16
CA THR D 598 13.42 -44.89 4.27
C THR D 598 14.65 -45.21 3.42
N THR D 599 15.71 -44.42 3.51
CA THR D 599 16.90 -44.75 2.74
C THR D 599 17.59 -45.97 3.33
N GLU D 600 18.37 -46.65 2.49
CA GLU D 600 19.03 -47.89 2.86
C GLU D 600 20.53 -47.71 2.75
N VAL D 601 21.25 -48.09 3.81
CA VAL D 601 22.69 -47.92 3.89
C VAL D 601 23.33 -49.30 3.88
N PRO D 602 24.05 -49.68 2.83
CA PRO D 602 24.83 -50.92 2.87
C PRO D 602 25.96 -50.82 3.89
N GLY D 603 26.27 -51.95 4.50
CA GLY D 603 27.29 -51.99 5.53
C GLY D 603 26.92 -51.23 6.79
N ASP D 604 25.67 -51.31 7.22
CA ASP D 604 25.20 -50.65 8.42
C ASP D 604 25.17 -51.66 9.57
N THR D 605 24.81 -51.17 10.76
CA THR D 605 24.84 -51.98 11.96
C THR D 605 23.60 -52.87 12.02
N GLY D 606 23.82 -54.18 12.13
CA GLY D 606 22.73 -55.12 12.28
C GLY D 606 22.07 -55.55 10.98
N GLU D 607 22.86 -55.67 9.92
CA GLU D 607 22.34 -56.11 8.64
C GLU D 607 22.01 -57.60 8.68
N TYR D 608 21.42 -58.08 7.58
CA TYR D 608 21.27 -59.51 7.37
C TYR D 608 22.44 -60.00 6.54
N GLN D 609 23.11 -61.04 7.02
CA GLN D 609 24.09 -61.76 6.23
C GLN D 609 23.82 -63.25 6.34
N PRO D 610 23.92 -63.99 5.24
CA PRO D 610 23.68 -65.43 5.27
C PRO D 610 24.88 -66.30 5.62
N ALA D 611 25.93 -65.73 6.20
CA ALA D 611 27.08 -66.51 6.63
C ALA D 611 26.69 -67.54 7.69
N SER D 612 27.21 -68.75 7.54
CA SER D 612 26.89 -69.87 8.41
C SER D 612 28.16 -70.65 8.70
N GLY D 613 28.00 -71.85 9.22
CA GLY D 613 29.14 -72.69 9.59
C GLY D 613 29.65 -72.44 11.00
N ASP D 614 29.91 -71.18 11.33
CA ASP D 614 30.32 -70.81 12.67
C ASP D 614 29.18 -70.23 13.50
N HIS D 615 28.28 -69.47 12.87
CA HIS D 615 27.17 -68.84 13.58
C HIS D 615 26.01 -68.64 12.61
N PRO D 616 24.78 -68.55 13.12
CA PRO D 616 23.62 -68.37 12.24
C PRO D 616 23.53 -66.98 11.63
N GLU D 617 22.41 -66.68 10.97
CA GLU D 617 22.35 -65.52 10.10
C GLU D 617 22.34 -64.22 10.89
N THR D 618 21.60 -64.20 12.02
CA THR D 618 21.55 -63.05 12.95
C THR D 618 21.09 -61.77 12.26
N GLY D 619 20.12 -61.89 11.35
CA GLY D 619 19.52 -60.73 10.74
C GLY D 619 18.01 -60.78 10.78
N VAL D 620 17.49 -61.94 11.17
CA VAL D 620 16.05 -62.20 11.18
C VAL D 620 15.40 -61.61 12.43
N TYR D 621 14.24 -61.01 12.25
CA TYR D 621 13.46 -60.47 13.36
C TYR D 621 12.02 -60.94 13.24
N SER D 622 11.46 -61.41 14.37
CA SER D 622 10.16 -62.08 14.33
C SER D 622 9.01 -61.09 14.13
N SER D 623 9.14 -59.86 14.62
CA SER D 623 8.05 -58.90 14.54
C SER D 623 8.66 -57.50 14.53
N PRO D 624 7.93 -56.51 14.00
CA PRO D 624 8.43 -55.13 14.06
C PRO D 624 8.59 -54.60 15.47
N ALA D 625 7.85 -55.14 16.45
CA ALA D 625 8.07 -54.76 17.84
C ALA D 625 9.44 -55.19 18.32
N GLU D 626 9.85 -56.41 17.96
CA GLU D 626 11.20 -56.86 18.29
C GLU D 626 12.25 -56.02 17.59
N ALA D 627 11.98 -55.61 16.34
CA ALA D 627 12.91 -54.74 15.64
C ALA D 627 13.02 -53.38 16.31
N ILE D 628 11.91 -52.85 16.81
CA ILE D 628 11.95 -51.57 17.52
C ILE D 628 12.72 -51.71 18.83
N MET D 629 12.54 -52.83 19.53
CA MET D 629 13.34 -53.10 20.72
C MET D 629 14.83 -53.14 20.39
N ALA D 630 15.19 -53.85 19.31
CA ALA D 630 16.58 -53.93 18.91
C ALA D 630 17.11 -52.59 18.42
N ALA D 631 16.23 -51.69 17.99
CA ALA D 631 16.66 -50.36 17.58
C ALA D 631 16.85 -49.44 18.78
N ASP D 632 16.04 -49.61 19.83
CA ASP D 632 16.25 -48.82 21.05
C ASP D 632 17.56 -49.19 21.73
N ARG D 633 17.86 -50.48 21.80
CA ARG D 633 19.22 -50.90 22.09
C ARG D 633 20.12 -50.57 20.91
N GLY D 634 21.42 -50.50 21.15
CA GLY D 634 22.34 -50.07 20.11
C GLY D 634 22.69 -51.14 19.10
N VAL D 635 21.79 -52.08 18.85
CA VAL D 635 22.06 -53.21 17.97
C VAL D 635 21.64 -52.88 16.54
N LEU D 636 20.36 -52.56 16.35
CA LEU D 636 19.79 -52.41 15.02
C LEU D 636 19.73 -50.93 14.64
N SER D 637 20.38 -50.58 13.54
CA SER D 637 20.20 -49.26 12.96
C SER D 637 18.91 -49.23 12.16
N VAL D 638 18.30 -48.05 12.09
CA VAL D 638 17.00 -47.91 11.44
C VAL D 638 17.09 -48.19 9.95
N ARG D 639 18.25 -48.05 9.35
CA ARG D 639 18.42 -48.14 7.90
C ARG D 639 19.22 -49.36 7.47
N ALA D 640 19.15 -50.44 8.24
CA ALA D 640 19.84 -51.68 7.90
C ALA D 640 18.87 -52.65 7.23
N LYS D 641 19.40 -53.47 6.32
CA LYS D 641 18.60 -54.44 5.60
C LYS D 641 18.41 -55.68 6.46
N ILE D 642 17.16 -55.98 6.81
CA ILE D 642 16.81 -57.10 7.66
C ILE D 642 15.65 -57.86 7.02
N LYS D 643 15.29 -58.98 7.64
CA LYS D 643 14.13 -59.77 7.23
C LYS D 643 13.14 -59.80 8.38
N VAL D 644 12.02 -59.12 8.21
CA VAL D 644 10.99 -59.05 9.25
C VAL D 644 9.79 -59.87 8.82
N ARG D 645 9.11 -60.44 9.82
CA ARG D 645 7.89 -61.21 9.64
C ARG D 645 6.71 -60.28 9.96
N LEU D 646 6.05 -59.81 8.92
CA LEU D 646 4.95 -58.86 9.04
C LEU D 646 3.62 -59.59 9.02
N THR D 647 2.73 -59.19 9.93
CA THR D 647 1.38 -59.73 10.01
C THR D 647 0.30 -58.66 9.88
N GLN D 648 0.67 -57.39 9.74
CA GLN D 648 -0.31 -56.32 9.67
C GLN D 648 -0.13 -55.42 8.45
N LEU D 649 0.70 -55.81 7.48
CA LEU D 649 0.96 -55.00 6.31
C LEU D 649 0.75 -55.85 5.05
N ARG D 650 0.18 -55.22 4.02
CA ARG D 650 -0.12 -55.93 2.78
C ARG D 650 1.12 -56.03 1.92
N PRO D 651 1.53 -57.23 1.50
CA PRO D 651 2.71 -57.36 0.66
C PRO D 651 2.44 -56.82 -0.74
N PRO D 652 3.49 -56.55 -1.51
CA PRO D 652 3.28 -56.11 -2.90
C PRO D 652 2.58 -57.18 -3.71
N VAL D 653 2.18 -56.78 -4.94
CA VAL D 653 1.28 -57.61 -5.75
C VAL D 653 1.93 -58.93 -6.10
N GLU D 654 3.23 -58.91 -6.45
CA GLU D 654 3.91 -60.13 -6.84
C GLU D 654 3.99 -61.12 -5.68
N ILE D 655 4.36 -60.63 -4.49
CA ILE D 655 4.48 -61.51 -3.34
C ILE D 655 3.11 -62.02 -2.90
N GLU D 656 2.09 -61.19 -2.99
CA GLU D 656 0.73 -61.63 -2.65
C GLU D 656 0.27 -62.72 -3.62
N ALA D 657 0.55 -62.55 -4.91
CA ALA D 657 0.19 -63.58 -5.89
C ALA D 657 1.04 -64.82 -5.74
N GLU D 658 2.23 -64.72 -5.17
CA GLU D 658 3.07 -65.89 -4.96
C GLU D 658 2.62 -66.69 -3.74
N LEU D 659 2.61 -66.06 -2.57
CA LEU D 659 2.33 -66.78 -1.34
C LEU D 659 0.85 -67.11 -1.17
N PHE D 660 -0.04 -66.20 -1.55
CA PHE D 660 -1.48 -66.40 -1.36
C PHE D 660 -2.27 -66.46 -2.66
N GLY D 661 -1.75 -65.92 -3.76
CA GLY D 661 -2.40 -66.05 -5.04
C GLY D 661 -3.51 -65.06 -5.29
N HIS D 662 -4.66 -65.25 -4.65
CA HIS D 662 -5.86 -64.51 -5.00
C HIS D 662 -6.42 -63.68 -3.85
N SER D 663 -6.58 -64.27 -2.66
CA SER D 663 -7.36 -63.65 -1.59
C SER D 663 -6.61 -63.70 -0.27
N GLY D 664 -5.35 -63.28 -0.28
CA GLY D 664 -4.62 -63.20 0.96
C GLY D 664 -5.00 -61.98 1.76
N TRP D 665 -5.78 -62.16 2.82
CA TRP D 665 -6.20 -61.06 3.68
C TRP D 665 -5.22 -60.93 4.83
N GLN D 666 -4.79 -59.70 5.09
CA GLN D 666 -3.60 -59.39 5.87
C GLN D 666 -3.72 -59.43 7.39
N PRO D 667 -4.83 -58.95 8.03
CA PRO D 667 -4.84 -58.88 9.50
C PRO D 667 -4.55 -60.19 10.23
N GLY D 668 -4.65 -61.31 9.54
CA GLY D 668 -4.29 -62.59 10.14
C GLY D 668 -3.04 -63.22 9.55
N ASP D 669 -2.83 -63.05 8.25
CA ASP D 669 -1.75 -63.73 7.56
C ASP D 669 -0.40 -63.15 7.95
N ALA D 670 0.65 -63.96 7.77
CA ALA D 670 2.02 -63.58 8.10
C ALA D 670 2.93 -63.86 6.91
N TRP D 671 3.92 -62.99 6.71
CA TRP D 671 4.79 -63.13 5.55
C TRP D 671 6.13 -62.48 5.81
N MET D 672 7.17 -63.00 5.15
CA MET D 672 8.53 -62.50 5.30
C MET D 672 8.78 -61.33 4.35
N ALA D 673 9.68 -60.44 4.74
CA ALA D 673 10.09 -59.36 3.86
C ALA D 673 11.52 -58.95 4.19
N GLU D 674 12.38 -58.91 3.17
CA GLU D 674 13.72 -58.36 3.31
C GLU D 674 13.65 -56.87 2.98
N THR D 675 13.54 -56.06 4.03
CA THR D 675 13.42 -54.62 3.90
C THR D 675 14.16 -53.99 5.07
N THR D 676 14.18 -52.66 5.10
CA THR D 676 14.75 -51.95 6.24
C THR D 676 13.66 -51.70 7.27
N LEU D 677 14.08 -51.55 8.53
CA LEU D 677 13.14 -51.19 9.58
C LEU D 677 12.49 -49.84 9.29
N GLY D 678 13.21 -48.95 8.62
CA GLY D 678 12.63 -47.66 8.25
C GLY D 678 11.46 -47.79 7.31
N ARG D 679 11.58 -48.65 6.29
CA ARG D 679 10.47 -48.77 5.35
C ARG D 679 9.24 -49.40 5.99
N VAL D 680 9.44 -50.32 6.94
CA VAL D 680 8.30 -50.82 7.73
C VAL D 680 7.68 -49.67 8.53
N MET D 681 8.52 -48.93 9.26
CA MET D 681 8.03 -47.82 10.09
C MET D 681 7.33 -46.75 9.27
N PHE D 682 7.69 -46.64 8.00
CA PHE D 682 6.94 -45.77 7.10
C PHE D 682 5.61 -46.42 6.73
N ASN D 683 5.62 -47.73 6.50
CA ASN D 683 4.47 -48.38 5.89
C ASN D 683 3.33 -48.65 6.88
N GLU D 684 3.56 -48.61 8.19
CA GLU D 684 2.33 -48.71 8.98
C GLU D 684 1.61 -47.36 9.10
N LEU D 685 2.22 -46.28 8.62
CA LEU D 685 1.49 -45.01 8.52
C LEU D 685 0.38 -45.09 7.48
N LEU D 686 0.69 -45.69 6.33
CA LEU D 686 -0.29 -45.85 5.27
C LEU D 686 -1.36 -46.85 5.69
N PRO D 687 -2.55 -46.75 5.11
CA PRO D 687 -3.67 -47.61 5.55
C PRO D 687 -3.39 -49.09 5.32
N LEU D 688 -4.25 -49.90 5.93
CA LEU D 688 -4.07 -51.36 5.87
C LEU D 688 -4.21 -51.88 4.45
N GLY D 689 -5.19 -51.37 3.72
CA GLY D 689 -5.46 -51.88 2.39
C GLY D 689 -4.38 -51.59 1.37
N TYR D 690 -3.55 -50.58 1.62
CA TYR D 690 -2.49 -50.25 0.67
C TYR D 690 -1.39 -51.30 0.74
N PRO D 691 -0.86 -51.73 -0.41
CA PRO D 691 0.25 -52.70 -0.39
C PRO D 691 1.53 -52.09 0.16
N PHE D 692 2.48 -52.97 0.47
CA PHE D 692 3.80 -52.53 0.87
C PHE D 692 4.46 -51.76 -0.26
N VAL D 693 5.29 -50.79 0.11
CA VAL D 693 5.93 -49.93 -0.89
C VAL D 693 7.36 -50.43 -1.15
N ASN D 694 8.19 -50.40 -0.10
CA ASN D 694 9.58 -50.85 -0.17
C ASN D 694 10.36 -50.09 -1.24
N LYS D 695 10.43 -48.78 -1.06
CA LYS D 695 11.20 -47.91 -1.94
C LYS D 695 11.88 -46.85 -1.09
N GLN D 696 12.62 -45.95 -1.75
CA GLN D 696 13.28 -44.82 -1.12
C GLN D 696 12.46 -43.57 -1.44
N MET D 697 12.05 -42.85 -0.39
CA MET D 697 10.99 -41.87 -0.55
C MET D 697 11.54 -40.54 -1.07
N HIS D 698 11.85 -40.57 -2.36
CA HIS D 698 12.00 -39.35 -3.12
C HIS D 698 10.66 -38.62 -3.14
N LYS D 699 10.71 -37.31 -3.37
CA LYS D 699 9.49 -36.50 -3.31
C LYS D 699 8.46 -36.95 -4.33
N LYS D 700 8.90 -37.33 -5.52
CA LYS D 700 7.97 -37.79 -6.56
C LYS D 700 7.33 -39.12 -6.18
N VAL D 701 8.06 -39.97 -5.45
CA VAL D 701 7.47 -41.23 -4.97
C VAL D 701 6.31 -40.95 -4.03
N GLN D 702 6.49 -40.01 -3.11
CA GLN D 702 5.41 -39.65 -2.20
C GLN D 702 4.26 -38.97 -2.94
N ALA D 703 4.58 -38.19 -3.97
CA ALA D 703 3.55 -37.58 -4.80
C ALA D 703 2.69 -38.65 -5.46
N ALA D 704 3.34 -39.68 -6.03
CA ALA D 704 2.61 -40.76 -6.66
C ALA D 704 1.80 -41.56 -5.65
N ILE D 705 2.37 -41.79 -4.46
CA ILE D 705 1.66 -42.55 -3.43
C ILE D 705 0.41 -41.81 -2.99
N ILE D 706 0.53 -40.50 -2.75
CA ILE D 706 -0.63 -39.73 -2.30
C ILE D 706 -1.65 -39.56 -3.44
N ASN D 707 -1.18 -39.47 -4.69
CA ASN D 707 -2.11 -39.46 -5.83
C ASN D 707 -2.93 -40.74 -5.89
N ASP D 708 -2.27 -41.89 -5.77
CA ASP D 708 -3.00 -43.16 -5.77
C ASP D 708 -3.96 -43.23 -4.59
N LEU D 709 -3.50 -42.75 -3.42
CA LEU D 709 -4.31 -42.81 -2.21
C LEU D 709 -5.55 -41.94 -2.33
N ALA D 710 -5.43 -40.76 -2.94
CA ALA D 710 -6.57 -39.88 -3.15
C ALA D 710 -7.48 -40.37 -4.26
N GLU D 711 -6.92 -41.05 -5.26
CA GLU D 711 -7.74 -41.57 -6.35
C GLU D 711 -8.58 -42.76 -5.91
N ARG D 712 -8.04 -43.63 -5.04
CA ARG D 712 -8.74 -44.86 -4.71
C ARG D 712 -9.46 -44.84 -3.37
N TYR D 713 -9.01 -44.05 -2.40
CA TYR D 713 -9.59 -44.07 -1.06
C TYR D 713 -10.39 -42.80 -0.80
N PRO D 714 -11.29 -42.82 0.19
CA PRO D 714 -12.02 -41.60 0.56
C PRO D 714 -11.09 -40.51 1.09
N MET D 715 -11.65 -39.31 1.22
CA MET D 715 -10.85 -38.14 1.51
C MET D 715 -10.35 -38.11 2.95
N ILE D 716 -11.16 -38.61 3.90
CA ILE D 716 -10.77 -38.59 5.30
C ILE D 716 -9.56 -39.49 5.53
N VAL D 717 -9.49 -40.61 4.83
CA VAL D 717 -8.34 -41.50 4.91
C VAL D 717 -7.09 -40.78 4.42
N VAL D 718 -7.21 -40.03 3.32
CA VAL D 718 -6.07 -39.29 2.78
C VAL D 718 -5.60 -38.23 3.77
N ALA D 719 -6.55 -37.52 4.39
CA ALA D 719 -6.19 -36.48 5.35
C ALA D 719 -5.46 -37.08 6.56
N GLN D 720 -5.97 -38.20 7.09
CA GLN D 720 -5.32 -38.81 8.25
C GLN D 720 -3.95 -39.37 7.88
N THR D 721 -3.82 -39.98 6.70
CA THR D 721 -2.51 -40.48 6.28
C THR D 721 -1.52 -39.34 6.11
N VAL D 722 -1.96 -38.22 5.55
CA VAL D 722 -1.10 -37.07 5.35
C VAL D 722 -0.64 -36.51 6.70
N ASP D 723 -1.55 -36.47 7.68
CA ASP D 723 -1.17 -36.03 9.02
C ASP D 723 -0.13 -36.97 9.66
N LYS D 724 -0.33 -38.28 9.51
CA LYS D 724 0.63 -39.24 10.05
C LYS D 724 2.00 -39.07 9.40
N LEU D 725 2.00 -38.88 8.07
CA LEU D 725 3.25 -38.62 7.36
C LEU D 725 3.91 -37.35 7.85
N LYS D 726 3.13 -36.32 8.16
CA LYS D 726 3.70 -35.09 8.73
C LYS D 726 4.41 -35.37 10.04
N ASP D 727 3.76 -36.09 10.95
CA ASP D 727 4.35 -36.38 12.25
C ASP D 727 5.67 -37.14 12.09
N ALA D 728 5.65 -38.22 11.30
CA ALA D 728 6.85 -39.02 11.13
C ALA D 728 7.95 -38.23 10.44
N GLY D 729 7.58 -37.42 9.44
CA GLY D 729 8.57 -36.65 8.71
C GLY D 729 9.31 -35.66 9.60
N PHE D 730 8.56 -34.94 10.45
CA PHE D 730 9.22 -34.02 11.37
C PHE D 730 10.09 -34.77 12.37
N TYR D 731 9.56 -35.85 12.95
CA TYR D 731 10.29 -36.58 13.99
C TYR D 731 11.59 -37.15 13.46
N TRP D 732 11.59 -37.67 12.23
CA TRP D 732 12.80 -38.26 11.69
C TRP D 732 13.63 -37.29 10.86
N ALA D 733 13.13 -36.07 10.62
CA ALA D 733 14.00 -35.02 10.10
C ALA D 733 14.84 -34.41 11.20
N THR D 734 14.34 -34.40 12.43
CA THR D 734 15.19 -33.98 13.54
C THR D 734 16.43 -34.87 13.67
N ARG D 735 16.24 -36.19 13.53
CA ARG D 735 17.32 -37.14 13.71
C ARG D 735 18.24 -37.28 12.49
N SER D 736 17.87 -36.71 11.35
CA SER D 736 18.64 -36.93 10.13
C SER D 736 20.02 -36.28 10.17
N GLY D 737 20.24 -35.34 11.08
CA GLY D 737 21.54 -34.69 11.18
C GLY D 737 21.91 -33.86 9.97
N VAL D 738 20.93 -33.22 9.35
CA VAL D 738 21.18 -32.34 8.21
C VAL D 738 21.57 -30.97 8.77
N THR D 739 22.87 -30.69 8.75
CA THR D 739 23.41 -29.40 9.17
C THR D 739 24.25 -28.82 8.05
N VAL D 740 24.58 -27.54 8.19
CA VAL D 740 25.41 -26.83 7.22
C VAL D 740 26.60 -26.25 7.95
N SER D 741 27.79 -26.77 7.65
CA SER D 741 29.04 -26.22 8.15
C SER D 741 29.97 -26.01 6.97
N MET D 742 30.97 -25.15 7.15
CA MET D 742 31.91 -24.93 6.06
C MET D 742 32.80 -26.14 5.82
N ALA D 743 32.91 -27.04 6.81
CA ALA D 743 33.58 -28.31 6.58
C ALA D 743 32.71 -29.28 5.81
N ASP D 744 31.40 -29.03 5.75
CA ASP D 744 30.46 -29.79 4.96
C ASP D 744 30.53 -29.44 3.48
N VAL D 745 30.74 -28.16 3.17
CA VAL D 745 30.82 -27.69 1.79
C VAL D 745 32.22 -27.96 1.25
N LEU D 746 32.38 -29.09 0.56
CA LEU D 746 33.68 -29.48 0.02
C LEU D 746 33.88 -28.88 -1.35
N VAL D 747 35.10 -28.41 -1.61
CA VAL D 747 35.46 -27.84 -2.90
C VAL D 747 36.01 -28.96 -3.78
N PRO D 748 35.83 -28.89 -5.10
CA PRO D 748 36.42 -29.91 -5.98
C PRO D 748 37.93 -29.79 -6.01
N PRO D 749 38.64 -30.91 -5.84
CA PRO D 749 40.11 -30.83 -5.79
C PRO D 749 40.76 -30.52 -7.13
N ARG D 750 40.06 -30.75 -8.23
CA ARG D 750 40.61 -30.60 -9.58
C ARG D 750 40.39 -29.19 -10.13
N LYS D 751 39.74 -28.31 -9.36
CA LYS D 751 39.22 -27.05 -9.89
C LYS D 751 40.30 -26.17 -10.50
N LYS D 752 41.50 -26.14 -9.88
CA LYS D 752 42.55 -25.26 -10.38
C LYS D 752 43.06 -25.71 -11.74
N GLU D 753 43.29 -27.01 -11.91
CA GLU D 753 43.70 -27.53 -13.21
C GLU D 753 42.65 -27.25 -14.26
N ILE D 754 41.38 -27.35 -13.87
CA ILE D 754 40.26 -27.05 -14.74
C ILE D 754 40.33 -25.61 -15.21
N LEU D 755 40.52 -24.69 -14.26
CA LEU D 755 40.51 -23.27 -14.57
C LEU D 755 41.70 -22.90 -15.45
N ASP D 756 42.84 -23.57 -15.24
CA ASP D 756 43.98 -23.36 -16.12
C ASP D 756 43.69 -23.86 -17.53
N HIS D 757 43.06 -25.04 -17.65
CA HIS D 757 42.80 -25.62 -18.96
C HIS D 757 41.80 -24.80 -19.76
N TYR D 758 40.89 -24.09 -19.09
CA TYR D 758 40.01 -23.20 -19.83
C TYR D 758 40.55 -21.78 -19.96
N GLU D 759 41.43 -21.35 -19.05
CA GLU D 759 42.07 -20.04 -19.17
C GLU D 759 43.04 -20.02 -20.34
N GLU D 760 43.68 -21.15 -20.65
CA GLU D 760 44.55 -21.17 -21.82
C GLU D 760 43.74 -20.98 -23.11
N ARG D 761 42.56 -21.57 -23.18
CA ARG D 761 41.71 -21.39 -24.36
C ARG D 761 41.13 -19.98 -24.41
N ALA D 762 40.77 -19.41 -23.26
CA ALA D 762 40.33 -18.03 -23.22
C ALA D 762 41.44 -17.08 -23.64
N ASP D 763 42.67 -17.34 -23.19
CA ASP D 763 43.82 -16.54 -23.60
C ASP D 763 44.07 -16.66 -25.10
N LYS D 764 43.90 -17.87 -25.64
CA LYS D 764 44.06 -18.05 -27.07
C LYS D 764 43.02 -17.22 -27.84
N VAL D 765 41.77 -17.23 -27.38
CA VAL D 765 40.71 -16.46 -28.04
C VAL D 765 41.02 -14.97 -27.96
N GLU D 766 41.47 -14.51 -26.80
CA GLU D 766 41.82 -13.09 -26.65
C GLU D 766 42.98 -12.71 -27.56
N LYS D 767 43.97 -13.59 -27.69
CA LYS D 767 45.10 -13.31 -28.58
C LYS D 767 44.66 -13.25 -30.03
N GLN D 768 43.76 -14.16 -30.43
CA GLN D 768 43.26 -14.15 -31.80
C GLN D 768 42.44 -12.90 -32.09
N PHE D 769 41.71 -12.40 -31.09
CA PHE D 769 41.02 -11.13 -31.26
C PHE D 769 42.01 -9.97 -31.35
N GLN D 770 43.06 -10.01 -30.54
CA GLN D 770 44.06 -8.95 -30.53
C GLN D 770 44.81 -8.86 -31.85
N ARG D 771 45.17 -10.00 -32.44
CA ARG D 771 45.88 -9.98 -33.72
C ARG D 771 44.96 -9.65 -34.88
N GLY D 772 43.68 -10.03 -34.82
CA GLY D 772 42.67 -9.39 -35.65
C GLY D 772 41.90 -10.26 -36.64
N ALA D 773 41.86 -11.59 -36.44
CA ALA D 773 41.12 -12.43 -37.37
C ALA D 773 39.63 -12.40 -37.13
N LEU D 774 39.18 -11.96 -35.96
CA LEU D 774 37.76 -11.97 -35.66
C LEU D 774 37.41 -10.67 -34.93
N ASN D 775 36.16 -10.26 -35.09
CA ASN D 775 35.70 -9.00 -34.53
C ASN D 775 35.40 -9.16 -33.05
N HIS D 776 34.75 -8.14 -32.47
CA HIS D 776 34.48 -8.09 -31.04
C HIS D 776 33.38 -9.06 -30.63
N ASP D 777 32.30 -9.14 -31.41
CA ASP D 777 31.18 -10.00 -31.06
C ASP D 777 31.55 -11.48 -31.15
N GLU D 778 32.36 -11.85 -32.14
CA GLU D 778 32.75 -13.26 -32.28
C GLU D 778 33.62 -13.70 -31.11
N ARG D 779 34.56 -12.86 -30.67
CA ARG D 779 35.38 -13.25 -29.53
C ARG D 779 34.56 -13.26 -28.24
N ASN D 780 33.56 -12.37 -28.13
CA ASN D 780 32.66 -12.44 -26.99
C ASN D 780 31.89 -13.76 -26.96
N GLU D 781 31.38 -14.17 -28.13
CA GLU D 781 30.66 -15.45 -28.21
C GLU D 781 31.57 -16.63 -27.89
N ALA D 782 32.80 -16.60 -28.42
CA ALA D 782 33.73 -17.69 -28.15
C ALA D 782 34.05 -17.79 -26.66
N LEU D 783 34.31 -16.65 -26.01
CA LEU D 783 34.57 -16.66 -24.57
C LEU D 783 33.37 -17.15 -23.80
N VAL D 784 32.16 -16.76 -24.22
CA VAL D 784 30.94 -17.21 -23.55
C VAL D 784 30.84 -18.74 -23.61
N GLU D 785 31.04 -19.32 -24.79
CA GLU D 785 30.97 -20.78 -24.91
C GLU D 785 32.07 -21.45 -24.10
N ILE D 786 33.27 -20.86 -24.10
CA ILE D 786 34.39 -21.40 -23.32
C ILE D 786 34.01 -21.49 -21.85
N TRP D 787 33.46 -20.41 -21.30
CA TRP D 787 33.14 -20.41 -19.89
C TRP D 787 31.90 -21.23 -19.56
N LYS D 788 30.97 -21.40 -20.49
CA LYS D 788 29.90 -22.37 -20.28
C LYS D 788 30.45 -23.78 -20.19
N GLU D 789 31.40 -24.14 -21.05
CA GLU D 789 32.03 -25.45 -20.96
C GLU D 789 32.75 -25.61 -19.61
N ALA D 790 33.46 -24.56 -19.19
CA ALA D 790 34.16 -24.60 -17.90
C ALA D 790 33.18 -24.80 -16.75
N THR D 791 32.05 -24.08 -16.79
CA THR D 791 31.04 -24.23 -15.75
C THR D 791 30.45 -25.64 -15.72
N ASP D 792 30.13 -26.17 -16.91
CA ASP D 792 29.62 -27.55 -16.99
C ASP D 792 30.59 -28.53 -16.35
N GLU D 793 31.87 -28.40 -16.67
CA GLU D 793 32.79 -29.44 -16.23
C GLU D 793 33.15 -29.28 -14.76
N VAL D 794 33.20 -28.04 -14.25
CA VAL D 794 33.35 -27.81 -12.82
C VAL D 794 32.17 -28.42 -12.06
N GLY D 795 30.94 -28.21 -12.57
CA GLY D 795 29.78 -28.80 -11.92
C GLY D 795 29.82 -30.32 -11.94
N GLN D 796 30.27 -30.91 -13.04
CA GLN D 796 30.38 -32.36 -13.10
C GLN D 796 31.40 -32.89 -12.12
N ALA D 797 32.55 -32.22 -12.01
CA ALA D 797 33.56 -32.64 -11.03
C ALA D 797 33.04 -32.53 -9.61
N LEU D 798 32.32 -31.44 -9.31
CA LEU D 798 31.73 -31.28 -7.99
C LEU D 798 30.70 -32.37 -7.72
N ARG D 799 29.89 -32.71 -8.72
CA ARG D 799 28.88 -33.75 -8.55
C ARG D 799 29.53 -35.10 -8.26
N GLU D 800 30.60 -35.44 -8.98
CA GLU D 800 31.24 -36.73 -8.75
C GLU D 800 32.16 -36.73 -7.54
N HIS D 801 32.44 -35.56 -6.94
CA HIS D 801 33.28 -35.55 -5.74
C HIS D 801 32.50 -35.86 -4.47
N TYR D 802 31.26 -35.36 -4.37
CA TYR D 802 30.53 -35.42 -3.11
C TYR D 802 30.15 -36.86 -2.75
N PRO D 803 30.09 -37.18 -1.45
CA PRO D 803 29.48 -38.44 -1.02
C PRO D 803 27.95 -38.36 -1.09
N ASP D 804 27.26 -39.42 -0.66
CA ASP D 804 25.81 -39.41 -0.67
C ASP D 804 25.21 -38.90 0.62
N ASP D 805 25.92 -39.03 1.74
CA ASP D 805 25.42 -38.59 3.03
C ASP D 805 25.75 -37.14 3.33
N ASN D 806 26.31 -36.40 2.36
CA ASN D 806 26.56 -34.98 2.54
C ASN D 806 25.23 -34.25 2.60
N PRO D 807 24.94 -33.51 3.67
CA PRO D 807 23.61 -32.91 3.83
C PRO D 807 23.18 -31.98 2.71
N ILE D 808 24.11 -31.25 2.07
CA ILE D 808 23.71 -30.38 0.96
C ILE D 808 23.19 -31.22 -0.20
N ILE D 809 23.96 -32.22 -0.62
CA ILE D 809 23.52 -33.08 -1.70
C ILE D 809 22.41 -34.02 -1.26
N THR D 810 22.30 -34.30 0.05
CA THR D 810 21.16 -35.06 0.54
C THR D 810 19.87 -34.27 0.41
N ILE D 811 19.90 -32.98 0.73
CA ILE D 811 18.74 -32.12 0.53
C ILE D 811 18.41 -32.00 -0.94
N VAL D 812 19.42 -31.82 -1.79
CA VAL D 812 19.16 -31.61 -3.21
C VAL D 812 18.59 -32.88 -3.85
N ASP D 813 19.24 -34.02 -3.62
CA ASP D 813 18.82 -35.27 -4.25
C ASP D 813 17.51 -35.82 -3.68
N SER D 814 17.10 -35.37 -2.50
CA SER D 814 15.82 -35.80 -1.95
C SER D 814 14.64 -35.19 -2.68
N GLY D 815 14.87 -34.12 -3.45
CA GLY D 815 13.78 -33.38 -4.02
C GLY D 815 13.08 -32.45 -3.05
N ALA D 816 13.58 -32.35 -1.81
CA ALA D 816 12.96 -31.49 -0.82
C ALA D 816 12.96 -30.04 -1.27
N THR D 817 14.13 -29.53 -1.65
CA THR D 817 14.24 -28.19 -2.19
C THR D 817 15.59 -28.02 -2.88
N GLY D 818 15.67 -27.02 -3.75
CA GLY D 818 16.94 -26.62 -4.33
C GLY D 818 17.40 -27.46 -5.50
N ASN D 819 17.82 -26.80 -6.58
CA ASN D 819 18.44 -27.48 -7.70
C ASN D 819 19.96 -27.56 -7.50
N PHE D 820 20.63 -28.30 -8.38
CA PHE D 820 22.05 -28.52 -8.23
C PHE D 820 22.88 -27.27 -8.55
N THR D 821 22.33 -26.33 -9.32
CA THR D 821 23.10 -25.14 -9.67
C THR D 821 23.41 -24.29 -8.44
N GLN D 822 22.54 -24.30 -7.44
CA GLN D 822 22.83 -23.58 -6.20
C GLN D 822 23.99 -24.23 -5.46
N THR D 823 24.06 -25.55 -5.47
CA THR D 823 25.23 -26.24 -4.91
C THR D 823 26.49 -25.92 -5.71
N ARG D 824 26.35 -25.82 -7.03
CA ARG D 824 27.50 -25.47 -7.88
C ARG D 824 28.00 -24.07 -7.58
N THR D 825 27.08 -23.14 -7.29
CA THR D 825 27.49 -21.79 -6.90
C THR D 825 28.02 -21.73 -5.47
N LEU D 826 27.58 -22.62 -4.58
CA LEU D 826 28.11 -22.63 -3.22
C LEU D 826 29.58 -23.04 -3.21
N ALA D 827 29.91 -24.15 -3.87
CA ALA D 827 31.27 -24.62 -3.98
C ALA D 827 31.60 -24.87 -5.44
N GLY D 828 32.70 -24.32 -5.91
CA GLY D 828 33.08 -24.47 -7.29
C GLY D 828 33.12 -23.17 -8.06
N MET D 829 32.18 -22.99 -8.98
CA MET D 829 32.20 -21.86 -9.91
C MET D 829 30.83 -21.20 -9.95
N LYS D 830 30.79 -19.88 -9.79
CA LYS D 830 29.55 -19.14 -9.99
C LYS D 830 29.10 -19.20 -11.44
N GLY D 831 30.04 -19.02 -12.37
CA GLY D 831 29.73 -19.14 -13.78
C GLY D 831 29.68 -17.81 -14.50
N LEU D 832 28.71 -17.67 -15.40
CA LEU D 832 28.57 -16.49 -16.24
C LEU D 832 27.43 -15.62 -15.71
N VAL D 833 27.72 -14.33 -15.51
CA VAL D 833 26.78 -13.40 -14.90
C VAL D 833 26.35 -12.40 -15.96
N THR D 834 25.08 -11.99 -15.90
CA THR D 834 24.45 -11.28 -17.00
C THR D 834 24.72 -9.78 -16.95
N ASN D 835 24.64 -9.16 -18.13
CA ASN D 835 24.69 -7.72 -18.29
C ASN D 835 23.39 -7.10 -17.78
N PRO D 836 23.43 -5.81 -17.40
CA PRO D 836 22.17 -5.09 -17.16
C PRO D 836 21.25 -5.06 -18.38
N LYS D 837 21.79 -5.12 -19.59
CA LYS D 837 20.95 -5.19 -20.79
C LYS D 837 20.42 -6.59 -21.05
N GLY D 838 21.14 -7.63 -20.65
CA GLY D 838 20.70 -8.99 -20.87
C GLY D 838 21.81 -9.90 -21.38
N GLU D 839 22.87 -9.30 -21.90
CA GLU D 839 23.99 -10.06 -22.43
C GLU D 839 24.77 -10.71 -21.29
N PHE D 840 25.86 -11.39 -21.64
CA PHE D 840 26.65 -12.16 -20.69
C PHE D 840 28.04 -11.54 -20.57
N ILE D 841 28.44 -11.22 -19.34
CA ILE D 841 29.72 -10.58 -19.07
C ILE D 841 30.84 -11.59 -19.30
N PRO D 842 31.78 -11.31 -20.20
CA PRO D 842 32.75 -12.34 -20.61
C PRO D 842 33.94 -12.52 -19.69
N ARG D 843 33.89 -12.07 -18.42
CA ARG D 843 35.10 -12.10 -17.61
C ARG D 843 35.56 -13.51 -17.29
N PRO D 844 34.76 -14.38 -16.59
CA PRO D 844 33.57 -14.21 -15.75
C PRO D 844 33.93 -14.35 -14.27
N VAL D 845 32.92 -14.45 -13.39
CA VAL D 845 33.20 -14.78 -11.99
C VAL D 845 33.82 -16.15 -11.89
N LYS D 846 34.88 -16.27 -11.08
CA LYS D 846 35.62 -17.52 -10.93
C LYS D 846 35.77 -17.94 -9.48
N SER D 847 34.93 -17.41 -8.59
CA SER D 847 35.01 -17.74 -7.16
C SER D 847 33.65 -18.23 -6.68
N SER D 848 33.68 -19.26 -5.84
CA SER D 848 32.46 -19.73 -5.20
C SER D 848 32.16 -18.88 -3.96
N PHE D 849 30.91 -18.98 -3.50
CA PHE D 849 30.52 -18.23 -2.32
C PHE D 849 31.15 -18.78 -1.04
N ARG D 850 31.71 -19.99 -1.07
CA ARG D 850 32.48 -20.48 0.06
C ARG D 850 33.86 -19.82 0.13
N GLU D 851 34.54 -19.69 -1.02
CA GLU D 851 35.83 -19.04 -1.06
C GLU D 851 35.74 -17.53 -0.87
N GLY D 852 34.56 -16.96 -1.08
CA GLY D 852 34.39 -15.52 -0.96
C GLY D 852 34.70 -14.81 -2.26
N LEU D 853 33.78 -14.00 -2.74
CA LEU D 853 33.98 -13.29 -3.99
C LEU D 853 34.92 -12.10 -3.78
N THR D 854 35.55 -11.68 -4.87
CA THR D 854 36.31 -10.44 -4.88
C THR D 854 35.35 -9.26 -5.08
N VAL D 855 35.92 -8.06 -5.15
CA VAL D 855 35.09 -6.86 -5.23
C VAL D 855 34.39 -6.78 -6.59
N LEU D 856 35.13 -6.97 -7.68
CA LEU D 856 34.55 -6.82 -9.02
C LEU D 856 33.55 -7.92 -9.32
N GLU D 857 33.84 -9.15 -8.91
CA GLU D 857 32.93 -10.26 -9.17
C GLU D 857 31.60 -10.04 -8.44
N TYR D 858 31.67 -9.55 -7.20
CA TYR D 858 30.46 -9.23 -6.46
C TYR D 858 29.69 -8.10 -7.10
N PHE D 859 30.41 -7.05 -7.54
CA PHE D 859 29.74 -5.94 -8.23
C PHE D 859 29.09 -6.41 -9.53
N ILE D 860 29.69 -7.39 -10.20
CA ILE D 860 29.10 -7.95 -11.40
C ILE D 860 27.85 -8.75 -11.07
N ASN D 861 27.89 -9.51 -9.96
CA ASN D 861 26.73 -10.31 -9.55
C ASN D 861 25.53 -9.42 -9.20
N THR D 862 25.80 -8.24 -8.64
CA THR D 862 24.71 -7.35 -8.22
C THR D 862 23.79 -6.97 -9.38
N HIS D 863 24.37 -6.82 -10.58
CA HIS D 863 23.58 -6.55 -11.78
C HIS D 863 22.44 -7.54 -11.93
N GLY D 864 22.79 -8.82 -12.06
CA GLY D 864 21.79 -9.85 -12.26
C GLY D 864 20.83 -9.98 -11.10
N ALA D 865 21.35 -9.82 -9.87
CA ALA D 865 20.47 -9.94 -8.71
C ALA D 865 19.36 -8.90 -8.72
N ARG D 866 19.74 -7.62 -8.89
CA ARG D 866 18.74 -6.56 -8.89
C ARG D 866 17.82 -6.67 -10.10
N LYS D 867 18.37 -7.05 -11.26
CA LYS D 867 17.54 -7.24 -12.45
C LYS D 867 16.47 -8.29 -12.22
N GLY D 868 16.86 -9.43 -11.63
CA GLY D 868 15.90 -10.47 -11.35
C GLY D 868 14.83 -10.03 -10.36
N LEU D 869 15.23 -9.29 -9.33
CA LEU D 869 14.24 -8.84 -8.34
C LEU D 869 13.21 -7.91 -8.97
N ALA D 870 13.67 -6.91 -9.73
CA ALA D 870 12.73 -5.98 -10.37
C ALA D 870 11.86 -6.70 -11.40
N ASP D 871 12.44 -7.63 -12.15
CA ASP D 871 11.66 -8.38 -13.13
C ASP D 871 10.56 -9.20 -12.46
N THR D 872 10.88 -9.82 -11.31
CA THR D 872 9.86 -10.54 -10.55
C THR D 872 8.74 -9.59 -10.12
N ALA D 873 9.12 -8.40 -9.65
CA ALA D 873 8.14 -7.44 -9.16
C ALA D 873 7.16 -7.04 -10.27
N LEU D 874 7.67 -6.83 -11.49
CA LEU D 874 6.77 -6.49 -12.59
C LEU D 874 5.97 -7.71 -13.06
N ARG D 875 6.56 -8.90 -12.95
CA ARG D 875 5.88 -10.12 -13.36
C ARG D 875 4.64 -10.38 -12.50
N THR D 876 4.67 -9.97 -11.23
CA THR D 876 3.46 -10.08 -10.41
C THR D 876 2.28 -9.35 -11.04
N ALA D 877 2.49 -8.09 -11.46
CA ALA D 877 1.41 -7.31 -12.04
C ALA D 877 0.97 -7.90 -13.38
N ASP D 878 1.93 -8.40 -14.16
CA ASP D 878 1.57 -9.04 -15.43
C ASP D 878 0.66 -10.25 -15.20
N SER D 879 1.02 -11.10 -14.23
CA SER D 879 0.20 -12.27 -13.93
C SER D 879 -1.18 -11.86 -13.40
N GLY D 880 -1.23 -10.79 -12.58
CA GLY D 880 -2.51 -10.32 -12.08
C GLY D 880 -3.45 -9.87 -13.18
N TYR D 881 -2.92 -9.09 -14.14
CA TYR D 881 -3.75 -8.65 -15.24
C TYR D 881 -4.21 -9.82 -16.11
N LEU D 882 -3.32 -10.78 -16.36
CA LEU D 882 -3.72 -11.97 -17.12
C LEU D 882 -4.85 -12.72 -16.42
N THR D 883 -4.74 -12.88 -15.10
CA THR D 883 -5.78 -13.56 -14.33
C THR D 883 -7.10 -12.82 -14.42
N ARG D 884 -7.07 -11.50 -14.30
CA ARG D 884 -8.31 -10.72 -14.36
C ARG D 884 -8.99 -10.86 -15.71
N ARG D 885 -8.22 -10.75 -16.79
CA ARG D 885 -8.83 -10.86 -18.11
C ARG D 885 -9.40 -12.24 -18.36
N LEU D 886 -8.65 -13.29 -17.97
CA LEU D 886 -9.17 -14.64 -18.16
C LEU D 886 -10.40 -14.89 -17.31
N VAL D 887 -10.46 -14.31 -16.11
CA VAL D 887 -11.64 -14.46 -15.27
C VAL D 887 -12.85 -13.80 -15.93
N ASP D 888 -12.66 -12.60 -16.49
CA ASP D 888 -13.76 -11.93 -17.17
C ASP D 888 -14.26 -12.77 -18.35
N VAL D 889 -13.34 -13.26 -19.18
CA VAL D 889 -13.74 -14.00 -20.38
C VAL D 889 -14.45 -15.31 -20.01
N SER D 890 -13.92 -16.04 -19.04
CA SER D 890 -14.41 -17.36 -18.69
C SER D 890 -15.46 -17.34 -17.59
N GLN D 891 -16.05 -16.20 -17.29
CA GLN D 891 -17.01 -16.13 -16.19
C GLN D 891 -18.23 -17.00 -16.45
N ASP D 892 -18.85 -16.85 -17.62
CA ASP D 892 -20.06 -17.61 -17.93
C ASP D 892 -19.74 -18.95 -18.59
N VAL D 893 -18.87 -19.71 -17.96
CA VAL D 893 -18.64 -21.12 -18.31
C VAL D 893 -18.88 -21.91 -17.03
N ILE D 894 -20.12 -22.34 -16.83
CA ILE D 894 -20.52 -23.08 -15.64
C ILE D 894 -21.25 -24.33 -16.09
N VAL D 895 -21.01 -25.44 -15.38
CA VAL D 895 -21.63 -26.70 -15.77
C VAL D 895 -23.12 -26.63 -15.50
N ARG D 896 -23.92 -26.80 -16.55
CA ARG D 896 -25.36 -26.65 -16.46
C ARG D 896 -26.13 -27.97 -16.62
N GLU D 897 -25.62 -28.89 -17.44
CA GLU D 897 -26.31 -30.15 -17.71
C GLU D 897 -25.35 -31.31 -17.46
N HIS D 898 -25.93 -32.45 -17.09
CA HIS D 898 -25.12 -33.64 -16.86
C HIS D 898 -24.50 -34.15 -18.16
N ASP D 899 -25.26 -34.15 -19.25
CA ASP D 899 -24.78 -34.69 -20.52
C ASP D 899 -25.50 -34.01 -21.67
N CYS D 900 -24.73 -33.62 -22.69
CA CYS D 900 -25.29 -33.01 -23.89
C CYS D 900 -25.60 -34.03 -24.98
N GLN D 901 -25.16 -35.28 -24.80
CA GLN D 901 -25.36 -36.37 -25.76
C GLN D 901 -24.74 -36.06 -27.12
N THR D 902 -23.67 -35.28 -27.15
CA THR D 902 -22.95 -35.06 -28.39
C THR D 902 -22.01 -36.24 -28.67
N GLU D 903 -21.49 -36.28 -29.89
CA GLU D 903 -20.51 -37.28 -30.26
C GLU D 903 -19.21 -36.70 -30.80
N ARG D 904 -19.16 -35.40 -31.08
CA ARG D 904 -17.93 -34.78 -31.57
C ARG D 904 -16.96 -34.54 -30.43
N GLY D 905 -15.67 -34.69 -30.74
CA GLY D 905 -14.63 -34.49 -29.75
C GLY D 905 -13.28 -34.41 -30.43
N ILE D 906 -12.26 -34.24 -29.61
CA ILE D 906 -10.90 -34.12 -30.11
C ILE D 906 -10.28 -35.52 -30.20
N VAL D 907 -9.16 -35.61 -30.91
CA VAL D 907 -8.36 -36.82 -30.93
C VAL D 907 -7.08 -36.55 -30.14
N VAL D 908 -6.73 -37.49 -29.27
CA VAL D 908 -5.58 -37.37 -28.39
C VAL D 908 -4.59 -38.49 -28.70
N GLU D 909 -3.32 -38.17 -28.51
CA GLU D 909 -2.21 -38.98 -29.03
C GLU D 909 -2.13 -40.33 -28.33
N LEU D 910 -1.91 -40.31 -27.01
CA LEU D 910 -1.95 -41.50 -26.17
C LEU D 910 -0.90 -42.52 -26.62
N ALA D 911 0.35 -42.16 -26.37
CA ALA D 911 1.49 -43.07 -26.55
C ALA D 911 1.73 -43.51 -27.98
N GLU D 912 2.22 -42.59 -28.81
CA GLU D 912 2.54 -42.88 -30.22
C GLU D 912 3.61 -43.96 -30.37
N ARG D 913 3.89 -44.33 -31.61
CA ARG D 913 4.63 -45.54 -31.95
C ARG D 913 6.13 -45.26 -32.12
N ALA D 914 6.93 -46.29 -31.90
CA ALA D 914 8.37 -46.30 -32.11
C ALA D 914 8.72 -47.20 -33.29
N PRO D 915 9.90 -47.02 -33.90
CA PRO D 915 10.29 -47.91 -35.01
C PRO D 915 10.36 -49.38 -34.62
N ASP D 916 10.64 -49.69 -33.36
CA ASP D 916 10.65 -51.06 -32.89
C ASP D 916 9.25 -51.60 -32.60
N GLY D 917 8.20 -50.90 -33.04
CA GLY D 917 6.84 -51.33 -32.80
C GLY D 917 6.40 -51.24 -31.36
N THR D 918 7.09 -50.44 -30.55
CA THR D 918 6.82 -50.34 -29.12
C THR D 918 6.10 -49.02 -28.84
N LEU D 919 5.03 -49.09 -28.07
CA LEU D 919 4.29 -47.91 -27.69
C LEU D 919 5.04 -47.18 -26.57
N ILE D 920 5.50 -45.98 -26.86
CA ILE D 920 6.17 -45.13 -25.88
C ILE D 920 5.15 -44.12 -25.38
N ARG D 921 4.91 -44.11 -24.06
CA ARG D 921 3.96 -43.20 -23.46
C ARG D 921 4.28 -41.76 -23.86
N ASP D 922 3.30 -41.09 -24.45
CA ASP D 922 3.51 -39.74 -24.95
C ASP D 922 3.95 -38.84 -23.80
N PRO D 923 4.95 -37.97 -24.01
CA PRO D 923 5.56 -37.26 -22.87
C PRO D 923 4.58 -36.42 -22.07
N TYR D 924 3.43 -36.05 -22.66
CA TYR D 924 2.42 -35.26 -21.96
C TYR D 924 1.08 -35.96 -22.12
N ILE D 925 0.84 -36.93 -21.25
CA ILE D 925 -0.43 -37.64 -21.18
C ILE D 925 -1.18 -37.35 -19.89
N GLU D 926 -0.47 -37.11 -18.79
CA GLU D 926 -1.05 -36.75 -17.51
C GLU D 926 -1.71 -35.39 -17.53
N THR D 927 -1.49 -34.59 -18.59
CA THR D 927 -2.13 -33.30 -18.75
C THR D 927 -3.09 -33.23 -19.92
N SER D 928 -2.87 -34.01 -20.97
CA SER D 928 -3.69 -33.92 -22.17
C SER D 928 -4.86 -34.92 -22.16
N ALA D 929 -4.57 -36.20 -21.94
CA ALA D 929 -5.59 -37.23 -22.03
C ALA D 929 -6.26 -37.52 -20.67
N TYR D 930 -5.44 -37.61 -19.62
CA TYR D 930 -5.88 -38.08 -18.30
C TYR D 930 -7.14 -37.36 -17.83
N ALA D 931 -8.09 -38.13 -17.31
CA ALA D 931 -9.34 -37.63 -16.72
C ALA D 931 -10.18 -36.85 -17.73
N ARG D 932 -10.45 -37.46 -18.88
CA ARG D 932 -11.33 -36.89 -19.88
C ARG D 932 -12.23 -37.98 -20.46
N THR D 933 -13.52 -37.72 -20.51
CA THR D 933 -14.48 -38.77 -20.82
C THR D 933 -14.38 -39.21 -22.28
N LEU D 934 -14.08 -40.48 -22.49
CA LEU D 934 -13.97 -41.02 -23.84
C LEU D 934 -15.33 -41.04 -24.53
N GLY D 935 -15.34 -40.64 -25.80
CA GLY D 935 -16.58 -40.50 -26.54
C GLY D 935 -16.85 -41.61 -27.54
N THR D 936 -15.81 -42.08 -28.22
CA THR D 936 -15.93 -43.17 -29.16
C THR D 936 -15.22 -44.39 -28.57
N ASP D 937 -15.92 -45.52 -28.58
CA ASP D 937 -15.38 -46.75 -28.00
C ASP D 937 -14.12 -47.18 -28.71
N ALA D 938 -13.03 -47.28 -27.96
CA ALA D 938 -11.73 -47.64 -28.52
C ALA D 938 -11.70 -49.12 -28.86
N VAL D 939 -11.47 -49.43 -30.13
CA VAL D 939 -11.39 -50.81 -30.61
C VAL D 939 -9.97 -51.06 -31.11
N ASP D 940 -9.40 -52.20 -30.73
CA ASP D 940 -8.02 -52.55 -31.05
C ASP D 940 -8.02 -53.71 -32.03
N GLU D 941 -7.86 -53.40 -33.32
CA GLU D 941 -7.75 -54.40 -34.38
C GLU D 941 -8.91 -55.39 -34.34
N ALA D 942 -10.12 -54.86 -34.12
CA ALA D 942 -11.34 -55.63 -33.93
C ALA D 942 -11.25 -56.59 -32.74
N GLY D 943 -10.41 -56.28 -31.76
CA GLY D 943 -10.29 -57.11 -30.58
C GLY D 943 -11.52 -57.03 -29.69
N ASN D 944 -11.72 -55.87 -29.08
CA ASN D 944 -12.89 -55.59 -28.25
C ASN D 944 -12.90 -54.10 -27.95
N VAL D 945 -13.99 -53.64 -27.35
CA VAL D 945 -14.10 -52.24 -26.91
C VAL D 945 -13.48 -52.19 -25.52
N ILE D 946 -12.18 -51.85 -25.47
CA ILE D 946 -11.43 -51.92 -24.22
C ILE D 946 -12.04 -51.00 -23.18
N VAL D 947 -12.38 -49.79 -23.59
CA VAL D 947 -13.16 -48.87 -22.78
C VAL D 947 -14.28 -48.33 -23.64
N GLU D 948 -15.46 -48.16 -23.04
CA GLU D 948 -16.63 -47.72 -23.77
C GLU D 948 -16.88 -46.24 -23.50
N ARG D 949 -17.75 -45.66 -24.32
CA ARG D 949 -18.19 -44.28 -24.16
C ARG D 949 -18.88 -44.12 -22.81
N GLY D 950 -18.25 -43.37 -21.90
CA GLY D 950 -18.79 -43.21 -20.57
C GLY D 950 -17.76 -43.40 -19.48
N GLN D 951 -16.59 -43.91 -19.84
CA GLN D 951 -15.51 -44.05 -18.87
C GLN D 951 -14.80 -42.71 -18.67
N ASP D 952 -13.98 -42.63 -17.64
CA ASP D 952 -13.33 -41.39 -17.26
C ASP D 952 -11.89 -41.27 -17.75
N LEU D 953 -11.38 -42.28 -18.45
CA LEU D 953 -10.03 -42.30 -19.00
C LEU D 953 -8.99 -42.14 -17.89
N GLY D 954 -9.15 -42.92 -16.83
CA GLY D 954 -8.27 -42.81 -15.68
C GLY D 954 -6.94 -43.52 -15.90
N ASP D 955 -6.15 -43.55 -14.83
CA ASP D 955 -4.83 -44.17 -14.89
C ASP D 955 -4.93 -45.66 -15.22
N PRO D 956 -5.70 -46.49 -14.51
CA PRO D 956 -5.80 -47.90 -14.92
C PRO D 956 -6.36 -48.07 -16.31
N GLU D 957 -7.30 -47.19 -16.69
CA GLU D 957 -7.80 -47.19 -18.05
C GLU D 957 -6.66 -46.98 -19.05
N ILE D 958 -5.83 -45.95 -18.83
CA ILE D 958 -4.70 -45.67 -19.73
C ILE D 958 -3.74 -46.85 -19.80
N ASP D 959 -3.47 -47.51 -18.67
CA ASP D 959 -2.63 -48.69 -18.72
C ASP D 959 -3.25 -49.77 -19.60
N ALA D 960 -4.56 -49.97 -19.48
CA ALA D 960 -5.25 -50.95 -20.32
C ALA D 960 -5.20 -50.55 -21.80
N LEU D 961 -5.41 -49.27 -22.09
CA LEU D 961 -5.38 -48.79 -23.49
C LEU D 961 -3.99 -48.99 -24.09
N LEU D 962 -2.95 -48.70 -23.32
CA LEU D 962 -1.59 -48.91 -23.81
C LEU D 962 -1.30 -50.39 -24.02
N ALA D 963 -1.80 -51.25 -23.12
CA ALA D 963 -1.62 -52.68 -23.31
C ALA D 963 -2.36 -53.17 -24.56
N ALA D 964 -3.50 -52.57 -24.87
CA ALA D 964 -4.29 -53.00 -26.02
C ALA D 964 -3.63 -52.66 -27.36
N GLY D 965 -2.77 -51.64 -27.40
CA GLY D 965 -2.09 -51.26 -28.61
C GLY D 965 -2.67 -50.06 -29.34
N ILE D 966 -3.76 -49.50 -28.84
CA ILE D 966 -4.41 -48.35 -29.46
C ILE D 966 -3.69 -47.07 -29.03
N THR D 967 -3.53 -46.14 -29.97
CA THR D 967 -2.98 -44.83 -29.62
C THR D 967 -4.01 -43.71 -29.75
N GLN D 968 -4.55 -43.47 -30.94
CA GLN D 968 -5.41 -42.30 -31.12
C GLN D 968 -6.78 -42.55 -30.49
N VAL D 969 -7.18 -41.67 -29.57
CA VAL D 969 -8.49 -41.81 -28.94
C VAL D 969 -9.30 -40.55 -29.21
N LYS D 970 -10.60 -40.71 -29.38
CA LYS D 970 -11.51 -39.58 -29.53
C LYS D 970 -12.17 -39.34 -28.18
N VAL D 971 -11.96 -38.15 -27.63
CA VAL D 971 -12.41 -37.81 -26.29
C VAL D 971 -13.30 -36.59 -26.37
N ARG D 972 -14.31 -36.55 -25.50
CA ARG D 972 -15.22 -35.41 -25.46
C ARG D 972 -14.60 -34.29 -24.64
N SER D 973 -14.78 -33.06 -25.09
CA SER D 973 -14.13 -31.92 -24.45
C SER D 973 -14.97 -30.67 -24.63
N VAL D 974 -14.51 -29.57 -24.03
CA VAL D 974 -15.36 -28.39 -23.87
C VAL D 974 -15.40 -27.55 -25.14
N LEU D 975 -14.44 -27.74 -26.06
CA LEU D 975 -14.56 -27.10 -27.37
C LEU D 975 -15.71 -27.67 -28.19
N THR D 976 -16.02 -28.95 -28.01
CA THR D 976 -17.02 -29.62 -28.81
C THR D 976 -18.33 -29.86 -28.07
N CYS D 977 -18.43 -29.44 -26.81
CA CYS D 977 -19.65 -29.65 -26.04
C CYS D 977 -20.80 -28.90 -26.69
N ALA D 978 -21.93 -29.60 -26.87
CA ALA D 978 -23.04 -29.10 -27.65
C ALA D 978 -24.16 -28.52 -26.80
N THR D 979 -23.82 -27.91 -25.66
CA THR D 979 -24.81 -27.23 -24.85
C THR D 979 -25.02 -25.83 -25.43
N SER D 980 -25.78 -24.99 -24.71
CA SER D 980 -26.14 -23.66 -25.20
C SER D 980 -25.45 -22.56 -24.42
N THR D 981 -25.62 -22.52 -23.09
CA THR D 981 -25.04 -21.48 -22.24
C THR D 981 -24.33 -22.17 -21.08
N GLY D 982 -23.07 -22.51 -21.28
CA GLY D 982 -22.31 -23.20 -20.26
C GLY D 982 -22.07 -24.65 -20.68
N VAL D 983 -20.86 -25.14 -20.37
CA VAL D 983 -20.49 -26.48 -20.77
C VAL D 983 -21.32 -27.52 -20.01
N CYS D 984 -21.40 -28.73 -20.57
CA CYS D 984 -22.05 -29.84 -19.89
C CYS D 984 -21.10 -30.41 -18.84
N ALA D 985 -21.46 -31.55 -18.26
CA ALA D 985 -20.61 -32.20 -17.27
C ALA D 985 -19.75 -33.31 -17.86
N THR D 986 -20.31 -34.13 -18.76
CA THR D 986 -19.54 -35.21 -19.35
C THR D 986 -18.47 -34.72 -20.32
N CYS D 987 -18.55 -33.47 -20.78
CA CYS D 987 -17.53 -32.94 -21.66
C CYS D 987 -16.35 -32.34 -20.89
N TYR D 988 -16.62 -31.71 -19.75
CA TYR D 988 -15.53 -31.20 -18.93
C TYR D 988 -14.68 -32.33 -18.37
N GLY D 989 -15.31 -33.48 -18.10
CA GLY D 989 -14.59 -34.62 -17.60
C GLY D 989 -14.56 -34.68 -16.09
N ARG D 990 -13.37 -34.80 -15.52
CA ARG D 990 -13.20 -34.95 -14.07
C ARG D 990 -12.72 -33.64 -13.48
N SER D 991 -13.43 -33.16 -12.46
CA SER D 991 -12.93 -32.04 -11.67
C SER D 991 -11.62 -32.44 -11.01
N MET D 992 -10.58 -31.63 -11.21
CA MET D 992 -9.24 -32.04 -10.83
C MET D 992 -9.09 -32.17 -9.31
N ALA D 993 -9.81 -31.36 -8.55
CA ALA D 993 -9.72 -31.42 -7.10
C ALA D 993 -10.50 -32.61 -6.55
N THR D 994 -11.77 -32.74 -6.95
CA THR D 994 -12.64 -33.76 -6.37
C THR D 994 -12.20 -35.16 -6.77
N GLY D 995 -11.98 -35.39 -8.06
CA GLY D 995 -11.68 -36.70 -8.58
C GLY D 995 -12.85 -37.42 -9.21
N LYS D 996 -14.04 -36.83 -9.20
CA LYS D 996 -15.23 -37.39 -9.81
C LYS D 996 -15.68 -36.50 -10.97
N LEU D 997 -16.78 -36.90 -11.61
CA LEU D 997 -17.41 -36.07 -12.62
C LEU D 997 -17.77 -34.72 -12.02
N VAL D 998 -17.50 -33.65 -12.78
CA VAL D 998 -17.70 -32.31 -12.24
C VAL D 998 -19.17 -32.10 -11.92
N ASP D 999 -19.44 -31.57 -10.72
CA ASP D 999 -20.81 -31.44 -10.25
C ASP D 999 -21.56 -30.40 -11.06
N ILE D 1000 -22.85 -30.64 -11.27
CA ILE D 1000 -23.69 -29.71 -12.01
C ILE D 1000 -23.78 -28.42 -11.23
N GLY D 1001 -23.17 -27.36 -11.76
CA GLY D 1001 -23.20 -26.07 -11.09
C GLY D 1001 -21.84 -25.45 -10.82
N GLU D 1002 -20.79 -26.26 -10.84
CA GLU D 1002 -19.46 -25.73 -10.57
C GLU D 1002 -19.02 -24.76 -11.66
N ALA D 1003 -18.39 -23.67 -11.23
CA ALA D 1003 -17.92 -22.62 -12.14
C ALA D 1003 -16.53 -23.00 -12.63
N VAL D 1004 -16.49 -23.83 -13.68
CA VAL D 1004 -15.22 -24.33 -14.20
C VAL D 1004 -14.43 -23.21 -14.88
N GLY D 1005 -15.12 -22.14 -15.32
CA GLY D 1005 -14.41 -21.08 -16.00
C GLY D 1005 -13.47 -20.31 -15.08
N ILE D 1006 -13.93 -19.97 -13.88
CA ILE D 1006 -13.08 -19.25 -12.95
C ILE D 1006 -11.97 -20.15 -12.43
N VAL D 1007 -12.25 -21.44 -12.26
CA VAL D 1007 -11.20 -22.39 -11.90
C VAL D 1007 -10.13 -22.43 -12.99
N ALA D 1008 -10.56 -22.46 -14.25
CA ALA D 1008 -9.62 -22.45 -15.37
C ALA D 1008 -8.79 -21.19 -15.38
N ALA D 1009 -9.44 -20.03 -15.20
CA ALA D 1009 -8.72 -18.76 -15.24
C ALA D 1009 -7.71 -18.66 -14.11
N GLN D 1010 -8.09 -19.07 -12.91
CA GLN D 1010 -7.16 -19.04 -11.78
C GLN D 1010 -6.04 -20.05 -11.97
N SER D 1011 -6.33 -21.21 -12.56
CA SER D 1011 -5.30 -22.23 -12.76
C SER D 1011 -4.31 -21.83 -13.83
N ILE D 1012 -4.72 -21.02 -14.80
CA ILE D 1012 -3.77 -20.48 -15.77
C ILE D 1012 -3.10 -19.20 -15.27
N GLY D 1013 -3.69 -18.50 -14.31
CA GLY D 1013 -3.10 -17.28 -13.80
C GLY D 1013 -2.16 -17.42 -12.63
N GLU D 1014 -2.35 -18.43 -11.79
CA GLU D 1014 -1.46 -18.63 -10.65
C GLU D 1014 -0.02 -18.90 -11.06
N PRO D 1015 0.28 -19.88 -11.97
CA PRO D 1015 1.69 -20.10 -12.36
C PRO D 1015 2.16 -19.13 -13.44
N GLY D 1016 1.83 -17.86 -13.26
CA GLY D 1016 2.34 -16.81 -14.13
C GLY D 1016 3.54 -16.14 -13.50
N THR D 1017 3.80 -16.46 -12.24
CA THR D 1017 4.97 -15.95 -11.54
C THR D 1017 6.12 -16.95 -11.56
N GLN D 1018 5.81 -18.25 -11.41
CA GLN D 1018 6.84 -19.27 -11.60
C GLN D 1018 7.39 -19.23 -13.02
N LEU D 1019 6.51 -18.97 -14.00
CA LEU D 1019 6.93 -18.84 -15.37
C LEU D 1019 7.82 -17.61 -15.54
N THR D 1020 8.94 -17.79 -16.23
CA THR D 1020 9.95 -16.76 -16.37
C THR D 1020 10.09 -16.34 -17.83
N MET D 1021 11.08 -15.50 -18.09
CA MET D 1021 11.41 -15.04 -19.44
C MET D 1021 12.84 -15.43 -19.78
N ARG D 1022 13.30 -14.97 -20.95
CA ARG D 1022 14.63 -15.28 -21.44
C ARG D 1022 15.00 -14.21 -22.46
N THR D 1023 16.00 -14.52 -23.29
CA THR D 1023 16.49 -13.66 -24.38
C THR D 1023 15.44 -12.78 -25.07
N ASP D 1032 13.41 -13.30 -33.29
CA ASP D 1032 13.14 -12.66 -32.01
C ASP D 1032 11.81 -13.15 -31.44
N ILE D 1033 11.78 -14.43 -31.05
CA ILE D 1033 10.57 -15.04 -30.52
C ILE D 1033 10.41 -14.67 -29.06
N THR D 1034 9.20 -14.24 -28.69
CA THR D 1034 8.87 -14.06 -27.28
C THR D 1034 8.67 -15.43 -26.65
N GLY D 1035 9.33 -15.67 -25.51
CA GLY D 1035 9.31 -17.00 -24.93
C GLY D 1035 9.02 -17.07 -23.45
N GLY D 1036 8.11 -16.22 -22.96
CA GLY D 1036 7.76 -16.20 -21.55
C GLY D 1036 6.32 -15.81 -21.35
N LEU D 1037 6.06 -15.13 -20.23
CA LEU D 1037 4.71 -14.65 -19.95
C LEU D 1037 4.17 -13.69 -21.01
N PRO D 1038 4.94 -12.77 -21.59
CA PRO D 1038 4.41 -12.00 -22.72
C PRO D 1038 4.01 -12.86 -23.92
N ARG D 1039 4.64 -14.02 -24.11
CA ARG D 1039 4.21 -14.91 -25.19
C ARG D 1039 2.81 -15.45 -24.92
N VAL D 1040 2.57 -15.91 -23.69
CA VAL D 1040 1.23 -16.34 -23.30
C VAL D 1040 0.24 -15.19 -23.43
N GLN D 1041 0.67 -13.99 -23.07
CA GLN D 1041 -0.18 -12.81 -23.17
C GLN D 1041 -0.60 -12.56 -24.61
N GLU D 1042 0.37 -12.49 -25.52
CA GLU D 1042 0.08 -12.27 -26.94
C GLU D 1042 -0.66 -13.45 -27.55
N LEU D 1043 -0.60 -14.63 -26.93
CA LEU D 1043 -1.39 -15.76 -27.40
C LEU D 1043 -2.86 -15.58 -27.03
N PHE D 1044 -3.14 -15.36 -25.76
CA PHE D 1044 -4.53 -15.23 -25.31
C PHE D 1044 -5.14 -13.94 -25.82
N GLU D 1045 -4.35 -12.87 -25.94
CA GLU D 1045 -4.83 -11.63 -26.54
C GLU D 1045 -5.07 -11.76 -28.03
N ALA D 1046 -4.60 -12.85 -28.65
CA ALA D 1046 -4.76 -13.11 -30.08
C ALA D 1046 -4.22 -11.95 -30.92
N ARG D 1047 -2.93 -11.71 -30.76
CA ARG D 1047 -2.21 -10.70 -31.53
C ARG D 1047 -1.25 -11.40 -32.48
N VAL D 1048 -0.99 -10.75 -33.61
CA VAL D 1048 0.02 -11.24 -34.54
C VAL D 1048 1.36 -11.20 -33.81
N PRO D 1049 2.10 -12.30 -33.75
CA PRO D 1049 3.36 -12.31 -32.99
C PRO D 1049 4.36 -11.34 -33.58
N ARG D 1050 5.19 -10.77 -32.69
CA ARG D 1050 6.25 -9.88 -33.13
C ARG D 1050 7.23 -10.61 -34.05
N GLY D 1051 7.52 -11.87 -33.73
CA GLY D 1051 8.23 -12.73 -34.65
C GLY D 1051 7.27 -13.53 -35.50
N LYS D 1052 6.50 -12.84 -36.34
CA LYS D 1052 5.52 -13.51 -37.19
C LYS D 1052 6.21 -14.43 -38.18
N ALA D 1053 5.69 -15.65 -38.29
CA ALA D 1053 6.18 -16.65 -39.25
C ALA D 1053 5.01 -17.15 -40.07
N PRO D 1054 4.79 -16.59 -41.25
CA PRO D 1054 3.66 -17.04 -42.09
C PRO D 1054 3.79 -18.51 -42.47
N ILE D 1055 2.66 -19.18 -42.55
CA ILE D 1055 2.62 -20.61 -42.82
C ILE D 1055 2.17 -20.84 -44.25
N ALA D 1056 2.24 -22.10 -44.69
CA ALA D 1056 1.85 -22.45 -46.04
C ALA D 1056 0.35 -22.29 -46.24
N ASP D 1057 -0.07 -22.35 -47.50
CA ASP D 1057 -1.48 -22.22 -47.84
C ASP D 1057 -1.96 -23.45 -48.59
N VAL D 1058 -1.04 -24.16 -49.24
CA VAL D 1058 -1.37 -25.36 -50.01
C VAL D 1058 -0.11 -26.21 -50.12
N THR D 1059 -0.28 -27.49 -50.43
CA THR D 1059 0.83 -28.41 -50.53
C THR D 1059 1.62 -28.17 -51.82
N GLY D 1060 2.61 -29.03 -52.05
CA GLY D 1060 3.47 -28.94 -53.20
C GLY D 1060 4.91 -28.67 -52.83
N ARG D 1061 5.77 -28.70 -53.84
CA ARG D 1061 7.16 -28.35 -53.62
C ARG D 1061 7.28 -26.84 -53.44
N VAL D 1062 8.46 -26.40 -53.04
CA VAL D 1062 8.70 -25.00 -52.71
C VAL D 1062 9.52 -24.36 -53.82
N ARG D 1063 9.18 -23.11 -54.14
CA ARG D 1063 9.91 -22.30 -55.11
C ARG D 1063 10.73 -21.31 -54.30
N LEU D 1064 12.00 -21.67 -54.05
CA LEU D 1064 12.82 -21.03 -53.03
C LEU D 1064 13.27 -19.65 -53.50
N GLU D 1065 12.42 -18.65 -53.25
CA GLU D 1065 12.75 -17.26 -53.51
C GLU D 1065 13.46 -16.62 -52.31
N ASP D 1066 14.70 -17.06 -52.10
CA ASP D 1066 15.56 -16.37 -51.15
C ASP D 1066 16.03 -15.06 -51.74
N GLY D 1067 15.84 -13.97 -51.00
CA GLY D 1067 16.40 -12.69 -51.34
C GLY D 1067 17.57 -12.34 -50.43
N GLU D 1068 18.08 -11.14 -50.62
CA GLU D 1068 19.09 -10.60 -49.73
C GLU D 1068 18.41 -10.07 -48.48
N ARG D 1069 18.96 -10.42 -47.31
CA ARG D 1069 18.56 -9.95 -45.98
C ARG D 1069 17.07 -10.20 -45.68
N PHE D 1070 16.37 -10.90 -46.56
CA PHE D 1070 14.99 -11.31 -46.34
C PHE D 1070 14.67 -12.45 -47.31
N TYR D 1071 13.63 -13.20 -47.00
CA TYR D 1071 13.24 -14.38 -47.76
C TYR D 1071 11.81 -14.20 -48.27
N LYS D 1072 11.66 -14.08 -49.59
CA LYS D 1072 10.35 -14.00 -50.23
C LYS D 1072 9.92 -15.34 -50.82
N ILE D 1073 10.24 -16.44 -50.14
CA ILE D 1073 10.14 -17.80 -50.66
C ILE D 1073 8.72 -18.15 -51.06
N THR D 1074 8.54 -18.49 -52.33
CA THR D 1074 7.27 -18.91 -52.91
C THR D 1074 7.07 -20.41 -52.70
N ILE D 1075 5.83 -20.88 -52.79
CA ILE D 1075 5.51 -22.30 -52.70
C ILE D 1075 4.75 -22.73 -53.94
N VAL D 1076 5.35 -23.62 -54.74
CA VAL D 1076 4.68 -24.16 -55.92
C VAL D 1076 3.45 -24.95 -55.47
N PRO D 1077 2.27 -24.73 -56.07
CA PRO D 1077 1.09 -25.50 -55.64
C PRO D 1077 1.14 -26.92 -56.19
N ASP D 1078 0.78 -27.88 -55.35
CA ASP D 1078 0.69 -29.27 -55.79
C ASP D 1078 -0.38 -29.42 -56.86
N ASP D 1079 -1.63 -29.10 -56.51
CA ASP D 1079 -2.74 -29.08 -57.44
C ASP D 1079 -3.39 -27.71 -57.58
N GLY D 1080 -2.94 -26.72 -56.81
CA GLY D 1080 -3.70 -25.50 -56.58
C GLY D 1080 -4.06 -24.66 -57.78
N GLY D 1081 -3.08 -24.02 -58.41
CA GLY D 1081 -3.36 -23.13 -59.52
C GLY D 1081 -2.56 -21.84 -59.50
N GLU D 1082 -1.97 -21.51 -58.35
CA GLU D 1082 -1.07 -20.37 -58.26
C GLU D 1082 -0.09 -20.63 -57.12
N GLU D 1083 1.16 -20.24 -57.34
CA GLU D 1083 2.17 -20.35 -56.30
C GLU D 1083 2.17 -19.09 -55.45
N VAL D 1084 2.13 -19.27 -54.12
CA VAL D 1084 1.97 -18.16 -53.18
C VAL D 1084 3.31 -17.45 -53.09
N VAL D 1085 3.46 -16.36 -53.84
CA VAL D 1085 4.68 -15.56 -53.79
C VAL D 1085 4.68 -14.78 -52.49
N TYR D 1086 5.55 -15.17 -51.55
CA TYR D 1086 5.69 -14.43 -50.31
C TYR D 1086 6.61 -13.22 -50.52
N ASP D 1087 6.80 -12.45 -49.46
CA ASP D 1087 7.50 -11.17 -49.58
C ASP D 1087 8.62 -11.09 -48.57
N LYS D 1088 9.19 -9.90 -48.39
CA LYS D 1088 10.35 -9.70 -47.53
C LYS D 1088 10.11 -10.21 -46.11
N ILE D 1089 10.85 -11.26 -45.74
CA ILE D 1089 10.78 -11.87 -44.42
C ILE D 1089 12.20 -12.05 -43.95
N SER D 1090 12.57 -11.32 -42.89
CA SER D 1090 13.96 -11.13 -42.47
C SER D 1090 14.74 -12.44 -42.42
N LYS D 1091 15.82 -12.50 -43.19
CA LYS D 1091 16.66 -13.70 -43.24
C LYS D 1091 17.47 -13.91 -41.97
N ARG D 1092 17.44 -12.95 -41.04
CA ARG D 1092 18.15 -13.12 -39.77
C ARG D 1092 17.62 -14.33 -39.00
N GLN D 1093 16.31 -14.51 -38.95
CA GLN D 1093 15.73 -15.72 -38.41
C GLN D 1093 15.89 -16.86 -39.40
N ARG D 1094 15.99 -18.08 -38.87
CA ARG D 1094 16.26 -19.26 -39.66
C ARG D 1094 14.96 -19.79 -40.27
N LEU D 1095 15.00 -21.00 -40.81
CA LEU D 1095 13.85 -21.64 -41.43
C LEU D 1095 13.44 -22.85 -40.62
N ARG D 1096 12.13 -23.11 -40.55
CA ARG D 1096 11.63 -24.27 -39.84
C ARG D 1096 12.08 -25.55 -40.54
N VAL D 1097 12.54 -26.53 -39.75
CA VAL D 1097 13.07 -27.77 -40.28
C VAL D 1097 12.09 -28.90 -39.99
N PHE D 1098 12.07 -29.89 -40.88
CA PHE D 1098 11.23 -31.07 -40.73
C PHE D 1098 11.77 -32.16 -41.64
N LYS D 1099 11.25 -33.37 -41.45
CA LYS D 1099 11.65 -34.55 -42.22
C LYS D 1099 13.15 -34.83 -42.10
N ARG D 1106 15.08 -32.08 -42.31
CA ARG D 1106 15.88 -31.14 -43.08
C ARG D 1106 15.29 -29.74 -43.04
N VAL D 1107 16.12 -28.73 -43.31
CA VAL D 1107 15.68 -27.35 -43.36
C VAL D 1107 14.82 -27.16 -44.60
N LEU D 1108 14.10 -26.05 -44.68
CA LEU D 1108 13.29 -25.75 -45.86
C LEU D 1108 14.21 -25.62 -47.07
N SER D 1109 14.15 -26.60 -47.96
CA SER D 1109 15.04 -26.69 -49.11
C SER D 1109 14.23 -26.66 -50.40
N ASP D 1110 14.84 -26.12 -51.45
CA ASP D 1110 14.16 -25.95 -52.72
C ASP D 1110 13.64 -27.28 -53.26
N GLY D 1111 12.36 -27.32 -53.58
CA GLY D 1111 11.73 -28.52 -54.08
C GLY D 1111 11.12 -29.43 -53.03
N ASP D 1112 11.26 -29.09 -51.75
CA ASP D 1112 10.70 -29.94 -50.69
C ASP D 1112 9.18 -29.80 -50.64
N HIS D 1113 8.50 -30.92 -50.44
CA HIS D 1113 7.05 -30.95 -50.42
C HIS D 1113 6.54 -30.43 -49.07
N VAL D 1114 5.77 -29.34 -49.11
CA VAL D 1114 5.25 -28.72 -47.90
C VAL D 1114 3.81 -29.17 -47.70
N GLU D 1115 3.30 -28.93 -46.50
CA GLU D 1115 1.94 -29.33 -46.14
C GLU D 1115 0.97 -28.20 -46.46
N VAL D 1116 -0.29 -28.36 -46.08
CA VAL D 1116 -1.29 -27.32 -46.33
C VAL D 1116 -1.02 -26.09 -45.48
N GLY D 1117 -0.53 -26.29 -44.25
CA GLY D 1117 -0.26 -25.19 -43.35
C GLY D 1117 1.11 -25.32 -42.71
N GLN D 1118 2.06 -25.87 -43.46
CA GLN D 1118 3.41 -26.03 -42.95
C GLN D 1118 4.05 -24.67 -42.71
N GLN D 1119 4.73 -24.54 -41.57
CA GLN D 1119 5.42 -23.31 -41.23
C GLN D 1119 6.69 -23.20 -42.06
N LEU D 1120 6.79 -22.13 -42.85
CA LEU D 1120 7.90 -22.02 -43.80
C LEU D 1120 9.19 -21.63 -43.09
N MET D 1121 9.22 -20.47 -42.47
CA MET D 1121 10.39 -20.02 -41.73
C MET D 1121 10.26 -20.41 -40.27
N GLU D 1122 11.26 -20.04 -39.46
CA GLU D 1122 11.33 -20.45 -38.07
C GLU D 1122 10.80 -19.34 -37.16
N GLY D 1123 9.87 -19.71 -36.28
CA GLY D 1123 9.31 -18.75 -35.36
C GLY D 1123 7.95 -19.15 -34.83
N SER D 1124 7.03 -18.19 -34.81
CA SER D 1124 5.66 -18.43 -34.37
C SER D 1124 4.68 -17.92 -35.41
N ALA D 1125 3.62 -18.68 -35.63
CA ALA D 1125 2.58 -18.30 -36.57
C ALA D 1125 1.52 -17.46 -35.89
N ASP D 1126 0.78 -16.71 -36.70
CA ASP D 1126 -0.35 -16.03 -36.04
C ASP D 1126 -1.59 -16.92 -36.06
N PRO D 1127 -2.48 -16.78 -35.07
CA PRO D 1127 -3.67 -17.64 -35.05
C PRO D 1127 -4.69 -17.32 -36.14
N HIS D 1128 -4.68 -16.07 -36.64
CA HIS D 1128 -5.70 -15.67 -37.61
C HIS D 1128 -5.54 -16.40 -38.93
N GLU D 1129 -4.31 -16.44 -39.46
CA GLU D 1129 -4.07 -17.12 -40.72
C GLU D 1129 -4.32 -18.63 -40.60
N VAL D 1130 -3.87 -19.24 -39.51
CA VAL D 1130 -4.07 -20.67 -39.36
C VAL D 1130 -5.55 -20.99 -39.17
N LEU D 1131 -6.31 -20.10 -38.54
CA LEU D 1131 -7.77 -20.25 -38.56
C LEU D 1131 -8.29 -20.23 -39.99
N ARG D 1132 -8.03 -19.13 -40.71
CA ARG D 1132 -8.57 -18.93 -42.04
C ARG D 1132 -8.18 -20.04 -43.01
N VAL D 1133 -7.06 -20.71 -42.75
CA VAL D 1133 -6.61 -21.78 -43.64
C VAL D 1133 -7.12 -23.14 -43.20
N GLN D 1134 -6.92 -23.54 -41.94
CA GLN D 1134 -7.10 -24.92 -41.54
C GLN D 1134 -8.27 -25.14 -40.58
N GLY D 1135 -9.11 -24.14 -40.33
CA GLY D 1135 -10.31 -24.37 -39.56
C GLY D 1135 -10.16 -24.28 -38.06
N PRO D 1136 -11.31 -24.22 -37.37
CA PRO D 1136 -11.29 -24.07 -35.92
C PRO D 1136 -10.64 -25.23 -35.19
N ARG D 1137 -10.77 -26.46 -35.70
CA ARG D 1137 -10.13 -27.60 -35.06
C ARG D 1137 -8.61 -27.42 -34.99
N GLU D 1138 -8.00 -27.09 -36.12
CA GLU D 1138 -6.55 -26.91 -36.15
C GLU D 1138 -6.13 -25.69 -35.37
N VAL D 1139 -6.93 -24.62 -35.38
CA VAL D 1139 -6.50 -23.45 -34.60
C VAL D 1139 -6.62 -23.73 -33.10
N GLN D 1140 -7.59 -24.54 -32.68
CA GLN D 1140 -7.69 -24.93 -31.28
C GLN D 1140 -6.51 -25.78 -30.86
N ILE D 1141 -6.13 -26.75 -31.71
CA ILE D 1141 -4.95 -27.57 -31.43
C ILE D 1141 -3.71 -26.69 -31.33
N HIS D 1142 -3.57 -25.73 -32.25
CA HIS D 1142 -2.41 -24.83 -32.24
C HIS D 1142 -2.36 -24.02 -30.95
N LEU D 1143 -3.50 -23.46 -30.54
CA LEU D 1143 -3.52 -22.63 -29.33
C LEU D 1143 -3.16 -23.44 -28.09
N VAL D 1144 -3.77 -24.63 -27.94
CA VAL D 1144 -3.51 -25.44 -26.76
C VAL D 1144 -2.05 -25.88 -26.73
N ARG D 1145 -1.54 -26.35 -27.88
CA ARG D 1145 -0.16 -26.81 -27.95
C ARG D 1145 0.81 -25.68 -27.66
N GLU D 1146 0.53 -24.48 -28.17
CA GLU D 1146 1.47 -23.38 -28.00
C GLU D 1146 1.47 -22.83 -26.57
N VAL D 1147 0.31 -22.81 -25.90
CA VAL D 1147 0.31 -22.41 -24.48
C VAL D 1147 1.01 -23.47 -23.64
N GLN D 1148 0.70 -24.75 -23.88
CA GLN D 1148 1.30 -25.80 -23.08
C GLN D 1148 2.79 -25.96 -23.33
N GLU D 1149 3.28 -25.57 -24.51
CA GLU D 1149 4.71 -25.58 -24.74
C GLU D 1149 5.41 -24.61 -23.80
N VAL D 1150 4.81 -23.43 -23.59
CA VAL D 1150 5.40 -22.45 -22.69
C VAL D 1150 5.30 -22.93 -21.25
N TYR D 1151 4.15 -23.49 -20.87
CA TYR D 1151 3.99 -23.93 -19.48
C TYR D 1151 4.81 -25.19 -19.15
N ARG D 1152 5.07 -26.04 -20.15
CA ARG D 1152 5.88 -27.24 -19.93
C ARG D 1152 7.36 -26.88 -19.82
N ALA D 1153 7.77 -25.80 -20.48
CA ALA D 1153 9.19 -25.41 -20.45
C ALA D 1153 9.62 -25.00 -19.05
N GLN D 1154 8.68 -24.52 -18.22
CA GLN D 1154 8.96 -24.16 -16.84
C GLN D 1154 8.58 -25.26 -15.87
N GLY D 1155 8.18 -26.42 -16.35
CA GLY D 1155 7.82 -27.53 -15.49
C GLY D 1155 6.61 -27.30 -14.63
N VAL D 1156 5.54 -26.77 -15.23
CA VAL D 1156 4.29 -26.52 -14.52
C VAL D 1156 3.21 -27.42 -15.12
N SER D 1157 2.56 -28.20 -14.25
CA SER D 1157 1.54 -29.15 -14.68
C SER D 1157 0.19 -28.44 -14.70
N ILE D 1158 -0.40 -28.33 -15.90
CA ILE D 1158 -1.73 -27.78 -16.09
C ILE D 1158 -2.48 -28.72 -17.03
N HIS D 1159 -3.63 -29.22 -16.59
CA HIS D 1159 -4.44 -30.03 -17.48
C HIS D 1159 -5.01 -29.15 -18.58
N ASP D 1160 -5.15 -29.73 -19.78
CA ASP D 1160 -5.48 -28.89 -20.93
C ASP D 1160 -6.90 -28.36 -20.89
N LYS D 1161 -7.79 -28.94 -20.09
CA LYS D 1161 -9.19 -28.55 -20.14
C LYS D 1161 -9.40 -27.10 -19.70
N HIS D 1162 -8.46 -26.52 -18.97
CA HIS D 1162 -8.59 -25.12 -18.56
C HIS D 1162 -8.32 -24.17 -19.74
N ILE D 1163 -7.14 -24.33 -20.37
CA ILE D 1163 -6.86 -23.65 -21.63
C ILE D 1163 -7.97 -23.93 -22.63
N GLU D 1164 -8.58 -25.11 -22.52
CA GLU D 1164 -9.62 -25.51 -23.45
C GLU D 1164 -10.88 -24.68 -23.24
N VAL D 1165 -11.25 -24.46 -21.98
CA VAL D 1165 -12.38 -23.59 -21.66
C VAL D 1165 -12.11 -22.18 -22.19
N ILE D 1166 -10.90 -21.68 -21.98
CA ILE D 1166 -10.57 -20.34 -22.46
C ILE D 1166 -10.69 -20.26 -23.99
N VAL D 1167 -10.13 -21.24 -24.70
CA VAL D 1167 -10.15 -21.21 -26.15
C VAL D 1167 -11.58 -21.38 -26.68
N ARG D 1168 -12.39 -22.22 -26.01
CA ARG D 1168 -13.79 -22.32 -26.36
C ARG D 1168 -14.49 -20.98 -26.22
N GLN D 1169 -14.16 -20.22 -25.17
CA GLN D 1169 -14.70 -18.88 -25.04
C GLN D 1169 -14.20 -17.95 -26.15
N MET D 1170 -13.00 -18.20 -26.68
CA MET D 1170 -12.48 -17.35 -27.75
C MET D 1170 -13.29 -17.48 -29.03
N LEU D 1171 -13.60 -18.72 -29.45
CA LEU D 1171 -14.09 -18.98 -30.79
C LEU D 1171 -15.60 -19.05 -30.88
N ARG D 1172 -16.31 -18.26 -30.06
CA ARG D 1172 -17.77 -18.31 -30.08
C ARG D 1172 -18.33 -17.66 -31.33
N ARG D 1173 -18.04 -16.37 -31.54
CA ARG D 1173 -18.80 -15.58 -32.51
C ARG D 1173 -18.28 -15.79 -33.92
N VAL D 1174 -19.07 -15.31 -34.87
CA VAL D 1174 -18.76 -15.34 -36.29
C VAL D 1174 -18.96 -13.94 -36.86
N THR D 1175 -18.30 -13.69 -38.00
CA THR D 1175 -18.39 -12.42 -38.71
C THR D 1175 -19.35 -12.54 -39.89
N ILE D 1176 -19.95 -11.40 -40.22
CA ILE D 1176 -20.93 -11.30 -41.30
C ILE D 1176 -20.21 -10.73 -42.52
N ILE D 1177 -20.14 -11.51 -43.59
CA ILE D 1177 -19.56 -11.04 -44.84
C ILE D 1177 -20.69 -10.68 -45.80
N ASP D 1178 -21.83 -11.34 -45.64
CA ASP D 1178 -23.03 -11.05 -46.41
C ASP D 1178 -24.21 -10.95 -45.45
N SER D 1179 -24.98 -9.86 -45.58
CA SER D 1179 -26.11 -9.63 -44.70
C SER D 1179 -27.28 -10.57 -44.96
N GLY D 1180 -27.28 -11.28 -46.08
CA GLY D 1180 -28.50 -11.97 -46.50
C GLY D 1180 -29.55 -10.91 -46.78
N SER D 1181 -30.64 -10.95 -46.02
CA SER D 1181 -31.59 -9.85 -46.03
C SER D 1181 -32.18 -9.60 -44.64
N THR D 1182 -31.43 -9.91 -43.58
CA THR D 1182 -32.02 -9.89 -42.23
C THR D 1182 -31.01 -9.38 -41.19
N GLU D 1183 -31.14 -8.10 -40.85
CA GLU D 1183 -30.77 -7.58 -39.54
C GLU D 1183 -29.29 -7.60 -39.18
N PHE D 1184 -28.44 -8.15 -40.05
CA PHE D 1184 -27.03 -8.33 -39.72
C PHE D 1184 -26.19 -7.39 -40.56
N LEU D 1185 -25.40 -6.55 -39.89
CA LEU D 1185 -24.55 -5.59 -40.57
C LEU D 1185 -23.23 -6.24 -40.93
N PRO D 1186 -22.73 -6.05 -42.16
CA PRO D 1186 -21.45 -6.67 -42.54
C PRO D 1186 -20.32 -6.19 -41.66
N GLY D 1187 -19.39 -7.08 -41.35
CA GLY D 1187 -18.28 -6.79 -40.48
C GLY D 1187 -18.57 -6.89 -39.00
N SER D 1188 -19.85 -6.89 -38.61
CA SER D 1188 -20.20 -7.06 -37.21
C SER D 1188 -20.01 -8.51 -36.78
N LEU D 1189 -19.74 -8.69 -35.49
CA LEU D 1189 -19.47 -10.00 -34.91
C LEU D 1189 -20.66 -10.39 -34.03
N ILE D 1190 -21.23 -11.57 -34.29
CA ILE D 1190 -22.39 -12.02 -33.54
C ILE D 1190 -22.20 -13.46 -33.09
N ASP D 1191 -22.88 -13.82 -32.01
CA ASP D 1191 -22.76 -15.16 -31.44
C ASP D 1191 -23.23 -16.21 -32.42
N ARG D 1192 -22.57 -17.37 -32.39
CA ARG D 1192 -22.88 -18.45 -33.34
C ARG D 1192 -24.28 -18.98 -33.14
N ALA D 1193 -24.71 -19.14 -31.88
CA ALA D 1193 -26.05 -19.65 -31.61
C ALA D 1193 -27.13 -18.72 -32.13
N GLU D 1194 -26.96 -17.41 -31.92
CA GLU D 1194 -27.91 -16.44 -32.45
C GLU D 1194 -27.91 -16.44 -33.98
N PHE D 1195 -26.72 -16.57 -34.57
CA PHE D 1195 -26.62 -16.66 -36.03
C PHE D 1195 -27.41 -17.85 -36.57
N GLU D 1196 -27.20 -19.02 -35.98
CA GLU D 1196 -27.91 -20.22 -36.44
C GLU D 1196 -29.40 -20.08 -36.22
N ALA D 1197 -29.83 -19.55 -35.07
CA ALA D 1197 -31.25 -19.38 -34.81
C ALA D 1197 -31.90 -18.41 -35.80
N GLU D 1198 -31.20 -17.32 -36.12
CA GLU D 1198 -31.71 -16.39 -37.11
C GLU D 1198 -31.82 -17.05 -38.47
N ASN D 1199 -30.85 -17.91 -38.82
CA ASN D 1199 -30.93 -18.61 -40.10
C ASN D 1199 -32.10 -19.59 -40.13
N ARG D 1200 -32.35 -20.31 -39.03
CA ARG D 1200 -33.52 -21.19 -38.98
C ARG D 1200 -34.82 -20.39 -39.08
N ARG D 1201 -34.85 -19.18 -38.52
CA ARG D 1201 -36.04 -18.36 -38.64
C ARG D 1201 -36.21 -17.85 -40.06
N VAL D 1202 -35.10 -17.52 -40.74
CA VAL D 1202 -35.18 -16.82 -42.02
C VAL D 1202 -35.16 -17.76 -43.22
N VAL D 1203 -34.93 -19.06 -43.03
CA VAL D 1203 -35.12 -19.98 -44.15
C VAL D 1203 -36.60 -20.04 -44.53
N ALA D 1204 -37.48 -19.95 -43.54
CA ALA D 1204 -38.89 -19.76 -43.79
C ALA D 1204 -39.17 -18.29 -44.09
N GLU D 1205 -40.42 -18.01 -44.49
CA GLU D 1205 -40.84 -16.67 -44.90
C GLU D 1205 -39.96 -16.12 -46.02
N GLY D 1206 -39.63 -16.99 -46.97
CA GLY D 1206 -38.68 -16.66 -48.02
C GLY D 1206 -37.28 -16.97 -47.57
N GLY D 1207 -36.56 -17.78 -48.33
CA GLY D 1207 -35.27 -18.29 -47.91
C GLY D 1207 -34.11 -17.47 -48.44
N GLU D 1208 -33.28 -16.98 -47.53
CA GLU D 1208 -32.02 -16.35 -47.88
C GLU D 1208 -31.07 -16.59 -46.72
N PRO D 1209 -29.86 -17.09 -46.97
CA PRO D 1209 -28.90 -17.28 -45.89
C PRO D 1209 -27.99 -16.07 -45.71
N ALA D 1210 -27.73 -15.73 -44.46
CA ALA D 1210 -26.67 -14.80 -44.14
C ALA D 1210 -25.35 -15.55 -44.10
N ALA D 1211 -24.34 -15.03 -44.80
CA ALA D 1211 -23.05 -15.71 -44.86
C ALA D 1211 -22.20 -15.34 -43.66
N GLY D 1212 -21.71 -16.36 -42.96
CA GLY D 1212 -20.91 -16.16 -41.76
C GLY D 1212 -19.59 -16.89 -41.84
N ARG D 1213 -18.58 -16.30 -41.22
CA ARG D 1213 -17.23 -16.89 -41.20
C ARG D 1213 -16.72 -16.93 -39.77
N PRO D 1214 -16.20 -18.05 -39.30
CA PRO D 1214 -15.64 -18.11 -37.95
C PRO D 1214 -14.49 -17.13 -37.78
N VAL D 1215 -14.42 -16.52 -36.59
CA VAL D 1215 -13.38 -15.56 -36.26
C VAL D 1215 -12.73 -15.98 -34.94
N LEU D 1216 -11.43 -15.71 -34.84
CA LEU D 1216 -10.70 -15.87 -33.59
C LEU D 1216 -10.38 -14.47 -33.11
N MET D 1217 -11.01 -14.06 -32.01
CA MET D 1217 -10.78 -12.76 -31.44
C MET D 1217 -10.05 -12.88 -30.10
N GLY D 1218 -9.43 -11.78 -29.69
CA GLY D 1218 -8.72 -11.75 -28.43
C GLY D 1218 -9.66 -11.81 -27.24
N ILE D 1219 -9.09 -11.88 -26.04
CA ILE D 1219 -9.91 -11.99 -24.85
C ILE D 1219 -10.51 -10.64 -24.44
N THR D 1220 -9.79 -9.54 -24.68
CA THR D 1220 -10.33 -8.21 -24.36
C THR D 1220 -11.60 -7.92 -25.16
N LYS D 1221 -11.53 -8.11 -26.48
CA LYS D 1221 -12.67 -7.78 -27.33
C LYS D 1221 -13.81 -8.77 -27.14
N ALA D 1222 -13.49 -10.03 -26.87
CA ALA D 1222 -14.53 -11.01 -26.56
C ALA D 1222 -15.25 -10.67 -25.26
N SER D 1223 -14.50 -10.21 -24.26
CA SER D 1223 -15.11 -9.84 -22.98
C SER D 1223 -15.95 -8.57 -23.10
N LEU D 1224 -15.44 -7.57 -23.83
CA LEU D 1224 -16.16 -6.31 -23.94
C LEU D 1224 -17.41 -6.45 -24.79
N ALA D 1225 -17.41 -7.35 -25.77
CA ALA D 1225 -18.56 -7.57 -26.64
C ALA D 1225 -19.49 -8.63 -26.07
N THR D 1226 -19.89 -8.46 -24.81
CA THR D 1226 -20.78 -9.40 -24.14
C THR D 1226 -22.22 -8.88 -24.20
N ASP D 1227 -23.13 -9.63 -23.59
CA ASP D 1227 -24.55 -9.29 -23.60
C ASP D 1227 -24.96 -8.40 -22.44
N SER D 1228 -24.19 -8.39 -21.34
CA SER D 1228 -24.53 -7.62 -20.15
C SER D 1228 -23.63 -6.40 -20.06
N TRP D 1229 -24.25 -5.23 -19.85
CA TRP D 1229 -23.49 -3.99 -19.79
C TRP D 1229 -22.85 -3.73 -18.43
N LEU D 1230 -23.41 -4.29 -17.35
CA LEU D 1230 -22.82 -4.10 -16.03
C LEU D 1230 -21.42 -4.71 -15.95
N SER D 1231 -21.29 -5.96 -16.41
CA SER D 1231 -20.00 -6.65 -16.31
C SER D 1231 -18.94 -5.98 -17.19
N ALA D 1232 -19.31 -5.67 -18.44
CA ALA D 1232 -18.37 -5.01 -19.34
C ALA D 1232 -17.98 -3.63 -18.83
N ALA D 1233 -18.94 -2.88 -18.30
CA ALA D 1233 -18.65 -1.57 -17.75
C ALA D 1233 -17.74 -1.66 -16.53
N SER D 1234 -17.97 -2.67 -15.68
CA SER D 1234 -17.12 -2.85 -14.51
C SER D 1234 -15.75 -3.41 -14.86
N PHE D 1235 -15.59 -3.93 -16.09
CA PHE D 1235 -14.29 -4.48 -16.47
C PHE D 1235 -13.29 -3.39 -16.86
N GLN D 1236 -13.58 -2.67 -17.94
CA GLN D 1236 -12.58 -1.81 -18.56
C GLN D 1236 -13.29 -0.92 -19.57
N GLU D 1237 -12.78 0.31 -19.73
CA GLU D 1237 -13.34 1.31 -20.63
C GLU D 1237 -14.81 1.59 -20.24
N THR D 1238 -14.98 2.08 -19.01
CA THR D 1238 -16.31 2.22 -18.44
C THR D 1238 -17.13 3.27 -19.17
N THR D 1239 -16.49 4.39 -19.55
CA THR D 1239 -17.23 5.49 -20.16
C THR D 1239 -17.85 5.09 -21.49
N ARG D 1240 -17.04 4.52 -22.40
CA ARG D 1240 -17.55 4.18 -23.72
C ARG D 1240 -18.58 3.07 -23.67
N VAL D 1241 -18.32 2.05 -22.85
CA VAL D 1241 -19.29 0.96 -22.69
C VAL D 1241 -20.60 1.50 -22.13
N LEU D 1242 -20.52 2.37 -21.13
CA LEU D 1242 -21.72 2.92 -20.52
C LEU D 1242 -22.50 3.76 -21.52
N THR D 1243 -21.82 4.60 -22.29
CA THR D 1243 -22.55 5.51 -23.18
C THR D 1243 -23.15 4.78 -24.36
N ASP D 1244 -22.44 3.80 -24.95
CA ASP D 1244 -23.05 3.11 -26.09
C ASP D 1244 -24.10 2.11 -25.62
N ALA D 1245 -23.98 1.58 -24.41
CA ALA D 1245 -25.07 0.78 -23.84
C ALA D 1245 -26.30 1.66 -23.59
N ALA D 1246 -26.09 2.88 -23.13
CA ALA D 1246 -27.22 3.80 -22.94
C ALA D 1246 -27.89 4.13 -24.27
N ILE D 1247 -27.10 4.30 -25.32
CA ILE D 1247 -27.67 4.55 -26.65
C ILE D 1247 -28.47 3.35 -27.11
N ASN D 1248 -27.89 2.15 -27.01
CA ASN D 1248 -28.57 0.94 -27.45
C ASN D 1248 -29.75 0.55 -26.57
N CYS D 1249 -29.90 1.19 -25.40
CA CYS D 1249 -30.91 0.82 -24.41
C CYS D 1249 -30.80 -0.66 -24.05
N ARG D 1250 -29.57 -1.15 -23.95
CA ARG D 1250 -29.30 -2.57 -23.77
C ARG D 1250 -29.72 -2.99 -22.37
N SER D 1251 -30.71 -3.87 -22.30
CA SER D 1251 -31.23 -4.34 -21.02
C SER D 1251 -30.39 -5.52 -20.53
N ASP D 1252 -29.77 -5.36 -19.36
CA ASP D 1252 -29.09 -6.49 -18.73
C ASP D 1252 -30.11 -7.51 -18.24
N LYS D 1253 -29.70 -8.77 -18.23
CA LYS D 1253 -30.56 -9.85 -17.77
C LYS D 1253 -30.15 -10.45 -16.44
N LEU D 1254 -28.99 -10.05 -15.90
CA LEU D 1254 -28.54 -10.44 -14.57
C LEU D 1254 -28.43 -11.96 -14.44
N ASN D 1255 -27.53 -12.55 -15.24
CA ASN D 1255 -27.38 -13.99 -15.23
C ASN D 1255 -25.93 -14.46 -15.22
N GLY D 1256 -24.96 -13.55 -15.12
CA GLY D 1256 -23.58 -13.94 -14.94
C GLY D 1256 -23.19 -13.98 -13.48
N LEU D 1257 -21.91 -14.23 -13.24
CA LEU D 1257 -21.39 -14.33 -11.88
C LEU D 1257 -20.85 -13.00 -11.36
N LYS D 1258 -20.89 -11.95 -12.16
CA LYS D 1258 -20.44 -10.63 -11.75
C LYS D 1258 -21.57 -9.64 -11.52
N GLU D 1259 -22.56 -9.61 -12.41
CA GLU D 1259 -23.71 -8.73 -12.21
C GLU D 1259 -24.58 -9.21 -11.06
N ASN D 1260 -24.49 -10.50 -10.72
CA ASN D 1260 -25.15 -11.02 -9.53
C ASN D 1260 -24.36 -10.71 -8.26
N VAL D 1261 -23.08 -10.42 -8.38
CA VAL D 1261 -22.29 -9.97 -7.23
C VAL D 1261 -22.46 -8.47 -6.98
N ILE D 1262 -22.59 -7.69 -8.06
CA ILE D 1262 -22.70 -6.24 -7.93
C ILE D 1262 -23.98 -5.87 -7.16
N ILE D 1263 -25.11 -6.49 -7.50
CA ILE D 1263 -26.39 -6.13 -6.91
C ILE D 1263 -26.69 -6.90 -5.63
N GLY D 1264 -25.80 -7.81 -5.21
CA GLY D 1264 -25.89 -8.43 -3.91
C GLY D 1264 -26.82 -9.61 -3.78
N LYS D 1265 -27.48 -10.04 -4.86
CA LYS D 1265 -28.33 -11.22 -4.77
C LYS D 1265 -27.52 -12.47 -5.08
N LEU D 1266 -28.13 -13.63 -4.92
CA LEU D 1266 -27.42 -14.89 -4.97
C LEU D 1266 -26.94 -15.20 -6.39
N ILE D 1267 -25.66 -15.55 -6.51
CA ILE D 1267 -25.04 -15.79 -7.81
C ILE D 1267 -25.56 -17.09 -8.41
N PRO D 1268 -25.60 -17.24 -9.74
CA PRO D 1268 -26.09 -18.47 -10.37
C PRO D 1268 -25.00 -19.51 -10.60
N ALA D 1269 -24.27 -19.85 -9.54
CA ALA D 1269 -23.27 -20.91 -9.61
C ALA D 1269 -23.13 -21.53 -8.23
N GLY D 1270 -22.69 -22.79 -8.20
CA GLY D 1270 -22.56 -23.50 -6.95
C GLY D 1270 -23.89 -23.72 -6.26
N THR D 1271 -24.01 -23.22 -5.03
CA THR D 1271 -25.22 -23.37 -4.25
C THR D 1271 -26.28 -22.32 -4.56
N GLY D 1272 -26.13 -21.58 -5.65
CA GLY D 1272 -27.06 -20.51 -5.96
C GLY D 1272 -28.11 -20.86 -7.00
N ILE D 1273 -27.84 -21.90 -7.81
CA ILE D 1273 -28.76 -22.25 -8.89
C ILE D 1273 -30.02 -22.88 -8.32
N ASN D 1274 -31.10 -22.82 -9.11
CA ASN D 1274 -32.41 -23.25 -8.65
C ASN D 1274 -32.47 -24.74 -8.35
N ARG D 1275 -31.54 -25.54 -8.89
CA ARG D 1275 -31.53 -26.96 -8.60
C ARG D 1275 -31.20 -27.24 -7.14
N TYR D 1276 -30.32 -26.43 -6.54
CA TYR D 1276 -29.96 -26.59 -5.14
C TYR D 1276 -30.55 -25.53 -4.23
N ARG D 1277 -30.93 -24.37 -4.75
CA ARG D 1277 -31.47 -23.31 -3.91
C ARG D 1277 -32.91 -23.58 -3.47
N ASN D 1278 -33.62 -24.49 -4.14
CA ASN D 1278 -35.02 -24.72 -3.84
C ASN D 1278 -35.26 -26.15 -3.40
N ILE D 1279 -34.43 -26.65 -2.50
CA ILE D 1279 -34.58 -28.01 -1.98
C ILE D 1279 -35.57 -27.99 -0.82
N ALA D 1280 -36.59 -28.85 -0.89
CA ALA D 1280 -37.54 -29.03 0.20
C ALA D 1280 -37.03 -30.14 1.11
N VAL D 1281 -36.82 -29.82 2.38
CA VAL D 1281 -36.25 -30.74 3.35
C VAL D 1281 -37.28 -30.99 4.44
N GLN D 1282 -37.77 -32.23 4.52
CA GLN D 1282 -38.70 -32.71 5.53
C GLN D 1282 -38.10 -33.94 6.19
N PRO D 1283 -38.39 -34.18 7.47
CA PRO D 1283 -37.97 -35.44 8.11
C PRO D 1283 -38.59 -36.63 7.40
N THR D 1284 -37.82 -37.72 7.34
CA THR D 1284 -38.27 -38.92 6.64
C THR D 1284 -39.45 -39.55 7.37
N GLU D 1285 -40.26 -40.28 6.59
CA GLU D 1285 -41.54 -40.78 7.10
C GLU D 1285 -41.33 -41.74 8.28
N GLU D 1286 -40.37 -42.65 8.15
CA GLU D 1286 -40.15 -43.64 9.21
C GLU D 1286 -39.69 -42.97 10.50
N ALA D 1287 -38.80 -41.98 10.41
CA ALA D 1287 -38.31 -41.33 11.61
C ALA D 1287 -39.25 -40.23 12.10
N ARG D 1288 -40.07 -39.66 11.20
CA ARG D 1288 -41.15 -38.78 11.64
C ARG D 1288 -42.16 -39.55 12.48
N ALA D 1289 -42.48 -40.79 12.06
CA ALA D 1289 -43.31 -41.66 12.87
C ALA D 1289 -42.60 -42.05 14.15
N ALA D 1290 -41.28 -42.22 14.09
CA ALA D 1290 -40.52 -42.56 15.29
C ALA D 1290 -40.57 -41.45 16.32
N ALA D 1291 -40.57 -40.19 15.86
CA ALA D 1291 -40.64 -39.06 16.77
C ALA D 1291 -42.02 -38.95 17.42
N GLY E 27 -12.96 -49.97 4.11
CA GLY E 27 -13.25 -48.79 4.92
C GLY E 27 -12.81 -48.93 6.36
N GLY E 28 -11.53 -48.66 6.60
CA GLY E 28 -10.95 -48.81 7.91
C GLY E 28 -10.31 -47.54 8.45
N TYR E 29 -10.96 -46.40 8.23
CA TYR E 29 -10.41 -45.12 8.67
C TYR E 29 -10.36 -45.05 10.18
N ASP E 30 -9.39 -44.29 10.69
CA ASP E 30 -9.37 -43.96 12.11
C ASP E 30 -10.49 -42.98 12.42
N THR E 31 -10.98 -43.03 13.65
CA THR E 31 -12.18 -42.30 14.01
C THR E 31 -11.96 -40.79 13.89
N PRO E 32 -12.89 -40.05 13.26
CA PRO E 32 -12.71 -38.60 13.14
C PRO E 32 -12.97 -37.87 14.44
N LEU E 33 -12.71 -36.58 14.47
CA LEU E 33 -12.87 -35.79 15.68
C LEU E 33 -13.09 -34.34 15.30
N GLY E 34 -14.01 -33.69 16.01
CA GLY E 34 -14.22 -32.26 15.80
C GLY E 34 -15.12 -31.99 14.62
N ILE E 35 -14.63 -31.15 13.71
CA ILE E 35 -15.45 -30.65 12.60
C ILE E 35 -15.64 -31.66 11.48
N THR E 36 -14.91 -32.78 11.50
CA THR E 36 -14.97 -33.76 10.43
C THR E 36 -15.84 -34.96 10.77
N ASN E 37 -16.60 -34.90 11.86
CA ASN E 37 -17.50 -35.99 12.24
C ASN E 37 -18.93 -35.57 11.93
N PRO E 38 -19.67 -36.26 11.06
CA PRO E 38 -19.32 -37.48 10.31
C PRO E 38 -18.43 -37.22 9.09
N PRO E 39 -17.75 -38.24 8.58
CA PRO E 39 -16.93 -38.04 7.37
C PRO E 39 -17.79 -37.63 6.18
N ILE E 40 -17.25 -36.73 5.36
CA ILE E 40 -18.02 -36.17 4.26
C ILE E 40 -18.19 -37.18 3.14
N ASP E 41 -17.27 -38.14 3.00
CA ASP E 41 -17.39 -39.11 1.92
C ASP E 41 -18.58 -40.03 2.14
N GLU E 42 -18.87 -40.40 3.38
CA GLU E 42 -20.08 -41.17 3.66
C GLU E 42 -21.34 -40.31 3.57
N LEU E 43 -21.21 -39.00 3.78
CA LEU E 43 -22.34 -38.10 3.61
C LEU E 43 -22.71 -37.95 2.14
N LEU E 44 -21.69 -37.91 1.26
CA LEU E 44 -21.93 -37.66 -0.15
C LEU E 44 -22.67 -38.79 -0.85
N ASP E 45 -22.70 -39.98 -0.26
CA ASP E 45 -23.46 -41.07 -0.85
C ASP E 45 -24.96 -40.87 -0.73
N ARG E 46 -25.40 -39.99 0.18
CA ARG E 46 -26.82 -39.75 0.35
C ARG E 46 -27.38 -38.78 -0.68
N VAL E 47 -26.58 -37.82 -1.14
CA VAL E 47 -27.04 -36.80 -2.09
C VAL E 47 -26.22 -36.90 -3.36
N SER E 48 -26.51 -36.01 -4.32
CA SER E 48 -25.78 -36.03 -5.58
C SER E 48 -24.41 -35.38 -5.45
N SER E 49 -24.37 -34.11 -5.08
CA SER E 49 -23.13 -33.35 -4.98
C SER E 49 -23.04 -32.68 -3.62
N LYS E 50 -21.86 -32.14 -3.33
CA LYS E 50 -21.63 -31.48 -2.04
C LYS E 50 -22.46 -30.21 -1.90
N TYR E 51 -22.84 -29.58 -3.02
CA TYR E 51 -23.73 -28.43 -2.96
C TYR E 51 -25.09 -28.82 -2.39
N ALA E 52 -25.60 -29.97 -2.82
CA ALA E 52 -26.86 -30.47 -2.28
C ALA E 52 -26.74 -30.76 -0.79
N LEU E 53 -25.61 -31.32 -0.36
CA LEU E 53 -25.36 -31.50 1.06
C LEU E 53 -25.38 -30.18 1.81
N VAL E 54 -24.76 -29.15 1.22
CA VAL E 54 -24.69 -27.84 1.86
C VAL E 54 -26.09 -27.30 2.11
N ILE E 55 -26.92 -27.29 1.07
CA ILE E 55 -28.26 -26.71 1.22
C ILE E 55 -29.11 -27.59 2.13
N TYR E 56 -29.03 -28.92 1.97
CA TYR E 56 -29.67 -29.86 2.86
C TYR E 56 -29.44 -29.51 4.32
N ALA E 57 -28.16 -29.51 4.71
CA ALA E 57 -27.80 -29.31 6.10
C ALA E 57 -28.16 -27.91 6.58
N ALA E 58 -28.05 -26.92 5.69
CA ALA E 58 -28.38 -25.55 6.07
C ALA E 58 -29.87 -25.43 6.40
N LYS E 59 -30.74 -25.94 5.53
CA LYS E 59 -32.17 -25.86 5.78
C LYS E 59 -32.57 -26.66 7.02
N ARG E 60 -31.99 -27.85 7.19
CA ARG E 60 -32.32 -28.65 8.36
C ARG E 60 -31.85 -27.99 9.66
N ALA E 61 -30.65 -27.39 9.64
CA ALA E 61 -30.14 -26.69 10.81
C ALA E 61 -31.01 -25.50 11.14
N ARG E 62 -31.47 -24.77 10.12
CA ARG E 62 -32.40 -23.68 10.36
C ARG E 62 -33.68 -24.18 11.02
N GLN E 63 -34.21 -25.30 10.52
CA GLN E 63 -35.42 -25.88 11.09
C GLN E 63 -35.22 -26.20 12.57
N ILE E 64 -34.08 -26.82 12.90
CA ILE E 64 -33.78 -27.13 14.29
C ILE E 64 -33.69 -25.86 15.13
N ASN E 65 -33.05 -24.82 14.59
CA ASN E 65 -32.90 -23.58 15.32
C ASN E 65 -34.25 -22.95 15.65
N ASP E 66 -35.16 -22.89 14.68
CA ASP E 66 -36.43 -22.26 15.03
C ASP E 66 -37.35 -23.20 15.78
N TYR E 67 -37.08 -24.51 15.77
CA TYR E 67 -37.72 -25.39 16.75
C TYR E 67 -37.32 -24.97 18.16
N TYR E 68 -36.02 -24.73 18.37
CA TYR E 68 -35.55 -24.29 19.67
C TYR E 68 -36.13 -22.92 20.03
N ASN E 69 -36.32 -22.05 19.03
CA ASN E 69 -36.88 -20.73 19.32
C ASN E 69 -38.37 -20.79 19.62
N GLN E 70 -39.14 -21.58 18.86
CA GLN E 70 -40.59 -21.63 19.00
C GLN E 70 -41.06 -22.70 19.98
N LEU E 71 -40.22 -23.05 20.95
CA LEU E 71 -40.57 -24.05 21.96
C LEU E 71 -41.37 -23.46 23.11
N GLY E 72 -41.14 -22.19 23.44
CA GLY E 72 -41.84 -21.60 24.57
C GLY E 72 -43.34 -21.46 24.36
N GLU E 73 -43.75 -21.12 23.15
CA GLU E 73 -45.15 -20.93 22.83
C GLU E 73 -45.75 -22.25 22.35
N GLY E 74 -46.94 -22.18 21.75
CA GLY E 74 -47.64 -23.39 21.36
C GLY E 74 -46.91 -24.16 20.28
N ILE E 75 -47.25 -25.45 20.20
CA ILE E 75 -46.57 -26.37 19.29
C ILE E 75 -47.05 -26.12 17.87
N LEU E 76 -46.10 -25.99 16.94
CA LEU E 76 -46.38 -25.79 15.53
C LEU E 76 -45.79 -26.95 14.72
N GLU E 77 -45.82 -26.80 13.40
CA GLU E 77 -45.53 -27.91 12.48
C GLU E 77 -44.08 -28.38 12.52
N TYR E 78 -43.17 -27.64 13.13
CA TYR E 78 -41.76 -28.00 13.12
C TYR E 78 -41.44 -29.07 14.16
N VAL E 79 -40.59 -30.01 13.76
CA VAL E 79 -40.15 -31.10 14.62
C VAL E 79 -38.63 -31.23 14.54
N GLY E 80 -38.09 -32.01 15.47
CA GLY E 80 -36.66 -32.19 15.58
C GLY E 80 -36.15 -31.67 16.91
N PRO E 81 -34.89 -31.98 17.26
CA PRO E 81 -33.94 -32.85 16.54
C PRO E 81 -34.31 -34.32 16.70
N LEU E 82 -34.36 -35.08 15.61
CA LEU E 82 -34.75 -36.49 15.71
C LEU E 82 -33.69 -37.32 16.43
N VAL E 83 -32.42 -37.05 16.20
CA VAL E 83 -31.34 -37.72 16.93
C VAL E 83 -31.05 -36.90 18.19
N GLU E 84 -30.54 -37.58 19.21
CA GLU E 84 -30.28 -36.95 20.51
C GLU E 84 -29.02 -36.10 20.41
N PRO E 85 -29.10 -34.77 20.60
CA PRO E 85 -27.89 -33.95 20.58
C PRO E 85 -26.97 -34.19 21.77
N GLY E 86 -25.87 -33.46 21.83
CA GLY E 86 -24.93 -33.56 22.93
C GLY E 86 -25.31 -32.65 24.08
N LEU E 87 -24.33 -32.37 24.93
CA LEU E 87 -24.54 -31.45 26.04
C LEU E 87 -24.86 -30.05 25.51
N GLN E 88 -23.94 -29.48 24.74
CA GLN E 88 -24.22 -28.29 23.94
C GLN E 88 -23.66 -28.57 22.54
N GLU E 89 -24.52 -28.46 21.53
CA GLU E 89 -24.17 -28.84 20.17
C GLU E 89 -24.78 -27.83 19.21
N LYS E 90 -23.97 -27.40 18.24
CA LYS E 90 -24.46 -26.48 17.23
C LYS E 90 -25.51 -27.16 16.36
N PRO E 91 -26.55 -26.44 15.93
CA PRO E 91 -27.62 -27.09 15.15
C PRO E 91 -27.15 -27.70 13.84
N LEU E 92 -26.12 -27.12 13.21
CA LEU E 92 -25.63 -27.66 11.94
C LEU E 92 -25.00 -29.04 12.14
N SER E 93 -24.27 -29.23 13.23
CA SER E 93 -23.70 -30.54 13.52
C SER E 93 -24.81 -31.57 13.72
N ILE E 94 -25.87 -31.19 14.42
CA ILE E 94 -27.03 -32.06 14.58
C ILE E 94 -27.64 -32.41 13.23
N ALA E 95 -27.78 -31.41 12.36
CA ALA E 95 -28.38 -31.65 11.05
C ALA E 95 -27.54 -32.61 10.22
N LEU E 96 -26.22 -32.41 10.21
CA LEU E 96 -25.35 -33.29 9.44
C LEU E 96 -25.33 -34.70 10.01
N ARG E 97 -25.38 -34.83 11.34
CA ARG E 97 -25.46 -36.15 11.95
C ARG E 97 -26.77 -36.85 11.61
N GLU E 98 -27.87 -36.09 11.57
CA GLU E 98 -29.14 -36.65 11.13
C GLU E 98 -29.05 -37.09 9.67
N ILE E 99 -28.28 -36.33 8.88
CA ILE E 99 -28.09 -36.67 7.47
C ILE E 99 -27.40 -38.03 7.37
N HIS E 100 -26.33 -38.19 8.14
CA HIS E 100 -25.54 -39.43 8.12
C HIS E 100 -26.33 -40.62 8.64
N ALA E 101 -27.31 -40.39 9.51
CA ALA E 101 -28.10 -41.45 10.10
C ALA E 101 -29.29 -41.86 9.25
N ASP E 102 -29.43 -41.27 8.05
CA ASP E 102 -30.51 -41.57 7.13
C ASP E 102 -31.89 -41.34 7.77
N LEU E 103 -32.10 -40.09 8.20
CA LEU E 103 -33.33 -39.72 8.88
C LEU E 103 -34.10 -38.61 8.16
N LEU E 104 -33.72 -38.28 6.92
CA LEU E 104 -34.41 -37.24 6.17
C LEU E 104 -34.54 -37.66 4.70
N GLU E 105 -35.37 -36.92 3.98
CA GLU E 105 -35.52 -37.07 2.54
C GLU E 105 -35.74 -35.69 1.94
N HIS E 106 -35.66 -35.59 0.61
CA HIS E 106 -35.68 -34.29 -0.04
C HIS E 106 -36.13 -34.42 -1.49
N THR E 107 -36.38 -33.26 -2.07
CA THR E 107 -36.61 -33.11 -3.51
C THR E 107 -35.93 -31.83 -3.97
N GLU E 108 -35.21 -31.92 -5.08
CA GLU E 108 -34.47 -30.78 -5.61
C GLU E 108 -35.41 -29.86 -6.40
N GLY E 109 -34.83 -28.87 -7.07
CA GLY E 109 -35.60 -27.96 -7.90
C GLY E 109 -35.53 -28.33 -9.37
N ALA F 233 -0.07 36.49 -48.41
CA ALA F 233 1.15 36.01 -47.77
C ALA F 233 1.08 36.21 -46.26
N LEU F 234 1.63 37.31 -45.78
CA LEU F 234 1.55 37.63 -44.36
C LEU F 234 0.11 37.85 -43.93
N ARG F 235 -0.66 38.59 -44.74
CA ARG F 235 -2.08 38.77 -44.45
C ARG F 235 -2.84 37.46 -44.59
N GLN F 236 -2.42 36.59 -45.51
CA GLN F 236 -3.02 35.27 -45.61
C GLN F 236 -2.81 34.47 -44.33
N ALA F 237 -1.60 34.52 -43.78
CA ALA F 237 -1.34 33.86 -42.50
C ALA F 237 -2.13 34.51 -41.37
N ARG F 238 -2.33 35.82 -41.43
CA ARG F 238 -3.18 36.50 -40.46
C ARG F 238 -4.60 35.96 -40.50
N LYS F 239 -5.15 35.80 -41.72
CA LYS F 239 -6.52 35.29 -41.84
C LYS F 239 -6.61 33.83 -41.43
N ASP F 240 -5.54 33.05 -41.70
CA ASP F 240 -5.51 31.67 -41.26
C ASP F 240 -5.50 31.56 -39.74
N ALA F 241 -4.71 32.42 -39.09
CA ALA F 241 -4.68 32.44 -37.63
C ALA F 241 -5.97 33.02 -37.05
N GLU F 242 -6.71 33.81 -37.85
CA GLU F 242 -7.99 34.34 -37.40
C GLU F 242 -9.01 33.24 -37.15
N LEU F 243 -8.85 32.08 -37.80
CA LEU F 243 -9.76 30.95 -37.64
C LEU F 243 -8.99 29.80 -37.01
N THR F 244 -8.95 29.78 -35.67
CA THR F 244 -8.31 28.72 -34.91
C THR F 244 -9.27 28.22 -33.84
N ALA F 245 -8.91 27.09 -33.23
CA ALA F 245 -9.78 26.46 -32.24
C ALA F 245 -9.76 27.22 -30.92
N SER F 246 -8.57 27.41 -30.34
CA SER F 246 -8.37 28.12 -29.07
C SER F 246 -9.18 27.46 -27.94
N ALA F 247 -8.77 26.24 -27.61
CA ALA F 247 -9.48 25.42 -26.65
C ALA F 247 -9.46 25.99 -25.23
N ASP F 248 -8.65 27.02 -24.98
CA ASP F 248 -8.58 27.62 -23.65
C ASP F 248 -9.93 28.23 -23.27
N SER F 249 -10.55 28.93 -24.21
CA SER F 249 -11.82 29.67 -24.17
C SER F 249 -11.74 31.01 -23.44
N VAL F 250 -10.66 31.24 -22.66
CA VAL F 250 -10.41 32.62 -22.25
C VAL F 250 -9.67 33.34 -23.36
N ARG F 251 -8.75 32.63 -24.02
CA ARG F 251 -8.16 33.15 -25.25
C ARG F 251 -9.22 33.32 -26.33
N ALA F 252 -10.20 32.43 -26.36
CA ALA F 252 -11.31 32.59 -27.31
C ALA F 252 -12.12 33.84 -26.99
N TYR F 253 -12.41 34.07 -25.70
CA TYR F 253 -13.13 35.29 -25.33
C TYR F 253 -12.32 36.53 -25.64
N LEU F 254 -10.99 36.47 -25.45
CA LEU F 254 -10.13 37.62 -25.73
C LEU F 254 -10.07 37.91 -27.22
N LYS F 255 -9.97 36.87 -28.05
CA LYS F 255 -10.01 37.08 -29.50
C LYS F 255 -11.37 37.59 -29.95
N GLN F 256 -12.44 37.21 -29.23
CA GLN F 256 -13.76 37.74 -29.55
C GLN F 256 -13.85 39.23 -29.23
N ILE F 257 -13.39 39.63 -28.03
CA ILE F 257 -13.49 41.04 -27.64
C ILE F 257 -12.55 41.89 -28.48
N GLY F 258 -11.46 41.31 -29.00
CA GLY F 258 -10.56 42.07 -29.85
C GLY F 258 -11.19 42.67 -31.10
N LYS F 259 -12.44 42.28 -31.42
CA LYS F 259 -13.09 42.77 -32.63
C LYS F 259 -13.43 44.26 -32.52
N VAL F 260 -13.78 44.73 -31.32
CA VAL F 260 -14.33 46.07 -31.15
C VAL F 260 -13.29 46.97 -30.49
N ALA F 261 -13.11 48.16 -31.06
CA ALA F 261 -12.10 49.10 -30.60
C ALA F 261 -12.69 50.03 -29.54
N LEU F 262 -11.95 51.07 -29.20
CA LEU F 262 -12.35 52.02 -28.17
C LEU F 262 -13.14 53.18 -28.78
N LEU F 263 -13.52 54.13 -27.93
CA LEU F 263 -14.25 55.32 -28.36
C LEU F 263 -13.75 56.51 -27.54
N ASN F 264 -13.97 57.70 -28.07
CA ASN F 264 -13.59 58.93 -27.38
C ASN F 264 -14.82 59.75 -27.02
N ALA F 265 -14.57 60.91 -26.41
CA ALA F 265 -15.59 61.59 -25.60
C ALA F 265 -16.79 62.04 -26.42
N GLU F 266 -16.55 62.58 -27.62
CA GLU F 266 -17.65 63.11 -28.41
C GLU F 266 -18.62 62.02 -28.85
N GLU F 267 -18.09 60.86 -29.25
CA GLU F 267 -18.99 59.75 -29.59
C GLU F 267 -19.67 59.19 -28.36
N GLU F 268 -19.03 59.30 -27.19
CA GLU F 268 -19.72 58.97 -25.94
C GLU F 268 -20.91 59.88 -25.71
N VAL F 269 -20.73 61.19 -25.96
CA VAL F 269 -21.83 62.14 -25.85
C VAL F 269 -22.95 61.78 -26.84
N GLU F 270 -22.56 61.47 -28.08
CA GLU F 270 -23.54 61.11 -29.10
C GLU F 270 -24.32 59.87 -28.72
N LEU F 271 -23.62 58.84 -28.23
CA LEU F 271 -24.28 57.60 -27.81
C LEU F 271 -25.21 57.85 -26.63
N ALA F 272 -24.77 58.66 -25.67
CA ALA F 272 -25.61 58.96 -24.50
C ALA F 272 -26.88 59.68 -24.92
N LYS F 273 -26.75 60.68 -25.80
CA LYS F 273 -27.94 61.37 -26.29
C LYS F 273 -28.86 60.42 -27.03
N ARG F 274 -28.28 59.52 -27.84
CA ARG F 274 -29.11 58.57 -28.59
C ARG F 274 -29.85 57.61 -27.67
N ILE F 275 -29.18 57.09 -26.64
CA ILE F 275 -29.83 56.09 -25.78
C ILE F 275 -30.92 56.77 -24.94
N GLU F 276 -30.64 57.98 -24.45
CA GLU F 276 -31.65 58.70 -23.68
C GLU F 276 -32.85 59.07 -24.54
N ALA F 277 -32.60 59.50 -25.79
CA ALA F 277 -33.70 59.82 -26.69
C ALA F 277 -34.54 58.59 -27.00
N GLY F 278 -33.89 57.45 -27.24
CA GLY F 278 -34.63 56.22 -27.51
C GLY F 278 -35.46 55.77 -26.33
N LEU F 279 -34.91 55.90 -25.12
CA LEU F 279 -35.68 55.52 -23.92
C LEU F 279 -36.87 56.45 -23.71
N TYR F 280 -36.68 57.76 -23.93
CA TYR F 280 -37.84 58.65 -23.87
C TYR F 280 -38.86 58.28 -24.93
N ALA F 281 -38.41 57.93 -26.13
CA ALA F 281 -39.32 57.61 -27.21
C ALA F 281 -40.14 56.35 -26.90
N THR F 282 -39.49 55.34 -26.31
CA THR F 282 -40.24 54.13 -25.95
C THR F 282 -41.22 54.41 -24.81
N GLN F 283 -40.83 55.27 -23.87
CA GLN F 283 -41.79 55.70 -22.86
C GLN F 283 -42.99 56.40 -23.48
N LEU F 284 -42.74 57.24 -24.48
CA LEU F 284 -43.83 58.04 -25.06
C LEU F 284 -44.73 57.20 -25.96
N MET F 285 -44.21 56.20 -26.67
CA MET F 285 -45.12 55.29 -27.37
C MET F 285 -45.95 54.51 -26.38
N THR F 286 -45.33 54.04 -25.29
CA THR F 286 -46.08 53.29 -24.29
C THR F 286 -47.20 54.13 -23.69
N GLU F 287 -46.91 55.41 -23.42
CA GLU F 287 -47.94 56.32 -22.95
C GLU F 287 -49.02 56.53 -24.01
N LEU F 288 -48.62 56.74 -25.27
CA LEU F 288 -49.58 57.01 -26.33
C LEU F 288 -50.24 55.74 -26.85
N SER F 289 -49.69 54.57 -26.55
CA SER F 289 -50.37 53.32 -26.94
C SER F 289 -51.64 53.13 -26.13
N GLU F 290 -51.56 53.35 -24.83
CA GLU F 290 -52.74 53.22 -23.97
C GLU F 290 -53.69 54.38 -24.22
N ARG F 291 -54.96 54.06 -24.50
CA ARG F 291 -56.09 54.99 -24.68
C ARG F 291 -55.77 56.13 -25.65
N GLY F 292 -54.76 55.97 -26.50
CA GLY F 292 -54.15 57.11 -27.14
C GLY F 292 -54.47 57.40 -28.59
N GLU F 293 -53.44 57.34 -29.43
CA GLU F 293 -53.43 58.03 -30.72
C GLU F 293 -53.38 57.04 -31.88
N LYS F 294 -54.08 57.39 -32.96
CA LYS F 294 -53.84 56.81 -34.28
C LYS F 294 -52.74 57.65 -34.91
N LEU F 295 -51.49 57.20 -34.74
CA LEU F 295 -50.34 58.02 -35.04
C LEU F 295 -50.18 58.26 -36.54
N PRO F 296 -49.63 59.42 -36.92
CA PRO F 296 -49.26 59.63 -38.33
C PRO F 296 -48.18 58.64 -38.76
N ALA F 297 -48.26 58.21 -40.02
CA ALA F 297 -47.44 57.10 -40.48
C ALA F 297 -45.95 57.42 -40.42
N ALA F 298 -45.55 58.61 -40.89
CA ALA F 298 -44.14 58.96 -40.92
C ALA F 298 -43.58 59.15 -39.50
N GLN F 299 -44.34 59.86 -38.64
CA GLN F 299 -43.96 60.04 -37.24
C GLN F 299 -43.90 58.69 -36.51
N ARG F 300 -44.90 57.84 -36.75
CA ARG F 300 -44.91 56.52 -36.14
C ARG F 300 -43.66 55.72 -36.52
N ARG F 301 -43.40 55.62 -37.83
CA ARG F 301 -42.27 54.84 -38.32
C ARG F 301 -40.95 55.39 -37.81
N ASP F 302 -40.79 56.72 -37.80
CA ASP F 302 -39.47 57.20 -37.45
C ASP F 302 -39.22 57.20 -35.93
N MET F 303 -40.25 57.24 -35.07
CA MET F 303 -39.79 57.04 -33.69
C MET F 303 -39.78 55.55 -33.31
N MET F 304 -40.38 54.66 -34.11
CA MET F 304 -39.91 53.27 -34.09
C MET F 304 -38.41 53.17 -34.38
N TRP F 305 -37.96 53.88 -35.42
CA TRP F 305 -36.53 53.87 -35.73
C TRP F 305 -35.71 54.39 -34.55
N ILE F 306 -36.17 55.47 -33.93
CA ILE F 306 -35.45 56.04 -32.78
C ILE F 306 -35.37 55.02 -31.64
N CYS F 307 -36.48 54.30 -31.40
CA CYS F 307 -36.49 53.34 -30.30
C CYS F 307 -35.54 52.18 -30.54
N ARG F 308 -35.50 51.66 -31.76
CA ARG F 308 -34.54 50.60 -32.06
C ARG F 308 -33.11 51.11 -32.01
N ASP F 309 -32.88 52.35 -32.45
CA ASP F 309 -31.53 52.89 -32.48
C ASP F 309 -31.00 53.18 -31.09
N GLY F 310 -31.88 53.50 -30.14
CA GLY F 310 -31.42 53.64 -28.76
C GLY F 310 -30.78 52.37 -28.23
N ASP F 311 -31.44 51.23 -28.46
CA ASP F 311 -30.86 49.94 -28.09
C ASP F 311 -29.59 49.65 -28.88
N ARG F 312 -29.57 50.04 -30.16
CA ARG F 312 -28.37 49.85 -30.96
C ARG F 312 -27.17 50.60 -30.36
N ALA F 313 -27.37 51.88 -30.03
CA ALA F 313 -26.30 52.70 -29.47
C ALA F 313 -25.86 52.18 -28.11
N LYS F 314 -26.82 51.75 -27.29
CA LYS F 314 -26.52 51.11 -26.01
C LYS F 314 -25.58 49.93 -26.23
N ASN F 315 -26.07 48.95 -27.00
CA ASN F 315 -25.30 47.76 -27.34
C ASN F 315 -23.89 48.11 -27.80
N HIS F 316 -23.77 49.13 -28.65
CA HIS F 316 -22.46 49.55 -29.14
C HIS F 316 -21.57 50.03 -28.00
N LEU F 317 -22.14 50.78 -27.05
CA LEU F 317 -21.35 51.28 -25.92
C LEU F 317 -20.83 50.13 -25.04
N LEU F 318 -21.71 49.16 -24.75
CA LEU F 318 -21.27 48.00 -23.98
C LEU F 318 -20.16 47.23 -24.71
N GLU F 319 -20.32 47.00 -26.02
CA GLU F 319 -19.24 46.34 -26.77
C GLU F 319 -17.95 47.14 -26.69
N ALA F 320 -18.05 48.48 -26.71
CA ALA F 320 -16.86 49.31 -26.64
C ALA F 320 -16.11 49.12 -25.33
N ASN F 321 -16.83 49.05 -24.21
CA ASN F 321 -16.14 49.06 -22.91
C ASN F 321 -16.04 47.67 -22.24
N LEU F 322 -16.38 46.60 -22.95
CA LEU F 322 -16.08 45.27 -22.42
C LEU F 322 -14.58 45.08 -22.12
N ARG F 323 -13.72 45.61 -23.00
CA ARG F 323 -12.27 45.47 -22.76
C ARG F 323 -11.83 46.24 -21.52
N LEU F 324 -12.47 47.36 -21.23
CA LEU F 324 -12.27 48.04 -19.95
C LEU F 324 -12.67 47.15 -18.78
N VAL F 325 -13.80 46.46 -18.91
CA VAL F 325 -14.21 45.52 -17.85
C VAL F 325 -13.14 44.46 -17.63
N VAL F 326 -12.60 43.93 -18.73
CA VAL F 326 -11.54 42.92 -18.62
C VAL F 326 -10.31 43.49 -17.94
N SER F 327 -9.95 44.73 -18.28
CA SER F 327 -8.77 45.36 -17.69
C SER F 327 -8.91 45.57 -16.20
N LEU F 328 -10.10 45.93 -15.73
CA LEU F 328 -10.26 46.09 -14.27
C LEU F 328 -10.36 44.74 -13.57
N ALA F 329 -10.93 43.73 -14.22
CA ALA F 329 -11.07 42.42 -13.58
C ALA F 329 -9.78 41.60 -13.61
N LYS F 330 -8.80 41.98 -14.42
CA LYS F 330 -7.59 41.17 -14.54
C LYS F 330 -6.79 41.11 -13.24
N ARG F 331 -6.91 42.12 -12.38
CA ARG F 331 -6.09 42.17 -11.17
C ARG F 331 -6.70 41.45 -9.98
N TYR F 332 -7.96 41.00 -10.08
CA TYR F 332 -8.63 40.33 -8.97
C TYR F 332 -8.61 38.82 -9.11
N THR F 333 -7.84 38.28 -10.05
CA THR F 333 -7.75 36.85 -10.24
C THR F 333 -6.78 36.23 -9.22
N GLY F 334 -6.58 34.92 -9.32
CA GLY F 334 -5.66 34.22 -8.47
C GLY F 334 -6.21 33.84 -7.10
N ARG F 335 -7.45 34.17 -6.81
CA ARG F 335 -8.03 33.83 -5.51
C ARG F 335 -9.54 33.77 -5.64
N GLY F 336 -10.15 32.90 -4.83
CA GLY F 336 -11.58 32.87 -4.68
C GLY F 336 -12.35 32.30 -5.85
N MET F 337 -12.37 33.03 -6.97
CA MET F 337 -13.17 32.71 -8.14
C MET F 337 -12.27 32.44 -9.34
N ALA F 338 -12.90 32.12 -10.45
CA ALA F 338 -12.20 31.98 -11.73
C ALA F 338 -12.05 33.37 -12.36
N PHE F 339 -11.56 33.40 -13.60
CA PHE F 339 -11.33 34.66 -14.30
C PHE F 339 -12.56 35.13 -15.05
N LEU F 340 -13.17 34.23 -15.83
CA LEU F 340 -14.27 34.63 -16.69
C LEU F 340 -15.52 34.95 -15.88
N ASP F 341 -15.70 34.32 -14.73
CA ASP F 341 -16.77 34.73 -13.81
C ASP F 341 -16.62 36.20 -13.44
N LEU F 342 -15.41 36.60 -13.04
CA LEU F 342 -15.16 38.00 -12.72
C LEU F 342 -15.39 38.89 -13.92
N ILE F 343 -15.02 38.43 -15.12
CA ILE F 343 -15.32 39.16 -16.35
C ILE F 343 -16.81 39.42 -16.46
N GLN F 344 -17.63 38.40 -16.20
CA GLN F 344 -19.07 38.53 -16.40
C GLN F 344 -19.70 39.44 -15.34
N GLU F 345 -19.22 39.37 -14.09
CA GLU F 345 -19.73 40.31 -13.09
C GLU F 345 -19.33 41.74 -13.43
N GLY F 346 -18.13 41.93 -13.96
CA GLY F 346 -17.76 43.24 -14.47
C GLY F 346 -18.66 43.70 -15.59
N ASN F 347 -19.06 42.77 -16.47
CA ASN F 347 -19.97 43.11 -17.55
C ASN F 347 -21.34 43.52 -17.02
N LEU F 348 -21.83 42.83 -16.00
CA LEU F 348 -23.08 43.22 -15.36
C LEU F 348 -22.97 44.61 -14.74
N GLY F 349 -21.86 44.88 -14.05
CA GLY F 349 -21.62 46.22 -13.54
C GLY F 349 -21.55 47.25 -14.63
N LEU F 350 -21.08 46.85 -15.82
CA LEU F 350 -21.02 47.77 -16.95
C LEU F 350 -22.41 48.09 -17.47
N ILE F 351 -23.29 47.09 -17.53
CA ILE F 351 -24.69 47.37 -17.89
C ILE F 351 -25.29 48.34 -16.89
N ARG F 352 -25.04 48.11 -15.60
CA ARG F 352 -25.56 49.03 -14.59
C ARG F 352 -24.97 50.43 -14.73
N ALA F 353 -23.70 50.53 -15.12
CA ALA F 353 -23.05 51.83 -15.26
C ALA F 353 -23.60 52.59 -16.45
N VAL F 354 -23.75 51.92 -17.59
CA VAL F 354 -24.36 52.57 -18.75
C VAL F 354 -25.82 52.88 -18.50
N GLU F 355 -26.43 52.24 -17.49
CA GLU F 355 -27.79 52.59 -17.11
C GLU F 355 -27.86 53.92 -16.35
N LYS F 356 -26.80 54.25 -15.61
CA LYS F 356 -26.79 55.44 -14.74
C LYS F 356 -25.74 56.46 -15.20
N PHE F 357 -25.24 56.34 -16.42
CA PHE F 357 -24.27 57.31 -16.91
C PHE F 357 -24.96 58.63 -17.26
N ASP F 358 -24.38 59.72 -16.76
CA ASP F 358 -24.81 61.07 -17.11
C ASP F 358 -23.67 61.75 -17.88
N TYR F 359 -24.02 62.40 -18.99
CA TYR F 359 -23.03 63.08 -19.80
C TYR F 359 -23.00 64.59 -19.59
N THR F 360 -24.04 65.17 -18.99
CA THR F 360 -24.08 66.61 -18.77
C THR F 360 -22.99 67.08 -17.82
N LYS F 361 -22.50 66.19 -16.95
CA LYS F 361 -21.39 66.54 -16.06
C LYS F 361 -20.06 66.61 -16.78
N GLY F 362 -19.99 66.17 -18.04
CA GLY F 362 -18.80 66.33 -18.86
C GLY F 362 -17.59 65.56 -18.35
N TYR F 363 -17.71 64.23 -18.29
CA TYR F 363 -16.64 63.39 -17.80
C TYR F 363 -16.45 62.21 -18.74
N LYS F 364 -15.22 61.70 -18.78
CA LYS F 364 -14.95 60.48 -19.52
C LYS F 364 -15.69 59.31 -18.88
N PHE F 365 -16.19 58.40 -19.73
CA PHE F 365 -17.07 57.35 -19.25
C PHE F 365 -16.34 56.38 -18.32
N SER F 366 -15.04 56.16 -18.58
CA SER F 366 -14.30 55.18 -17.79
C SER F 366 -14.22 55.55 -16.33
N THR F 367 -14.09 56.85 -16.03
CA THR F 367 -13.99 57.31 -14.65
C THR F 367 -15.24 56.94 -13.86
N TYR F 368 -16.42 57.12 -14.44
CA TYR F 368 -17.65 56.77 -13.74
C TYR F 368 -17.87 55.26 -13.74
N ALA F 369 -17.50 54.59 -14.83
CA ALA F 369 -17.84 53.17 -14.97
C ALA F 369 -16.97 52.28 -14.08
N THR F 370 -15.70 52.65 -13.90
CA THR F 370 -14.82 51.89 -13.02
C THR F 370 -15.43 51.70 -11.65
N TRP F 371 -16.18 52.70 -11.17
CA TRP F 371 -16.77 52.61 -9.85
C TRP F 371 -17.71 51.42 -9.77
N TRP F 372 -18.65 51.35 -10.73
CA TRP F 372 -19.63 50.29 -10.75
C TRP F 372 -18.98 48.93 -10.98
N ILE F 373 -17.96 48.89 -11.85
CA ILE F 373 -17.31 47.61 -12.13
C ILE F 373 -16.67 47.06 -10.88
N ARG F 374 -15.92 47.88 -10.15
CA ARG F 374 -15.27 47.42 -8.94
C ARG F 374 -16.29 47.01 -7.89
N GLN F 375 -17.38 47.78 -7.76
CA GLN F 375 -18.42 47.44 -6.80
C GLN F 375 -19.03 46.06 -7.12
N ALA F 376 -19.41 45.85 -8.38
CA ALA F 376 -20.05 44.59 -8.75
C ALA F 376 -19.10 43.42 -8.59
N ILE F 377 -17.84 43.59 -8.99
CA ILE F 377 -16.86 42.50 -8.87
C ILE F 377 -16.65 42.14 -7.41
N THR F 378 -16.50 43.15 -6.54
CA THR F 378 -16.25 42.84 -5.13
C THR F 378 -17.50 42.23 -4.47
N ARG F 379 -18.69 42.63 -4.92
CA ARG F 379 -19.91 42.03 -4.37
C ARG F 379 -20.01 40.56 -4.75
N ALA F 380 -19.86 40.26 -6.04
CA ALA F 380 -19.96 38.88 -6.49
C ALA F 380 -18.83 38.02 -5.93
N MET F 381 -17.65 38.60 -5.71
CA MET F 381 -16.60 37.88 -5.00
C MET F 381 -17.03 37.59 -3.57
N ALA F 382 -17.66 38.57 -2.91
CA ALA F 382 -18.02 38.42 -1.50
C ALA F 382 -19.02 37.29 -1.29
N ASP F 383 -20.14 37.30 -2.04
CA ASP F 383 -21.22 36.38 -1.70
C ASP F 383 -21.31 35.18 -2.65
N GLN F 384 -20.31 34.96 -3.50
CA GLN F 384 -20.33 33.80 -4.41
C GLN F 384 -18.94 33.17 -4.53
N ALA F 385 -18.16 33.15 -3.45
CA ALA F 385 -16.85 32.52 -3.55
C ALA F 385 -16.54 31.61 -2.36
N ARG F 386 -17.55 31.19 -1.61
CA ARG F 386 -17.35 30.28 -0.48
C ARG F 386 -18.41 29.19 -0.55
N THR F 387 -18.02 27.96 -0.19
CA THR F 387 -18.98 26.87 -0.14
C THR F 387 -20.04 27.13 0.92
N ILE F 388 -19.62 27.59 2.10
CA ILE F 388 -20.54 28.10 3.11
C ILE F 388 -20.63 29.61 2.93
N ARG F 389 -21.80 30.08 2.51
CA ARG F 389 -21.95 31.47 2.12
C ARG F 389 -21.95 32.37 3.35
N ILE F 390 -20.96 33.25 3.43
CA ILE F 390 -20.87 34.25 4.50
C ILE F 390 -21.41 35.56 3.94
N PRO F 391 -22.35 36.22 4.62
CA PRO F 391 -22.91 37.48 4.11
C PRO F 391 -21.87 38.59 4.06
N VAL F 392 -22.20 39.61 3.28
CA VAL F 392 -21.19 40.56 2.78
C VAL F 392 -20.54 41.35 3.93
N HIS F 393 -21.31 41.68 4.97
CA HIS F 393 -20.74 42.44 6.08
C HIS F 393 -19.66 41.63 6.80
N MET F 394 -19.92 40.34 7.03
CA MET F 394 -18.91 39.51 7.67
C MET F 394 -17.74 39.23 6.73
N VAL F 395 -17.98 39.17 5.41
CA VAL F 395 -16.87 39.10 4.47
C VAL F 395 -16.00 40.34 4.57
N GLU F 396 -16.62 41.51 4.68
CA GLU F 396 -15.86 42.75 4.78
C GLU F 396 -15.05 42.80 6.06
N VAL F 397 -15.63 42.38 7.20
CA VAL F 397 -14.86 42.41 8.43
C VAL F 397 -13.76 41.34 8.41
N ILE F 398 -14.01 40.20 7.76
CA ILE F 398 -12.96 39.18 7.63
C ILE F 398 -11.82 39.69 6.77
N ASN F 399 -12.15 40.37 5.65
CA ASN F 399 -11.12 40.92 4.78
C ASN F 399 -10.33 42.02 5.48
N LYS F 400 -11.01 42.86 6.26
CA LYS F 400 -10.32 43.91 7.01
C LYS F 400 -9.40 43.31 8.07
N LEU F 401 -9.86 42.28 8.78
CA LEU F 401 -9.00 41.62 9.76
C LEU F 401 -7.80 40.98 9.09
N GLY F 402 -8.02 40.33 7.94
CA GLY F 402 -6.92 39.71 7.23
C GLY F 402 -5.91 40.72 6.74
N ARG F 403 -6.38 41.85 6.20
CA ARG F 403 -5.48 42.90 5.76
C ARG F 403 -4.68 43.47 6.93
N ILE F 404 -5.35 43.71 8.06
CA ILE F 404 -4.67 44.29 9.22
C ILE F 404 -3.62 43.34 9.75
N GLN F 405 -3.96 42.05 9.88
CA GLN F 405 -2.98 41.09 10.38
C GLN F 405 -1.84 40.91 9.37
N ARG F 406 -2.12 41.03 8.07
CA ARG F 406 -1.08 40.93 7.07
C ARG F 406 -0.11 42.10 7.17
N GLU F 407 -0.63 43.33 7.24
CA GLU F 407 0.23 44.50 7.36
C GLU F 407 1.00 44.49 8.68
N LEU F 408 0.41 43.99 9.75
CA LEU F 408 1.15 43.88 11.00
C LEU F 408 2.24 42.81 10.92
N LEU F 409 1.98 41.72 10.21
CA LEU F 409 3.03 40.72 9.98
C LEU F 409 4.17 41.30 9.16
N GLN F 410 3.85 42.12 8.16
CA GLN F 410 4.90 42.70 7.30
C GLN F 410 5.67 43.80 8.02
N ASP F 411 5.01 44.64 8.80
CA ASP F 411 5.65 45.79 9.43
C ASP F 411 6.19 45.47 10.82
N LEU F 412 5.29 45.07 11.72
CA LEU F 412 5.70 44.74 13.09
C LEU F 412 6.59 43.51 13.13
N GLY F 413 6.44 42.60 12.16
CA GLY F 413 7.25 41.40 12.11
C GLY F 413 6.79 40.35 13.10
N ARG F 414 6.72 40.74 14.37
CA ARG F 414 6.15 39.88 15.41
C ARG F 414 4.72 39.50 15.05
N GLU F 415 4.42 38.22 15.16
CA GLU F 415 3.12 37.71 14.74
C GLU F 415 2.01 38.32 15.60
N PRO F 416 0.96 38.87 14.98
CA PRO F 416 -0.08 39.56 15.76
C PRO F 416 -0.84 38.60 16.66
N THR F 417 -0.84 38.88 17.96
CA THR F 417 -1.64 38.16 18.93
C THR F 417 -3.10 38.61 18.85
N PRO F 418 -4.05 37.71 19.09
CA PRO F 418 -5.47 38.04 18.83
C PRO F 418 -6.00 39.26 19.58
N GLU F 419 -5.59 39.47 20.83
CA GLU F 419 -6.11 40.61 21.59
C GLU F 419 -5.58 41.93 21.03
N GLU F 420 -4.32 41.97 20.60
CA GLU F 420 -3.80 43.17 19.96
C GLU F 420 -4.49 43.43 18.63
N LEU F 421 -4.82 42.35 17.90
CA LEU F 421 -5.62 42.49 16.69
C LEU F 421 -7.00 43.07 17.02
N ALA F 422 -7.56 42.70 18.17
CA ALA F 422 -8.80 43.31 18.62
C ALA F 422 -8.62 44.79 18.94
N LYS F 423 -7.50 45.14 19.58
CA LYS F 423 -7.22 46.54 19.91
C LYS F 423 -7.15 47.40 18.65
N GLU F 424 -6.40 46.94 17.66
CA GLU F 424 -6.35 47.67 16.39
C GLU F 424 -7.71 47.64 15.70
N MET F 425 -8.42 46.52 15.81
CA MET F 425 -9.71 46.31 15.19
C MET F 425 -10.84 47.09 15.86
N ASP F 426 -10.59 47.60 17.08
CA ASP F 426 -11.60 48.32 17.87
C ASP F 426 -12.83 47.46 18.13
N ILE F 427 -12.62 46.14 18.31
CA ILE F 427 -13.66 45.22 18.71
C ILE F 427 -13.13 44.35 19.84
N THR F 428 -14.02 43.51 20.38
CA THR F 428 -13.66 42.64 21.49
C THR F 428 -12.88 41.42 21.01
N PRO F 429 -11.98 40.88 21.85
CA PRO F 429 -11.23 39.68 21.46
C PRO F 429 -12.09 38.48 21.12
N GLU F 430 -13.22 38.29 21.80
CA GLU F 430 -14.08 37.15 21.47
C GLU F 430 -14.71 37.31 20.10
N LYS F 431 -15.02 38.55 19.70
CA LYS F 431 -15.49 38.78 18.33
C LYS F 431 -14.40 38.45 17.33
N VAL F 432 -13.14 38.75 17.66
CA VAL F 432 -12.02 38.38 16.80
C VAL F 432 -11.92 36.86 16.68
N LEU F 433 -12.08 36.15 17.81
CA LEU F 433 -12.04 34.69 17.77
C LEU F 433 -13.17 34.12 16.92
N GLU F 434 -14.36 34.69 17.04
CA GLU F 434 -15.49 34.24 16.22
C GLU F 434 -15.23 34.51 14.73
N ILE F 435 -14.61 35.65 14.42
CA ILE F 435 -14.27 35.95 13.03
C ILE F 435 -13.24 34.95 12.50
N GLN F 436 -12.21 34.65 13.31
CA GLN F 436 -11.22 33.67 12.89
C GLN F 436 -11.83 32.29 12.70
N GLN F 437 -12.85 31.95 13.49
CA GLN F 437 -13.56 30.69 13.30
C GLN F 437 -14.38 30.70 12.02
N TYR F 438 -15.07 31.82 11.75
CA TYR F 438 -15.96 31.88 10.59
C TYR F 438 -15.19 31.83 9.28
N ALA F 439 -13.96 32.35 9.25
CA ALA F 439 -13.22 32.47 8.01
C ALA F 439 -12.80 31.12 7.46
N ARG F 440 -12.72 30.10 8.32
CA ARG F 440 -12.22 28.78 7.93
C ARG F 440 -13.09 28.17 6.84
N GLU F 441 -12.43 27.74 5.76
CA GLU F 441 -13.05 27.21 4.55
C GLU F 441 -12.91 25.70 4.50
N PRO F 442 -13.83 25.01 3.82
CA PRO F 442 -13.82 23.54 3.89
C PRO F 442 -12.79 22.91 2.97
N ILE F 443 -12.13 21.88 3.48
CA ILE F 443 -11.26 21.02 2.68
C ILE F 443 -12.13 20.02 1.92
N SER F 444 -11.53 19.31 0.97
CA SER F 444 -12.22 18.29 0.21
C SER F 444 -12.06 16.92 0.86
N LEU F 445 -13.04 16.06 0.63
CA LEU F 445 -13.01 14.69 1.10
C LEU F 445 -12.21 13.77 0.18
N ASP F 446 -11.59 14.33 -0.86
CA ASP F 446 -10.91 13.53 -1.87
C ASP F 446 -9.45 13.92 -2.00
N GLN F 447 -8.90 14.53 -0.96
CA GLN F 447 -7.51 14.93 -0.85
C GLN F 447 -6.70 13.81 -0.19
N THR F 448 -5.49 14.15 0.28
CA THR F 448 -4.53 13.24 0.90
C THR F 448 -5.12 12.27 1.92
N ILE F 449 -4.55 11.07 2.00
CA ILE F 449 -4.94 10.11 3.04
C ILE F 449 -4.54 10.68 4.39
N GLY F 450 -3.24 10.80 4.64
CA GLY F 450 -2.75 11.65 5.70
C GLY F 450 -1.78 12.70 5.20
N ASP F 451 -0.99 12.35 4.19
CA ASP F 451 0.04 13.21 3.60
C ASP F 451 -0.05 13.30 2.09
N GLU F 452 -0.35 12.19 1.41
CA GLU F 452 -0.44 12.13 -0.05
C GLU F 452 -1.80 11.62 -0.47
N GLY F 453 -2.17 11.88 -1.72
CA GLY F 453 -3.50 11.50 -2.18
C GLY F 453 -3.64 10.05 -2.59
N ASP F 454 -3.12 9.12 -1.78
CA ASP F 454 -3.25 7.71 -2.09
C ASP F 454 -4.70 7.25 -1.96
N SER F 455 -5.35 7.60 -0.86
CA SER F 455 -6.75 7.29 -0.63
C SER F 455 -7.49 8.57 -0.25
N GLN F 456 -8.72 8.70 -0.74
CA GLN F 456 -9.54 9.86 -0.41
C GLN F 456 -9.77 9.94 1.09
N LEU F 457 -9.75 11.17 1.61
CA LEU F 457 -9.90 11.36 3.06
C LEU F 457 -11.27 10.89 3.53
N GLY F 458 -12.28 10.97 2.67
CA GLY F 458 -13.62 10.50 3.00
C GLY F 458 -13.72 9.01 3.28
N ASP F 459 -12.65 8.26 3.11
CA ASP F 459 -12.59 6.86 3.48
C ASP F 459 -11.91 6.64 4.82
N PHE F 460 -11.78 7.71 5.64
CA PHE F 460 -11.20 7.57 6.97
C PHE F 460 -11.94 8.42 8.00
N ILE F 461 -13.17 8.82 7.70
CA ILE F 461 -14.01 9.58 8.61
C ILE F 461 -15.11 8.65 9.11
N GLU F 462 -15.24 8.53 10.43
CA GLU F 462 -16.28 7.67 11.00
C GLU F 462 -17.63 8.35 10.85
N ASP F 463 -18.69 7.67 11.28
CA ASP F 463 -20.06 8.20 11.20
C ASP F 463 -20.69 8.07 12.58
N SER F 464 -20.64 9.16 13.36
CA SER F 464 -21.32 9.17 14.65
C SER F 464 -22.83 9.07 14.49
N GLU F 465 -23.38 9.64 13.42
CA GLU F 465 -24.79 9.48 13.09
C GLU F 465 -24.93 8.18 12.29
N ALA F 466 -24.93 7.07 13.02
CA ALA F 466 -25.10 5.76 12.42
C ALA F 466 -25.58 4.79 13.48
N VAL F 467 -26.29 3.75 13.04
CA VAL F 467 -26.66 2.68 13.95
C VAL F 467 -25.41 1.91 14.33
N VAL F 468 -25.13 1.83 15.63
CA VAL F 468 -23.90 1.20 16.11
C VAL F 468 -24.17 -0.26 16.39
N ALA F 469 -25.42 -0.69 16.16
CA ALA F 469 -25.84 -2.08 16.07
C ALA F 469 -25.79 -2.82 17.42
N VAL F 470 -25.24 -2.18 18.44
CA VAL F 470 -25.43 -2.69 19.80
C VAL F 470 -26.46 -1.84 20.51
N ASP F 471 -26.57 -0.56 20.14
CA ASP F 471 -27.59 0.31 20.72
C ASP F 471 -28.98 -0.17 20.35
N ALA F 472 -29.17 -0.61 19.10
CA ALA F 472 -30.51 -1.03 18.67
C ALA F 472 -30.98 -2.26 19.43
N VAL F 473 -30.14 -3.30 19.49
CA VAL F 473 -30.54 -4.53 20.17
C VAL F 473 -30.64 -4.32 21.68
N SER F 474 -29.70 -3.54 22.24
CA SER F 474 -29.79 -3.21 23.66
C SER F 474 -31.04 -2.41 23.96
N PHE F 475 -31.43 -1.54 23.04
CA PHE F 475 -32.58 -0.67 23.25
C PHE F 475 -33.88 -1.48 23.19
N THR F 476 -33.95 -2.43 22.26
CA THR F 476 -35.08 -3.34 22.17
C THR F 476 -35.18 -4.23 23.42
N LEU F 477 -34.04 -4.74 23.89
CA LEU F 477 -34.04 -5.53 25.11
C LEU F 477 -34.49 -4.71 26.32
N LEU F 478 -34.04 -3.46 26.39
CA LEU F 478 -34.50 -2.54 27.43
C LEU F 478 -36.00 -2.34 27.34
N GLN F 479 -36.51 -2.23 26.12
CA GLN F 479 -37.95 -2.05 25.92
C GLN F 479 -38.71 -3.25 26.49
N ASP F 480 -38.29 -4.46 26.12
CA ASP F 480 -39.01 -5.65 26.55
C ASP F 480 -38.91 -5.84 28.06
N GLN F 481 -37.73 -5.60 28.63
CA GLN F 481 -37.55 -5.76 30.07
C GLN F 481 -38.34 -4.71 30.86
N LEU F 482 -38.35 -3.46 30.37
CA LEU F 482 -39.12 -2.42 31.04
C LEU F 482 -40.62 -2.72 30.96
N GLN F 483 -41.08 -3.24 29.81
CA GLN F 483 -42.48 -3.65 29.70
C GLN F 483 -42.79 -4.78 30.68
N SER F 484 -41.88 -5.74 30.83
CA SER F 484 -42.11 -6.84 31.75
C SER F 484 -42.20 -6.35 33.19
N VAL F 485 -41.27 -5.47 33.59
CA VAL F 485 -41.27 -4.97 34.96
C VAL F 485 -42.50 -4.10 35.21
N LEU F 486 -42.93 -3.34 34.20
CA LEU F 486 -44.17 -2.58 34.30
C LEU F 486 -45.37 -3.50 34.46
N ASP F 487 -45.36 -4.64 33.75
CA ASP F 487 -46.45 -5.60 33.87
C ASP F 487 -46.48 -6.24 35.25
N THR F 488 -45.31 -6.49 35.84
CA THR F 488 -45.26 -7.04 37.19
C THR F 488 -45.71 -6.04 38.26
N LEU F 489 -45.90 -4.77 37.90
CA LEU F 489 -46.39 -3.77 38.82
C LEU F 489 -47.90 -3.93 38.99
N SER F 490 -48.52 -2.95 39.65
CA SER F 490 -49.94 -3.01 39.92
C SER F 490 -50.75 -2.66 38.66
N GLU F 491 -52.07 -2.79 38.77
CA GLU F 491 -52.96 -2.69 37.61
C GLU F 491 -53.60 -1.31 37.54
N ARG F 492 -53.44 -0.68 36.37
CA ARG F 492 -53.77 0.70 36.00
C ARG F 492 -52.80 1.74 36.56
N GLU F 493 -52.06 1.42 37.62
CA GLU F 493 -51.13 2.43 38.14
C GLU F 493 -49.80 2.39 37.41
N ALA F 494 -49.33 1.18 37.10
CA ALA F 494 -48.22 1.05 36.16
C ALA F 494 -48.58 1.66 34.81
N GLY F 495 -49.83 1.52 34.39
CA GLY F 495 -50.26 2.14 33.15
C GLY F 495 -50.35 3.65 33.22
N VAL F 496 -50.68 4.19 34.40
CA VAL F 496 -50.60 5.65 34.58
C VAL F 496 -49.16 6.12 34.46
N VAL F 497 -48.22 5.34 35.00
CA VAL F 497 -46.79 5.64 34.77
C VAL F 497 -46.47 5.57 33.28
N ARG F 498 -47.01 4.55 32.61
CA ARG F 498 -46.76 4.35 31.18
C ARG F 498 -47.26 5.55 30.37
N LEU F 499 -48.43 6.08 30.73
CA LEU F 499 -48.95 7.26 30.05
C LEU F 499 -48.15 8.50 30.42
N ARG F 500 -47.79 8.63 31.71
CA ARG F 500 -47.07 9.80 32.18
C ARG F 500 -45.73 9.96 31.48
N PHE F 501 -45.02 8.86 31.27
CA PHE F 501 -43.79 8.88 30.51
C PHE F 501 -44.00 8.50 29.04
N GLY F 502 -45.24 8.29 28.63
CA GLY F 502 -45.58 8.11 27.22
C GLY F 502 -44.95 6.91 26.55
N LEU F 503 -45.21 5.71 27.09
CA LEU F 503 -44.62 4.49 26.56
C LEU F 503 -45.45 3.86 25.45
N THR F 504 -46.65 4.35 25.19
CA THR F 504 -47.45 3.82 24.08
C THR F 504 -47.96 4.91 23.15
N ASP F 505 -48.31 6.08 23.68
CA ASP F 505 -48.84 7.15 22.84
C ASP F 505 -47.75 7.98 22.18
N GLY F 506 -46.55 8.01 22.75
CA GLY F 506 -45.46 8.82 22.24
C GLY F 506 -45.40 10.23 22.78
N GLN F 507 -46.48 10.72 23.38
CA GLN F 507 -46.49 12.00 24.06
C GLN F 507 -46.90 11.81 25.51
N PRO F 508 -46.34 12.62 26.43
CA PRO F 508 -46.57 12.34 27.86
C PRO F 508 -47.98 12.66 28.33
N ARG F 509 -48.53 13.82 27.95
CA ARG F 509 -49.78 14.36 28.47
C ARG F 509 -49.69 14.63 29.97
N THR F 510 -50.60 15.46 30.48
CA THR F 510 -50.50 15.96 31.84
C THR F 510 -51.62 15.39 32.71
N LEU F 511 -51.58 15.77 34.00
CA LEU F 511 -52.54 15.25 34.97
C LEU F 511 -53.97 15.55 34.57
N ASP F 512 -54.19 16.67 33.87
CA ASP F 512 -55.51 16.97 33.34
C ASP F 512 -55.97 15.90 32.36
N GLU F 513 -55.08 15.48 31.45
CA GLU F 513 -55.46 14.48 30.46
C GLU F 513 -55.62 13.09 31.08
N ILE F 514 -54.74 12.73 32.03
CA ILE F 514 -54.89 11.43 32.69
C ILE F 514 -56.19 11.38 33.48
N GLY F 515 -56.53 12.48 34.16
CA GLY F 515 -57.82 12.56 34.83
C GLY F 515 -58.99 12.53 33.85
N GLN F 516 -58.83 13.15 32.69
CA GLN F 516 -59.90 13.20 31.70
C GLN F 516 -60.19 11.81 31.14
N VAL F 517 -59.14 11.04 30.85
CA VAL F 517 -59.34 9.72 30.26
C VAL F 517 -59.81 8.73 31.31
N TYR F 518 -59.54 9.00 32.59
CA TYR F 518 -59.93 8.09 33.67
C TYR F 518 -61.11 8.59 34.49
N GLY F 519 -61.45 9.87 34.40
CA GLY F 519 -62.54 10.40 35.19
C GLY F 519 -62.19 10.73 36.63
N VAL F 520 -60.94 11.13 36.89
CA VAL F 520 -60.49 11.37 38.25
C VAL F 520 -59.73 12.69 38.35
N THR F 521 -59.18 12.98 39.53
CA THR F 521 -58.50 14.22 39.84
C THR F 521 -57.00 14.07 39.58
N ARG F 522 -56.22 15.08 39.99
CA ARG F 522 -54.79 15.14 39.72
C ARG F 522 -53.91 14.77 40.92
N GLU F 523 -54.35 15.09 42.13
CA GLU F 523 -53.57 14.76 43.32
C GLU F 523 -53.49 13.25 43.50
N ARG F 524 -54.58 12.54 43.18
CA ARG F 524 -54.55 11.09 43.18
C ARG F 524 -53.55 10.57 42.17
N ILE F 525 -53.44 11.22 41.01
CA ILE F 525 -52.45 10.82 40.01
C ILE F 525 -51.04 10.98 40.56
N ARG F 526 -50.76 12.10 41.23
CA ARG F 526 -49.41 12.30 41.76
C ARG F 526 -49.10 11.30 42.87
N GLN F 527 -50.08 11.00 43.71
CA GLN F 527 -49.89 9.99 44.74
C GLN F 527 -49.61 8.63 44.12
N ILE F 528 -50.33 8.27 43.06
CA ILE F 528 -50.09 7.03 42.35
C ILE F 528 -48.68 7.02 41.76
N GLU F 529 -48.25 8.15 41.20
CA GLU F 529 -46.92 8.25 40.63
C GLU F 529 -45.85 8.01 41.70
N SER F 530 -46.01 8.65 42.86
CA SER F 530 -45.03 8.48 43.94
C SER F 530 -45.02 7.05 44.46
N LYS F 531 -46.21 6.45 44.63
CA LYS F 531 -46.29 5.10 45.15
C LYS F 531 -45.66 4.09 44.19
N THR F 532 -45.98 4.19 42.90
CA THR F 532 -45.38 3.31 41.91
C THR F 532 -43.88 3.56 41.80
N MET F 533 -43.46 4.81 41.96
CA MET F 533 -42.06 5.18 41.83
C MET F 533 -41.24 4.62 42.98
N SER F 534 -41.82 4.55 44.17
CA SER F 534 -41.10 4.02 45.33
C SER F 534 -40.74 2.56 45.14
N LYS F 535 -41.65 1.77 44.56
CA LYS F 535 -41.40 0.33 44.43
C LYS F 535 -40.29 0.04 43.43
N LEU F 536 -40.19 0.83 42.35
CA LEU F 536 -39.20 0.56 41.33
C LEU F 536 -37.79 0.93 41.76
N ARG F 537 -37.65 1.70 42.84
CA ARG F 537 -36.33 1.91 43.42
C ARG F 537 -35.88 0.69 44.22
N HIS F 538 -36.82 -0.17 44.60
CA HIS F 538 -36.47 -1.35 45.39
C HIS F 538 -35.79 -2.38 44.48
N PRO F 539 -34.80 -3.12 44.99
CA PRO F 539 -33.83 -3.79 44.09
C PRO F 539 -34.40 -4.80 43.11
N SER F 540 -35.48 -5.54 43.43
CA SER F 540 -35.93 -6.61 42.54
C SER F 540 -36.34 -6.05 41.17
N ARG F 541 -37.01 -4.91 41.17
CA ARG F 541 -37.30 -4.22 39.92
C ARG F 541 -36.07 -3.52 39.36
N SER F 542 -35.19 -3.02 40.22
CA SER F 542 -34.04 -2.25 39.75
C SER F 542 -32.90 -3.14 39.26
N GLN F 543 -32.75 -4.34 39.83
CA GLN F 543 -31.58 -5.16 39.52
C GLN F 543 -31.55 -5.57 38.06
N VAL F 544 -32.71 -5.86 37.48
CA VAL F 544 -32.79 -6.20 36.06
C VAL F 544 -32.90 -4.95 35.18
N LEU F 545 -32.92 -3.76 35.78
CA LEU F 545 -32.99 -2.51 35.02
C LEU F 545 -31.80 -1.59 35.22
N ARG F 546 -31.02 -1.76 36.28
CA ARG F 546 -29.99 -0.79 36.62
C ARG F 546 -28.89 -0.73 35.57
N ASP F 547 -28.50 -1.89 35.03
CA ASP F 547 -27.37 -1.95 34.12
C ASP F 547 -27.60 -1.17 32.83
N TYR F 548 -28.86 -0.90 32.49
CA TYR F 548 -29.14 -0.18 31.24
C TYR F 548 -28.73 1.28 31.32
N LEU F 549 -28.92 1.91 32.47
CA LEU F 549 -28.46 3.29 32.64
C LEU F 549 -26.94 3.37 32.76
N LEU G 6 -10.28 11.20 13.55
CA LEU G 6 -11.03 11.85 12.48
C LEU G 6 -12.51 11.45 12.50
N ARG G 7 -13.23 11.92 13.51
CA ARG G 7 -14.66 11.71 13.60
C ARG G 7 -15.39 12.66 12.63
N GLY G 8 -16.66 12.36 12.39
CA GLY G 8 -17.47 13.19 11.52
C GLY G 8 -18.96 12.96 11.71
N SER G 9 -19.77 13.97 11.37
CA SER G 9 -21.22 13.88 11.51
C SER G 9 -21.89 14.73 10.43
N ARG G 10 -23.10 14.34 10.04
CA ARG G 10 -23.89 15.05 9.04
C ARG G 10 -24.68 16.20 9.61
N LEU G 11 -24.38 16.61 10.85
CA LEU G 11 -25.18 17.60 11.56
C LEU G 11 -26.63 17.13 11.70
N GLY G 12 -26.81 15.83 11.87
CA GLY G 12 -28.12 15.25 12.07
C GLY G 12 -28.09 14.25 13.23
N ALA G 13 -29.28 13.80 13.59
CA ALA G 13 -29.43 12.87 14.71
C ALA G 13 -30.37 11.75 14.30
N VAL G 14 -29.97 10.51 14.56
CA VAL G 14 -30.79 9.34 14.28
C VAL G 14 -31.55 8.98 15.56
N SER G 15 -32.87 8.92 15.46
CA SER G 15 -33.71 8.54 16.58
C SER G 15 -33.97 7.05 16.53
N TYR G 16 -33.71 6.37 17.65
CA TYR G 16 -33.92 4.92 17.72
C TYR G 16 -35.37 4.59 18.05
N GLU G 17 -36.30 5.16 17.29
CA GLU G 17 -37.71 4.95 17.53
C GLU G 17 -38.23 3.80 16.67
N THR G 18 -39.32 3.18 17.13
CA THR G 18 -39.90 2.01 16.48
C THR G 18 -41.18 2.41 15.76
N ASP G 19 -41.32 1.95 14.52
CA ASP G 19 -42.43 2.37 13.68
C ASP G 19 -43.77 2.04 14.32
N ARG G 20 -44.72 2.95 14.17
CA ARG G 20 -46.03 2.86 14.80
C ARG G 20 -47.13 3.04 13.76
N ASN G 21 -47.04 2.29 12.66
CA ASN G 21 -48.01 2.39 11.58
C ASN G 21 -49.42 1.97 12.03
N HIS G 22 -49.56 1.28 13.15
CA HIS G 22 -50.88 0.88 13.61
C HIS G 22 -51.77 2.07 13.94
N ASP G 23 -51.20 3.20 14.37
CA ASP G 23 -51.95 4.45 14.40
C ASP G 23 -51.02 5.62 14.12
N LEU G 24 -51.44 6.48 13.21
CA LEU G 24 -50.81 7.77 12.97
C LEU G 24 -51.86 8.84 13.16
N ALA G 25 -51.41 10.07 13.35
CA ALA G 25 -52.34 11.18 13.35
C ALA G 25 -53.01 11.27 12.00
N PRO G 26 -54.32 11.51 11.94
CA PRO G 26 -55.00 11.56 10.64
C PRO G 26 -54.43 12.69 9.78
N ARG G 27 -54.29 12.41 8.49
CA ARG G 27 -53.72 13.36 7.56
C ARG G 27 -54.69 13.64 6.42
N GLN G 28 -54.96 14.91 6.18
CA GLN G 28 -55.79 15.35 5.08
C GLN G 28 -54.91 15.47 3.83
N ILE G 29 -55.54 15.60 2.65
CA ILE G 29 -54.79 15.71 1.40
C ILE G 29 -55.33 16.90 0.59
N ALA G 30 -54.41 17.73 0.12
CA ALA G 30 -54.78 18.92 -0.63
C ALA G 30 -54.23 18.80 -2.04
N ARG G 31 -54.92 19.44 -2.98
CA ARG G 31 -54.54 19.45 -4.39
C ARG G 31 -54.17 20.86 -4.79
N TYR G 32 -52.91 21.05 -5.17
CA TYR G 32 -52.41 22.32 -5.67
C TYR G 32 -52.19 22.25 -7.17
N ARG G 33 -52.29 23.42 -7.81
CA ARG G 33 -52.20 23.50 -9.26
C ARG G 33 -51.35 24.70 -9.64
N THR G 34 -50.47 24.49 -10.61
CA THR G 34 -49.65 25.57 -11.14
C THR G 34 -50.43 26.31 -12.23
N ASP G 35 -49.75 27.23 -12.92
CA ASP G 35 -50.39 27.95 -14.02
C ASP G 35 -50.49 27.11 -15.28
N ASN G 36 -49.54 26.20 -15.50
CA ASN G 36 -49.45 25.45 -16.75
C ASN G 36 -50.12 24.08 -16.66
N GLY G 37 -51.12 23.93 -15.80
CA GLY G 37 -51.91 22.71 -15.77
C GLY G 37 -51.28 21.54 -15.07
N GLU G 38 -50.31 21.76 -14.19
CA GLU G 38 -49.73 20.68 -13.40
C GLU G 38 -50.49 20.50 -12.09
N GLU G 39 -50.72 19.24 -11.73
CA GLU G 39 -51.42 18.89 -10.50
C GLU G 39 -50.45 18.28 -9.51
N PHE G 40 -50.60 18.65 -8.23
CA PHE G 40 -49.77 18.10 -7.18
C PHE G 40 -50.62 17.80 -5.96
N GLU G 41 -50.35 16.67 -5.32
CA GLU G 41 -51.07 16.26 -4.12
C GLU G 41 -50.13 16.34 -2.92
N VAL G 42 -50.58 17.04 -1.88
CA VAL G 42 -49.79 17.22 -0.67
C VAL G 42 -50.55 16.69 0.52
N PRO G 43 -50.06 15.66 1.20
CA PRO G 43 -50.74 15.17 2.42
C PRO G 43 -50.46 16.07 3.60
N PHE G 44 -51.20 17.16 3.74
CA PHE G 44 -50.95 18.11 4.82
C PHE G 44 -51.53 17.59 6.14
N ALA G 45 -51.09 18.21 7.24
CA ALA G 45 -51.56 17.81 8.56
C ALA G 45 -53.02 18.21 8.76
N ASP G 46 -53.76 17.36 9.48
CA ASP G 46 -55.19 17.58 9.66
C ASP G 46 -55.47 18.82 10.50
N ASP G 47 -54.84 18.91 11.67
CA ASP G 47 -55.03 20.06 12.56
C ASP G 47 -54.02 21.14 12.21
N ALA G 48 -54.15 21.65 10.99
CA ALA G 48 -53.20 22.62 10.46
C ALA G 48 -53.88 23.48 9.42
N GLU G 49 -53.30 24.65 9.19
CA GLU G 49 -53.81 25.58 8.19
C GLU G 49 -53.34 25.18 6.80
N ILE G 50 -54.16 25.47 5.80
CA ILE G 50 -53.86 25.14 4.42
C ILE G 50 -53.46 26.43 3.70
N PRO G 51 -52.19 26.55 3.32
CA PRO G 51 -51.76 27.74 2.55
C PRO G 51 -52.13 27.60 1.08
N GLY G 52 -53.02 28.48 0.62
CA GLY G 52 -53.48 28.41 -0.77
C GLY G 52 -52.36 28.54 -1.78
N THR G 53 -51.40 29.42 -1.52
CA THR G 53 -50.20 29.53 -2.34
C THR G 53 -49.13 28.61 -1.78
N TRP G 54 -48.68 27.67 -2.61
CA TRP G 54 -47.72 26.65 -2.19
C TRP G 54 -46.61 26.52 -3.20
N LEU G 55 -45.38 26.33 -2.71
CA LEU G 55 -44.27 25.98 -3.58
C LEU G 55 -44.31 24.47 -3.81
N CYS G 56 -44.55 24.06 -5.04
CA CYS G 56 -44.84 22.67 -5.36
C CYS G 56 -43.56 21.93 -5.74
N ARG G 57 -43.73 20.67 -6.09
CA ARG G 57 -42.62 19.80 -6.46
C ARG G 57 -41.92 20.29 -7.74
N ASN G 58 -42.67 20.96 -8.63
CA ASN G 58 -42.08 21.48 -9.85
C ASN G 58 -41.05 22.58 -9.56
N GLY G 59 -41.37 23.46 -8.62
CA GLY G 59 -40.53 24.59 -8.28
C GLY G 59 -41.19 25.94 -8.44
N MET G 60 -42.16 26.07 -9.34
CA MET G 60 -42.92 27.29 -9.47
C MET G 60 -44.01 27.36 -8.41
N GLU G 61 -44.56 28.56 -8.24
CA GLU G 61 -45.61 28.76 -7.25
C GLU G 61 -46.95 28.31 -7.81
N GLY G 62 -47.67 27.48 -7.05
CA GLY G 62 -48.97 27.01 -7.44
C GLY G 62 -50.03 27.45 -6.45
N THR G 63 -51.28 27.43 -6.90
CA THR G 63 -52.41 27.78 -6.07
C THR G 63 -53.30 26.56 -5.87
N LEU G 64 -54.15 26.64 -4.84
CA LEU G 64 -55.01 25.52 -4.52
C LEU G 64 -56.12 25.43 -5.57
N ILE G 65 -56.56 24.21 -5.88
CA ILE G 65 -57.67 24.04 -6.82
C ILE G 65 -58.94 24.68 -6.27
N GLU G 66 -59.05 24.79 -4.94
CA GLU G 66 -60.14 25.52 -4.32
C GLU G 66 -60.06 27.00 -4.70
N GLY G 67 -61.22 27.62 -4.89
CA GLY G 67 -61.24 29.01 -5.33
C GLY G 67 -61.18 30.02 -4.20
N ASP G 68 -59.99 30.52 -3.91
CA ASP G 68 -59.80 31.59 -2.94
C ASP G 68 -59.25 32.85 -3.60
N LEU G 69 -58.08 32.76 -4.26
CA LEU G 69 -57.42 33.85 -4.97
C LEU G 69 -57.24 35.08 -4.08
N PRO G 70 -56.34 35.06 -3.10
CA PRO G 70 -56.17 36.24 -2.24
C PRO G 70 -55.33 37.36 -2.85
N GLU G 71 -54.55 37.08 -3.91
CA GLU G 71 -53.82 38.10 -4.67
C GLU G 71 -52.87 38.92 -3.81
N PRO G 72 -51.70 38.37 -3.44
CA PRO G 72 -50.83 39.02 -2.45
C PRO G 72 -50.23 40.36 -2.87
N LYS G 73 -50.63 40.90 -4.03
CA LYS G 73 -50.23 42.23 -4.49
C LYS G 73 -48.71 42.32 -4.65
N LYS G 74 -48.23 41.58 -5.64
CA LYS G 74 -46.80 41.48 -5.92
C LYS G 74 -46.18 42.85 -6.20
N VAL G 75 -44.87 42.94 -5.98
CA VAL G 75 -44.17 44.21 -5.99
C VAL G 75 -43.88 44.64 -7.42
N LYS G 76 -43.95 45.95 -7.66
CA LYS G 76 -43.57 46.57 -8.93
C LYS G 76 -42.09 46.27 -9.23
N PRO G 77 -41.66 46.41 -10.48
CA PRO G 77 -40.22 46.20 -10.77
C PRO G 77 -39.37 47.20 -10.01
N PRO G 78 -38.27 46.72 -9.38
CA PRO G 78 -37.54 47.53 -8.40
C PRO G 78 -37.08 48.88 -8.94
N ARG G 79 -36.44 48.87 -10.11
CA ARG G 79 -36.05 50.10 -10.78
C ARG G 79 -35.72 49.83 -12.25
N THR G 80 -36.25 50.64 -13.14
CA THR G 80 -36.01 50.52 -14.57
C THR G 80 -34.93 51.50 -15.01
N HIS G 81 -34.42 51.27 -16.22
CA HIS G 81 -33.57 52.25 -16.88
C HIS G 81 -34.29 53.59 -17.01
N TRP G 82 -35.59 53.55 -17.29
CA TRP G 82 -36.38 54.77 -17.39
C TRP G 82 -36.45 55.51 -16.06
N ASP G 83 -36.59 54.77 -14.96
CA ASP G 83 -36.58 55.41 -13.65
C ASP G 83 -35.24 56.07 -13.37
N MET G 84 -34.16 55.45 -13.83
CA MET G 84 -32.81 55.95 -13.53
C MET G 84 -32.49 57.18 -14.37
N LEU G 85 -32.96 57.20 -15.62
CA LEU G 85 -32.83 58.41 -16.44
C LEU G 85 -33.76 59.51 -15.95
N LEU G 86 -34.95 59.14 -15.46
CA LEU G 86 -35.93 60.12 -15.02
C LEU G 86 -35.40 60.94 -13.85
N GLU G 87 -34.77 60.28 -12.88
CA GLU G 87 -34.32 60.97 -11.68
C GLU G 87 -33.12 61.87 -11.93
N ARG G 88 -32.33 61.60 -12.97
CA ARG G 88 -31.14 62.40 -13.25
C ARG G 88 -31.36 63.45 -14.34
N ARG G 89 -32.56 63.50 -14.94
CA ARG G 89 -32.89 64.49 -15.96
C ARG G 89 -34.30 64.99 -15.69
N SER G 90 -34.86 65.69 -16.68
CA SER G 90 -36.23 66.18 -16.60
C SER G 90 -36.99 65.79 -17.87
N ILE G 91 -38.32 65.86 -17.78
CA ILE G 91 -39.17 65.41 -18.88
C ILE G 91 -38.98 66.31 -20.10
N GLU G 92 -38.91 67.63 -19.89
CA GLU G 92 -38.78 68.54 -21.02
C GLU G 92 -37.39 68.46 -21.65
N GLU G 93 -36.36 68.17 -20.87
CA GLU G 93 -35.03 67.94 -21.44
C GLU G 93 -35.04 66.73 -22.37
N LEU G 94 -35.68 65.63 -21.92
CA LEU G 94 -35.80 64.45 -22.76
C LEU G 94 -36.66 64.72 -23.98
N GLU G 95 -37.69 65.56 -23.85
CA GLU G 95 -38.50 65.91 -25.02
C GLU G 95 -37.70 66.73 -26.01
N GLU G 96 -36.84 67.62 -25.52
CA GLU G 96 -35.95 68.37 -26.39
C GLU G 96 -35.00 67.43 -27.12
N LEU G 97 -34.45 66.44 -26.41
CA LEU G 97 -33.57 65.47 -27.07
C LEU G 97 -34.30 64.63 -28.10
N LEU G 98 -35.54 64.22 -27.79
CA LEU G 98 -36.35 63.48 -28.75
C LEU G 98 -36.65 64.31 -29.99
N LYS G 99 -36.97 65.59 -29.79
CA LYS G 99 -37.15 66.48 -30.94
C LYS G 99 -35.86 66.61 -31.74
N GLU G 100 -34.72 66.71 -31.05
CA GLU G 100 -33.44 66.83 -31.73
C GLU G 100 -33.17 65.62 -32.61
N ARG G 101 -33.41 64.42 -32.09
CA ARG G 101 -33.20 63.22 -32.89
C ARG G 101 -34.23 63.10 -34.01
N LEU G 102 -35.47 63.50 -33.76
CA LEU G 102 -36.50 63.45 -34.79
C LEU G 102 -36.14 64.35 -35.96
N GLU G 103 -35.81 65.61 -35.69
CA GLU G 103 -35.38 66.49 -36.77
C GLU G 103 -34.04 66.08 -37.35
N LEU G 104 -33.20 65.38 -36.60
CA LEU G 104 -31.96 64.86 -37.16
C LEU G 104 -32.24 63.83 -38.25
N ILE G 105 -33.09 62.84 -37.93
CA ILE G 105 -33.39 61.82 -38.93
C ILE G 105 -34.22 62.40 -40.07
N ARG G 106 -35.02 63.43 -39.78
CA ARG G 106 -35.70 64.16 -40.86
C ARG G 106 -34.69 64.77 -41.82
N SER G 107 -33.76 65.55 -41.30
CA SER G 107 -32.74 66.19 -42.15
C SER G 107 -31.84 65.17 -42.83
N ARG G 108 -31.69 63.98 -42.24
CA ARG G 108 -30.97 62.91 -42.92
C ARG G 108 -31.76 62.40 -44.12
N ARG G 109 -33.05 62.17 -43.94
CA ARG G 109 -33.83 61.43 -44.93
C ARG G 109 -34.19 62.27 -46.14
N ARG G 110 -34.99 63.32 -45.96
CA ARG G 110 -35.48 64.10 -47.09
C ARG G 110 -34.62 65.31 -47.41
N GLY G 111 -33.68 65.68 -46.55
CA GLY G 111 -32.79 66.80 -46.80
C GLY G 111 -33.50 68.14 -46.76
N ILE H 125 24.67 74.53 2.43
CA ILE H 125 23.35 74.67 3.03
C ILE H 125 23.14 73.57 4.08
N PHE H 126 23.70 72.40 3.79
CA PHE H 126 23.56 71.22 4.65
C PHE H 126 24.95 70.71 5.01
N LYS H 127 25.52 71.29 6.07
CA LYS H 127 26.84 70.90 6.54
C LYS H 127 26.76 69.66 7.43
N VAL H 128 27.94 69.14 7.80
CA VAL H 128 27.99 67.95 8.64
C VAL H 128 27.57 68.31 10.06
N GLY H 129 27.04 67.31 10.78
CA GLY H 129 26.56 67.51 12.12
C GLY H 129 25.26 68.26 12.23
N ASP H 130 24.56 68.48 11.11
CA ASP H 130 23.37 69.31 11.08
C ASP H 130 22.18 68.40 11.33
N THR H 131 21.28 68.82 12.22
CA THR H 131 20.04 68.08 12.46
C THR H 131 19.02 68.54 11.43
N VAL H 132 19.14 67.99 10.22
CA VAL H 132 18.41 68.51 9.07
C VAL H 132 17.14 67.72 8.88
N VAL H 133 16.09 68.40 8.41
CA VAL H 133 14.75 67.82 8.36
C VAL H 133 14.42 67.42 6.93
N TYR H 134 14.14 66.14 6.73
CA TYR H 134 13.90 65.56 5.42
C TYR H 134 12.50 64.94 5.41
N PRO H 135 11.70 65.20 4.39
CA PRO H 135 10.38 64.55 4.29
C PRO H 135 10.47 63.19 3.63
N HIS H 136 9.70 62.25 4.14
CA HIS H 136 8.69 62.41 5.19
C HIS H 136 9.20 62.00 6.57
N HIS H 137 10.47 61.62 6.66
CA HIS H 137 11.00 60.96 7.84
C HIS H 137 11.51 61.93 8.90
N GLY H 138 11.06 63.18 8.88
CA GLY H 138 11.37 64.09 9.98
C GLY H 138 12.83 64.49 10.02
N ALA H 139 13.29 64.80 11.24
CA ALA H 139 14.67 65.21 11.42
C ALA H 139 15.62 64.02 11.28
N ALA H 140 16.87 64.34 10.95
CA ALA H 140 17.87 63.32 10.69
C ALA H 140 19.25 63.94 10.90
N LEU H 141 20.21 63.08 11.23
CA LEU H 141 21.59 63.50 11.44
C LEU H 141 22.41 63.17 10.21
N VAL H 142 23.23 64.11 9.78
CA VAL H 142 24.16 63.86 8.67
C VAL H 142 25.49 63.39 9.25
N GLU H 143 26.01 62.29 8.70
CA GLU H 143 27.24 61.70 9.21
C GLU H 143 28.50 62.22 8.52
N ALA H 144 28.47 62.34 7.21
CA ALA H 144 29.64 62.72 6.43
C ALA H 144 29.17 63.27 5.09
N ILE H 145 30.09 63.91 4.39
CA ILE H 145 29.80 64.49 3.08
C ILE H 145 30.56 63.61 2.09
N GLU H 146 29.86 62.61 1.56
CA GLU H 146 30.50 61.48 0.90
C GLU H 146 30.84 61.79 -0.55
N THR H 147 32.06 61.42 -0.96
CA THR H 147 32.56 61.69 -2.31
C THR H 147 32.43 60.46 -3.22
N ARG H 148 31.37 59.69 -3.07
CA ARG H 148 31.17 58.50 -3.91
C ARG H 148 30.89 58.93 -5.35
N THR H 149 31.75 58.50 -6.26
CA THR H 149 31.65 58.87 -7.66
C THR H 149 30.77 57.88 -8.43
N ILE H 150 30.14 58.38 -9.49
CA ILE H 150 29.50 57.54 -10.50
C ILE H 150 29.93 58.09 -11.86
N LYS H 151 30.23 57.18 -12.80
CA LYS H 151 30.61 57.53 -14.17
C LYS H 151 31.78 58.52 -14.18
N GLY H 152 32.69 58.37 -13.23
CA GLY H 152 33.82 59.26 -13.12
C GLY H 152 33.49 60.68 -12.70
N GLU H 153 32.32 60.91 -12.13
CA GLU H 153 31.91 62.24 -11.67
C GLU H 153 31.74 62.20 -10.16
N GLN H 154 32.67 62.81 -9.44
CA GLN H 154 32.67 62.77 -7.99
C GLN H 154 31.58 63.67 -7.43
N LYS H 155 30.33 63.21 -7.47
CA LYS H 155 29.24 63.99 -6.90
C LYS H 155 29.38 64.06 -5.39
N GLU H 156 28.84 65.12 -4.81
CA GLU H 156 29.00 65.33 -3.38
C GLU H 156 27.79 64.75 -2.64
N TYR H 157 27.79 63.43 -2.53
CA TYR H 157 26.78 62.74 -1.73
C TYR H 157 26.93 63.11 -0.26
N LEU H 158 25.81 63.09 0.45
CA LEU H 158 25.82 63.22 1.89
C LEU H 158 25.02 62.06 2.49
N VAL H 159 25.60 61.42 3.50
CA VAL H 159 24.94 60.36 4.24
C VAL H 159 24.11 60.98 5.36
N LEU H 160 22.83 60.63 5.42
CA LEU H 160 21.92 61.13 6.42
C LEU H 160 21.14 59.95 6.98
N LYS H 161 20.99 59.90 8.30
CA LYS H 161 20.28 58.80 8.94
C LYS H 161 19.23 59.33 9.91
N VAL H 162 18.11 58.62 9.97
CA VAL H 162 17.04 58.92 10.89
C VAL H 162 17.09 57.92 12.04
N ALA H 163 16.33 58.19 13.10
CA ALA H 163 16.30 57.32 14.26
C ALA H 163 15.14 56.33 14.25
N GLN H 164 14.09 56.61 13.48
CA GLN H 164 12.92 55.73 13.51
C GLN H 164 13.10 54.52 12.59
N GLY H 165 13.29 54.77 11.30
CA GLY H 165 13.41 53.67 10.34
C GLY H 165 14.76 52.97 10.35
N ASP H 166 15.76 53.55 11.03
CA ASP H 166 17.11 52.98 11.10
C ASP H 166 17.69 52.78 9.70
N LEU H 167 17.45 53.73 8.81
CA LEU H 167 17.92 53.66 7.44
C LEU H 167 18.85 54.84 7.15
N THR H 168 19.80 54.60 6.26
CA THR H 168 20.76 55.61 5.82
C THR H 168 20.49 55.95 4.36
N VAL H 169 20.40 57.24 4.05
CA VAL H 169 20.07 57.74 2.73
C VAL H 169 21.20 58.65 2.26
N ARG H 170 21.65 58.42 1.03
CA ARG H 170 22.67 59.27 0.40
C ARG H 170 21.98 60.21 -0.58
N VAL H 171 22.23 61.50 -0.41
CA VAL H 171 21.59 62.51 -1.27
C VAL H 171 22.66 63.44 -1.84
N PRO H 172 22.64 63.71 -3.15
CA PRO H 172 23.61 64.67 -3.70
C PRO H 172 23.27 66.09 -3.27
N ALA H 173 24.31 66.89 -3.03
CA ALA H 173 24.11 68.25 -2.57
C ALA H 173 23.56 69.18 -3.65
N GLU H 174 23.74 68.82 -4.92
CA GLU H 174 23.21 69.64 -6.01
C GLU H 174 21.69 69.64 -6.02
N ASN H 175 21.09 68.46 -6.15
CA ASN H 175 19.64 68.31 -6.13
C ASN H 175 19.11 68.05 -4.73
N ALA H 176 19.83 68.49 -3.70
CA ALA H 176 19.33 68.35 -2.33
C ALA H 176 18.08 69.18 -2.11
N GLU H 177 18.00 70.37 -2.72
CA GLU H 177 16.78 71.15 -2.60
C GLU H 177 15.64 70.61 -3.49
N TYR H 178 15.97 69.77 -4.48
CA TYR H 178 14.92 69.13 -5.27
C TYR H 178 14.11 68.16 -4.41
N VAL H 179 14.80 67.34 -3.62
CA VAL H 179 14.10 66.45 -2.69
C VAL H 179 13.35 67.24 -1.63
N GLY H 180 13.67 68.53 -1.50
CA GLY H 180 12.99 69.37 -0.54
C GLY H 180 13.34 69.09 0.89
N VAL H 181 14.61 68.80 1.20
CA VAL H 181 15.01 68.62 2.59
C VAL H 181 14.85 69.95 3.31
N ARG H 182 13.96 69.98 4.30
CA ARG H 182 13.52 71.22 4.91
C ARG H 182 14.41 71.57 6.10
N ASP H 183 13.98 72.58 6.85
CA ASP H 183 14.59 72.91 8.13
C ASP H 183 13.49 72.89 9.19
N VAL H 184 13.91 72.67 10.44
CA VAL H 184 12.94 72.36 11.49
C VAL H 184 12.08 73.56 11.81
N VAL H 185 10.87 73.30 12.31
CA VAL H 185 9.97 74.38 12.70
C VAL H 185 10.56 75.13 13.88
N GLY H 186 10.60 76.46 13.77
CA GLY H 186 11.14 77.27 14.84
C GLY H 186 10.08 77.74 15.81
N GLN H 187 9.80 79.03 15.79
CA GLN H 187 8.77 79.64 16.62
C GLN H 187 7.57 80.12 15.83
N GLU H 188 7.83 80.83 14.72
CA GLU H 188 6.77 81.26 13.82
C GLU H 188 6.01 80.06 13.26
N GLY H 189 6.72 78.96 12.97
CA GLY H 189 6.07 77.76 12.50
C GLY H 189 5.19 77.13 13.56
N LEU H 190 5.67 77.13 14.81
CA LEU H 190 4.90 76.55 15.91
C LEU H 190 3.60 77.32 16.10
N ASP H 191 3.68 78.66 16.20
CA ASP H 191 2.45 79.41 16.37
C ASP H 191 1.59 79.41 15.10
N LYS H 192 2.18 79.23 13.92
CA LYS H 192 1.40 79.14 12.70
C LYS H 192 0.56 77.87 12.65
N VAL H 193 1.20 76.72 12.90
CA VAL H 193 0.43 75.48 12.92
C VAL H 193 -0.51 75.47 14.11
N PHE H 194 -0.16 76.14 15.21
CA PHE H 194 -1.08 76.40 16.31
C PHE H 194 -2.34 77.12 15.84
N GLN H 195 -2.17 78.22 15.11
CA GLN H 195 -3.32 78.98 14.62
C GLN H 195 -4.16 78.14 13.66
N VAL H 196 -3.49 77.30 12.86
CA VAL H 196 -4.21 76.41 11.94
C VAL H 196 -5.02 75.38 12.72
N LEU H 197 -4.41 74.78 13.75
CA LEU H 197 -5.09 73.78 14.57
C LEU H 197 -6.26 74.40 15.33
N ARG H 198 -6.17 75.67 15.70
CA ARG H 198 -7.25 76.38 16.35
C ARG H 198 -8.13 77.15 15.38
N ALA H 199 -7.89 77.02 14.07
CA ALA H 199 -8.68 77.76 13.09
C ALA H 199 -10.09 77.20 13.02
N PRO H 200 -11.12 78.03 13.23
CA PRO H 200 -12.50 77.54 13.11
C PRO H 200 -12.95 77.48 11.66
N HIS H 201 -14.25 77.23 11.44
CA HIS H 201 -14.97 77.35 10.17
C HIS H 201 -14.62 76.22 9.20
N THR H 202 -13.71 75.32 9.54
CA THR H 202 -13.30 74.28 8.60
C THR H 202 -14.44 73.30 8.34
N GLU H 203 -14.74 73.08 7.06
CA GLU H 203 -15.75 72.12 6.64
C GLU H 203 -15.22 71.38 5.42
N GLU H 204 -15.82 70.22 5.15
CA GLU H 204 -15.30 69.23 4.22
C GLU H 204 -16.39 68.81 3.26
N PRO H 205 -16.03 68.22 2.12
CA PRO H 205 -17.06 67.68 1.21
C PRO H 205 -17.92 66.64 1.89
N THR H 206 -19.20 66.62 1.53
CA THR H 206 -20.18 65.78 2.21
C THR H 206 -19.85 64.30 2.02
N ASN H 207 -19.55 63.88 0.80
CA ASN H 207 -19.15 62.51 0.56
C ASN H 207 -17.82 62.28 1.27
N TRP H 208 -17.79 61.27 2.14
CA TRP H 208 -16.59 61.00 2.91
C TRP H 208 -15.40 60.59 2.04
N SER H 209 -15.67 60.04 0.84
CA SER H 209 -14.58 59.58 -0.01
C SER H 209 -13.76 60.75 -0.55
N ARG H 210 -14.42 61.85 -0.92
CA ARG H 210 -13.69 63.03 -1.35
C ARG H 210 -12.84 63.59 -0.22
N ARG H 211 -13.39 63.64 0.98
CA ARG H 211 -12.63 64.07 2.15
C ARG H 211 -11.42 63.17 2.38
N TYR H 212 -11.62 61.86 2.26
CA TYR H 212 -10.54 60.90 2.46
C TYR H 212 -9.43 61.13 1.44
N LYS H 213 -9.76 61.18 0.15
CA LYS H 213 -8.72 61.34 -0.85
C LYS H 213 -8.04 62.71 -0.75
N ALA H 214 -8.81 63.75 -0.40
CA ALA H 214 -8.23 65.07 -0.25
C ALA H 214 -7.21 65.11 0.88
N ASN H 215 -7.60 64.65 2.07
CA ASN H 215 -6.63 64.70 3.16
C ASN H 215 -5.55 63.63 3.05
N LEU H 216 -5.77 62.57 2.25
CA LEU H 216 -4.69 61.65 1.94
C LEU H 216 -3.62 62.32 1.08
N GLU H 217 -4.03 63.03 0.03
CA GLU H 217 -3.08 63.83 -0.75
C GLU H 217 -2.40 64.86 0.13
N LYS H 218 -3.18 65.43 1.06
CA LYS H 218 -2.69 66.50 1.91
C LYS H 218 -1.63 66.01 2.89
N LEU H 219 -1.78 64.79 3.41
CA LEU H 219 -0.72 64.20 4.22
C LEU H 219 0.45 63.69 3.39
N ALA H 220 0.16 63.20 2.17
CA ALA H 220 1.22 62.68 1.32
C ALA H 220 2.16 63.80 0.89
N SER H 221 1.61 65.03 0.77
CA SER H 221 2.45 66.20 0.46
C SER H 221 3.42 66.51 1.61
N GLY H 222 2.93 66.48 2.85
CA GLY H 222 3.79 66.41 4.01
C GLY H 222 4.25 67.73 4.64
N ASP H 223 3.62 68.87 4.31
CA ASP H 223 4.02 70.14 4.94
C ASP H 223 3.32 70.29 6.28
N VAL H 224 3.95 71.01 7.21
CA VAL H 224 3.52 71.00 8.61
C VAL H 224 2.14 71.65 8.77
N ASN H 225 1.86 72.70 7.99
CA ASN H 225 0.56 73.37 8.11
C ASN H 225 -0.59 72.43 7.74
N LYS H 226 -0.42 71.68 6.66
CA LYS H 226 -1.48 70.80 6.18
C LYS H 226 -1.61 69.54 7.03
N VAL H 227 -0.49 69.05 7.56
CA VAL H 227 -0.59 67.93 8.50
C VAL H 227 -1.31 68.38 9.77
N ALA H 228 -1.01 69.60 10.24
CA ALA H 228 -1.72 70.15 11.39
C ALA H 228 -3.21 70.29 11.12
N GLU H 229 -3.56 70.77 9.94
CA GLU H 229 -4.97 70.90 9.57
C GLU H 229 -5.65 69.53 9.52
N VAL H 230 -4.96 68.52 8.98
CA VAL H 230 -5.52 67.17 8.93
C VAL H 230 -5.79 66.65 10.34
N VAL H 231 -4.80 66.77 11.23
CA VAL H 231 -4.95 66.17 12.55
C VAL H 231 -6.02 66.90 13.37
N ARG H 232 -6.07 68.24 13.25
CA ARG H 232 -7.11 68.95 13.99
C ARG H 232 -8.49 68.69 13.41
N ASP H 233 -8.60 68.56 12.09
CA ASP H 233 -9.88 68.24 11.48
C ASP H 233 -10.37 66.88 11.94
N LEU H 234 -9.50 65.87 11.91
CA LEU H 234 -9.95 64.54 12.29
C LEU H 234 -10.21 64.48 13.79
N TRP H 235 -9.48 65.26 14.61
CA TRP H 235 -9.78 65.28 16.03
C TRP H 235 -11.16 65.88 16.29
N ARG H 236 -11.50 66.96 15.57
CA ARG H 236 -12.84 67.52 15.67
C ARG H 236 -13.90 66.53 15.22
N ARG H 237 -13.61 65.73 14.18
CA ARG H 237 -14.53 64.67 13.79
C ARG H 237 -14.65 63.62 14.88
N ASP H 238 -13.51 63.03 15.28
CA ASP H 238 -13.41 61.95 16.26
C ASP H 238 -14.02 62.29 17.59
N GLN H 239 -14.10 63.57 17.94
CA GLN H 239 -14.66 63.97 19.23
C GLN H 239 -16.11 63.49 19.36
N GLU H 240 -16.91 63.64 18.30
CA GLU H 240 -18.32 63.24 18.31
C GLU H 240 -18.62 62.12 17.31
N ARG H 241 -18.31 62.31 16.03
CA ARG H 241 -18.70 61.36 14.99
C ARG H 241 -17.99 60.02 15.16
N GLY H 242 -16.68 60.04 15.31
CA GLY H 242 -15.98 58.77 15.21
C GLY H 242 -15.71 58.38 13.77
N LEU H 243 -14.64 57.61 13.60
CA LEU H 243 -14.14 57.22 12.29
C LEU H 243 -13.77 55.73 12.33
N SER H 244 -13.46 55.15 11.16
CA SER H 244 -13.08 53.76 11.14
C SER H 244 -11.64 53.57 11.60
N ALA H 245 -11.31 52.30 11.89
CA ALA H 245 -9.96 51.96 12.35
C ALA H 245 -8.91 52.30 11.31
N GLY H 246 -9.26 52.23 10.02
CA GLY H 246 -8.37 52.74 9.00
C GLY H 246 -8.21 54.25 9.09
N GLU H 247 -9.30 54.96 9.36
CA GLU H 247 -9.23 56.40 9.48
C GLU H 247 -8.53 56.81 10.76
N LYS H 248 -8.77 56.06 11.85
CA LYS H 248 -7.96 56.23 13.04
C LYS H 248 -6.48 55.99 12.75
N ARG H 249 -6.18 55.00 11.92
CA ARG H 249 -4.80 54.69 11.60
C ARG H 249 -4.15 55.82 10.80
N MET H 250 -4.89 56.39 9.86
CA MET H 250 -4.40 57.55 9.12
C MET H 250 -4.14 58.73 10.05
N LEU H 251 -5.06 58.96 11.00
CA LEU H 251 -4.78 59.92 12.06
C LEU H 251 -3.47 59.57 12.77
N ALA H 252 -3.39 58.38 13.35
CA ALA H 252 -2.26 57.95 14.15
C ALA H 252 -0.94 58.14 13.43
N LYS H 253 -0.92 57.87 12.12
CA LYS H 253 0.27 58.12 11.33
C LYS H 253 0.58 59.62 11.26
N ALA H 254 -0.43 60.43 10.93
CA ALA H 254 -0.22 61.87 10.84
C ALA H 254 0.18 62.46 12.19
N ARG H 255 -0.48 62.01 13.26
CA ARG H 255 -0.16 62.42 14.62
C ARG H 255 1.26 62.02 14.99
N GLN H 256 1.68 60.81 14.63
CA GLN H 256 3.02 60.35 14.97
C GLN H 256 4.09 61.21 14.29
N ILE H 257 3.93 61.44 12.97
CA ILE H 257 4.93 62.24 12.28
C ILE H 257 4.89 63.69 12.76
N LEU H 258 3.70 64.21 13.09
CA LEU H 258 3.59 65.58 13.59
C LEU H 258 4.21 65.74 14.97
N VAL H 259 3.99 64.77 15.87
CA VAL H 259 4.55 64.90 17.20
C VAL H 259 6.06 64.72 17.17
N GLY H 260 6.56 63.87 16.27
CA GLY H 260 8.00 63.83 16.06
C GLY H 260 8.54 65.16 15.57
N GLU H 261 7.83 65.77 14.61
CA GLU H 261 8.22 67.07 14.08
C GLU H 261 8.27 68.13 15.19
N LEU H 262 7.21 68.20 16.01
CA LEU H 262 7.16 69.21 17.07
C LEU H 262 8.18 68.92 18.17
N ALA H 263 8.35 67.64 18.53
CA ALA H 263 9.26 67.29 19.61
C ALA H 263 10.71 67.44 19.22
N LEU H 264 11.01 67.52 17.92
CA LEU H 264 12.35 67.92 17.50
C LEU H 264 12.39 69.36 17.01
N ALA H 265 11.24 70.04 16.96
CA ALA H 265 11.18 71.47 16.65
C ALA H 265 11.44 72.30 17.89
N GLU H 266 10.62 72.10 18.93
CA GLU H 266 10.86 72.69 20.23
C GLU H 266 11.86 71.88 21.06
N SER H 267 12.35 70.76 20.50
CA SER H 267 13.29 69.84 21.15
C SER H 267 12.82 69.47 22.55
N THR H 268 11.62 68.88 22.60
CA THR H 268 10.87 68.83 23.85
C THR H 268 10.25 67.45 24.11
N ASP H 269 11.06 66.38 23.96
CA ASP H 269 10.77 65.15 24.69
C ASP H 269 9.44 64.48 24.38
N ASP H 270 9.38 63.70 23.29
CA ASP H 270 8.16 63.25 22.60
C ASP H 270 6.93 63.08 23.49
N ALA H 271 7.10 62.48 24.67
CA ALA H 271 5.98 62.35 25.60
C ALA H 271 5.41 63.71 26.00
N LYS H 272 6.30 64.66 26.29
CA LYS H 272 5.83 66.00 26.63
C LYS H 272 5.24 66.70 25.41
N ALA H 273 5.72 66.36 24.21
CA ALA H 273 5.10 66.88 23.00
C ALA H 273 3.68 66.35 22.83
N GLU H 274 3.47 65.06 23.13
CA GLU H 274 2.10 64.52 23.12
C GLU H 274 1.22 65.20 24.17
N THR H 275 1.74 65.43 25.38
CA THR H 275 0.88 66.03 26.39
C THR H 275 0.58 67.50 26.07
N ILE H 276 1.54 68.23 25.50
CA ILE H 276 1.23 69.61 25.11
C ILE H 276 0.27 69.61 23.93
N LEU H 277 0.44 68.69 22.96
CA LEU H 277 -0.47 68.61 21.83
C LEU H 277 -1.89 68.29 22.28
N ASP H 278 -2.05 67.44 23.28
CA ASP H 278 -3.37 67.17 23.81
C ASP H 278 -3.91 68.36 24.61
N GLU H 279 -3.02 69.12 25.25
CA GLU H 279 -3.42 70.36 25.90
C GLU H 279 -4.00 71.35 24.89
N VAL H 280 -3.37 71.48 23.72
CA VAL H 280 -3.72 72.55 22.79
C VAL H 280 -4.96 72.20 21.97
N LEU H 281 -5.25 70.91 21.76
CA LEU H 281 -6.42 70.51 20.98
C LEU H 281 -7.71 70.93 21.65
N ALA H 282 -7.73 70.91 22.99
CA ALA H 282 -8.89 71.35 23.74
C ALA H 282 -9.09 72.86 23.68
N ALA H 283 -8.00 73.62 23.56
CA ALA H 283 -8.02 75.08 23.50
C ALA H 283 -8.73 75.69 24.72
P1 POP K . 10.72 -18.58 -1.02
O1 POP K . 10.70 -19.20 0.35
O2 POP K . 12.12 -18.22 -1.42
O3 POP K . 9.87 -17.33 -1.01
O POP K . 10.12 -19.62 -2.09
P2 POP K . 10.70 -21.12 -2.20
O4 POP K . 10.59 -21.79 -0.85
O5 POP K . 12.14 -21.07 -2.63
O6 POP K . 9.89 -21.90 -3.21
ZN ZN L . -42.16 23.12 10.17
ZN ZN M . -20.95 -31.67 -23.31
MG MG N . 7.46 -14.47 1.79
#